data_1R4Y
#
_entry.id   1R4Y
#
_entity_poly.entity_id   1
_entity_poly.type   'polypeptide(L)'
_entity_poly.pdbx_seq_one_letter_code
;AVTWTCGGLLYNQNKAESNSHHAPLSDGKTGSSYPHWFTNGYDGDGKLPKGRTPIKFGKSDCDRPPKHSKDGNGKTDHYL
LEFPTFPDGHDYKFDSKKPKENPGPARVIYTYPNKVFCGIIAHTKENQGELKLCSH
;
_entity_poly.pdbx_strand_id   A
#
# COMPACT_ATOMS: atom_id res chain seq x y z
N ALA A 1 4.52 5.30 3.51
CA ALA A 1 4.02 4.05 2.92
C ALA A 1 3.91 2.98 3.99
N VAL A 2 4.06 3.35 5.28
CA VAL A 2 3.88 2.49 6.43
C VAL A 2 2.61 1.65 6.28
N THR A 3 2.56 0.54 6.97
CA THR A 3 1.42 -0.34 6.96
C THR A 3 0.37 0.13 7.97
N TRP A 4 -0.77 0.61 7.46
CA TRP A 4 -1.87 1.05 8.28
C TRP A 4 -2.66 -0.15 8.76
N THR A 5 -3.14 -0.13 9.98
CA THR A 5 -3.89 -1.27 10.52
C THR A 5 -5.07 -0.73 11.29
N CYS A 6 -6.19 -1.41 11.18
CA CYS A 6 -7.39 -1.02 11.91
C CYS A 6 -7.87 -2.18 12.78
N GLY A 7 -7.04 -2.63 13.72
CA GLY A 7 -7.34 -3.76 14.60
C GLY A 7 -8.06 -4.91 13.89
N GLY A 8 -7.31 -5.72 13.14
CA GLY A 8 -7.90 -6.81 12.37
C GLY A 8 -6.96 -7.27 11.28
N LEU A 9 -6.87 -6.48 10.20
CA LEU A 9 -5.96 -6.75 9.09
C LEU A 9 -5.11 -5.53 8.78
N LEU A 10 -4.03 -5.77 8.04
CA LEU A 10 -3.08 -4.74 7.70
C LEU A 10 -3.52 -4.06 6.41
N TYR A 11 -2.88 -2.96 6.05
CA TYR A 11 -3.32 -2.13 4.96
C TYR A 11 -2.15 -1.27 4.52
N ASN A 12 -1.33 -1.81 3.63
CA ASN A 12 -0.20 -1.05 3.16
C ASN A 12 -0.71 0.26 2.62
N GLN A 13 -0.24 1.41 3.11
CA GLN A 13 -0.63 2.71 2.55
C GLN A 13 -0.55 2.74 1.03
N ASN A 14 0.48 2.12 0.47
CA ASN A 14 0.60 2.02 -0.96
C ASN A 14 -0.61 1.31 -1.56
N LYS A 15 -1.08 0.19 -1.04
CA LYS A 15 -2.32 -0.45 -1.44
C LYS A 15 -3.53 0.35 -0.99
N ALA A 16 -3.58 0.92 0.19
CA ALA A 16 -4.68 1.74 0.65
C ALA A 16 -4.96 2.84 -0.36
N GLU A 17 -3.93 3.45 -0.92
CA GLU A 17 -4.09 4.47 -1.93
C GLU A 17 -4.18 3.83 -3.30
N SER A 18 -3.31 2.88 -3.65
CA SER A 18 -3.14 2.28 -4.96
C SER A 18 -4.38 1.48 -5.26
N ASN A 19 -4.78 0.56 -4.40
CA ASN A 19 -6.07 -0.11 -4.47
C ASN A 19 -7.21 0.83 -4.81
N SER A 20 -7.16 2.05 -4.29
CA SER A 20 -8.09 3.11 -4.63
C SER A 20 -7.77 3.87 -5.90
N HIS A 21 -6.50 4.08 -6.26
CA HIS A 21 -6.03 4.74 -7.47
C HIS A 21 -6.81 4.23 -8.68
N HIS A 22 -7.16 2.94 -8.67
CA HIS A 22 -7.98 2.32 -9.68
C HIS A 22 -9.44 2.71 -9.55
N ALA A 23 -10.00 2.62 -8.34
CA ALA A 23 -11.33 3.07 -7.99
C ALA A 23 -11.72 4.36 -8.75
N PRO A 24 -12.89 4.37 -9.39
CA PRO A 24 -13.32 5.49 -10.20
C PRO A 24 -13.74 6.62 -9.27
N LEU A 25 -13.10 7.77 -9.45
CA LEU A 25 -13.38 8.97 -8.69
C LEU A 25 -14.83 9.40 -8.86
N SER A 26 -15.65 9.11 -7.86
CA SER A 26 -17.08 9.42 -7.93
C SER A 26 -17.78 8.96 -6.67
N ASP A 27 -18.87 9.60 -6.27
CA ASP A 27 -19.60 9.26 -5.06
C ASP A 27 -20.54 8.07 -5.35
N GLY A 28 -20.04 6.86 -5.16
CA GLY A 28 -20.85 5.66 -5.37
C GLY A 28 -21.35 5.57 -6.80
N LYS A 29 -20.51 5.07 -7.69
CA LYS A 29 -20.86 4.92 -9.10
C LYS A 29 -20.14 3.75 -9.73
N THR A 30 -20.13 2.64 -9.03
CA THR A 30 -19.38 1.47 -9.47
C THR A 30 -20.30 0.29 -9.45
N GLY A 31 -20.03 -0.71 -10.30
CA GLY A 31 -20.88 -1.89 -10.43
C GLY A 31 -21.32 -2.42 -9.07
N SER A 32 -20.37 -2.64 -8.17
CA SER A 32 -20.68 -3.00 -6.80
C SER A 32 -21.32 -1.85 -6.06
N SER A 33 -20.50 -0.88 -5.64
CA SER A 33 -20.94 0.27 -4.86
C SER A 33 -19.79 1.21 -4.58
N TYR A 34 -18.80 0.70 -3.86
CA TYR A 34 -17.62 1.42 -3.48
C TYR A 34 -16.79 1.88 -4.68
N PRO A 35 -16.12 3.03 -4.59
CA PRO A 35 -16.14 3.82 -3.39
C PRO A 35 -17.44 4.63 -3.26
N HIS A 36 -17.59 5.41 -2.21
CA HIS A 36 -18.81 6.18 -1.97
C HIS A 36 -18.52 7.42 -1.16
N TRP A 37 -19.41 8.39 -1.10
CA TRP A 37 -19.17 9.56 -0.28
C TRP A 37 -19.25 9.14 1.19
N PHE A 38 -18.36 9.73 1.98
CA PHE A 38 -18.18 9.49 3.37
C PHE A 38 -18.46 10.81 4.04
N THR A 39 -19.75 11.03 4.32
CA THR A 39 -20.24 12.18 5.06
C THR A 39 -19.32 12.55 6.18
N ASN A 40 -18.71 11.57 6.85
CA ASN A 40 -17.74 11.73 7.91
C ASN A 40 -18.44 12.19 9.18
N GLY A 41 -19.77 12.26 9.12
CA GLY A 41 -20.61 12.81 10.14
C GLY A 41 -21.47 14.00 9.67
N TYR A 42 -21.19 14.50 8.48
CA TYR A 42 -21.90 15.62 7.89
C TYR A 42 -23.26 15.19 7.36
N ASP A 43 -24.06 16.16 6.95
CA ASP A 43 -25.35 15.87 6.34
C ASP A 43 -25.23 15.75 4.83
N GLY A 44 -24.40 16.61 4.22
CA GLY A 44 -24.19 16.67 2.78
C GLY A 44 -23.30 17.83 2.37
N ASP A 45 -23.53 19.00 2.98
CA ASP A 45 -22.76 20.20 2.70
C ASP A 45 -22.35 20.86 4.01
N GLY A 46 -23.35 21.31 4.77
CA GLY A 46 -23.13 21.96 6.05
C GLY A 46 -22.34 21.06 6.95
N LYS A 47 -21.62 21.66 7.91
CA LYS A 47 -20.88 20.93 8.92
C LYS A 47 -21.74 19.91 9.67
N LEU A 48 -21.11 19.13 10.54
CA LEU A 48 -21.85 18.17 11.33
C LEU A 48 -22.95 18.85 12.16
N PRO A 49 -24.05 18.12 12.42
CA PRO A 49 -25.16 18.66 13.18
C PRO A 49 -24.77 18.78 14.64
N LYS A 50 -25.49 19.64 15.38
CA LYS A 50 -25.29 19.83 16.82
C LYS A 50 -25.38 18.48 17.55
N GLY A 51 -24.23 17.89 17.83
CA GLY A 51 -24.17 16.57 18.44
C GLY A 51 -23.62 15.52 17.51
N ARG A 52 -22.30 15.54 17.29
CA ARG A 52 -21.58 14.54 16.50
C ARG A 52 -20.09 14.77 16.58
N THR A 53 -19.31 13.77 16.19
CA THR A 53 -17.86 13.85 16.18
C THR A 53 -17.30 13.12 14.97
N PRO A 54 -16.74 13.86 14.00
CA PRO A 54 -16.14 13.28 12.82
C PRO A 54 -14.80 12.61 13.15
N ILE A 55 -14.18 12.03 12.13
CA ILE A 55 -12.91 11.33 12.28
C ILE A 55 -11.80 12.35 12.09
N LYS A 56 -10.96 12.57 13.09
CA LYS A 56 -9.83 13.47 12.95
C LYS A 56 -8.68 12.73 12.29
N PHE A 57 -8.05 13.38 11.32
CA PHE A 57 -6.93 12.83 10.58
C PHE A 57 -5.68 13.66 10.80
N GLY A 58 -5.84 14.99 10.76
CA GLY A 58 -4.74 15.92 10.87
C GLY A 58 -4.62 16.85 9.67
N LYS A 59 -5.45 16.65 8.64
CA LYS A 59 -5.49 17.51 7.46
C LYS A 59 -6.66 18.46 7.54
N SER A 60 -6.42 19.70 7.15
CA SER A 60 -7.48 20.71 7.10
C SER A 60 -8.34 20.54 5.84
N ASP A 61 -8.03 19.56 4.99
CA ASP A 61 -8.77 19.28 3.78
C ASP A 61 -9.91 18.34 4.10
N CYS A 62 -9.60 17.22 4.77
CA CYS A 62 -10.62 16.26 5.15
C CYS A 62 -11.46 16.81 6.30
N ASP A 63 -10.83 17.56 7.20
CA ASP A 63 -11.54 18.23 8.29
C ASP A 63 -12.53 19.25 7.76
N ARG A 64 -12.15 19.94 6.69
CA ARG A 64 -13.05 20.90 6.09
C ARG A 64 -14.43 20.32 5.80
N PRO A 65 -15.41 21.21 5.60
CA PRO A 65 -16.71 20.79 5.16
C PRO A 65 -16.78 20.30 3.70
N PRO A 66 -17.42 19.15 3.44
CA PRO A 66 -17.59 18.61 2.11
C PRO A 66 -18.59 19.44 1.31
N LYS A 67 -18.63 19.19 0.01
CA LYS A 67 -19.56 19.88 -0.87
C LYS A 67 -20.34 18.85 -1.65
N HIS A 68 -20.97 17.88 -1.02
CA HIS A 68 -21.75 16.90 -1.78
C HIS A 68 -23.08 17.50 -2.26
N SER A 69 -23.75 16.85 -3.20
CA SER A 69 -25.06 17.26 -3.68
C SER A 69 -25.80 16.08 -4.33
N LYS A 70 -26.89 16.35 -5.03
CA LYS A 70 -27.56 15.34 -5.81
C LYS A 70 -26.88 15.08 -7.16
N ASP A 71 -25.77 14.34 -7.14
CA ASP A 71 -25.03 13.97 -8.35
C ASP A 71 -23.85 13.08 -8.00
N GLY A 72 -23.14 13.50 -6.95
CA GLY A 72 -21.97 12.80 -6.47
C GLY A 72 -20.74 13.66 -6.58
N ASN A 73 -20.30 13.91 -7.80
CA ASN A 73 -19.08 14.65 -8.12
C ASN A 73 -19.45 15.72 -9.11
N GLY A 74 -20.33 16.63 -8.72
CA GLY A 74 -20.76 17.73 -9.59
C GLY A 74 -19.59 18.60 -10.07
N LYS A 75 -19.47 19.81 -9.52
CA LYS A 75 -18.36 20.67 -9.89
C LYS A 75 -17.06 20.17 -9.26
N THR A 76 -16.61 20.86 -8.23
CA THR A 76 -15.40 20.49 -7.50
C THR A 76 -15.72 19.88 -6.16
N ASP A 77 -16.96 19.45 -5.96
CA ASP A 77 -17.47 18.90 -4.71
C ASP A 77 -16.39 18.17 -3.94
N HIS A 78 -15.76 18.78 -2.94
CA HIS A 78 -14.59 18.21 -2.28
C HIS A 78 -15.07 17.26 -1.21
N TYR A 79 -16.05 16.45 -1.56
CA TYR A 79 -16.66 15.48 -0.69
C TYR A 79 -15.70 14.34 -0.38
N LEU A 80 -15.62 13.94 0.88
CA LEU A 80 -14.77 12.82 1.27
C LEU A 80 -15.39 11.54 0.74
N LEU A 81 -14.60 10.60 0.28
CA LEU A 81 -15.08 9.31 -0.17
C LEU A 81 -14.17 8.23 0.36
N GLU A 82 -14.78 7.14 0.83
CA GLU A 82 -14.02 6.00 1.29
C GLU A 82 -13.94 4.89 0.25
N PHE A 83 -13.07 3.91 0.48
CA PHE A 83 -12.91 2.79 -0.44
C PHE A 83 -12.33 1.53 0.22
N PRO A 84 -12.93 0.36 0.03
CA PRO A 84 -12.53 -0.88 0.67
C PRO A 84 -11.23 -1.37 0.06
N THR A 85 -10.13 -1.07 0.74
CA THR A 85 -8.82 -1.47 0.30
C THR A 85 -8.32 -2.66 1.07
N PHE A 86 -8.25 -3.82 0.42
CA PHE A 86 -7.77 -5.02 1.07
C PHE A 86 -6.25 -5.09 1.11
N PRO A 87 -5.70 -5.89 2.03
CA PRO A 87 -4.26 -6.05 2.15
C PRO A 87 -3.70 -6.98 1.11
N ASP A 88 -4.45 -8.02 0.72
CA ASP A 88 -4.08 -8.97 -0.35
C ASP A 88 -3.50 -8.23 -1.55
N GLY A 89 -4.01 -7.02 -1.78
CA GLY A 89 -3.55 -6.16 -2.82
C GLY A 89 -4.30 -6.41 -4.10
N HIS A 90 -5.29 -7.30 -4.02
CA HIS A 90 -6.13 -7.61 -5.15
C HIS A 90 -7.06 -6.44 -5.37
N ASP A 91 -7.14 -5.96 -6.60
CA ASP A 91 -8.08 -4.93 -7.00
C ASP A 91 -9.49 -5.45 -6.79
N TYR A 92 -10.07 -5.20 -5.61
CA TYR A 92 -11.41 -5.63 -5.27
C TYR A 92 -12.34 -5.50 -6.48
N LYS A 93 -13.27 -6.41 -6.65
CA LYS A 93 -14.24 -6.30 -7.71
C LYS A 93 -15.30 -5.26 -7.37
N PHE A 94 -14.89 -4.03 -7.14
CA PHE A 94 -15.77 -2.92 -6.87
C PHE A 94 -16.46 -2.43 -8.12
N ASP A 95 -15.93 -2.78 -9.29
CA ASP A 95 -16.51 -2.40 -10.57
C ASP A 95 -17.46 -3.48 -11.07
N SER A 96 -17.30 -4.71 -10.58
CA SER A 96 -18.15 -5.82 -10.96
C SER A 96 -19.27 -5.96 -9.94
N LYS A 97 -20.49 -5.59 -10.33
CA LYS A 97 -21.64 -5.73 -9.46
C LYS A 97 -21.80 -7.19 -9.01
N LYS A 98 -21.77 -8.09 -9.99
CA LYS A 98 -22.00 -9.51 -9.81
C LYS A 98 -20.95 -10.31 -10.61
N PRO A 99 -20.22 -11.21 -9.92
CA PRO A 99 -20.34 -11.41 -8.47
C PRO A 99 -19.73 -10.22 -7.71
N LYS A 100 -19.86 -10.25 -6.39
CA LYS A 100 -19.33 -9.21 -5.50
C LYS A 100 -18.72 -9.88 -4.29
N GLU A 101 -17.45 -9.58 -4.05
CA GLU A 101 -16.77 -10.12 -2.88
C GLU A 101 -17.10 -9.33 -1.62
N ASN A 102 -16.89 -9.95 -0.46
CA ASN A 102 -17.12 -9.29 0.81
C ASN A 102 -16.25 -8.04 0.96
N PRO A 103 -16.79 -6.93 1.50
CA PRO A 103 -16.03 -5.73 1.74
C PRO A 103 -15.04 -5.89 2.91
N GLY A 104 -14.52 -4.76 3.39
CA GLY A 104 -13.63 -4.76 4.53
C GLY A 104 -14.04 -3.70 5.56
N PRO A 105 -13.64 -3.93 6.83
CA PRO A 105 -13.90 -2.99 7.91
C PRO A 105 -13.02 -1.77 7.78
N ALA A 106 -11.94 -1.83 7.01
CA ALA A 106 -11.04 -0.72 6.78
C ALA A 106 -11.16 -0.25 5.36
N ARG A 107 -11.23 1.07 5.19
CA ARG A 107 -11.28 1.69 3.90
C ARG A 107 -10.41 2.91 3.84
N VAL A 108 -9.87 3.27 2.68
CA VAL A 108 -9.09 4.49 2.47
C VAL A 108 -9.95 5.70 2.24
N ILE A 109 -9.79 6.71 3.08
CA ILE A 109 -10.64 7.90 3.05
C ILE A 109 -9.77 9.02 2.54
N TYR A 110 -10.18 9.60 1.43
CA TYR A 110 -9.45 10.69 0.81
C TYR A 110 -10.42 11.73 0.28
N THR A 111 -9.97 12.97 0.26
CA THR A 111 -10.81 14.07 -0.20
C THR A 111 -10.76 14.10 -1.71
N TYR A 112 -11.73 14.75 -2.33
CA TYR A 112 -11.78 14.88 -3.77
C TYR A 112 -11.46 16.33 -4.20
N PRO A 113 -10.98 16.51 -5.45
CA PRO A 113 -10.62 15.41 -6.34
C PRO A 113 -9.34 14.78 -5.88
N ASN A 114 -8.31 15.61 -5.68
CA ASN A 114 -7.00 15.19 -5.22
C ASN A 114 -7.17 14.26 -4.04
N LYS A 115 -6.92 12.97 -4.21
CA LYS A 115 -7.08 11.94 -3.17
C LYS A 115 -6.12 12.23 -2.04
N VAL A 116 -6.50 13.18 -1.18
CA VAL A 116 -5.66 13.65 -0.09
C VAL A 116 -5.82 12.60 0.98
N PHE A 117 -5.24 11.42 0.74
CA PHE A 117 -5.25 10.31 1.67
C PHE A 117 -5.15 10.86 3.09
N CYS A 118 -6.22 10.65 3.86
CA CYS A 118 -6.23 11.06 5.24
C CYS A 118 -5.89 9.89 6.14
N GLY A 119 -6.24 8.68 5.69
CA GLY A 119 -6.05 7.46 6.44
C GLY A 119 -7.16 6.48 6.22
N ILE A 120 -7.15 5.42 7.03
CA ILE A 120 -8.13 4.37 6.89
C ILE A 120 -9.01 4.42 8.09
N ILE A 121 -10.29 4.18 7.97
CA ILE A 121 -11.21 4.21 9.10
C ILE A 121 -11.73 2.82 9.32
N ALA A 122 -12.16 2.49 10.53
CA ALA A 122 -12.73 1.22 10.90
C ALA A 122 -13.15 1.23 12.37
N HIS A 123 -14.01 0.30 12.73
CA HIS A 123 -14.53 0.19 14.07
C HIS A 123 -13.63 -0.72 14.88
N THR A 124 -12.66 -0.14 15.59
CA THR A 124 -11.71 -0.92 16.41
C THR A 124 -12.13 -0.93 17.88
N LYS A 125 -13.43 -0.98 18.11
CA LYS A 125 -13.94 -1.02 19.48
C LYS A 125 -14.32 -2.44 19.88
N GLU A 126 -14.68 -3.27 18.92
CA GLU A 126 -15.03 -4.66 19.18
C GLU A 126 -15.16 -5.43 17.87
N ASN A 127 -16.12 -5.04 17.05
CA ASN A 127 -16.35 -5.66 15.75
C ASN A 127 -17.04 -4.68 14.80
N GLN A 128 -18.07 -4.01 15.32
CA GLN A 128 -18.85 -3.06 14.58
C GLN A 128 -19.57 -2.08 15.52
N GLY A 129 -18.82 -1.14 16.07
CA GLY A 129 -19.39 -0.15 16.98
C GLY A 129 -19.20 1.24 16.43
N GLU A 130 -18.26 1.98 17.01
CA GLU A 130 -17.98 3.34 16.57
C GLU A 130 -16.96 3.37 15.46
N LEU A 131 -16.94 4.40 14.63
CA LEU A 131 -15.97 4.52 13.56
C LEU A 131 -14.84 5.46 13.96
N LYS A 132 -13.61 5.10 13.63
CA LYS A 132 -12.41 5.85 13.98
C LYS A 132 -11.36 5.64 12.93
N LEU A 133 -10.32 6.45 12.95
CA LEU A 133 -9.22 6.30 12.01
C LEU A 133 -8.27 5.25 12.56
N CYS A 134 -7.62 4.51 11.66
CA CYS A 134 -6.61 3.51 11.97
C CYS A 134 -5.45 4.15 12.72
N SER A 135 -4.41 3.36 12.96
CA SER A 135 -3.29 3.88 13.73
C SER A 135 -2.02 3.56 12.97
N HIS A 136 -1.57 4.49 12.14
CA HIS A 136 -0.28 4.37 11.45
C HIS A 136 0.85 5.12 12.13
N ALA A 1 4.51 5.25 3.56
CA ALA A 1 3.98 4.02 2.95
C ALA A 1 5.02 2.92 3.06
N VAL A 2 5.01 1.97 2.14
CA VAL A 2 6.01 0.93 2.09
C VAL A 2 7.35 1.48 1.59
N THR A 3 8.43 0.92 2.09
CA THR A 3 9.78 1.35 1.77
C THR A 3 10.27 0.59 0.55
N TRP A 4 10.50 1.28 -0.54
CA TRP A 4 10.96 0.67 -1.77
C TRP A 4 12.45 0.41 -1.69
N THR A 5 12.94 -0.63 -2.37
CA THR A 5 14.34 -1.01 -2.29
C THR A 5 14.78 -1.51 -3.64
N CYS A 6 15.91 -1.01 -4.11
CA CYS A 6 16.48 -1.44 -5.36
C CYS A 6 17.92 -1.86 -5.19
N GLY A 7 18.86 -0.91 -5.14
CA GLY A 7 20.29 -1.16 -4.98
C GLY A 7 20.56 -1.96 -3.71
N GLY A 8 20.74 -1.25 -2.61
CA GLY A 8 20.99 -1.88 -1.32
C GLY A 8 20.54 -0.99 -0.18
N LEU A 9 19.70 0.01 -0.46
CA LEU A 9 19.17 0.92 0.53
C LEU A 9 17.67 1.01 0.40
N LEU A 10 17.03 1.45 1.48
CA LEU A 10 15.59 1.58 1.52
C LEU A 10 15.20 3.01 1.21
N TYR A 11 14.22 3.20 0.36
CA TYR A 11 13.77 4.47 -0.17
C TYR A 11 12.34 4.69 0.27
N ASN A 12 12.16 5.56 1.26
CA ASN A 12 10.84 5.86 1.74
C ASN A 12 10.00 6.33 0.57
N GLN A 13 8.91 5.62 0.26
CA GLN A 13 8.07 6.03 -0.83
C GLN A 13 7.64 7.47 -0.72
N ASN A 14 7.29 7.90 0.49
CA ASN A 14 6.95 9.28 0.73
C ASN A 14 8.00 10.22 0.18
N LYS A 15 9.29 9.93 0.33
CA LYS A 15 10.36 10.63 -0.34
C LYS A 15 10.42 10.33 -1.85
N ALA A 16 10.17 9.14 -2.32
CA ALA A 16 10.07 8.89 -3.74
C ALA A 16 9.06 9.80 -4.45
N GLU A 17 7.93 10.09 -3.84
CA GLU A 17 6.93 10.97 -4.40
C GLU A 17 7.23 12.39 -3.94
N SER A 18 7.65 12.63 -2.69
CA SER A 18 7.89 13.94 -2.11
C SER A 18 9.17 14.51 -2.67
N ASN A 19 10.32 13.85 -2.50
CA ASN A 19 11.56 14.22 -3.16
C ASN A 19 11.38 14.62 -4.61
N SER A 20 10.45 13.93 -5.30
CA SER A 20 10.06 14.28 -6.64
C SER A 20 9.04 15.41 -6.74
N HIS A 21 8.08 15.50 -5.84
CA HIS A 21 7.06 16.53 -5.76
C HIS A 21 7.69 17.90 -5.98
N HIS A 22 8.89 18.11 -5.43
CA HIS A 22 9.66 19.31 -5.63
C HIS A 22 10.28 19.39 -7.02
N ALA A 23 10.90 18.29 -7.46
CA ALA A 23 11.42 18.13 -8.80
C ALA A 23 10.53 18.80 -9.87
N PRO A 24 11.13 19.65 -10.72
CA PRO A 24 10.39 20.40 -11.70
C PRO A 24 9.95 19.47 -12.81
N LEU A 25 8.65 19.44 -13.09
CA LEU A 25 8.06 18.62 -14.13
C LEU A 25 8.63 18.99 -15.49
N SER A 26 9.67 18.26 -15.90
CA SER A 26 10.38 18.53 -17.14
C SER A 26 11.51 17.55 -17.31
N ASP A 27 12.02 17.43 -18.53
CA ASP A 27 13.14 16.57 -18.86
C ASP A 27 14.43 17.38 -18.91
N GLY A 28 15.40 17.06 -18.06
CA GLY A 28 16.67 17.77 -18.11
C GLY A 28 16.49 19.29 -18.19
N LYS A 29 15.93 19.89 -17.14
CA LYS A 29 15.73 21.33 -17.05
C LYS A 29 16.25 21.87 -15.72
N THR A 30 17.00 21.05 -15.01
CA THR A 30 17.46 21.42 -13.69
C THR A 30 18.94 21.57 -13.76
N GLY A 31 19.49 22.45 -12.91
CA GLY A 31 20.93 22.69 -12.86
C GLY A 31 21.74 21.42 -13.02
N SER A 32 21.42 20.40 -12.23
CA SER A 32 22.04 19.09 -12.39
C SER A 32 21.57 18.42 -13.66
N SER A 33 20.35 17.86 -13.64
CA SER A 33 19.76 17.17 -14.78
C SER A 33 18.37 16.68 -14.43
N TYR A 34 18.29 15.77 -13.47
CA TYR A 34 17.08 15.19 -13.00
C TYR A 34 16.08 16.23 -12.47
N PRO A 35 14.78 15.98 -12.63
CA PRO A 35 14.28 14.79 -13.29
C PRO A 35 14.46 14.90 -14.80
N HIS A 36 14.61 13.74 -15.43
CA HIS A 36 14.81 13.65 -16.87
C HIS A 36 13.84 12.67 -17.47
N TRP A 37 13.70 12.67 -18.79
CA TRP A 37 12.82 11.72 -19.45
C TRP A 37 13.36 10.32 -19.21
N PHE A 38 12.44 9.37 -19.06
CA PHE A 38 12.68 8.00 -18.73
C PHE A 38 12.18 7.22 -19.90
N THR A 39 13.02 7.12 -20.93
CA THR A 39 12.78 6.30 -22.11
C THR A 39 12.17 4.99 -21.72
N ASN A 40 12.49 4.43 -20.56
CA ASN A 40 11.93 3.19 -20.07
C ASN A 40 12.24 2.07 -21.06
N GLY A 41 13.19 2.28 -21.95
CA GLY A 41 13.43 1.35 -23.01
C GLY A 41 13.10 1.91 -24.37
N TYR A 42 12.02 2.69 -24.50
CA TYR A 42 11.60 3.31 -25.75
C TYR A 42 12.75 4.06 -26.42
N ASP A 43 12.51 4.50 -27.64
CA ASP A 43 13.52 5.23 -28.38
C ASP A 43 13.30 6.73 -28.21
N GLY A 44 12.04 7.15 -28.24
CA GLY A 44 11.66 8.55 -28.12
C GLY A 44 10.14 8.72 -28.11
N ASP A 45 9.49 8.17 -29.12
CA ASP A 45 8.04 8.27 -29.24
C ASP A 45 7.43 7.13 -28.42
N GLY A 46 7.10 6.03 -29.07
CA GLY A 46 6.45 4.89 -28.50
C GLY A 46 7.01 3.58 -29.07
N LYS A 47 8.13 3.66 -29.78
CA LYS A 47 8.78 2.52 -30.41
C LYS A 47 10.09 2.26 -29.71
N LEU A 48 10.48 1.00 -29.61
CA LEU A 48 11.70 0.61 -28.93
C LEU A 48 12.70 0.11 -29.98
N PRO A 49 13.99 0.12 -29.63
CA PRO A 49 15.03 -0.33 -30.54
C PRO A 49 15.01 -1.85 -30.64
N LYS A 50 15.55 -2.38 -31.75
CA LYS A 50 15.65 -3.82 -31.97
C LYS A 50 16.39 -4.48 -30.80
N GLY A 51 15.63 -5.09 -29.90
CA GLY A 51 16.18 -5.70 -28.71
C GLY A 51 16.11 -4.78 -27.50
N ARG A 52 14.99 -4.84 -26.78
CA ARG A 52 14.80 -4.09 -25.54
C ARG A 52 13.54 -4.56 -24.83
N THR A 53 13.45 -4.26 -23.54
CA THR A 53 12.30 -4.63 -22.75
C THR A 53 12.03 -3.58 -21.67
N PRO A 54 10.89 -2.87 -21.77
CA PRO A 54 10.51 -1.86 -20.81
C PRO A 54 10.07 -2.50 -19.48
N ILE A 55 9.95 -1.66 -18.46
CA ILE A 55 9.59 -2.11 -17.14
C ILE A 55 8.08 -2.25 -17.11
N LYS A 56 7.58 -3.38 -16.65
CA LYS A 56 6.14 -3.60 -16.53
C LYS A 56 5.70 -3.29 -15.11
N PHE A 57 4.58 -2.59 -14.99
CA PHE A 57 4.05 -2.16 -13.70
C PHE A 57 2.62 -2.64 -13.58
N GLY A 58 1.80 -2.31 -14.57
CA GLY A 58 0.38 -2.62 -14.58
C GLY A 58 -0.50 -1.37 -14.66
N LYS A 59 0.11 -0.16 -14.61
CA LYS A 59 -0.61 1.08 -14.76
C LYS A 59 -1.17 1.23 -16.15
N SER A 60 -1.90 2.30 -16.41
CA SER A 60 -2.47 2.56 -17.72
C SER A 60 -1.67 3.62 -18.42
N ASP A 61 -1.33 4.71 -17.72
CA ASP A 61 -0.55 5.80 -18.29
C ASP A 61 0.92 5.44 -18.23
N CYS A 62 1.35 4.81 -17.13
CA CYS A 62 2.73 4.37 -16.99
C CYS A 62 3.01 3.18 -17.89
N ASP A 63 1.94 2.50 -18.31
CA ASP A 63 2.05 1.41 -19.26
C ASP A 63 2.03 1.91 -20.70
N ARG A 64 1.13 2.86 -20.98
CA ARG A 64 1.02 3.39 -22.32
C ARG A 64 2.38 3.83 -22.86
N PRO A 65 2.44 4.04 -24.19
CA PRO A 65 3.61 4.59 -24.79
C PRO A 65 3.86 6.09 -24.49
N PRO A 66 5.11 6.49 -24.24
CA PRO A 66 5.45 7.88 -23.98
C PRO A 66 5.33 8.71 -25.24
N LYS A 67 5.51 10.02 -25.09
CA LYS A 67 5.48 10.92 -26.23
C LYS A 67 6.54 11.96 -26.07
N HIS A 68 7.81 11.58 -25.96
CA HIS A 68 8.88 12.58 -25.81
C HIS A 68 9.17 13.26 -27.15
N SER A 69 9.86 14.38 -27.11
CA SER A 69 10.25 15.13 -28.29
C SER A 69 11.56 15.86 -28.09
N LYS A 70 11.93 16.77 -28.98
CA LYS A 70 13.12 17.56 -28.82
C LYS A 70 12.87 18.79 -27.95
N ASP A 71 12.67 18.58 -26.66
CA ASP A 71 12.43 19.67 -25.71
C ASP A 71 12.32 19.10 -24.31
N GLY A 72 11.60 17.97 -24.19
CA GLY A 72 11.33 17.33 -22.94
C GLY A 72 9.87 17.13 -22.70
N ASN A 73 9.07 18.15 -22.92
CA ASN A 73 7.64 18.05 -22.76
C ASN A 73 7.02 19.03 -23.76
N GLY A 74 6.89 18.63 -25.02
CA GLY A 74 6.26 19.45 -26.04
C GLY A 74 4.80 19.76 -25.73
N LYS A 75 3.88 19.40 -26.61
CA LYS A 75 2.45 19.62 -26.37
C LYS A 75 1.99 19.06 -25.02
N THR A 76 1.58 17.80 -25.02
CA THR A 76 1.17 17.13 -23.81
C THR A 76 2.03 15.93 -23.53
N ASP A 77 3.19 15.84 -24.16
CA ASP A 77 4.12 14.73 -24.06
C ASP A 77 3.98 14.03 -22.75
N HIS A 78 3.36 12.85 -22.70
CA HIS A 78 3.10 12.14 -21.45
C HIS A 78 4.29 11.27 -21.09
N TYR A 79 5.40 11.49 -21.79
CA TYR A 79 6.67 10.89 -21.51
C TYR A 79 6.93 10.69 -20.02
N LEU A 80 7.41 9.50 -19.67
CA LEU A 80 7.70 9.21 -18.28
C LEU A 80 9.00 9.92 -17.90
N LEU A 81 9.18 10.28 -16.64
CA LEU A 81 10.40 10.90 -16.17
C LEU A 81 10.79 10.26 -14.85
N GLU A 82 12.08 10.03 -14.68
CA GLU A 82 12.62 9.44 -13.48
C GLU A 82 13.34 10.48 -12.63
N PHE A 83 13.36 10.25 -11.33
CA PHE A 83 13.99 11.19 -10.42
C PHE A 83 14.76 10.47 -9.32
N PRO A 84 16.02 10.84 -9.06
CA PRO A 84 16.84 10.21 -8.04
C PRO A 84 16.37 10.59 -6.65
N THR A 85 15.77 9.63 -5.96
CA THR A 85 15.24 9.81 -4.61
C THR A 85 16.14 9.14 -3.62
N PHE A 86 16.85 9.92 -2.83
CA PHE A 86 17.72 9.41 -1.79
C PHE A 86 16.96 9.03 -0.52
N PRO A 87 17.58 8.19 0.33
CA PRO A 87 16.98 7.76 1.57
C PRO A 87 17.06 8.81 2.64
N ASP A 88 18.21 9.51 2.75
CA ASP A 88 18.42 10.61 3.70
C ASP A 88 17.22 11.55 3.69
N GLY A 89 16.57 11.67 2.53
CA GLY A 89 15.39 12.45 2.35
C GLY A 89 15.76 13.87 2.00
N HIS A 90 17.06 14.17 2.03
CA HIS A 90 17.58 15.47 1.71
C HIS A 90 17.19 15.77 0.28
N ASP A 91 16.60 16.94 0.06
CA ASP A 91 16.23 17.41 -1.26
C ASP A 91 17.48 17.59 -2.09
N TYR A 92 17.89 16.53 -2.80
CA TYR A 92 19.08 16.53 -3.62
C TYR A 92 19.26 17.88 -4.30
N LYS A 93 20.47 18.35 -4.45
CA LYS A 93 20.72 19.59 -5.17
C LYS A 93 20.63 19.38 -6.67
N PHE A 94 19.49 18.90 -7.14
CA PHE A 94 19.22 18.71 -8.53
C PHE A 94 18.98 20.01 -9.25
N ASP A 95 18.74 21.10 -8.52
CA ASP A 95 18.52 22.42 -9.06
C ASP A 95 19.83 23.16 -9.22
N SER A 96 20.79 22.93 -8.33
CA SER A 96 22.07 23.59 -8.35
C SER A 96 22.98 22.83 -9.28
N LYS A 97 23.30 23.42 -10.42
CA LYS A 97 24.20 22.79 -11.39
C LYS A 97 25.54 22.51 -10.75
N LYS A 98 26.09 23.54 -10.09
CA LYS A 98 27.38 23.51 -9.48
C LYS A 98 27.36 24.25 -8.14
N PRO A 99 27.82 23.58 -7.06
CA PRO A 99 28.26 22.20 -7.12
C PRO A 99 27.07 21.25 -7.31
N LYS A 100 27.37 19.95 -7.46
CA LYS A 100 26.37 18.91 -7.62
C LYS A 100 26.81 17.67 -6.85
N GLU A 101 25.90 17.13 -6.04
CA GLU A 101 26.16 15.92 -5.31
C GLU A 101 25.89 14.70 -6.19
N ASN A 102 26.64 13.63 -5.95
CA ASN A 102 26.42 12.37 -6.61
C ASN A 102 24.93 12.00 -6.66
N PRO A 103 24.47 11.48 -7.81
CA PRO A 103 23.09 11.07 -7.97
C PRO A 103 22.81 9.77 -7.20
N GLY A 104 21.68 9.14 -7.49
CA GLY A 104 21.29 7.91 -6.85
C GLY A 104 20.84 6.85 -7.85
N PRO A 105 20.83 5.57 -7.47
CA PRO A 105 20.43 4.48 -8.34
C PRO A 105 18.93 4.43 -8.48
N ALA A 106 18.22 4.13 -7.38
CA ALA A 106 16.78 4.10 -7.38
C ALA A 106 16.20 5.45 -7.76
N ARG A 107 15.17 5.42 -8.60
CA ARG A 107 14.53 6.62 -9.07
C ARG A 107 13.04 6.42 -9.17
N VAL A 108 12.26 7.47 -8.97
CA VAL A 108 10.80 7.42 -9.05
C VAL A 108 10.31 7.68 -10.47
N ILE A 109 9.66 6.70 -11.06
CA ILE A 109 9.30 6.77 -12.47
C ILE A 109 7.82 7.06 -12.49
N TYR A 110 7.48 8.14 -13.18
CA TYR A 110 6.11 8.57 -13.28
C TYR A 110 5.83 9.19 -14.64
N THR A 111 4.55 9.26 -14.98
CA THR A 111 4.13 9.77 -16.28
C THR A 111 3.81 11.24 -16.16
N TYR A 112 3.69 11.91 -17.28
CA TYR A 112 3.39 13.32 -17.30
C TYR A 112 1.99 13.57 -17.91
N PRO A 113 1.33 14.68 -17.52
CA PRO A 113 1.83 15.58 -16.49
C PRO A 113 1.63 14.96 -15.14
N ASN A 114 0.42 14.51 -14.85
CA ASN A 114 0.06 13.86 -13.61
C ASN A 114 1.11 12.86 -13.25
N LYS A 115 1.88 13.10 -12.19
CA LYS A 115 2.97 12.25 -11.73
C LYS A 115 2.39 10.92 -11.29
N VAL A 116 1.99 10.08 -12.25
CA VAL A 116 1.34 8.80 -12.02
C VAL A 116 2.45 7.87 -11.53
N PHE A 117 2.89 8.09 -10.29
CA PHE A 117 3.93 7.33 -9.65
C PHE A 117 3.66 5.85 -9.85
N CYS A 118 4.47 5.21 -10.70
CA CYS A 118 4.30 3.81 -10.96
C CYS A 118 4.99 3.03 -9.87
N GLY A 119 6.29 3.29 -9.70
CA GLY A 119 7.10 2.64 -8.70
C GLY A 119 8.51 3.18 -8.74
N ILE A 120 9.47 2.30 -8.47
CA ILE A 120 10.85 2.73 -8.38
C ILE A 120 11.63 1.83 -9.29
N ILE A 121 12.66 2.34 -9.94
CA ILE A 121 13.46 1.54 -10.85
C ILE A 121 14.91 1.75 -10.50
N ALA A 122 15.78 0.82 -10.86
CA ALA A 122 17.21 0.92 -10.64
C ALA A 122 17.91 -0.29 -11.27
N HIS A 123 19.21 -0.17 -11.46
CA HIS A 123 20.00 -1.21 -12.08
C HIS A 123 20.55 -2.12 -11.00
N THR A 124 19.83 -3.20 -10.71
CA THR A 124 20.25 -4.17 -9.69
C THR A 124 20.97 -5.36 -10.31
N LYS A 125 21.78 -5.09 -11.33
CA LYS A 125 22.54 -6.15 -11.98
C LYS A 125 24.00 -6.10 -11.55
N GLU A 126 24.49 -4.92 -11.20
CA GLU A 126 25.86 -4.76 -10.74
C GLU A 126 26.07 -3.35 -10.20
N ASN A 127 25.94 -2.35 -11.08
CA ASN A 127 26.08 -0.96 -10.72
C ASN A 127 25.30 -0.07 -11.69
N GLN A 128 25.44 -0.35 -12.98
CA GLN A 128 24.80 0.39 -14.04
C GLN A 128 24.67 -0.46 -15.30
N GLY A 129 23.74 -1.41 -15.29
CA GLY A 129 23.53 -2.29 -16.44
C GLY A 129 22.11 -2.18 -16.94
N GLU A 130 21.31 -3.18 -16.59
CA GLU A 130 19.91 -3.22 -17.02
C GLU A 130 19.04 -2.49 -16.03
N LEU A 131 17.85 -2.07 -16.42
CA LEU A 131 16.92 -1.40 -15.54
C LEU A 131 15.69 -2.29 -15.31
N LYS A 132 15.19 -2.29 -14.09
CA LYS A 132 14.06 -3.09 -13.68
C LYS A 132 13.28 -2.37 -12.58
N LEU A 133 12.14 -2.91 -12.21
CA LEU A 133 11.32 -2.33 -11.16
C LEU A 133 11.85 -2.80 -9.81
N CYS A 134 11.94 -1.87 -8.87
CA CYS A 134 12.34 -2.14 -7.50
C CYS A 134 11.32 -3.04 -6.85
N SER A 135 11.50 -3.30 -5.57
CA SER A 135 10.61 -4.20 -4.88
C SER A 135 10.82 -3.90 -3.44
N HIS A 136 9.77 -3.46 -2.73
CA HIS A 136 9.77 -3.17 -1.29
C HIS A 136 10.51 -4.21 -0.39
N ALA A 1 4.50 5.27 3.57
CA ALA A 1 4.02 4.01 2.96
C ALA A 1 2.55 3.85 3.29
N VAL A 2 1.68 4.43 2.49
CA VAL A 2 0.24 4.34 2.71
C VAL A 2 -0.35 3.35 1.72
N THR A 3 -1.40 2.66 2.11
CA THR A 3 -2.06 1.65 1.29
C THR A 3 -3.14 2.31 0.47
N TRP A 4 -2.97 2.28 -0.85
CA TRP A 4 -3.92 2.88 -1.77
C TRP A 4 -5.11 1.95 -1.92
N THR A 5 -6.31 2.52 -2.02
CA THR A 5 -7.53 1.73 -2.13
C THR A 5 -8.37 2.31 -3.23
N CYS A 6 -8.97 1.44 -4.01
CA CYS A 6 -9.88 1.83 -5.09
C CYS A 6 -11.20 1.05 -5.02
N GLY A 7 -11.80 1.03 -3.83
CA GLY A 7 -13.05 0.31 -3.61
C GLY A 7 -13.07 -0.32 -2.24
N GLY A 8 -12.78 -1.62 -2.17
CA GLY A 8 -12.72 -2.37 -0.91
C GLY A 8 -11.43 -3.17 -0.78
N LEU A 9 -10.50 -3.01 -1.72
CA LEU A 9 -9.26 -3.76 -1.78
C LEU A 9 -8.14 -2.78 -1.51
N LEU A 10 -7.17 -3.22 -0.72
CA LEU A 10 -6.02 -2.41 -0.36
C LEU A 10 -4.86 -2.73 -1.30
N TYR A 11 -3.89 -1.83 -1.37
CA TYR A 11 -2.78 -1.91 -2.31
C TYR A 11 -1.56 -1.22 -1.73
N ASN A 12 -0.70 -1.99 -1.09
CA ASN A 12 0.47 -1.42 -0.47
C ASN A 12 1.24 -0.68 -1.53
N GLN A 13 1.44 0.63 -1.34
CA GLN A 13 2.17 1.42 -2.33
C GLN A 13 3.48 0.77 -2.72
N ASN A 14 4.22 0.26 -1.74
CA ASN A 14 5.43 -0.48 -2.03
C ASN A 14 5.23 -1.52 -3.11
N LYS A 15 4.20 -2.37 -3.03
CA LYS A 15 3.79 -3.22 -4.15
C LYS A 15 3.22 -2.47 -5.35
N ALA A 16 2.46 -1.41 -5.20
CA ALA A 16 2.10 -0.58 -6.33
C ALA A 16 3.28 -0.16 -7.21
N GLU A 17 4.39 0.26 -6.63
CA GLU A 17 5.59 0.61 -7.38
C GLU A 17 6.45 -0.63 -7.57
N SER A 18 6.59 -1.51 -6.59
CA SER A 18 7.45 -2.70 -6.61
C SER A 18 6.85 -3.75 -7.50
N ASN A 19 5.64 -4.24 -7.24
CA ASN A 19 4.89 -5.09 -8.16
C ASN A 19 5.00 -4.64 -9.61
N SER A 20 5.00 -3.33 -9.83
CA SER A 20 5.25 -2.74 -11.15
C SER A 20 6.70 -2.60 -11.56
N HIS A 21 7.62 -2.40 -10.62
CA HIS A 21 9.06 -2.28 -10.85
C HIS A 21 9.53 -3.44 -11.71
N HIS A 22 8.93 -4.62 -11.50
CA HIS A 22 9.20 -5.82 -12.26
C HIS A 22 8.60 -5.74 -13.66
N ALA A 23 7.36 -5.26 -13.76
CA ALA A 23 6.70 -4.96 -15.01
C ALA A 23 7.65 -4.40 -16.08
N PRO A 24 7.61 -4.99 -17.28
CA PRO A 24 8.51 -4.59 -18.35
C PRO A 24 8.09 -3.24 -18.87
N LEU A 25 9.02 -2.28 -18.85
CA LEU A 25 8.80 -0.92 -19.34
C LEU A 25 8.48 -0.93 -20.82
N SER A 26 7.20 -1.00 -21.15
CA SER A 26 6.73 -1.12 -22.53
C SER A 26 5.20 -1.19 -22.52
N ASP A 27 4.58 -0.84 -23.63
CA ASP A 27 3.17 -0.52 -23.79
C ASP A 27 2.55 -1.79 -24.32
N GLY A 28 2.11 -2.65 -23.41
CA GLY A 28 1.57 -3.93 -23.84
C GLY A 28 2.63 -4.78 -24.55
N LYS A 29 3.54 -5.37 -23.77
CA LYS A 29 4.57 -6.28 -24.30
C LYS A 29 4.77 -7.49 -23.38
N THR A 30 3.72 -7.86 -22.69
CA THR A 30 3.85 -8.89 -21.68
C THR A 30 2.98 -10.01 -22.12
N GLY A 31 3.38 -11.24 -21.82
CA GLY A 31 2.61 -12.42 -22.21
C GLY A 31 1.12 -12.21 -21.98
N SER A 32 0.76 -11.84 -20.76
CA SER A 32 -0.63 -11.50 -20.48
C SER A 32 -1.08 -10.29 -21.24
N SER A 33 -0.46 -9.12 -20.99
CA SER A 33 -0.72 -7.82 -21.59
C SER A 33 -0.14 -6.69 -20.76
N TYR A 34 -0.58 -6.60 -19.51
CA TYR A 34 -0.11 -5.62 -18.56
C TYR A 34 1.40 -5.67 -18.24
N PRO A 35 2.06 -4.54 -18.08
CA PRO A 35 1.41 -3.26 -18.12
C PRO A 35 1.07 -2.81 -19.54
N HIS A 36 0.24 -1.79 -19.67
CA HIS A 36 -0.10 -1.27 -21.01
C HIS A 36 -0.12 0.24 -21.04
N TRP A 37 -0.29 0.87 -22.19
CA TRP A 37 -0.45 2.33 -22.22
C TRP A 37 -1.85 2.73 -21.75
N PHE A 38 -1.88 3.71 -20.86
CA PHE A 38 -3.05 4.26 -20.26
C PHE A 38 -3.35 5.50 -21.05
N THR A 39 -4.15 5.32 -22.11
CA THR A 39 -4.75 6.40 -22.88
C THR A 39 -5.17 7.52 -21.98
N ASN A 40 -5.66 7.28 -20.77
CA ASN A 40 -6.03 8.35 -19.81
C ASN A 40 -7.03 9.31 -20.46
N GLY A 41 -7.74 8.81 -21.48
CA GLY A 41 -8.52 9.64 -22.33
C GLY A 41 -7.92 10.01 -23.68
N TYR A 42 -6.60 10.29 -23.76
CA TYR A 42 -5.85 10.59 -24.97
C TYR A 42 -6.19 9.61 -26.07
N ASP A 43 -6.06 10.07 -27.31
CA ASP A 43 -6.31 9.20 -28.46
C ASP A 43 -5.11 8.32 -28.76
N GLY A 44 -3.91 8.88 -28.62
CA GLY A 44 -2.64 8.22 -28.89
C GLY A 44 -1.47 9.07 -28.44
N ASP A 45 -1.37 10.28 -29.00
CA ASP A 45 -0.25 11.18 -28.71
C ASP A 45 -0.77 12.52 -28.23
N GLY A 46 -1.47 13.22 -29.11
CA GLY A 46 -2.09 14.52 -28.84
C GLY A 46 -3.00 14.45 -27.64
N LYS A 47 -3.68 15.56 -27.34
CA LYS A 47 -4.67 15.57 -26.26
C LYS A 47 -5.77 14.50 -26.44
N LEU A 48 -6.83 14.64 -25.69
CA LEU A 48 -7.93 13.71 -25.76
C LEU A 48 -9.03 14.24 -26.68
N PRO A 49 -10.00 13.39 -27.02
CA PRO A 49 -11.11 13.79 -27.85
C PRO A 49 -12.05 14.71 -27.09
N LYS A 50 -12.82 15.50 -27.84
CA LYS A 50 -13.83 16.39 -27.26
C LYS A 50 -14.92 15.58 -26.56
N GLY A 51 -14.80 15.45 -25.25
CA GLY A 51 -15.73 14.64 -24.45
C GLY A 51 -14.99 13.58 -23.65
N ARG A 52 -13.84 13.92 -23.07
CA ARG A 52 -13.07 13.02 -22.22
C ARG A 52 -12.63 13.71 -20.96
N THR A 53 -12.27 12.92 -19.97
CA THR A 53 -11.85 13.44 -18.66
C THR A 53 -10.68 12.61 -18.13
N PRO A 54 -9.44 13.15 -18.23
CA PRO A 54 -8.27 12.47 -17.73
C PRO A 54 -8.23 12.48 -16.20
N ILE A 55 -7.23 11.82 -15.65
CA ILE A 55 -7.07 11.70 -14.22
C ILE A 55 -6.04 12.73 -13.78
N LYS A 56 -6.38 13.50 -12.76
CA LYS A 56 -5.47 14.50 -12.21
C LYS A 56 -4.63 13.87 -11.12
N PHE A 57 -3.34 14.14 -11.13
CA PHE A 57 -2.39 13.61 -10.14
C PHE A 57 -1.74 14.76 -9.38
N GLY A 58 -1.32 15.79 -10.12
CA GLY A 58 -0.59 16.94 -9.58
C GLY A 58 0.78 17.12 -10.22
N LYS A 59 1.17 16.22 -11.14
CA LYS A 59 2.43 16.31 -11.87
C LYS A 59 2.16 16.76 -13.27
N SER A 60 3.00 17.66 -13.77
CA SER A 60 2.92 18.13 -15.14
C SER A 60 3.41 17.07 -16.13
N ASP A 61 3.92 15.94 -15.64
CA ASP A 61 4.43 14.84 -16.45
C ASP A 61 3.30 13.88 -16.75
N CYS A 62 2.57 13.46 -15.72
CA CYS A 62 1.40 12.60 -15.88
C CYS A 62 0.23 13.38 -16.51
N ASP A 63 0.25 14.70 -16.37
CA ASP A 63 -0.73 15.57 -17.01
C ASP A 63 -0.38 15.79 -18.47
N ARG A 64 0.91 15.90 -18.81
CA ARG A 64 1.34 16.10 -20.19
C ARG A 64 0.70 15.05 -21.13
N PRO A 65 0.68 15.37 -22.44
CA PRO A 65 0.22 14.41 -23.41
C PRO A 65 1.18 13.24 -23.64
N PRO A 66 0.70 12.02 -23.87
CA PRO A 66 1.51 10.85 -24.13
C PRO A 66 2.14 10.92 -25.51
N LYS A 67 3.07 10.02 -25.75
CA LYS A 67 3.77 9.99 -27.02
C LYS A 67 3.68 8.57 -27.53
N HIS A 68 2.52 7.95 -27.61
CA HIS A 68 2.42 6.61 -28.21
C HIS A 68 2.52 6.60 -29.76
N SER A 69 3.13 5.57 -30.31
CA SER A 69 3.29 5.43 -31.76
C SER A 69 2.79 4.08 -32.21
N LYS A 70 3.69 3.09 -32.25
CA LYS A 70 3.37 1.72 -32.63
C LYS A 70 2.46 1.06 -31.62
N ASP A 71 2.18 -0.22 -31.78
CA ASP A 71 1.42 -0.96 -30.77
C ASP A 71 1.97 -0.83 -29.34
N GLY A 72 3.27 -0.56 -29.24
CA GLY A 72 3.99 -0.36 -28.00
C GLY A 72 4.24 1.13 -27.90
N ASN A 73 5.48 1.57 -27.87
CA ASN A 73 5.93 2.92 -27.53
C ASN A 73 6.67 3.30 -28.80
N GLY A 74 7.99 3.18 -28.74
CA GLY A 74 8.87 3.73 -29.73
C GLY A 74 10.18 4.25 -29.16
N LYS A 75 10.58 5.47 -29.54
CA LYS A 75 11.77 6.14 -29.01
C LYS A 75 11.68 6.41 -27.50
N THR A 76 11.44 7.66 -27.13
CA THR A 76 11.33 8.07 -25.73
C THR A 76 9.87 8.22 -25.31
N ASP A 77 8.95 7.61 -26.03
CA ASP A 77 7.51 7.70 -25.83
C ASP A 77 7.20 7.87 -24.38
N HIS A 78 6.83 9.06 -23.94
CA HIS A 78 6.59 9.29 -22.51
C HIS A 78 5.18 8.87 -22.14
N TYR A 79 4.55 8.08 -23.01
CA TYR A 79 3.24 7.52 -22.85
C TYR A 79 3.03 7.03 -21.40
N LEU A 80 1.87 7.33 -20.85
CA LEU A 80 1.58 6.86 -19.51
C LEU A 80 1.21 5.40 -19.58
N LEU A 81 1.73 4.58 -18.68
CA LEU A 81 1.37 3.18 -18.61
C LEU A 81 0.97 2.84 -17.19
N GLU A 82 0.11 1.86 -17.04
CA GLU A 82 -0.36 1.38 -15.78
C GLU A 82 -0.07 -0.09 -15.59
N PHE A 83 -0.15 -0.55 -14.33
CA PHE A 83 0.16 -1.93 -14.01
C PHE A 83 -0.65 -2.49 -12.84
N PRO A 84 -1.30 -3.65 -12.98
CA PRO A 84 -2.15 -4.21 -11.97
C PRO A 84 -1.35 -4.73 -10.81
N THR A 85 -1.46 -4.02 -9.69
CA THR A 85 -0.73 -4.33 -8.47
C THR A 85 -1.67 -4.91 -7.46
N PHE A 86 -1.58 -6.20 -7.21
CA PHE A 86 -2.40 -6.88 -6.21
C PHE A 86 -1.87 -6.68 -4.78
N PRO A 87 -2.74 -6.88 -3.78
CA PRO A 87 -2.36 -6.76 -2.39
C PRO A 87 -1.57 -7.93 -1.89
N ASP A 88 -1.92 -9.15 -2.33
CA ASP A 88 -1.22 -10.40 -1.99
C ASP A 88 0.29 -10.22 -2.13
N GLY A 89 0.69 -9.34 -3.04
CA GLY A 89 2.07 -8.99 -3.25
C GLY A 89 2.72 -9.99 -4.18
N HIS A 90 1.92 -10.91 -4.72
CA HIS A 90 2.40 -11.92 -5.63
C HIS A 90 2.69 -11.23 -6.96
N ASP A 91 3.83 -11.59 -7.54
CA ASP A 91 4.23 -11.10 -8.86
C ASP A 91 3.29 -11.70 -9.89
N TYR A 92 2.15 -11.05 -10.12
CA TYR A 92 1.14 -11.50 -11.07
C TYR A 92 1.79 -12.10 -12.30
N LYS A 93 1.21 -13.13 -12.89
CA LYS A 93 1.73 -13.66 -14.13
C LYS A 93 1.38 -12.75 -15.31
N PHE A 94 1.76 -11.49 -15.22
CA PHE A 94 1.59 -10.52 -16.27
C PHE A 94 2.53 -10.80 -17.43
N ASP A 95 3.64 -11.48 -17.20
CA ASP A 95 4.60 -11.85 -18.24
C ASP A 95 4.19 -13.16 -18.90
N SER A 96 3.49 -14.03 -18.19
CA SER A 96 3.06 -15.32 -18.69
C SER A 96 1.71 -15.14 -19.38
N LYS A 97 1.69 -15.29 -20.70
CA LYS A 97 0.44 -15.19 -21.46
C LYS A 97 -0.57 -16.21 -20.97
N LYS A 98 -0.09 -17.46 -20.88
CA LYS A 98 -0.88 -18.60 -20.52
C LYS A 98 -0.11 -19.50 -19.53
N PRO A 99 -0.72 -19.81 -18.38
CA PRO A 99 -2.02 -19.27 -17.99
C PRO A 99 -1.92 -17.79 -17.68
N LYS A 100 -3.06 -17.16 -17.39
CA LYS A 100 -3.15 -15.75 -17.01
C LYS A 100 -4.17 -15.60 -15.88
N GLU A 101 -3.72 -15.02 -14.78
CA GLU A 101 -4.57 -14.79 -13.63
C GLU A 101 -5.41 -13.53 -13.85
N ASN A 102 -6.23 -13.19 -12.86
CA ASN A 102 -7.02 -11.97 -12.89
C ASN A 102 -6.18 -10.75 -13.32
N PRO A 103 -6.81 -9.74 -13.91
CA PRO A 103 -6.11 -8.55 -14.33
C PRO A 103 -5.79 -7.68 -13.14
N GLY A 104 -6.78 -7.05 -12.52
CA GLY A 104 -6.57 -6.16 -11.38
C GLY A 104 -7.17 -4.78 -11.63
N PRO A 105 -7.97 -4.27 -10.69
CA PRO A 105 -8.62 -2.98 -10.80
C PRO A 105 -7.62 -1.87 -10.57
N ALA A 106 -7.14 -1.72 -9.33
CA ALA A 106 -6.16 -0.70 -8.99
C ALA A 106 -4.84 -0.99 -9.66
N ARG A 107 -4.27 0.04 -10.28
CA ARG A 107 -3.01 -0.08 -11.00
C ARG A 107 -2.14 1.11 -10.75
N VAL A 108 -0.83 0.95 -10.83
CA VAL A 108 0.12 2.06 -10.64
C VAL A 108 0.38 2.80 -11.94
N ILE A 109 -0.04 4.05 -12.02
CA ILE A 109 0.03 4.80 -13.27
C ILE A 109 1.27 5.64 -13.18
N TYR A 110 2.20 5.39 -14.08
CA TYR A 110 3.46 6.10 -14.10
C TYR A 110 3.81 6.41 -15.55
N THR A 111 4.48 7.53 -15.73
CA THR A 111 4.91 7.93 -17.06
C THR A 111 6.21 7.22 -17.40
N TYR A 112 6.58 7.22 -18.67
CA TYR A 112 7.83 6.60 -19.10
C TYR A 112 8.87 7.67 -19.49
N PRO A 113 10.18 7.32 -19.40
CA PRO A 113 10.65 6.06 -18.85
C PRO A 113 10.55 6.09 -17.35
N ASN A 114 11.12 7.11 -16.73
CA ASN A 114 11.07 7.32 -15.30
C ASN A 114 9.65 7.11 -14.83
N LYS A 115 9.39 6.04 -14.07
CA LYS A 115 8.07 5.71 -13.55
C LYS A 115 7.65 6.76 -12.56
N VAL A 116 7.16 7.88 -13.08
CA VAL A 116 6.82 9.08 -12.31
C VAL A 116 5.51 8.78 -11.64
N PHE A 117 5.57 7.97 -10.59
CA PHE A 117 4.46 7.44 -9.80
C PHE A 117 3.40 8.53 -9.67
N CYS A 118 2.35 8.40 -10.48
CA CYS A 118 1.31 9.40 -10.50
C CYS A 118 0.34 9.08 -9.38
N GLY A 119 0.00 7.80 -9.25
CA GLY A 119 -0.90 7.32 -8.22
C GLY A 119 -1.51 6.01 -8.66
N ILE A 120 -2.75 5.78 -8.25
CA ILE A 120 -3.40 4.51 -8.50
C ILE A 120 -4.72 4.79 -9.13
N ILE A 121 -5.14 4.04 -10.12
CA ILE A 121 -6.40 4.29 -10.81
C ILE A 121 -7.19 3.02 -10.81
N ALA A 122 -8.52 3.12 -10.85
CA ALA A 122 -9.39 1.95 -10.95
C ALA A 122 -10.80 2.39 -11.31
N HIS A 123 -11.58 1.48 -11.85
CA HIS A 123 -12.93 1.76 -12.28
C HIS A 123 -13.89 1.48 -11.14
N THR A 124 -14.20 2.50 -10.35
CA THR A 124 -15.10 2.35 -9.19
C THR A 124 -16.53 2.79 -9.53
N LYS A 125 -16.94 2.47 -10.75
CA LYS A 125 -18.28 2.81 -11.20
C LYS A 125 -19.19 1.60 -11.18
N GLU A 126 -18.62 0.41 -11.39
CA GLU A 126 -19.37 -0.84 -11.34
C GLU A 126 -18.43 -2.04 -11.46
N ASN A 127 -17.77 -2.14 -12.62
CA ASN A 127 -16.81 -3.20 -12.90
C ASN A 127 -15.75 -2.74 -13.89
N GLN A 128 -16.22 -2.09 -14.95
CA GLN A 128 -15.38 -1.57 -16.01
C GLN A 128 -16.07 -0.43 -16.76
N GLY A 129 -16.10 0.76 -16.14
CA GLY A 129 -16.74 1.91 -16.77
C GLY A 129 -15.77 3.07 -16.78
N GLU A 130 -16.02 4.05 -15.91
CA GLU A 130 -15.15 5.21 -15.81
C GLU A 130 -13.94 4.92 -14.95
N LEU A 131 -12.84 5.61 -15.19
CA LEU A 131 -11.60 5.47 -14.41
C LEU A 131 -11.32 6.75 -13.66
N LYS A 132 -10.76 6.62 -12.47
CA LYS A 132 -10.45 7.73 -11.57
C LYS A 132 -9.27 7.37 -10.71
N LEU A 133 -8.74 8.35 -9.99
CA LEU A 133 -7.61 8.12 -9.10
C LEU A 133 -8.15 7.57 -7.78
N CYS A 134 -7.44 6.58 -7.23
CA CYS A 134 -7.72 5.99 -5.94
C CYS A 134 -7.61 7.04 -4.83
N SER A 135 -7.79 6.58 -3.60
CA SER A 135 -7.75 7.50 -2.46
C SER A 135 -7.43 6.68 -1.23
N HIS A 136 -6.26 6.90 -0.67
CA HIS A 136 -5.88 6.30 0.59
C HIS A 136 -6.32 7.14 1.77
N ALA A 1 4.52 5.26 3.54
CA ALA A 1 3.97 4.03 2.99
C ALA A 1 4.25 4.06 1.53
N VAL A 2 3.35 4.62 0.73
CA VAL A 2 3.46 4.66 -0.73
C VAL A 2 3.76 3.27 -1.32
N THR A 3 3.80 3.18 -2.63
CA THR A 3 4.09 1.93 -3.29
C THR A 3 5.49 1.97 -3.86
N TRP A 4 6.36 1.11 -3.35
CA TRP A 4 7.72 1.02 -3.80
C TRP A 4 7.78 0.18 -5.05
N THR A 5 8.56 0.60 -6.03
CA THR A 5 8.66 -0.11 -7.30
C THR A 5 10.11 -0.28 -7.65
N CYS A 6 10.47 -1.45 -8.16
CA CYS A 6 11.82 -1.74 -8.58
C CYS A 6 11.80 -2.21 -10.02
N GLY A 7 11.43 -1.32 -10.95
CA GLY A 7 11.35 -1.64 -12.37
C GLY A 7 10.76 -3.03 -12.62
N GLY A 8 9.47 -3.19 -12.37
CA GLY A 8 8.81 -4.46 -12.54
C GLY A 8 7.35 -4.38 -12.13
N LEU A 9 7.10 -4.45 -10.82
CA LEU A 9 5.75 -4.35 -10.28
C LEU A 9 5.76 -3.42 -9.08
N LEU A 10 4.56 -2.99 -8.69
CA LEU A 10 4.40 -2.12 -7.54
C LEU A 10 4.37 -2.94 -6.26
N TYR A 11 5.01 -2.45 -5.20
CA TYR A 11 5.15 -3.15 -3.95
C TYR A 11 4.70 -2.26 -2.82
N ASN A 12 3.49 -2.49 -2.33
CA ASN A 12 2.95 -1.70 -1.25
C ASN A 12 3.91 -1.76 -0.07
N GLN A 13 4.48 -0.62 0.32
CA GLN A 13 5.41 -0.58 1.43
C GLN A 13 4.92 -1.41 2.60
N ASN A 14 3.63 -1.30 2.92
CA ASN A 14 3.05 -2.11 3.96
C ASN A 14 3.43 -3.57 3.78
N LYS A 15 3.14 -4.16 2.63
CA LYS A 15 3.55 -5.49 2.30
C LYS A 15 5.06 -5.67 2.47
N ALA A 16 5.89 -4.66 2.25
CA ALA A 16 7.30 -4.71 2.51
C ALA A 16 7.60 -5.11 3.96
N GLU A 17 7.41 -4.16 4.88
CA GLU A 17 7.63 -4.40 6.28
C GLU A 17 6.70 -5.48 6.78
N SER A 18 5.46 -5.56 6.31
CA SER A 18 4.45 -6.53 6.70
C SER A 18 4.90 -7.91 6.29
N ASN A 19 5.01 -8.19 5.00
CA ASN A 19 5.55 -9.44 4.50
C ASN A 19 6.78 -9.89 5.27
N SER A 20 7.56 -8.91 5.74
CA SER A 20 8.70 -9.16 6.57
C SER A 20 8.34 -9.42 8.02
N HIS A 21 7.40 -8.66 8.58
CA HIS A 21 6.92 -8.79 9.94
C HIS A 21 6.77 -10.25 10.29
N HIS A 22 6.27 -11.05 9.34
CA HIS A 22 6.13 -12.47 9.51
C HIS A 22 7.47 -13.17 9.44
N ALA A 23 8.25 -12.89 8.40
CA ALA A 23 9.58 -13.40 8.24
C ALA A 23 10.33 -13.48 9.58
N PRO A 24 10.95 -14.63 9.87
CA PRO A 24 11.63 -14.85 11.13
C PRO A 24 12.94 -14.08 11.13
N LEU A 25 13.11 -13.22 12.13
CA LEU A 25 14.30 -12.42 12.29
C LEU A 25 15.53 -13.31 12.42
N SER A 26 16.17 -13.60 11.30
CA SER A 26 17.31 -14.48 11.24
C SER A 26 17.79 -14.64 9.81
N ASP A 27 19.04 -15.07 9.67
CA ASP A 27 19.64 -15.28 8.36
C ASP A 27 19.65 -16.76 8.04
N GLY A 28 19.19 -17.12 6.84
CA GLY A 28 19.17 -18.50 6.39
C GLY A 28 18.73 -19.44 7.51
N LYS A 29 17.44 -19.38 7.84
CA LYS A 29 16.86 -20.22 8.88
C LYS A 29 15.40 -20.50 8.60
N THR A 30 15.03 -20.44 7.33
CA THR A 30 13.66 -20.64 6.91
C THR A 30 13.60 -21.75 5.92
N GLY A 31 12.47 -22.46 5.87
CA GLY A 31 12.29 -23.58 4.97
C GLY A 31 12.89 -23.32 3.61
N SER A 32 12.44 -22.24 2.96
CA SER A 32 13.00 -21.86 1.69
C SER A 32 14.42 -21.33 1.87
N SER A 33 14.54 -20.13 2.44
CA SER A 33 15.83 -19.49 2.65
C SER A 33 15.67 -18.12 3.30
N TYR A 34 14.96 -17.22 2.62
CA TYR A 34 14.69 -15.90 3.09
C TYR A 34 13.86 -15.91 4.39
N PRO A 35 14.07 -14.91 5.25
CA PRO A 35 15.04 -13.86 4.99
C PRO A 35 16.46 -14.35 5.22
N HIS A 36 17.42 -13.60 4.70
CA HIS A 36 18.82 -13.96 4.80
C HIS A 36 19.66 -12.72 5.02
N TRP A 37 20.90 -12.88 5.49
CA TRP A 37 21.78 -11.77 5.73
C TRP A 37 22.03 -11.07 4.38
N PHE A 38 21.88 -9.75 4.40
CA PHE A 38 22.04 -8.90 3.27
C PHE A 38 23.36 -8.21 3.37
N THR A 39 24.42 -8.94 3.03
CA THR A 39 25.78 -8.42 3.02
C THR A 39 25.80 -7.00 2.53
N ASN A 40 24.98 -6.67 1.53
CA ASN A 40 24.87 -5.32 1.00
C ASN A 40 26.22 -4.92 0.39
N GLY A 41 27.12 -5.88 0.22
CA GLY A 41 28.44 -5.59 -0.23
C GLY A 41 29.49 -5.90 0.81
N TYR A 42 29.16 -5.67 2.08
CA TYR A 42 30.06 -5.96 3.18
C TYR A 42 30.61 -7.37 3.11
N ASP A 43 31.70 -7.60 3.84
CA ASP A 43 32.30 -8.93 3.88
C ASP A 43 31.59 -9.81 4.88
N GLY A 44 31.20 -9.21 6.01
CA GLY A 44 30.56 -9.92 7.09
C GLY A 44 31.27 -9.71 8.41
N ASP A 45 31.68 -8.48 8.68
CA ASP A 45 32.39 -8.15 9.90
C ASP A 45 32.02 -6.74 10.34
N GLY A 46 32.50 -5.75 9.59
CA GLY A 46 32.28 -4.37 9.89
C GLY A 46 32.25 -3.57 8.61
N LYS A 47 33.41 -3.35 7.99
CA LYS A 47 33.50 -2.62 6.73
C LYS A 47 33.59 -3.59 5.56
N LEU A 48 33.65 -3.05 4.36
CA LEU A 48 33.73 -3.83 3.15
C LEU A 48 35.16 -3.75 2.58
N PRO A 49 35.49 -4.68 1.67
CA PRO A 49 36.80 -4.70 1.05
C PRO A 49 36.94 -3.59 0.02
N LYS A 50 38.19 -3.29 -0.34
CA LYS A 50 38.47 -2.28 -1.33
C LYS A 50 37.81 -2.67 -2.67
N GLY A 51 36.64 -2.13 -2.93
CA GLY A 51 35.93 -2.45 -4.15
C GLY A 51 34.53 -2.94 -3.86
N ARG A 52 33.76 -2.15 -3.12
CA ARG A 52 32.38 -2.47 -2.80
C ARG A 52 31.56 -1.21 -2.59
N THR A 53 30.30 -1.28 -2.99
CA THR A 53 29.40 -0.14 -2.89
C THR A 53 28.03 -0.60 -2.40
N PRO A 54 27.77 -0.44 -1.09
CA PRO A 54 26.49 -0.82 -0.52
C PRO A 54 25.39 0.16 -0.92
N ILE A 55 24.15 -0.23 -0.68
CA ILE A 55 22.99 0.56 -1.02
C ILE A 55 22.81 1.63 0.04
N LYS A 56 22.73 2.88 -0.37
CA LYS A 56 22.52 3.97 0.56
C LYS A 56 21.03 4.09 0.89
N PHE A 57 20.75 4.67 2.06
CA PHE A 57 19.40 4.89 2.51
C PHE A 57 19.24 6.26 3.16
N GLY A 58 20.18 6.58 4.04
CA GLY A 58 20.14 7.82 4.80
C GLY A 58 20.08 7.58 6.30
N LYS A 59 20.02 6.32 6.70
CA LYS A 59 19.98 5.95 8.11
C LYS A 59 21.36 5.62 8.59
N SER A 60 21.70 6.00 9.82
CA SER A 60 22.99 5.70 10.40
C SER A 60 23.03 4.27 10.91
N ASP A 61 21.89 3.58 10.90
CA ASP A 61 21.77 2.22 11.37
C ASP A 61 22.01 1.27 10.22
N CYS A 62 21.27 1.47 9.12
CA CYS A 62 21.46 0.67 7.92
C CYS A 62 22.76 1.05 7.22
N ASP A 63 23.32 2.21 7.60
CA ASP A 63 24.59 2.67 7.07
C ASP A 63 25.74 2.10 7.87
N ARG A 64 25.56 2.01 9.19
CA ARG A 64 26.60 1.49 10.05
C ARG A 64 27.14 0.16 9.51
N PRO A 65 28.30 -0.25 10.06
CA PRO A 65 28.87 -1.52 9.70
C PRO A 65 28.11 -2.72 10.31
N PRO A 66 27.66 -3.67 9.46
CA PRO A 66 26.92 -4.84 9.91
C PRO A 66 27.85 -5.82 10.58
N LYS A 67 27.30 -6.81 11.27
CA LYS A 67 28.09 -7.82 11.96
C LYS A 67 27.61 -9.17 11.51
N HIS A 68 28.34 -9.86 10.65
CA HIS A 68 27.97 -11.20 10.23
C HIS A 68 28.68 -12.24 11.11
N SER A 69 28.15 -13.46 11.08
CA SER A 69 28.70 -14.56 11.84
C SER A 69 28.39 -15.88 11.15
N LYS A 70 28.90 -16.97 11.72
CA LYS A 70 28.65 -18.30 11.21
C LYS A 70 27.37 -18.89 11.80
N ASP A 71 26.25 -18.24 11.51
CA ASP A 71 24.95 -18.66 11.99
C ASP A 71 23.87 -17.75 11.43
N GLY A 72 24.19 -16.45 11.38
CA GLY A 72 23.25 -15.46 10.90
C GLY A 72 23.01 -14.39 11.94
N ASN A 73 22.40 -14.76 13.06
CA ASN A 73 22.13 -13.85 14.14
C ASN A 73 22.81 -14.34 15.41
N GLY A 74 24.14 -14.42 15.39
CA GLY A 74 24.87 -14.90 16.56
C GLY A 74 24.55 -14.10 17.83
N LYS A 75 25.48 -13.26 18.24
CA LYS A 75 25.27 -12.43 19.41
C LYS A 75 24.23 -11.34 19.11
N THR A 76 24.71 -10.12 18.92
CA THR A 76 23.84 -9.00 18.62
C THR A 76 24.05 -8.56 17.19
N ASP A 77 24.66 -9.41 16.36
CA ASP A 77 24.93 -9.12 14.97
C ASP A 77 23.91 -8.18 14.37
N HIS A 78 24.25 -6.90 14.23
CA HIS A 78 23.31 -5.90 13.75
C HIS A 78 23.36 -5.85 12.23
N TYR A 79 23.69 -6.98 11.62
CA TYR A 79 23.68 -7.15 10.21
C TYR A 79 22.35 -6.80 9.53
N LEU A 80 22.37 -6.70 8.21
CA LEU A 80 21.15 -6.45 7.47
C LEU A 80 20.59 -7.74 6.93
N LEU A 81 19.30 -7.79 6.63
CA LEU A 81 18.67 -8.98 6.07
C LEU A 81 17.64 -8.56 5.04
N GLU A 82 17.70 -9.19 3.87
CA GLU A 82 16.77 -8.89 2.80
C GLU A 82 15.66 -9.93 2.75
N PHE A 83 14.50 -9.51 2.28
CA PHE A 83 13.36 -10.40 2.20
C PHE A 83 12.53 -10.17 0.95
N PRO A 84 12.37 -11.19 0.09
CA PRO A 84 11.65 -11.06 -1.16
C PRO A 84 10.16 -10.95 -0.90
N THR A 85 9.62 -9.78 -1.18
CA THR A 85 8.21 -9.50 -1.00
C THR A 85 7.51 -9.40 -2.33
N PHE A 86 6.46 -10.19 -2.50
CA PHE A 86 5.68 -10.19 -3.71
C PHE A 86 4.64 -9.07 -3.71
N PRO A 87 4.21 -8.64 -4.93
CA PRO A 87 3.23 -7.59 -5.07
C PRO A 87 1.83 -8.08 -4.81
N ASP A 88 1.50 -9.28 -5.31
CA ASP A 88 0.20 -9.90 -5.10
C ASP A 88 -0.23 -9.76 -3.64
N GLY A 89 0.77 -9.72 -2.75
CA GLY A 89 0.57 -9.53 -1.34
C GLY A 89 0.63 -10.86 -0.62
N HIS A 90 0.59 -11.95 -1.39
CA HIS A 90 0.67 -13.28 -0.85
C HIS A 90 1.96 -13.43 -0.06
N ASP A 91 1.84 -13.90 1.17
CA ASP A 91 2.98 -14.12 2.03
C ASP A 91 3.79 -15.28 1.48
N TYR A 92 4.89 -14.96 0.79
CA TYR A 92 5.78 -15.96 0.23
C TYR A 92 5.86 -17.20 1.11
N LYS A 93 5.85 -18.38 0.52
CA LYS A 93 5.96 -19.61 1.27
C LYS A 93 7.43 -19.86 1.64
N PHE A 94 8.00 -18.93 2.39
CA PHE A 94 9.36 -19.03 2.87
C PHE A 94 9.47 -20.01 4.03
N ASP A 95 8.36 -20.64 4.41
CA ASP A 95 8.33 -21.61 5.49
C ASP A 95 8.46 -23.01 4.91
N SER A 96 7.82 -23.25 3.77
CA SER A 96 7.86 -24.56 3.15
C SER A 96 9.16 -24.71 2.37
N LYS A 97 10.05 -25.57 2.88
CA LYS A 97 11.31 -25.82 2.22
C LYS A 97 11.08 -26.32 0.80
N LYS A 98 10.21 -27.33 0.70
CA LYS A 98 9.90 -27.97 -0.55
C LYS A 98 8.43 -28.42 -0.56
N PRO A 99 7.70 -28.02 -1.62
CA PRO A 99 8.25 -27.18 -2.68
C PRO A 99 8.43 -25.73 -2.19
N LYS A 100 8.96 -24.88 -3.06
CA LYS A 100 9.17 -23.47 -2.76
C LYS A 100 8.88 -22.63 -3.98
N GLU A 101 8.11 -21.58 -3.79
CA GLU A 101 7.77 -20.68 -4.89
C GLU A 101 8.99 -19.86 -5.25
N ASN A 102 9.14 -19.57 -6.54
CA ASN A 102 10.22 -18.76 -7.05
C ASN A 102 10.47 -17.55 -6.14
N PRO A 103 11.70 -16.99 -6.20
CA PRO A 103 12.03 -15.84 -5.38
C PRO A 103 11.34 -14.58 -5.89
N GLY A 104 11.84 -13.42 -5.45
CA GLY A 104 11.31 -12.14 -5.88
C GLY A 104 12.42 -11.12 -6.12
N PRO A 105 12.14 -10.13 -6.99
CA PRO A 105 13.10 -9.09 -7.30
C PRO A 105 13.20 -8.09 -6.16
N ALA A 106 12.11 -7.34 -5.92
CA ALA A 106 12.07 -6.39 -4.85
C ALA A 106 12.06 -7.08 -3.50
N ARG A 107 12.87 -6.56 -2.58
CA ARG A 107 12.99 -7.12 -1.24
C ARG A 107 13.12 -6.03 -0.21
N VAL A 108 12.56 -6.26 0.97
CA VAL A 108 12.63 -5.31 2.06
C VAL A 108 13.95 -5.46 2.80
N ILE A 109 14.64 -4.35 2.99
CA ILE A 109 15.90 -4.34 3.69
C ILE A 109 15.75 -3.70 5.04
N TYR A 110 16.43 -4.22 6.05
CA TYR A 110 16.37 -3.71 7.39
C TYR A 110 17.48 -4.29 8.25
N THR A 111 17.83 -3.55 9.30
CA THR A 111 18.91 -3.95 10.18
C THR A 111 18.35 -4.76 11.32
N TYR A 112 19.21 -5.47 12.04
CA TYR A 112 18.80 -6.28 13.16
C TYR A 112 19.33 -5.70 14.47
N PRO A 113 18.63 -5.98 15.60
CA PRO A 113 17.38 -6.74 15.56
C PRO A 113 16.27 -5.86 15.04
N ASN A 114 16.09 -4.68 15.66
CA ASN A 114 15.06 -3.75 15.26
C ASN A 114 15.02 -3.64 13.76
N LYS A 115 13.95 -4.12 13.14
CA LYS A 115 13.78 -4.11 11.69
C LYS A 115 13.76 -2.68 11.20
N VAL A 116 14.92 -2.05 11.14
CA VAL A 116 15.06 -0.66 10.77
C VAL A 116 14.91 -0.62 9.26
N PHE A 117 13.70 -0.85 8.77
CA PHE A 117 13.39 -0.81 7.36
C PHE A 117 14.22 0.27 6.64
N CYS A 118 15.15 -0.17 5.81
CA CYS A 118 15.99 0.73 5.07
C CYS A 118 15.24 1.18 3.83
N GLY A 119 14.62 0.22 3.14
CA GLY A 119 13.88 0.51 1.93
C GLY A 119 13.66 -0.76 1.13
N ILE A 120 13.68 -0.62 -0.18
CA ILE A 120 13.40 -1.75 -1.06
C ILE A 120 14.54 -1.85 -2.04
N ILE A 121 15.03 -3.04 -2.31
CA ILE A 121 16.15 -3.23 -3.20
C ILE A 121 15.75 -4.25 -4.25
N ALA A 122 16.39 -4.23 -5.41
CA ALA A 122 16.14 -5.17 -6.47
C ALA A 122 17.14 -4.97 -7.60
N HIS A 123 17.51 -6.07 -8.24
CA HIS A 123 18.49 -6.05 -9.30
C HIS A 123 17.78 -5.84 -10.62
N THR A 124 17.68 -4.59 -11.05
CA THR A 124 16.99 -4.21 -12.27
C THR A 124 18.01 -3.93 -13.36
N LYS A 125 18.99 -4.82 -13.48
CA LYS A 125 20.00 -4.72 -14.51
C LYS A 125 19.80 -5.79 -15.59
N GLU A 126 19.12 -6.87 -15.22
CA GLU A 126 18.83 -7.96 -16.15
C GLU A 126 17.94 -8.99 -15.50
N ASN A 127 18.45 -9.66 -14.47
CA ASN A 127 17.72 -10.67 -13.74
C ASN A 127 18.27 -10.80 -12.33
N GLN A 128 19.60 -10.85 -12.24
CA GLN A 128 20.29 -11.00 -10.98
C GLN A 128 21.74 -10.54 -11.10
N GLY A 129 21.95 -9.22 -11.13
CA GLY A 129 23.28 -8.66 -11.24
C GLY A 129 23.54 -7.65 -10.14
N GLU A 130 23.50 -6.38 -10.52
CA GLU A 130 23.72 -5.29 -9.57
C GLU A 130 22.49 -5.05 -8.71
N LEU A 131 22.68 -4.69 -7.45
CA LEU A 131 21.58 -4.41 -6.55
C LEU A 131 21.52 -2.92 -6.24
N LYS A 132 20.32 -2.37 -6.24
CA LYS A 132 20.10 -0.96 -5.99
C LYS A 132 18.82 -0.78 -5.20
N LEU A 133 18.57 0.43 -4.73
CA LEU A 133 17.36 0.73 -3.98
C LEU A 133 16.25 1.12 -4.96
N CYS A 134 15.03 0.71 -4.64
CA CYS A 134 13.86 1.03 -5.42
C CYS A 134 13.65 2.54 -5.44
N SER A 135 12.53 2.96 -5.98
CA SER A 135 12.22 4.38 -6.07
C SER A 135 10.80 4.62 -5.61
N HIS A 136 10.64 4.92 -4.32
CA HIS A 136 9.33 5.26 -3.75
C HIS A 136 9.14 6.77 -3.58
N ALA A 1 4.53 5.23 3.57
CA ALA A 1 3.99 4.00 2.99
C ALA A 1 4.42 3.95 1.54
N VAL A 2 3.57 4.37 0.62
CA VAL A 2 3.84 4.35 -0.80
C VAL A 2 3.79 5.78 -1.33
N THR A 3 4.77 6.18 -2.11
CA THR A 3 4.83 7.53 -2.64
C THR A 3 4.11 7.58 -3.98
N TRP A 4 2.95 8.22 -4.01
CA TRP A 4 2.15 8.37 -5.21
C TRP A 4 2.73 9.45 -6.09
N THR A 5 2.74 9.24 -7.40
CA THR A 5 3.34 10.18 -8.32
C THR A 5 2.32 10.59 -9.35
N CYS A 6 2.05 11.88 -9.40
CA CYS A 6 1.09 12.40 -10.34
C CYS A 6 1.85 13.06 -11.47
N GLY A 7 2.62 12.26 -12.22
CA GLY A 7 3.42 12.70 -13.37
C GLY A 7 4.00 14.09 -13.19
N GLY A 8 4.82 14.25 -12.15
CA GLY A 8 5.38 15.54 -11.79
C GLY A 8 6.06 15.46 -10.43
N LEU A 9 5.27 15.54 -9.36
CA LEU A 9 5.75 15.55 -7.99
C LEU A 9 5.28 14.29 -7.29
N LEU A 10 5.97 13.95 -6.22
CA LEU A 10 5.78 12.70 -5.51
C LEU A 10 5.14 13.00 -4.17
N TYR A 11 4.02 12.37 -3.90
CA TYR A 11 3.15 12.60 -2.76
C TYR A 11 3.11 11.36 -1.92
N ASN A 12 3.77 11.40 -0.77
CA ASN A 12 3.74 10.27 0.13
C ASN A 12 2.29 9.97 0.53
N GLN A 13 1.85 8.72 0.38
CA GLN A 13 0.50 8.37 0.78
C GLN A 13 0.21 8.71 2.22
N ASN A 14 1.15 8.40 3.10
CA ASN A 14 1.03 8.76 4.51
C ASN A 14 0.71 10.24 4.71
N LYS A 15 1.10 11.09 3.75
CA LYS A 15 0.73 12.50 3.66
C LYS A 15 -0.58 12.72 2.95
N ALA A 16 -0.93 12.03 1.86
CA ALA A 16 -2.22 12.12 1.20
C ALA A 16 -3.41 11.85 2.14
N GLU A 17 -3.48 10.64 2.69
CA GLU A 17 -4.49 10.31 3.69
C GLU A 17 -4.39 11.24 4.90
N SER A 18 -3.16 11.51 5.37
CA SER A 18 -2.95 12.46 6.46
C SER A 18 -3.41 13.87 6.08
N ASN A 19 -3.47 14.19 4.80
CA ASN A 19 -3.88 15.49 4.35
C ASN A 19 -5.37 15.64 4.61
N SER A 20 -6.14 14.80 3.92
CA SER A 20 -7.59 14.77 4.07
C SER A 20 -8.00 14.38 5.48
N HIS A 21 -7.08 13.83 6.27
CA HIS A 21 -7.34 13.45 7.65
C HIS A 21 -7.77 14.65 8.46
N HIS A 22 -7.00 15.74 8.41
CA HIS A 22 -7.30 16.97 9.11
C HIS A 22 -8.42 17.73 8.42
N ALA A 23 -8.37 17.76 7.09
CA ALA A 23 -9.38 18.40 6.27
C ALA A 23 -10.80 18.09 6.75
N PRO A 24 -11.66 19.11 6.90
CA PRO A 24 -13.00 18.91 7.40
C PRO A 24 -13.84 18.21 6.36
N LEU A 25 -14.43 17.07 6.75
CA LEU A 25 -15.28 16.27 5.89
C LEU A 25 -16.51 17.05 5.46
N SER A 26 -16.43 17.63 4.28
CA SER A 26 -17.46 18.52 3.73
C SER A 26 -17.02 19.04 2.37
N ASP A 27 -17.97 19.59 1.63
CA ASP A 27 -17.75 20.22 0.32
C ASP A 27 -17.74 21.72 0.46
N GLY A 28 -16.64 22.37 0.07
CA GLY A 28 -16.58 23.83 0.06
C GLY A 28 -17.06 24.45 1.37
N LYS A 29 -16.30 24.22 2.44
CA LYS A 29 -16.63 24.71 3.78
C LYS A 29 -15.41 25.06 4.61
N THR A 30 -14.34 25.45 3.92
CA THR A 30 -13.05 25.73 4.51
C THR A 30 -12.62 27.10 4.07
N GLY A 31 -11.84 27.78 4.90
CA GLY A 31 -11.33 29.13 4.63
C GLY A 31 -10.92 29.35 3.19
N SER A 32 -9.97 28.53 2.75
CA SER A 32 -9.57 28.52 1.35
C SER A 32 -10.68 28.02 0.44
N SER A 33 -10.95 26.70 0.47
CA SER A 33 -11.96 26.04 -0.35
C SER A 33 -12.01 24.54 -0.14
N TYR A 34 -10.86 23.89 -0.32
CA TYR A 34 -10.68 22.48 -0.17
C TYR A 34 -10.79 21.99 1.30
N PRO A 35 -11.29 20.79 1.54
CA PRO A 35 -11.71 19.86 0.52
C PRO A 35 -13.05 20.28 -0.08
N HIS A 36 -13.36 19.68 -1.22
CA HIS A 36 -14.57 19.99 -1.94
C HIS A 36 -15.15 18.73 -2.52
N TRP A 37 -16.36 18.82 -3.07
CA TRP A 37 -16.94 17.67 -3.73
C TRP A 37 -16.22 17.41 -5.05
N PHE A 38 -15.79 16.18 -5.21
CA PHE A 38 -15.14 15.64 -6.36
C PHE A 38 -16.20 14.91 -7.16
N THR A 39 -16.88 15.67 -8.01
CA THR A 39 -17.83 15.17 -8.99
C THR A 39 -17.32 13.90 -9.64
N ASN A 40 -16.00 13.79 -9.81
CA ASN A 40 -15.35 12.65 -10.44
C ASN A 40 -15.67 12.59 -11.93
N GLY A 41 -16.37 13.62 -12.43
CA GLY A 41 -16.92 13.67 -13.74
C GLY A 41 -18.42 13.75 -13.82
N TYR A 42 -19.10 13.21 -12.81
CA TYR A 42 -20.54 13.25 -12.70
C TYR A 42 -21.05 14.70 -12.80
N ASP A 43 -22.35 14.85 -12.66
CA ASP A 43 -23.04 16.14 -12.72
C ASP A 43 -23.44 16.61 -11.32
N GLY A 44 -23.91 15.66 -10.51
CA GLY A 44 -24.38 15.92 -9.15
C GLY A 44 -24.73 14.65 -8.40
N ASP A 45 -25.71 13.91 -8.92
CA ASP A 45 -26.13 12.65 -8.33
C ASP A 45 -25.18 11.56 -8.83
N GLY A 46 -25.62 10.83 -9.85
CA GLY A 46 -24.95 9.67 -10.39
C GLY A 46 -25.00 9.65 -11.91
N LYS A 47 -25.05 10.83 -12.52
CA LYS A 47 -25.14 10.99 -13.97
C LYS A 47 -24.04 11.91 -14.43
N LEU A 48 -23.54 11.70 -15.64
CA LEU A 48 -22.44 12.50 -16.17
C LEU A 48 -22.94 13.29 -17.38
N PRO A 49 -22.24 14.36 -17.77
CA PRO A 49 -22.60 15.15 -18.93
C PRO A 49 -22.38 14.34 -20.21
N LYS A 50 -23.08 14.72 -21.27
CA LYS A 50 -22.95 14.13 -22.60
C LYS A 50 -21.48 14.05 -23.01
N GLY A 51 -20.92 12.85 -22.94
CA GLY A 51 -19.51 12.62 -23.19
C GLY A 51 -18.66 12.95 -21.97
N ARG A 52 -18.48 11.97 -21.09
CA ARG A 52 -17.61 12.10 -19.92
C ARG A 52 -17.03 10.74 -19.54
N THR A 53 -15.89 10.76 -18.88
CA THR A 53 -15.22 9.55 -18.42
C THR A 53 -14.64 9.72 -17.00
N PRO A 54 -15.33 9.20 -15.97
CA PRO A 54 -14.87 9.25 -14.60
C PRO A 54 -13.62 8.43 -14.37
N ILE A 55 -12.85 8.83 -13.38
CA ILE A 55 -11.62 8.14 -13.04
C ILE A 55 -12.01 6.76 -12.53
N LYS A 56 -11.42 5.71 -13.11
CA LYS A 56 -11.65 4.35 -12.66
C LYS A 56 -10.55 3.95 -11.70
N PHE A 57 -10.95 3.35 -10.60
CA PHE A 57 -10.05 2.90 -9.53
C PHE A 57 -10.16 1.39 -9.36
N GLY A 58 -11.39 0.92 -9.12
CA GLY A 58 -11.71 -0.48 -8.83
C GLY A 58 -12.38 -0.68 -7.48
N LYS A 59 -12.54 0.40 -6.71
CA LYS A 59 -13.29 0.37 -5.46
C LYS A 59 -14.77 0.10 -5.71
N SER A 60 -15.53 -0.01 -4.63
CA SER A 60 -16.98 -0.20 -4.70
C SER A 60 -17.72 1.08 -4.39
N ASP A 61 -17.33 1.76 -3.31
CA ASP A 61 -17.92 3.04 -2.92
C ASP A 61 -17.38 4.16 -3.77
N CYS A 62 -16.08 4.13 -4.05
CA CYS A 62 -15.42 5.14 -4.89
C CYS A 62 -15.78 4.93 -6.36
N ASP A 63 -16.28 3.74 -6.70
CA ASP A 63 -16.83 3.46 -8.02
C ASP A 63 -18.30 3.81 -8.12
N ARG A 64 -19.07 3.55 -7.04
CA ARG A 64 -20.49 3.81 -7.04
C ARG A 64 -20.80 5.27 -7.39
N PRO A 65 -22.05 5.56 -7.74
CA PRO A 65 -22.45 6.92 -8.00
C PRO A 65 -22.49 7.76 -6.72
N PRO A 66 -22.01 9.02 -6.76
CA PRO A 66 -22.10 9.92 -5.62
C PRO A 66 -23.53 10.34 -5.32
N LYS A 67 -23.71 11.09 -4.23
CA LYS A 67 -25.01 11.65 -3.91
C LYS A 67 -24.81 13.09 -3.46
N HIS A 68 -24.20 13.93 -4.28
CA HIS A 68 -24.05 15.33 -3.88
C HIS A 68 -25.36 16.09 -4.09
N SER A 69 -25.46 17.27 -3.49
CA SER A 69 -26.63 18.14 -3.60
C SER A 69 -26.26 19.60 -3.35
N LYS A 70 -27.25 20.45 -3.13
CA LYS A 70 -27.02 21.85 -2.79
C LYS A 70 -26.78 22.02 -1.30
N ASP A 71 -25.59 21.60 -0.85
CA ASP A 71 -25.18 21.72 0.56
C ASP A 71 -23.75 21.23 0.75
N GLY A 72 -23.45 20.11 0.12
CA GLY A 72 -22.16 19.47 0.20
C GLY A 72 -22.30 18.05 0.69
N ASN A 73 -22.98 17.86 1.81
CA ASN A 73 -23.21 16.57 2.39
C ASN A 73 -24.55 16.62 3.11
N GLY A 74 -25.63 16.38 2.37
CA GLY A 74 -26.97 16.33 2.94
C GLY A 74 -27.16 15.22 3.95
N LYS A 75 -27.97 14.21 3.63
CA LYS A 75 -28.15 13.05 4.51
C LYS A 75 -26.86 12.25 4.70
N THR A 76 -26.73 11.18 3.91
CA THR A 76 -25.55 10.31 3.93
C THR A 76 -24.75 10.48 2.64
N ASP A 77 -25.02 11.55 1.88
CA ASP A 77 -24.41 11.84 0.59
C ASP A 77 -23.03 11.26 0.53
N HIS A 78 -22.83 10.16 -0.19
CA HIS A 78 -21.54 9.47 -0.24
C HIS A 78 -20.65 10.08 -1.32
N TYR A 79 -21.03 11.26 -1.77
CA TYR A 79 -20.30 12.11 -2.66
C TYR A 79 -18.79 12.03 -2.39
N LEU A 80 -18.03 11.91 -3.46
CA LEU A 80 -16.59 11.89 -3.34
C LEU A 80 -16.08 13.30 -3.11
N LEU A 81 -14.94 13.45 -2.45
CA LEU A 81 -14.33 14.74 -2.22
C LEU A 81 -12.82 14.63 -2.39
N GLU A 82 -12.24 15.65 -3.02
CA GLU A 82 -10.81 15.71 -3.26
C GLU A 82 -10.14 16.72 -2.34
N PHE A 83 -8.86 16.50 -2.07
CA PHE A 83 -8.10 17.39 -1.20
C PHE A 83 -6.66 17.62 -1.70
N PRO A 84 -6.21 18.88 -1.87
CA PRO A 84 -4.90 19.23 -2.37
C PRO A 84 -3.84 18.97 -1.31
N THR A 85 -3.10 17.88 -1.51
CA THR A 85 -2.06 17.44 -0.62
C THR A 85 -0.71 17.76 -1.22
N PHE A 86 0.08 18.57 -0.53
CA PHE A 86 1.43 18.89 -0.96
C PHE A 86 2.44 17.80 -0.59
N PRO A 87 3.60 17.77 -1.31
CA PRO A 87 4.65 16.81 -1.03
C PRO A 87 5.44 17.14 0.22
N ASP A 88 5.79 18.43 0.43
CA ASP A 88 6.47 18.93 1.63
C ASP A 88 5.89 18.24 2.87
N GLY A 89 4.58 18.02 2.84
CA GLY A 89 3.86 17.41 3.93
C GLY A 89 3.18 18.43 4.81
N HIS A 90 3.39 19.71 4.48
CA HIS A 90 2.77 20.80 5.17
C HIS A 90 1.27 20.72 4.94
N ASP A 91 0.51 20.73 6.02
CA ASP A 91 -0.94 20.84 5.97
C ASP A 91 -1.25 22.16 5.27
N TYR A 92 -1.70 22.08 4.03
CA TYR A 92 -2.16 23.21 3.27
C TYR A 92 -2.96 24.16 4.18
N LYS A 93 -2.79 25.46 4.02
CA LYS A 93 -3.61 26.44 4.72
C LYS A 93 -5.01 26.54 4.12
N PHE A 94 -5.73 25.43 4.10
CA PHE A 94 -7.09 25.36 3.64
C PHE A 94 -8.07 25.98 4.64
N ASP A 95 -7.62 26.21 5.87
CA ASP A 95 -8.42 26.79 6.95
C ASP A 95 -8.34 28.32 6.93
N SER A 96 -7.15 28.83 6.62
CA SER A 96 -6.93 30.26 6.51
C SER A 96 -7.44 30.75 5.15
N LYS A 97 -8.57 31.46 5.16
CA LYS A 97 -9.12 32.04 3.93
C LYS A 97 -8.13 32.98 3.26
N LYS A 98 -7.57 33.88 4.08
CA LYS A 98 -6.62 34.89 3.67
C LYS A 98 -5.48 35.00 4.69
N PRO A 99 -4.23 34.97 4.23
CA PRO A 99 -3.90 34.66 2.84
C PRO A 99 -4.20 33.19 2.54
N LYS A 100 -4.04 32.81 1.28
CA LYS A 100 -4.27 31.46 0.80
C LYS A 100 -3.17 31.13 -0.19
N GLU A 101 -2.37 30.14 0.15
CA GLU A 101 -1.35 29.66 -0.78
C GLU A 101 -2.00 28.94 -1.96
N ASN A 102 -1.22 28.69 -3.02
CA ASN A 102 -1.62 27.89 -4.15
C ASN A 102 -2.38 26.63 -3.74
N PRO A 103 -3.26 26.09 -4.61
CA PRO A 103 -4.04 24.91 -4.31
C PRO A 103 -3.20 23.64 -4.33
N GLY A 104 -2.99 23.06 -5.51
CA GLY A 104 -2.22 21.85 -5.64
C GLY A 104 -2.77 20.99 -6.77
N PRO A 105 -1.88 20.32 -7.53
CA PRO A 105 -2.25 19.47 -8.65
C PRO A 105 -2.83 18.15 -8.14
N ALA A 106 -1.96 17.32 -7.54
CA ALA A 106 -2.38 16.06 -6.99
C ALA A 106 -3.27 16.26 -5.78
N ARG A 107 -4.30 15.42 -5.72
CA ARG A 107 -5.29 15.46 -4.65
C ARG A 107 -5.72 14.08 -4.25
N VAL A 108 -5.97 13.92 -2.97
CA VAL A 108 -6.42 12.65 -2.39
C VAL A 108 -7.92 12.53 -2.60
N ILE A 109 -8.32 11.43 -3.22
CA ILE A 109 -9.74 11.16 -3.49
C ILE A 109 -10.27 10.10 -2.56
N TYR A 110 -11.50 10.29 -2.11
CA TYR A 110 -12.13 9.42 -1.17
C TYR A 110 -13.64 9.66 -1.10
N THR A 111 -14.36 8.62 -0.73
CA THR A 111 -15.82 8.69 -0.63
C THR A 111 -16.22 9.14 0.76
N TYR A 112 -17.46 9.53 0.92
CA TYR A 112 -17.98 9.91 2.22
C TYR A 112 -18.96 8.86 2.79
N PRO A 113 -19.13 8.82 4.13
CA PRO A 113 -18.30 9.56 5.09
C PRO A 113 -16.92 8.95 5.19
N ASN A 114 -16.89 7.65 5.46
CA ASN A 114 -15.64 6.90 5.53
C ASN A 114 -14.75 7.26 4.35
N LYS A 115 -13.63 7.95 4.63
CA LYS A 115 -12.68 8.42 3.64
C LYS A 115 -12.09 7.20 2.94
N VAL A 116 -12.82 6.64 1.99
CA VAL A 116 -12.45 5.46 1.25
C VAL A 116 -11.43 5.94 0.23
N PHE A 117 -10.23 6.23 0.72
CA PHE A 117 -9.11 6.65 -0.08
C PHE A 117 -8.97 5.73 -1.28
N CYS A 118 -9.30 6.24 -2.46
CA CYS A 118 -9.22 5.48 -3.68
C CYS A 118 -7.79 5.52 -4.21
N GLY A 119 -7.29 6.75 -4.35
CA GLY A 119 -5.95 6.99 -4.83
C GLY A 119 -5.70 8.48 -4.94
N ILE A 120 -4.92 8.86 -5.93
CA ILE A 120 -4.56 10.25 -6.11
C ILE A 120 -4.90 10.62 -7.53
N ILE A 121 -5.30 11.85 -7.77
CA ILE A 121 -5.67 12.31 -9.09
C ILE A 121 -5.00 13.63 -9.36
N ALA A 122 -4.73 13.92 -10.63
CA ALA A 122 -4.11 15.19 -11.03
C ALA A 122 -4.05 15.29 -12.55
N HIS A 123 -4.12 16.51 -13.07
CA HIS A 123 -4.12 16.75 -14.51
C HIS A 123 -2.69 16.92 -14.99
N THR A 124 -2.11 15.85 -15.49
CA THR A 124 -0.71 15.80 -15.96
C THR A 124 -0.67 15.89 -17.47
N LYS A 125 -1.44 16.84 -18.00
CA LYS A 125 -1.48 17.15 -19.42
C LYS A 125 -0.80 18.47 -19.72
N GLU A 126 -0.73 19.36 -18.73
CA GLU A 126 -0.08 20.66 -18.84
C GLU A 126 -0.07 21.35 -17.47
N ASN A 127 -1.23 21.91 -17.10
CA ASN A 127 -1.45 22.67 -15.88
C ASN A 127 -2.82 22.34 -15.28
N GLN A 128 -3.83 22.33 -16.15
CA GLN A 128 -5.21 22.09 -15.81
C GLN A 128 -5.97 21.69 -17.08
N GLY A 129 -5.88 20.41 -17.44
CA GLY A 129 -6.63 19.88 -18.57
C GLY A 129 -7.49 18.70 -18.12
N GLU A 130 -7.12 17.51 -18.54
CA GLU A 130 -7.84 16.30 -18.20
C GLU A 130 -7.34 15.72 -16.89
N LEU A 131 -8.26 15.19 -16.08
CA LEU A 131 -7.90 14.58 -14.81
C LEU A 131 -7.76 13.07 -14.98
N LYS A 132 -6.79 12.49 -14.28
CA LYS A 132 -6.48 11.07 -14.30
C LYS A 132 -5.99 10.63 -12.95
N LEU A 133 -5.92 9.32 -12.75
CA LEU A 133 -5.43 8.73 -11.51
C LEU A 133 -3.91 8.66 -11.58
N CYS A 134 -3.25 8.99 -10.48
CA CYS A 134 -1.81 8.87 -10.31
C CYS A 134 -1.43 7.40 -10.20
N SER A 135 -0.15 7.16 -10.02
CA SER A 135 0.38 5.81 -9.94
C SER A 135 1.74 5.97 -9.25
N HIS A 136 1.75 5.67 -7.95
CA HIS A 136 3.00 5.52 -7.19
C HIS A 136 4.05 4.72 -7.96
N ALA A 1 4.49 5.27 3.54
CA ALA A 1 4.00 4.02 2.95
C ALA A 1 2.50 4.11 2.80
N VAL A 2 2.02 3.73 1.64
CA VAL A 2 0.59 3.75 1.36
C VAL A 2 -0.03 2.38 1.67
N THR A 3 -1.08 2.39 2.45
CA THR A 3 -1.76 1.17 2.85
C THR A 3 -2.77 0.78 1.80
N TRP A 4 -2.60 -0.41 1.23
CA TRP A 4 -3.49 -0.94 0.22
C TRP A 4 -4.71 -1.52 0.90
N THR A 5 -5.88 -1.34 0.31
CA THR A 5 -7.12 -1.85 0.88
C THR A 5 -8.00 -2.36 -0.24
N CYS A 6 -8.71 -3.46 0.03
CA CYS A 6 -9.64 -4.04 -0.93
C CYS A 6 -11.04 -4.07 -0.34
N GLY A 7 -11.49 -2.92 0.18
CA GLY A 7 -12.81 -2.81 0.80
C GLY A 7 -13.05 -3.94 1.79
N GLY A 8 -12.39 -3.86 2.95
CA GLY A 8 -12.53 -4.88 3.98
C GLY A 8 -11.44 -4.74 5.03
N LEU A 9 -10.23 -5.15 4.68
CA LEU A 9 -9.09 -5.05 5.58
C LEU A 9 -7.98 -4.26 4.92
N LEU A 10 -7.09 -3.72 5.75
CA LEU A 10 -5.97 -2.95 5.26
C LEU A 10 -4.84 -3.88 4.87
N TYR A 11 -3.86 -3.35 4.14
CA TYR A 11 -2.77 -4.14 3.61
C TYR A 11 -1.60 -3.23 3.29
N ASN A 12 -0.75 -2.96 4.28
CA ASN A 12 0.40 -2.10 4.10
C ASN A 12 1.25 -2.68 3.00
N GLN A 13 1.50 -1.92 1.93
CA GLN A 13 2.31 -2.38 0.82
C GLN A 13 3.54 -3.10 1.32
N ASN A 14 4.36 -2.43 2.14
CA ASN A 14 5.56 -3.02 2.67
C ASN A 14 5.25 -4.42 3.18
N LYS A 15 4.18 -4.58 3.94
CA LYS A 15 3.70 -5.86 4.40
C LYS A 15 3.32 -6.76 3.23
N ALA A 16 2.54 -6.29 2.28
CA ALA A 16 2.19 -7.02 1.09
C ALA A 16 3.42 -7.58 0.39
N GLU A 17 4.24 -6.69 -0.17
CA GLU A 17 5.47 -7.08 -0.82
C GLU A 17 6.34 -7.89 0.13
N SER A 18 6.30 -7.60 1.43
CA SER A 18 7.08 -8.29 2.43
C SER A 18 6.57 -9.71 2.56
N ASN A 19 5.29 -9.92 2.79
CA ASN A 19 4.68 -11.20 2.90
C ASN A 19 5.09 -12.07 1.73
N SER A 20 5.34 -11.44 0.58
CA SER A 20 5.82 -12.13 -0.60
C SER A 20 7.33 -12.26 -0.60
N HIS A 21 8.04 -11.30 0.01
CA HIS A 21 9.47 -11.29 0.11
C HIS A 21 9.95 -12.60 0.71
N HIS A 22 9.26 -13.08 1.74
CA HIS A 22 9.60 -14.31 2.41
C HIS A 22 9.08 -15.49 1.60
N ALA A 23 7.80 -15.41 1.22
CA ALA A 23 7.18 -16.44 0.43
C ALA A 23 8.13 -16.96 -0.65
N PRO A 24 8.18 -18.29 -0.80
CA PRO A 24 9.07 -18.91 -1.77
C PRO A 24 8.56 -18.70 -3.18
N LEU A 25 9.39 -18.08 -4.03
CA LEU A 25 9.03 -17.81 -5.41
C LEU A 25 8.75 -19.12 -6.13
N SER A 26 7.47 -19.48 -6.20
CA SER A 26 7.05 -20.71 -6.83
C SER A 26 5.54 -20.85 -6.73
N ASP A 27 4.99 -21.72 -7.56
CA ASP A 27 3.55 -21.97 -7.59
C ASP A 27 3.27 -23.28 -6.89
N GLY A 28 2.59 -23.21 -5.75
CA GLY A 28 2.21 -24.40 -5.02
C GLY A 28 3.45 -25.21 -4.66
N LYS A 29 4.31 -24.63 -3.83
CA LYS A 29 5.53 -25.29 -3.37
C LYS A 29 5.69 -25.10 -1.86
N THR A 30 4.63 -24.64 -1.22
CA THR A 30 4.68 -24.35 0.20
C THR A 30 3.79 -25.33 0.92
N GLY A 31 4.20 -25.71 2.14
CA GLY A 31 3.44 -26.64 2.96
C GLY A 31 1.94 -26.41 2.82
N SER A 32 1.53 -25.14 2.98
CA SER A 32 0.14 -24.78 2.82
C SER A 32 -0.23 -24.79 1.36
N SER A 33 0.41 -23.94 0.56
CA SER A 33 0.19 -23.84 -0.88
C SER A 33 0.75 -22.54 -1.41
N TYR A 34 0.25 -21.42 -0.89
CA TYR A 34 0.69 -20.11 -1.27
C TYR A 34 2.19 -19.91 -1.02
N PRO A 35 2.86 -19.13 -1.88
CA PRO A 35 2.21 -18.53 -3.03
C PRO A 35 1.94 -19.55 -4.11
N HIS A 36 0.92 -19.26 -4.92
CA HIS A 36 0.53 -20.16 -6.01
C HIS A 36 0.35 -19.37 -7.28
N TRP A 37 0.50 -20.02 -8.43
CA TRP A 37 0.32 -19.36 -9.71
C TRP A 37 -1.00 -18.59 -9.70
N PHE A 38 -1.04 -17.46 -10.36
CA PHE A 38 -2.16 -16.58 -10.39
C PHE A 38 -2.66 -16.55 -11.80
N THR A 39 -3.44 -17.56 -12.18
CA THR A 39 -4.06 -17.65 -13.49
C THR A 39 -4.54 -16.29 -13.93
N ASN A 40 -4.95 -15.42 -13.00
CA ASN A 40 -5.35 -14.05 -13.31
C ASN A 40 -6.38 -14.09 -14.44
N GLY A 41 -7.05 -15.23 -14.59
CA GLY A 41 -7.95 -15.45 -15.69
C GLY A 41 -7.44 -16.41 -16.74
N TYR A 42 -6.16 -16.31 -17.08
CA TYR A 42 -5.51 -17.20 -18.01
C TYR A 42 -5.83 -18.67 -17.72
N ASP A 43 -5.75 -19.48 -18.76
CA ASP A 43 -6.02 -20.90 -18.63
C ASP A 43 -4.76 -21.62 -18.17
N GLY A 44 -3.61 -21.22 -18.73
CA GLY A 44 -2.33 -21.82 -18.41
C GLY A 44 -1.19 -20.95 -18.90
N ASP A 45 -1.08 -20.83 -20.22
CA ASP A 45 -0.03 -20.03 -20.83
C ASP A 45 -0.64 -18.93 -21.67
N GLY A 46 -1.41 -19.33 -22.70
CA GLY A 46 -2.08 -18.41 -23.58
C GLY A 46 -2.86 -17.35 -22.78
N LYS A 47 -3.49 -16.45 -23.52
CA LYS A 47 -4.28 -15.40 -22.91
C LYS A 47 -5.53 -15.99 -22.25
N LEU A 48 -6.42 -15.12 -21.81
CA LEU A 48 -7.65 -15.56 -21.18
C LEU A 48 -8.57 -16.21 -22.21
N PRO A 49 -9.45 -17.10 -21.73
CA PRO A 49 -10.40 -17.79 -22.59
C PRO A 49 -11.51 -16.88 -23.04
N LYS A 50 -12.14 -17.21 -24.17
CA LYS A 50 -13.24 -16.42 -24.70
C LYS A 50 -14.31 -16.27 -23.60
N GLY A 51 -14.29 -15.14 -22.92
CA GLY A 51 -15.23 -14.88 -21.85
C GLY A 51 -14.53 -14.76 -20.51
N ARG A 52 -13.89 -13.62 -20.29
CA ARG A 52 -13.20 -13.32 -19.04
C ARG A 52 -12.62 -11.92 -19.06
N THR A 53 -12.27 -11.41 -17.88
CA THR A 53 -11.69 -10.10 -17.74
C THR A 53 -10.53 -10.12 -16.75
N PRO A 54 -9.31 -9.91 -17.27
CA PRO A 54 -8.12 -9.87 -16.44
C PRO A 54 -8.05 -8.60 -15.61
N ILE A 55 -7.16 -8.61 -14.62
CA ILE A 55 -7.00 -7.47 -13.73
C ILE A 55 -5.97 -6.53 -14.33
N LYS A 56 -6.37 -5.29 -14.62
CA LYS A 56 -5.47 -4.30 -15.18
C LYS A 56 -4.68 -3.67 -14.05
N PHE A 57 -3.36 -3.58 -14.25
CA PHE A 57 -2.47 -3.00 -13.27
C PHE A 57 -1.79 -1.76 -13.85
N GLY A 58 -1.22 -1.91 -15.04
CA GLY A 58 -0.50 -0.85 -15.70
C GLY A 58 0.92 -1.27 -16.06
N LYS A 59 1.29 -2.50 -15.70
CA LYS A 59 2.61 -3.02 -16.00
C LYS A 59 2.53 -3.97 -17.16
N SER A 60 3.55 -3.97 -18.01
CA SER A 60 3.61 -4.86 -19.16
C SER A 60 4.06 -6.24 -18.73
N ASP A 61 4.33 -6.42 -17.43
CA ASP A 61 4.79 -7.68 -16.90
C ASP A 61 3.58 -8.51 -16.51
N CYS A 62 2.73 -7.95 -15.63
CA CYS A 62 1.54 -8.64 -15.17
C CYS A 62 0.53 -8.66 -16.31
N ASP A 63 0.63 -7.67 -17.21
CA ASP A 63 -0.23 -7.60 -18.37
C ASP A 63 0.14 -8.69 -19.37
N ARG A 64 1.44 -9.01 -19.46
CA ARG A 64 1.90 -10.04 -20.35
C ARG A 64 1.26 -11.38 -20.00
N PRO A 65 1.30 -12.29 -20.99
CA PRO A 65 0.82 -13.64 -20.79
C PRO A 65 1.75 -14.50 -19.95
N PRO A 66 1.19 -15.35 -19.08
CA PRO A 66 1.98 -16.23 -18.25
C PRO A 66 2.55 -17.38 -19.04
N LYS A 67 3.49 -18.11 -18.41
CA LYS A 67 4.13 -19.26 -19.05
C LYS A 67 4.17 -20.45 -18.10
N HIS A 68 2.99 -20.93 -17.68
CA HIS A 68 2.90 -22.08 -16.82
C HIS A 68 3.16 -23.38 -17.58
N SER A 69 3.79 -24.34 -16.90
CA SER A 69 4.07 -25.63 -17.50
C SER A 69 3.67 -26.74 -16.55
N LYS A 70 4.58 -27.07 -15.63
CA LYS A 70 4.35 -28.12 -14.64
C LYS A 70 3.37 -27.65 -13.61
N ASP A 71 3.17 -28.40 -12.55
CA ASP A 71 2.28 -28.02 -11.46
C ASP A 71 2.92 -26.98 -10.54
N GLY A 72 3.61 -26.00 -11.13
CA GLY A 72 4.30 -24.99 -10.37
C GLY A 72 4.76 -23.88 -11.28
N ASN A 73 6.06 -23.84 -11.55
CA ASN A 73 6.67 -22.80 -12.35
C ASN A 73 7.19 -23.46 -13.63
N GLY A 74 8.42 -23.96 -13.58
CA GLY A 74 9.07 -24.58 -14.71
C GLY A 74 10.30 -23.81 -15.12
N LYS A 75 10.52 -23.72 -16.44
CA LYS A 75 11.67 -23.03 -17.00
C LYS A 75 11.81 -21.65 -16.36
N THR A 76 11.16 -20.66 -16.97
CA THR A 76 11.20 -19.30 -16.46
C THR A 76 9.79 -18.76 -16.29
N ASP A 77 8.83 -19.64 -16.04
CA ASP A 77 7.44 -19.27 -15.88
C ASP A 77 7.30 -17.87 -15.31
N HIS A 78 7.07 -16.88 -16.18
CA HIS A 78 6.99 -15.49 -15.77
C HIS A 78 5.57 -15.17 -15.34
N TYR A 79 4.78 -16.22 -15.11
CA TYR A 79 3.44 -16.09 -14.60
C TYR A 79 3.33 -15.28 -13.31
N LEU A 80 2.10 -15.05 -12.88
CA LEU A 80 1.88 -14.33 -11.64
C LEU A 80 1.68 -15.30 -10.49
N LEU A 81 1.92 -14.86 -9.27
CA LEU A 81 1.77 -15.69 -8.09
C LEU A 81 1.20 -14.85 -6.95
N GLU A 82 -0.04 -15.09 -6.60
CA GLU A 82 -0.71 -14.39 -5.54
C GLU A 82 -0.32 -14.99 -4.19
N PHE A 83 -0.35 -14.14 -3.17
CA PHE A 83 0.01 -14.57 -1.83
C PHE A 83 -0.88 -13.92 -0.79
N PRO A 84 -1.33 -14.70 0.21
CA PRO A 84 -2.21 -14.21 1.25
C PRO A 84 -1.45 -13.34 2.24
N THR A 85 -1.44 -12.05 1.97
CA THR A 85 -0.76 -11.09 2.82
C THR A 85 -1.70 -10.47 3.83
N PHE A 86 -1.53 -10.84 5.09
CA PHE A 86 -2.37 -10.34 6.15
C PHE A 86 -1.88 -8.97 6.64
N PRO A 87 -2.79 -8.22 7.29
CA PRO A 87 -2.46 -6.91 7.82
C PRO A 87 -1.67 -6.98 9.08
N ASP A 88 -2.02 -7.92 9.97
CA ASP A 88 -1.32 -8.14 11.22
C ASP A 88 0.19 -8.07 10.99
N GLY A 89 0.63 -8.49 9.80
CA GLY A 89 2.01 -8.42 9.41
C GLY A 89 2.72 -9.67 9.87
N HIS A 90 1.94 -10.66 10.33
CA HIS A 90 2.50 -11.90 10.79
C HIS A 90 2.79 -12.79 9.59
N ASP A 91 4.00 -13.33 9.54
CA ASP A 91 4.41 -14.22 8.48
C ASP A 91 3.53 -15.45 8.49
N TYR A 92 2.40 -15.40 7.77
CA TYR A 92 1.46 -16.48 7.70
C TYR A 92 2.18 -17.83 7.69
N LYS A 93 1.58 -18.84 8.27
CA LYS A 93 2.14 -20.17 8.30
C LYS A 93 1.91 -20.86 6.96
N PHE A 94 2.40 -20.25 5.89
CA PHE A 94 2.29 -20.81 4.56
C PHE A 94 3.33 -21.89 4.32
N ASP A 95 4.26 -22.05 5.24
CA ASP A 95 5.30 -23.06 5.15
C ASP A 95 4.85 -24.33 5.85
N SER A 96 4.06 -24.16 6.92
CA SER A 96 3.58 -25.29 7.70
C SER A 96 2.39 -25.89 6.99
N LYS A 97 2.57 -27.10 6.45
CA LYS A 97 1.50 -27.81 5.75
C LYS A 97 0.33 -28.00 6.70
N LYS A 98 0.62 -28.53 7.90
CA LYS A 98 -0.37 -28.82 8.89
C LYS A 98 0.21 -28.59 10.28
N PRO A 99 -0.50 -27.82 11.12
CA PRO A 99 -1.76 -27.20 10.70
C PRO A 99 -1.54 -26.04 9.74
N LYS A 100 -2.62 -25.44 9.29
CA LYS A 100 -2.55 -24.29 8.39
C LYS A 100 -3.72 -23.36 8.65
N GLU A 101 -3.42 -22.08 8.70
CA GLU A 101 -4.46 -21.09 8.91
C GLU A 101 -5.21 -20.79 7.61
N ASN A 102 -6.27 -20.00 7.71
CA ASN A 102 -7.01 -19.55 6.57
C ASN A 102 -6.14 -18.78 5.58
N PRO A 103 -6.60 -18.71 4.32
CA PRO A 103 -5.88 -17.99 3.28
C PRO A 103 -6.04 -16.49 3.43
N GLY A 104 -7.05 -15.91 2.82
CA GLY A 104 -7.30 -14.50 2.89
C GLY A 104 -8.00 -14.00 1.65
N PRO A 105 -8.83 -12.96 1.81
CA PRO A 105 -9.57 -12.38 0.70
C PRO A 105 -8.66 -11.55 -0.21
N ALA A 106 -7.69 -10.88 0.39
CA ALA A 106 -6.74 -10.09 -0.35
C ALA A 106 -5.44 -10.83 -0.46
N ARG A 107 -4.75 -10.62 -1.58
CA ARG A 107 -3.47 -11.24 -1.84
C ARG A 107 -2.58 -10.34 -2.65
N VAL A 108 -1.27 -10.43 -2.44
CA VAL A 108 -0.29 -9.64 -3.17
C VAL A 108 0.01 -10.30 -4.51
N ILE A 109 -0.29 -9.60 -5.58
CA ILE A 109 -0.06 -10.08 -6.93
C ILE A 109 1.26 -9.55 -7.44
N TYR A 110 1.98 -10.40 -8.15
CA TYR A 110 3.27 -10.03 -8.70
C TYR A 110 3.73 -11.06 -9.72
N THR A 111 4.54 -10.61 -10.66
CA THR A 111 5.04 -11.46 -11.72
C THR A 111 6.32 -12.15 -11.26
N TYR A 112 6.72 -13.19 -11.95
CA TYR A 112 7.91 -13.93 -11.64
C TYR A 112 8.97 -13.75 -12.73
N PRO A 113 10.25 -13.88 -12.36
CA PRO A 113 10.65 -14.08 -10.97
C PRO A 113 10.48 -12.79 -10.18
N ASN A 114 11.12 -11.73 -10.66
CA ASN A 114 11.06 -10.45 -10.02
C ASN A 114 9.65 -10.16 -9.57
N LYS A 115 9.41 -10.13 -8.25
CA LYS A 115 8.10 -9.90 -7.70
C LYS A 115 7.66 -8.49 -8.06
N VAL A 116 7.28 -8.29 -9.32
CA VAL A 116 6.87 -7.00 -9.84
C VAL A 116 5.51 -6.69 -9.24
N PHE A 117 5.48 -6.42 -7.94
CA PHE A 117 4.29 -6.11 -7.20
C PHE A 117 3.34 -5.29 -8.07
N CYS A 118 2.23 -5.90 -8.46
CA CYS A 118 1.25 -5.22 -9.28
C CYS A 118 0.19 -4.61 -8.36
N GLY A 119 0.01 -5.21 -7.18
CA GLY A 119 -0.98 -4.76 -6.22
C GLY A 119 -1.72 -5.92 -5.61
N ILE A 120 -2.81 -5.62 -4.93
CA ILE A 120 -3.59 -6.64 -4.25
C ILE A 120 -4.90 -6.80 -4.96
N ILE A 121 -5.47 -7.98 -5.03
CA ILE A 121 -6.74 -8.21 -5.67
C ILE A 121 -7.72 -8.70 -4.63
N ALA A 122 -9.01 -8.52 -4.90
CA ALA A 122 -10.07 -8.97 -4.03
C ALA A 122 -11.43 -8.69 -4.67
N HIS A 123 -12.40 -9.56 -4.39
CA HIS A 123 -13.72 -9.45 -4.96
C HIS A 123 -14.57 -8.60 -4.04
N THR A 124 -14.64 -7.30 -4.33
CA THR A 124 -15.42 -6.36 -3.54
C THR A 124 -16.77 -6.08 -4.20
N LYS A 125 -17.43 -7.14 -4.65
CA LYS A 125 -18.73 -7.01 -5.28
C LYS A 125 -19.82 -7.50 -4.35
N GLU A 126 -19.45 -8.42 -3.46
CA GLU A 126 -20.39 -8.95 -2.48
C GLU A 126 -19.67 -9.81 -1.45
N ASN A 127 -19.09 -10.92 -1.93
CA ASN A 127 -18.35 -11.83 -1.08
C ASN A 127 -17.33 -12.60 -1.90
N GLN A 128 -17.78 -13.11 -3.05
CA GLN A 128 -16.95 -13.87 -3.94
C GLN A 128 -17.52 -13.86 -5.36
N GLY A 129 -17.35 -12.74 -6.05
CA GLY A 129 -17.85 -12.59 -7.41
C GLY A 129 -16.71 -12.30 -8.38
N GLU A 130 -16.61 -11.03 -8.78
CA GLU A 130 -15.57 -10.61 -9.70
C GLU A 130 -14.34 -10.16 -8.96
N LEU A 131 -13.16 -10.44 -9.50
CA LEU A 131 -11.91 -10.04 -8.89
C LEU A 131 -11.41 -8.74 -9.52
N LYS A 132 -10.92 -7.84 -8.68
CA LYS A 132 -10.42 -6.55 -9.12
C LYS A 132 -9.17 -6.19 -8.34
N LEU A 133 -8.47 -5.15 -8.78
CA LEU A 133 -7.27 -4.71 -8.11
C LEU A 133 -7.64 -3.70 -7.04
N CYS A 134 -7.04 -3.83 -5.87
CA CYS A 134 -7.23 -2.95 -4.75
C CYS A 134 -6.90 -1.53 -5.19
N SER A 135 -6.97 -0.61 -4.24
CA SER A 135 -6.70 0.78 -4.54
C SER A 135 -6.39 1.50 -3.25
N HIS A 136 -5.12 1.42 -2.82
CA HIS A 136 -4.66 2.14 -1.64
C HIS A 136 -5.35 3.53 -1.49
N ALA A 1 4.52 5.29 3.56
CA ALA A 1 3.96 4.05 2.97
C ALA A 1 5.13 3.16 2.61
N VAL A 2 5.16 1.95 3.16
CA VAL A 2 6.22 0.99 2.89
C VAL A 2 5.69 -0.03 1.87
N THR A 3 6.50 -0.36 0.90
CA THR A 3 6.12 -1.35 -0.10
C THR A 3 6.48 -2.72 0.44
N TRP A 4 5.50 -3.62 0.51
CA TRP A 4 5.72 -4.98 0.96
C TRP A 4 6.14 -5.84 -0.22
N THR A 5 7.04 -6.78 0.02
CA THR A 5 7.59 -7.63 -1.04
C THR A 5 7.43 -9.06 -0.62
N CYS A 6 6.81 -9.86 -1.47
CA CYS A 6 6.61 -11.28 -1.21
C CYS A 6 7.26 -12.10 -2.32
N GLY A 7 8.54 -11.83 -2.56
CA GLY A 7 9.32 -12.52 -3.59
C GLY A 7 10.10 -11.52 -4.42
N GLY A 8 9.53 -11.14 -5.56
CA GLY A 8 10.12 -10.15 -6.48
C GLY A 8 9.14 -9.08 -6.94
N LEU A 9 7.95 -9.05 -6.34
CA LEU A 9 6.86 -8.16 -6.69
C LEU A 9 6.59 -7.23 -5.52
N LEU A 10 6.32 -5.96 -5.84
CA LEU A 10 6.23 -4.88 -4.87
C LEU A 10 4.76 -4.54 -4.69
N TYR A 11 4.27 -4.73 -3.47
CA TYR A 11 2.86 -4.62 -3.11
C TYR A 11 2.72 -3.37 -2.27
N ASN A 12 2.28 -2.29 -2.93
CA ASN A 12 2.06 -1.05 -2.20
C ASN A 12 1.11 -1.32 -1.04
N GLN A 13 1.56 -1.11 0.19
CA GLN A 13 0.70 -1.35 1.33
C GLN A 13 -0.63 -0.66 1.21
N ASN A 14 -0.61 0.60 0.78
CA ASN A 14 -1.85 1.31 0.54
C ASN A 14 -2.83 0.49 -0.30
N LYS A 15 -2.39 -0.19 -1.36
CA LYS A 15 -3.21 -1.18 -2.07
C LYS A 15 -3.46 -2.44 -1.26
N ALA A 16 -2.51 -3.01 -0.53
CA ALA A 16 -2.81 -4.12 0.34
C ALA A 16 -3.98 -3.87 1.30
N GLU A 17 -4.10 -2.68 1.88
CA GLU A 17 -5.24 -2.29 2.70
C GLU A 17 -6.37 -1.76 1.83
N SER A 18 -6.09 -0.90 0.84
CA SER A 18 -7.05 -0.23 -0.03
C SER A 18 -7.67 -1.20 -1.00
N ASN A 19 -6.91 -1.84 -1.90
CA ASN A 19 -7.38 -2.97 -2.71
C ASN A 19 -8.28 -3.92 -1.90
N SER A 20 -7.95 -4.15 -0.62
CA SER A 20 -8.77 -4.96 0.28
C SER A 20 -9.92 -4.23 0.97
N HIS A 21 -9.81 -2.93 1.16
CA HIS A 21 -10.83 -2.07 1.78
C HIS A 21 -12.16 -2.27 1.05
N HIS A 22 -12.09 -2.52 -0.26
CA HIS A 22 -13.22 -2.81 -1.11
C HIS A 22 -13.74 -4.21 -0.89
N ALA A 23 -12.83 -5.19 -0.74
CA ALA A 23 -13.11 -6.56 -0.41
C ALA A 23 -14.24 -6.68 0.63
N PRO A 24 -15.30 -7.43 0.32
CA PRO A 24 -16.44 -7.56 1.20
C PRO A 24 -16.04 -8.39 2.42
N LEU A 25 -16.23 -7.81 3.61
CA LEU A 25 -15.96 -8.44 4.88
C LEU A 25 -16.80 -9.70 5.06
N SER A 26 -16.22 -10.85 4.76
CA SER A 26 -16.89 -12.14 4.79
C SER A 26 -15.93 -13.27 4.51
N ASP A 27 -16.17 -14.45 5.08
CA ASP A 27 -15.32 -15.62 4.93
C ASP A 27 -15.68 -16.30 3.61
N GLY A 28 -15.12 -15.80 2.51
CA GLY A 28 -15.33 -16.44 1.22
C GLY A 28 -16.77 -16.30 0.76
N LYS A 29 -17.09 -15.15 0.20
CA LYS A 29 -18.46 -14.85 -0.29
C LYS A 29 -18.47 -13.90 -1.47
N THR A 30 -17.62 -14.21 -2.43
CA THR A 30 -17.41 -13.36 -3.59
C THR A 30 -17.40 -14.23 -4.82
N GLY A 31 -17.74 -13.64 -5.96
CA GLY A 31 -17.82 -14.33 -7.26
C GLY A 31 -16.68 -15.30 -7.47
N SER A 32 -15.45 -14.78 -7.48
CA SER A 32 -14.28 -15.64 -7.53
C SER A 32 -14.13 -16.50 -6.29
N SER A 33 -13.76 -15.90 -5.16
CA SER A 33 -13.57 -16.61 -3.88
C SER A 33 -13.13 -15.67 -2.76
N TYR A 34 -12.03 -14.96 -3.02
CA TYR A 34 -11.42 -14.04 -2.11
C TYR A 34 -12.26 -12.76 -1.94
N PRO A 35 -12.30 -12.20 -0.73
CA PRO A 35 -11.50 -12.67 0.38
C PRO A 35 -12.12 -13.91 0.99
N HIS A 36 -11.29 -14.68 1.69
CA HIS A 36 -11.77 -15.89 2.37
C HIS A 36 -11.11 -16.08 3.73
N TRP A 37 -11.70 -16.82 4.64
CA TRP A 37 -10.98 -17.11 5.88
C TRP A 37 -9.66 -17.81 5.59
N PHE A 38 -8.72 -17.55 6.49
CA PHE A 38 -7.35 -17.95 6.46
C PHE A 38 -7.12 -18.68 7.76
N THR A 39 -7.47 -19.97 7.74
CA THR A 39 -7.19 -20.91 8.82
C THR A 39 -5.82 -20.64 9.43
N ASN A 40 -4.81 -20.33 8.63
CA ASN A 40 -3.45 -20.05 9.11
C ASN A 40 -2.89 -21.22 9.95
N GLY A 41 -3.48 -22.41 9.77
CA GLY A 41 -3.20 -23.58 10.59
C GLY A 41 -4.33 -23.93 11.55
N TYR A 42 -5.06 -22.94 12.08
CA TYR A 42 -6.21 -23.11 12.98
C TYR A 42 -7.23 -24.08 12.39
N ASP A 43 -8.04 -24.68 13.26
CA ASP A 43 -9.10 -25.57 12.79
C ASP A 43 -10.32 -24.80 12.28
N GLY A 44 -10.54 -23.63 12.88
CA GLY A 44 -11.71 -22.80 12.61
C GLY A 44 -12.65 -22.63 13.78
N ASP A 45 -12.11 -22.59 15.00
CA ASP A 45 -12.89 -22.46 16.24
C ASP A 45 -12.13 -21.67 17.32
N GLY A 46 -11.00 -22.24 17.78
CA GLY A 46 -10.17 -21.64 18.81
C GLY A 46 -8.72 -21.74 18.43
N LYS A 47 -8.02 -22.71 19.01
CA LYS A 47 -6.60 -22.95 18.70
C LYS A 47 -6.48 -23.84 17.46
N LEU A 48 -5.27 -24.22 17.16
CA LEU A 48 -5.00 -25.05 15.99
C LEU A 48 -4.79 -26.51 16.41
N PRO A 49 -4.76 -27.44 15.46
CA PRO A 49 -4.55 -28.84 15.72
C PRO A 49 -3.10 -29.14 16.16
N LYS A 50 -2.83 -30.42 16.40
CA LYS A 50 -1.47 -30.86 16.70
C LYS A 50 -0.68 -31.04 15.41
N GLY A 51 0.21 -30.09 15.12
CA GLY A 51 1.08 -30.14 13.94
C GLY A 51 0.76 -29.03 12.97
N ARG A 52 1.10 -27.80 13.35
CA ARG A 52 0.89 -26.60 12.54
C ARG A 52 1.77 -25.48 13.04
N THR A 53 1.87 -24.40 12.28
CA THR A 53 2.58 -23.19 12.72
C THR A 53 2.03 -21.98 11.99
N PRO A 54 1.27 -21.09 12.67
CA PRO A 54 0.74 -19.89 12.08
C PRO A 54 1.86 -18.86 11.84
N ILE A 55 1.50 -17.78 11.17
CA ILE A 55 2.44 -16.71 10.87
C ILE A 55 2.48 -15.78 12.06
N LYS A 56 3.67 -15.41 12.52
CA LYS A 56 3.81 -14.43 13.61
C LYS A 56 3.76 -13.01 13.04
N PHE A 57 3.25 -12.08 13.83
CA PHE A 57 3.12 -10.67 13.47
C PHE A 57 3.62 -9.77 14.60
N GLY A 58 3.18 -10.05 15.82
CA GLY A 58 3.45 -9.24 17.02
C GLY A 58 2.22 -8.52 17.55
N LYS A 59 1.07 -8.62 16.87
CA LYS A 59 -0.19 -8.04 17.34
C LYS A 59 -0.97 -9.07 18.10
N SER A 60 -1.41 -8.70 19.30
CA SER A 60 -2.25 -9.57 20.14
C SER A 60 -3.60 -9.91 19.48
N ASP A 61 -3.94 -9.24 18.39
CA ASP A 61 -5.16 -9.41 17.61
C ASP A 61 -4.97 -10.49 16.56
N CYS A 62 -3.94 -10.32 15.73
CA CYS A 62 -3.54 -11.31 14.72
C CYS A 62 -2.86 -12.55 15.34
N ASP A 63 -2.45 -12.45 16.60
CA ASP A 63 -1.90 -13.55 17.41
C ASP A 63 -3.02 -14.34 18.05
N ARG A 64 -4.07 -13.65 18.54
CA ARG A 64 -5.17 -14.32 19.20
C ARG A 64 -5.75 -15.43 18.32
N PRO A 65 -6.40 -16.42 18.95
CA PRO A 65 -7.06 -17.45 18.21
C PRO A 65 -8.31 -16.92 17.45
N PRO A 66 -8.55 -17.34 16.20
CA PRO A 66 -9.74 -17.01 15.46
C PRO A 66 -10.97 -17.66 16.08
N LYS A 67 -12.14 -17.30 15.57
CA LYS A 67 -13.42 -17.88 16.01
C LYS A 67 -14.32 -18.08 14.82
N HIS A 68 -13.93 -18.92 13.88
CA HIS A 68 -14.79 -19.20 12.71
C HIS A 68 -15.98 -20.10 13.12
N SER A 69 -17.01 -20.16 12.28
CA SER A 69 -18.17 -21.03 12.48
C SER A 69 -18.75 -21.48 11.14
N LYS A 70 -19.89 -22.15 11.17
CA LYS A 70 -20.58 -22.57 9.94
C LYS A 70 -21.45 -21.45 9.38
N ASP A 71 -20.81 -20.46 8.78
CA ASP A 71 -21.47 -19.29 8.19
C ASP A 71 -20.43 -18.40 7.54
N GLY A 72 -19.34 -18.16 8.26
CA GLY A 72 -18.29 -17.25 7.86
C GLY A 72 -18.08 -16.13 8.85
N ASN A 73 -18.95 -15.12 8.82
CA ASN A 73 -18.98 -13.90 9.61
C ASN A 73 -20.29 -13.84 10.41
N GLY A 74 -20.49 -14.83 11.29
CA GLY A 74 -21.74 -14.95 12.03
C GLY A 74 -21.87 -13.84 13.07
N LYS A 75 -21.71 -14.20 14.34
CA LYS A 75 -21.70 -13.20 15.41
C LYS A 75 -20.57 -12.17 15.28
N THR A 76 -19.43 -12.48 15.87
CA THR A 76 -18.24 -11.63 15.78
C THR A 76 -17.03 -12.42 15.35
N ASP A 77 -17.23 -13.63 14.83
CA ASP A 77 -16.20 -14.56 14.43
C ASP A 77 -14.92 -13.88 14.00
N HIS A 78 -13.93 -13.76 14.88
CA HIS A 78 -12.77 -12.89 14.59
C HIS A 78 -11.74 -13.74 13.86
N TYR A 79 -12.16 -14.30 12.74
CA TYR A 79 -11.39 -15.19 11.91
C TYR A 79 -10.45 -14.36 11.03
N LEU A 80 -9.19 -14.75 10.96
CA LEU A 80 -8.23 -14.06 10.09
C LEU A 80 -8.59 -14.40 8.66
N LEU A 81 -8.78 -13.40 7.82
CA LEU A 81 -9.07 -13.60 6.41
C LEU A 81 -8.00 -12.94 5.58
N GLU A 82 -7.64 -13.61 4.49
CA GLU A 82 -6.69 -13.05 3.54
C GLU A 82 -7.32 -12.51 2.26
N PHE A 83 -6.54 -11.74 1.49
CA PHE A 83 -7.05 -11.17 0.25
C PHE A 83 -5.96 -10.91 -0.79
N PRO A 84 -6.08 -11.39 -2.04
CA PRO A 84 -5.09 -11.26 -3.08
C PRO A 84 -5.05 -9.83 -3.59
N THR A 85 -3.89 -9.21 -3.42
CA THR A 85 -3.65 -7.82 -3.76
C THR A 85 -2.54 -7.77 -4.79
N PHE A 86 -2.89 -7.40 -6.01
CA PHE A 86 -1.93 -7.24 -7.09
C PHE A 86 -1.16 -5.91 -7.01
N PRO A 87 0.03 -5.84 -7.64
CA PRO A 87 0.84 -4.65 -7.67
C PRO A 87 0.29 -3.57 -8.58
N ASP A 88 -0.29 -3.97 -9.71
CA ASP A 88 -0.91 -3.11 -10.74
C ASP A 88 -1.82 -2.08 -10.07
N GLY A 89 -2.38 -2.47 -8.93
CA GLY A 89 -3.25 -1.68 -8.11
C GLY A 89 -4.70 -1.81 -8.51
N HIS A 90 -4.97 -2.71 -9.46
CA HIS A 90 -6.29 -3.01 -9.94
C HIS A 90 -6.96 -3.89 -8.88
N ASP A 91 -8.16 -3.47 -8.48
CA ASP A 91 -9.01 -4.26 -7.63
C ASP A 91 -9.24 -5.60 -8.33
N TYR A 92 -8.60 -6.64 -7.79
CA TYR A 92 -8.75 -8.01 -8.27
C TYR A 92 -10.20 -8.23 -8.68
N LYS A 93 -10.45 -8.80 -9.86
CA LYS A 93 -11.78 -9.18 -10.29
C LYS A 93 -12.34 -10.35 -9.45
N PHE A 94 -12.45 -10.15 -8.15
CA PHE A 94 -13.04 -11.04 -7.17
C PHE A 94 -14.57 -11.09 -7.27
N ASP A 95 -15.15 -10.26 -8.13
CA ASP A 95 -16.60 -10.17 -8.35
C ASP A 95 -17.02 -11.08 -9.53
N SER A 96 -16.19 -11.09 -10.57
CA SER A 96 -16.45 -11.90 -11.75
C SER A 96 -16.07 -13.35 -11.43
N LYS A 97 -17.09 -14.15 -11.07
CA LYS A 97 -16.89 -15.58 -10.80
C LYS A 97 -16.31 -16.32 -11.99
N LYS A 98 -16.90 -16.05 -13.16
CA LYS A 98 -16.52 -16.66 -14.42
C LYS A 98 -16.67 -15.66 -15.57
N PRO A 99 -15.59 -15.45 -16.37
CA PRO A 99 -14.29 -16.04 -16.11
C PRO A 99 -13.64 -15.42 -14.86
N LYS A 100 -12.52 -16.00 -14.43
CA LYS A 100 -11.74 -15.51 -13.30
C LYS A 100 -10.28 -15.37 -13.73
N GLU A 101 -9.60 -14.38 -13.20
CA GLU A 101 -8.17 -14.23 -13.43
C GLU A 101 -7.40 -14.88 -12.28
N ASN A 102 -6.09 -15.06 -12.49
CA ASN A 102 -5.13 -15.48 -11.47
C ASN A 102 -5.48 -14.85 -10.10
N PRO A 103 -5.38 -15.62 -9.00
CA PRO A 103 -5.60 -15.10 -7.66
C PRO A 103 -4.50 -14.17 -7.15
N GLY A 104 -3.30 -14.70 -6.89
CA GLY A 104 -2.18 -13.88 -6.42
C GLY A 104 -1.52 -14.52 -5.20
N PRO A 105 -0.19 -14.45 -5.10
CA PRO A 105 0.57 -15.01 -3.99
C PRO A 105 0.42 -14.16 -2.75
N ALA A 106 0.96 -12.94 -2.79
CA ALA A 106 0.87 -12.01 -1.68
C ALA A 106 -0.56 -11.61 -1.41
N ARG A 107 -0.93 -11.67 -0.15
CA ARG A 107 -2.27 -11.35 0.29
C ARG A 107 -2.24 -10.59 1.58
N VAL A 108 -3.22 -9.74 1.80
CA VAL A 108 -3.35 -8.94 3.02
C VAL A 108 -4.14 -9.71 4.07
N ILE A 109 -3.52 -9.97 5.22
CA ILE A 109 -4.11 -10.81 6.26
C ILE A 109 -4.51 -9.89 7.37
N TYR A 110 -5.80 -9.84 7.64
CA TYR A 110 -6.35 -8.98 8.65
C TYR A 110 -7.38 -9.78 9.45
N THR A 111 -7.52 -9.39 10.70
CA THR A 111 -8.50 -10.01 11.58
C THR A 111 -9.86 -9.38 11.34
N TYR A 112 -10.92 -10.09 11.69
CA TYR A 112 -12.27 -9.55 11.54
C TYR A 112 -12.87 -9.14 12.90
N PRO A 113 -13.86 -8.22 12.92
CA PRO A 113 -14.25 -7.41 11.77
C PRO A 113 -13.22 -6.35 11.46
N ASN A 114 -12.82 -5.60 12.49
CA ASN A 114 -11.78 -4.58 12.41
C ASN A 114 -10.56 -5.16 11.68
N LYS A 115 -10.36 -4.77 10.42
CA LYS A 115 -9.28 -5.23 9.55
C LYS A 115 -7.95 -4.85 10.17
N VAL A 116 -7.52 -5.64 11.13
CA VAL A 116 -6.30 -5.41 11.90
C VAL A 116 -5.19 -5.95 11.00
N PHE A 117 -4.93 -5.20 9.94
CA PHE A 117 -3.88 -5.44 8.98
C PHE A 117 -2.63 -5.99 9.68
N CYS A 118 -2.38 -7.29 9.50
CA CYS A 118 -1.27 -7.94 10.15
C CYS A 118 -0.01 -7.73 9.32
N GLY A 119 -0.17 -7.94 8.01
CA GLY A 119 0.89 -7.78 7.05
C GLY A 119 0.53 -8.45 5.76
N ILE A 120 1.53 -8.99 5.08
CA ILE A 120 1.32 -9.61 3.79
C ILE A 120 1.94 -10.98 3.93
N ILE A 121 1.29 -11.98 3.34
CA ILE A 121 1.77 -13.34 3.42
C ILE A 121 1.77 -13.92 2.02
N ALA A 122 2.66 -14.85 1.75
CA ALA A 122 2.76 -15.51 0.45
C ALA A 122 3.70 -16.71 0.53
N HIS A 123 3.60 -17.60 -0.45
CA HIS A 123 4.42 -18.81 -0.51
C HIS A 123 5.66 -18.54 -1.33
N THR A 124 6.71 -18.11 -0.66
CA THR A 124 7.98 -17.73 -1.30
C THR A 124 9.00 -18.86 -1.12
N LYS A 125 8.52 -20.08 -1.32
CA LYS A 125 9.33 -21.30 -1.30
C LYS A 125 9.49 -21.90 -2.68
N GLU A 126 8.56 -21.60 -3.59
CA GLU A 126 8.63 -22.06 -4.97
C GLU A 126 7.54 -21.37 -5.80
N ASN A 127 6.29 -21.76 -5.55
CA ASN A 127 5.10 -21.25 -6.22
C ASN A 127 3.86 -21.39 -5.34
N GLN A 128 3.72 -22.56 -4.73
CA GLN A 128 2.62 -22.92 -3.85
C GLN A 128 3.09 -24.02 -2.89
N GLY A 129 3.78 -23.61 -1.83
CA GLY A 129 4.18 -24.57 -0.79
C GLY A 129 3.76 -24.05 0.56
N GLU A 130 4.75 -23.63 1.34
CA GLU A 130 4.48 -23.10 2.67
C GLU A 130 4.15 -21.62 2.64
N LEU A 131 3.50 -21.10 3.66
CA LEU A 131 3.18 -19.68 3.76
C LEU A 131 4.03 -19.02 4.84
N LYS A 132 4.37 -17.76 4.64
CA LYS A 132 5.19 -16.97 5.57
C LYS A 132 4.83 -15.51 5.42
N LEU A 133 5.36 -14.69 6.32
CA LEU A 133 5.14 -13.25 6.28
C LEU A 133 6.12 -12.63 5.28
N CYS A 134 5.61 -11.72 4.47
CA CYS A 134 6.43 -10.92 3.55
C CYS A 134 7.33 -9.98 4.33
N SER A 135 8.07 -9.17 3.61
CA SER A 135 9.02 -8.25 4.22
C SER A 135 9.24 -7.19 3.18
N HIS A 136 9.00 -5.95 3.59
CA HIS A 136 9.25 -4.75 2.80
C HIS A 136 10.60 -4.77 2.11
N ALA A 1 4.50 5.26 3.57
CA ALA A 1 3.97 4.02 2.98
C ALA A 1 4.98 3.49 1.97
N VAL A 2 4.55 2.59 1.09
CA VAL A 2 5.37 2.08 0.00
C VAL A 2 6.00 3.22 -0.81
N THR A 3 7.14 2.95 -1.42
CA THR A 3 7.83 3.92 -2.25
C THR A 3 7.25 3.93 -3.64
N TRP A 4 6.63 5.05 -4.03
CA TRP A 4 6.08 5.22 -5.35
C TRP A 4 7.17 5.60 -6.34
N THR A 5 7.15 5.05 -7.54
CA THR A 5 8.18 5.35 -8.53
C THR A 5 7.51 5.71 -9.81
N CYS A 6 8.04 6.74 -10.47
CA CYS A 6 7.57 7.14 -11.77
C CYS A 6 8.73 7.11 -12.74
N GLY A 7 9.31 5.92 -12.95
CA GLY A 7 10.44 5.73 -13.88
C GLY A 7 11.48 6.84 -13.75
N GLY A 8 11.94 7.08 -12.52
CA GLY A 8 12.92 8.13 -12.25
C GLY A 8 13.55 7.94 -10.90
N LEU A 9 12.89 8.44 -9.85
CA LEU A 9 13.36 8.29 -8.47
C LEU A 9 12.24 7.72 -7.61
N LEU A 10 12.63 7.25 -6.44
CA LEU A 10 11.70 6.60 -5.51
C LEU A 10 11.11 7.69 -4.62
N TYR A 11 9.79 7.74 -4.56
CA TYR A 11 8.99 8.74 -3.88
C TYR A 11 8.31 8.09 -2.71
N ASN A 12 8.98 8.11 -1.56
CA ASN A 12 8.41 7.53 -0.38
C ASN A 12 7.05 8.16 -0.16
N GLN A 13 6.00 7.34 -0.04
CA GLN A 13 4.70 7.91 0.25
C GLN A 13 4.65 8.65 1.55
N ASN A 14 5.58 8.33 2.44
CA ASN A 14 5.74 9.07 3.67
C ASN A 14 6.16 10.52 3.48
N LYS A 15 6.79 10.84 2.35
CA LYS A 15 7.19 12.17 1.94
C LYS A 15 6.24 12.68 0.87
N ALA A 16 5.74 11.87 -0.04
CA ALA A 16 4.78 12.33 -1.03
C ALA A 16 3.59 13.00 -0.38
N GLU A 17 3.08 12.40 0.69
CA GLU A 17 1.99 12.97 1.45
C GLU A 17 2.54 13.98 2.43
N SER A 18 3.60 13.67 3.20
CA SER A 18 4.09 14.51 4.28
C SER A 18 4.65 15.79 3.71
N ASN A 19 5.55 15.73 2.75
CA ASN A 19 5.99 16.88 1.97
C ASN A 19 4.85 17.79 1.55
N SER A 20 3.70 17.20 1.23
CA SER A 20 2.48 17.93 0.95
C SER A 20 1.68 18.35 2.18
N HIS A 21 1.67 17.57 3.26
CA HIS A 21 0.99 17.85 4.52
C HIS A 21 1.28 19.28 4.96
N HIS A 22 2.50 19.75 4.71
CA HIS A 22 2.90 21.11 4.97
C HIS A 22 2.31 22.09 3.96
N ALA A 23 2.43 21.78 2.68
CA ALA A 23 1.81 22.50 1.59
C ALA A 23 0.41 23.04 1.97
N PRO A 24 0.17 24.35 1.76
CA PRO A 24 -1.07 24.96 2.15
C PRO A 24 -2.14 24.51 1.18
N LEU A 25 -3.23 23.96 1.72
CA LEU A 25 -4.38 23.49 0.96
C LEU A 25 -5.05 24.63 0.20
N SER A 26 -4.52 24.91 -0.99
CA SER A 26 -4.93 26.04 -1.80
C SER A 26 -4.21 25.98 -3.15
N ASP A 27 -4.83 26.59 -4.15
CA ASP A 27 -4.21 26.71 -5.47
C ASP A 27 -3.51 28.02 -5.63
N GLY A 28 -2.32 28.02 -6.22
CA GLY A 28 -1.53 29.23 -6.50
C GLY A 28 -1.67 30.25 -5.39
N LYS A 29 -1.07 29.95 -4.25
CA LYS A 29 -1.12 30.82 -3.08
C LYS A 29 0.12 30.71 -2.23
N THR A 30 1.20 30.31 -2.87
CA THR A 30 2.47 30.07 -2.18
C THR A 30 3.56 30.79 -2.93
N GLY A 31 4.61 31.19 -2.22
CA GLY A 31 5.72 31.94 -2.77
C GLY A 31 6.13 31.46 -4.13
N SER A 32 6.62 30.22 -4.17
CA SER A 32 6.94 29.60 -5.42
C SER A 32 5.75 29.47 -6.33
N SER A 33 4.71 28.74 -5.90
CA SER A 33 3.43 28.55 -6.61
C SER A 33 2.68 27.35 -6.10
N TYR A 34 3.35 26.20 -6.08
CA TYR A 34 2.81 24.96 -5.59
C TYR A 34 2.47 24.97 -4.08
N PRO A 35 1.42 24.24 -3.67
CA PRO A 35 0.61 23.43 -4.55
C PRO A 35 -0.32 24.31 -5.38
N HIS A 36 -0.89 23.71 -6.40
CA HIS A 36 -1.76 24.40 -7.34
C HIS A 36 -2.93 23.53 -7.70
N TRP A 37 -3.91 24.04 -8.42
CA TRP A 37 -5.04 23.23 -8.86
C TRP A 37 -4.57 22.27 -9.94
N PHE A 38 -5.10 21.06 -9.87
CA PHE A 38 -4.77 19.96 -10.73
C PHE A 38 -6.06 19.56 -11.40
N THR A 39 -6.37 20.29 -12.47
CA THR A 39 -7.50 20.00 -13.34
C THR A 39 -7.66 18.53 -13.57
N ASN A 40 -6.58 17.75 -13.57
CA ASN A 40 -6.55 16.30 -13.74
C ASN A 40 -6.89 15.94 -15.20
N GLY A 41 -6.98 16.96 -16.05
CA GLY A 41 -7.47 16.84 -17.38
C GLY A 41 -8.74 17.65 -17.64
N TYR A 42 -9.37 18.18 -16.61
CA TYR A 42 -10.61 18.92 -16.70
C TYR A 42 -10.34 20.31 -17.25
N ASP A 43 -11.41 21.06 -17.46
CA ASP A 43 -11.31 22.45 -17.88
C ASP A 43 -11.44 23.41 -16.70
N GLY A 44 -12.33 23.09 -15.76
CA GLY A 44 -12.60 23.92 -14.61
C GLY A 44 -13.53 23.23 -13.63
N ASP A 45 -14.83 23.32 -13.90
CA ASP A 45 -15.86 22.69 -13.08
C ASP A 45 -16.30 21.37 -13.71
N GLY A 46 -16.88 21.48 -14.91
CA GLY A 46 -17.35 20.32 -15.66
C GLY A 46 -16.19 19.38 -15.96
N LYS A 47 -16.52 18.17 -16.38
CA LYS A 47 -15.54 17.18 -16.83
C LYS A 47 -14.60 17.71 -17.92
N LEU A 48 -13.75 16.85 -18.41
CA LEU A 48 -12.85 17.23 -19.46
C LEU A 48 -13.61 17.56 -20.76
N PRO A 49 -13.01 18.37 -21.64
CA PRO A 49 -13.63 18.74 -22.90
C PRO A 49 -13.64 17.55 -23.86
N LYS A 50 -14.27 17.75 -25.01
CA LYS A 50 -14.31 16.75 -26.08
C LYS A 50 -12.88 16.37 -26.50
N GLY A 51 -12.37 15.28 -25.94
CA GLY A 51 -11.01 14.85 -26.20
C GLY A 51 -10.10 15.08 -25.02
N ARG A 52 -9.99 14.08 -24.14
CA ARG A 52 -9.10 14.10 -23.00
C ARG A 52 -9.10 12.75 -22.30
N THR A 53 -8.08 12.53 -21.47
CA THR A 53 -7.90 11.26 -20.77
C THR A 53 -7.36 11.50 -19.37
N PRO A 54 -8.26 11.57 -18.35
CA PRO A 54 -7.86 11.82 -16.98
C PRO A 54 -7.19 10.58 -16.40
N ILE A 55 -6.23 10.81 -15.51
CA ILE A 55 -5.47 9.75 -14.88
C ILE A 55 -6.42 8.99 -13.97
N LYS A 56 -6.64 7.72 -14.24
CA LYS A 56 -7.50 6.90 -13.39
C LYS A 56 -6.66 6.41 -12.21
N PHE A 57 -7.26 6.47 -11.03
CA PHE A 57 -6.62 6.04 -9.79
C PHE A 57 -7.34 4.84 -9.22
N GLY A 58 -8.65 5.00 -9.05
CA GLY A 58 -9.52 4.00 -8.44
C GLY A 58 -10.38 4.57 -7.33
N LYS A 59 -10.09 5.79 -6.90
CA LYS A 59 -10.89 6.48 -5.91
C LYS A 59 -11.99 7.28 -6.55
N SER A 60 -13.20 7.13 -6.02
CA SER A 60 -14.34 7.92 -6.50
C SER A 60 -14.27 9.37 -6.02
N ASP A 61 -13.22 9.74 -5.30
CA ASP A 61 -13.00 11.07 -4.78
C ASP A 61 -12.27 11.89 -5.83
N CYS A 62 -11.14 11.39 -6.31
CA CYS A 62 -10.33 12.08 -7.30
C CYS A 62 -11.00 11.94 -8.66
N ASP A 63 -11.63 10.78 -8.90
CA ASP A 63 -12.39 10.54 -10.13
C ASP A 63 -13.52 11.55 -10.28
N ARG A 64 -14.19 11.85 -9.15
CA ARG A 64 -15.28 12.81 -9.14
C ARG A 64 -14.90 14.09 -9.89
N PRO A 65 -15.93 14.84 -10.32
CA PRO A 65 -15.69 16.11 -10.94
C PRO A 65 -15.19 17.17 -9.93
N PRO A 66 -14.12 17.94 -10.25
CA PRO A 66 -13.60 19.01 -9.42
C PRO A 66 -14.53 20.23 -9.44
N LYS A 67 -14.23 21.18 -8.57
CA LYS A 67 -15.06 22.37 -8.43
C LYS A 67 -14.15 23.55 -8.31
N HIS A 68 -13.22 23.74 -9.24
CA HIS A 68 -12.32 24.89 -9.20
C HIS A 68 -13.04 26.16 -9.65
N SER A 69 -12.45 27.32 -9.42
CA SER A 69 -12.97 28.60 -9.86
C SER A 69 -11.87 29.63 -10.05
N LYS A 70 -12.21 30.90 -10.18
CA LYS A 70 -11.23 31.95 -10.26
C LYS A 70 -10.74 32.39 -8.89
N ASP A 71 -9.98 31.55 -8.22
CA ASP A 71 -9.44 31.83 -6.89
C ASP A 71 -8.55 30.68 -6.44
N GLY A 72 -9.00 29.45 -6.70
CA GLY A 72 -8.30 28.25 -6.30
C GLY A 72 -9.19 27.42 -5.40
N ASN A 73 -9.35 27.82 -4.15
CA ASN A 73 -10.09 27.07 -3.13
C ASN A 73 -11.13 28.02 -2.58
N GLY A 74 -12.04 28.48 -3.42
CA GLY A 74 -13.13 29.37 -3.00
C GLY A 74 -13.94 28.84 -1.82
N LYS A 75 -15.13 28.32 -2.10
CA LYS A 75 -15.94 27.70 -1.05
C LYS A 75 -15.35 26.36 -0.62
N THR A 76 -15.98 25.28 -1.04
CA THR A 76 -15.54 23.93 -0.73
C THR A 76 -14.90 23.28 -1.93
N ASP A 77 -14.48 24.06 -2.91
CA ASP A 77 -13.90 23.61 -4.17
C ASP A 77 -13.16 22.31 -3.96
N HIS A 78 -13.75 21.16 -4.30
CA HIS A 78 -13.13 19.86 -4.06
C HIS A 78 -12.14 19.52 -5.17
N TYR A 79 -11.83 20.52 -5.97
CA TYR A 79 -10.79 20.50 -6.94
C TYR A 79 -9.52 19.76 -6.50
N LEU A 80 -8.90 19.02 -7.41
CA LEU A 80 -7.66 18.36 -7.06
C LEU A 80 -6.53 19.36 -7.07
N LEU A 81 -5.45 19.08 -6.37
CA LEU A 81 -4.28 19.95 -6.32
C LEU A 81 -3.03 19.08 -6.26
N GLU A 82 -2.09 19.38 -7.13
CA GLU A 82 -0.82 18.69 -7.21
C GLU A 82 0.27 19.45 -6.47
N PHE A 83 1.23 18.69 -5.97
CA PHE A 83 2.33 19.27 -5.22
C PHE A 83 3.66 18.59 -5.54
N PRO A 84 4.72 19.36 -5.84
CA PRO A 84 6.01 18.84 -6.20
C PRO A 84 6.71 18.33 -4.97
N THR A 85 6.61 17.02 -4.77
CA THR A 85 7.23 16.36 -3.64
C THR A 85 8.51 15.65 -4.06
N PHE A 86 9.62 16.11 -3.50
CA PHE A 86 10.91 15.51 -3.80
C PHE A 86 11.17 14.26 -2.97
N PRO A 87 12.09 13.40 -3.43
CA PRO A 87 12.44 12.18 -2.73
C PRO A 87 13.32 12.43 -1.55
N ASP A 88 14.30 13.35 -1.66
CA ASP A 88 15.19 13.77 -0.57
C ASP A 88 14.41 13.98 0.73
N GLY A 89 13.15 14.38 0.58
CA GLY A 89 12.23 14.56 1.68
C GLY A 89 12.39 15.94 2.27
N HIS A 90 13.08 16.82 1.54
CA HIS A 90 13.30 18.18 1.96
C HIS A 90 12.03 18.95 1.70
N ASP A 91 11.56 19.68 2.70
CA ASP A 91 10.39 20.55 2.59
C ASP A 91 10.63 21.59 1.52
N TYR A 92 10.24 21.29 0.28
CA TYR A 92 10.44 22.15 -0.87
C TYR A 92 10.22 23.60 -0.47
N LYS A 93 11.03 24.52 -0.95
CA LYS A 93 10.81 25.93 -0.69
C LYS A 93 9.70 26.46 -1.58
N PHE A 94 8.50 25.97 -1.37
CA PHE A 94 7.31 26.42 -2.06
C PHE A 94 6.75 27.70 -1.46
N ASP A 95 7.21 28.08 -0.28
CA ASP A 95 6.77 29.28 0.42
C ASP A 95 7.68 30.45 0.08
N SER A 96 8.97 30.17 -0.15
CA SER A 96 9.94 31.19 -0.51
C SER A 96 9.86 31.47 -1.99
N LYS A 97 9.36 32.65 -2.36
CA LYS A 97 9.26 33.05 -3.76
C LYS A 97 10.64 33.01 -4.41
N LYS A 98 11.61 33.64 -3.73
CA LYS A 98 12.96 33.79 -4.20
C LYS A 98 13.95 33.62 -3.02
N PRO A 99 14.93 32.71 -3.19
CA PRO A 99 15.05 31.86 -4.37
C PRO A 99 13.96 30.80 -4.37
N LYS A 100 13.90 30.01 -5.44
CA LYS A 100 12.95 28.93 -5.59
C LYS A 100 13.63 27.76 -6.26
N GLU A 101 13.39 26.57 -5.74
CA GLU A 101 13.93 25.35 -6.33
C GLU A 101 13.01 24.88 -7.43
N ASN A 102 13.59 24.26 -8.46
CA ASN A 102 12.85 23.68 -9.58
C ASN A 102 11.61 22.90 -9.11
N PRO A 103 10.55 22.80 -9.94
CA PRO A 103 9.37 22.08 -9.55
C PRO A 103 9.62 20.59 -9.53
N GLY A 104 9.46 19.92 -10.67
CA GLY A 104 9.60 18.48 -10.77
C GLY A 104 8.40 17.84 -11.47
N PRO A 105 8.63 16.67 -12.10
CA PRO A 105 7.60 15.96 -12.80
C PRO A 105 6.69 15.26 -11.81
N ALA A 106 7.24 14.34 -11.01
CA ALA A 106 6.46 13.61 -10.02
C ALA A 106 5.87 14.59 -9.03
N ARG A 107 4.57 14.43 -8.76
CA ARG A 107 3.85 15.26 -7.81
C ARG A 107 2.78 14.46 -7.12
N VAL A 108 2.51 14.77 -5.86
CA VAL A 108 1.47 14.15 -5.07
C VAL A 108 0.12 14.74 -5.41
N ILE A 109 -0.78 13.89 -5.89
CA ILE A 109 -2.13 14.32 -6.25
C ILE A 109 -3.08 13.95 -5.14
N TYR A 110 -4.04 14.82 -4.88
CA TYR A 110 -5.02 14.60 -3.84
C TYR A 110 -6.19 15.57 -4.03
N THR A 111 -7.34 15.14 -3.53
CA THR A 111 -8.55 15.93 -3.64
C THR A 111 -8.64 16.90 -2.48
N TYR A 112 -9.56 17.85 -2.55
CA TYR A 112 -9.77 18.79 -1.48
C TYR A 112 -11.16 18.61 -0.83
N PRO A 113 -11.28 18.97 0.47
CA PRO A 113 -10.17 19.42 1.30
C PRO A 113 -9.35 18.22 1.67
N ASN A 114 -9.98 17.18 2.20
CA ASN A 114 -9.33 15.95 2.59
C ASN A 114 -8.34 15.53 1.53
N LYS A 115 -7.04 15.60 1.84
CA LYS A 115 -5.96 15.29 0.92
C LYS A 115 -5.97 13.80 0.66
N VAL A 116 -7.00 13.33 -0.03
CA VAL A 116 -7.25 11.93 -0.37
C VAL A 116 -6.23 11.60 -1.46
N PHE A 117 -4.98 11.49 -1.05
CA PHE A 117 -3.85 11.16 -1.89
C PHE A 117 -4.27 10.06 -2.86
N CYS A 118 -4.26 10.38 -4.15
CA CYS A 118 -4.60 9.41 -5.15
C CYS A 118 -3.34 8.68 -5.61
N GLY A 119 -2.25 9.42 -5.79
CA GLY A 119 -1.00 8.89 -6.25
C GLY A 119 -0.13 9.97 -6.87
N ILE A 120 0.96 9.55 -7.49
CA ILE A 120 1.89 10.49 -8.09
C ILE A 120 1.77 10.32 -9.58
N ILE A 121 1.94 11.37 -10.35
CA ILE A 121 1.89 11.27 -11.80
C ILE A 121 3.21 11.73 -12.38
N ALA A 122 3.56 11.27 -13.57
CA ALA A 122 4.79 11.65 -14.23
C ALA A 122 4.80 11.07 -15.64
N HIS A 123 5.63 11.64 -16.50
CA HIS A 123 5.75 11.25 -17.89
C HIS A 123 6.80 10.17 -18.04
N THR A 124 6.39 8.93 -17.92
CA THR A 124 7.28 7.78 -17.97
C THR A 124 7.14 7.09 -19.30
N LYS A 125 7.08 7.89 -20.36
CA LYS A 125 7.03 7.40 -21.73
C LYS A 125 8.37 7.60 -22.43
N GLU A 126 9.17 8.56 -21.98
CA GLU A 126 10.48 8.80 -22.55
C GLU A 126 11.27 9.77 -21.68
N ASN A 127 10.80 11.02 -21.59
CA ASN A 127 11.42 12.07 -20.81
C ASN A 127 10.39 13.14 -20.44
N GLN A 128 9.58 13.52 -21.44
CA GLN A 128 8.55 14.52 -21.29
C GLN A 128 7.47 14.29 -22.37
N GLY A 129 6.57 13.35 -22.13
CA GLY A 129 5.48 13.13 -23.07
C GLY A 129 4.15 13.06 -22.34
N GLU A 130 3.61 11.86 -22.25
CA GLU A 130 2.34 11.64 -21.59
C GLU A 130 2.58 11.24 -20.15
N LEU A 131 1.90 11.92 -19.24
CA LEU A 131 1.94 11.61 -17.82
C LEU A 131 0.88 10.59 -17.43
N LYS A 132 1.18 9.79 -16.42
CA LYS A 132 0.27 8.76 -15.92
C LYS A 132 0.54 8.53 -14.46
N LEU A 133 -0.38 7.82 -13.79
CA LEU A 133 -0.23 7.51 -12.38
C LEU A 133 0.96 6.60 -12.24
N CYS A 134 1.84 6.90 -11.27
CA CYS A 134 3.00 6.10 -10.93
C CYS A 134 2.57 4.68 -10.53
N SER A 135 3.53 3.87 -10.17
CA SER A 135 3.20 2.49 -9.81
C SER A 135 4.35 1.96 -9.02
N HIS A 136 4.12 1.69 -7.74
CA HIS A 136 5.08 1.01 -6.87
C HIS A 136 5.09 -0.50 -7.04
N ALA A 1 4.54 5.25 3.48
CA ALA A 1 4.06 3.99 2.88
C ALA A 1 3.26 3.23 3.89
N VAL A 2 3.93 2.53 4.82
CA VAL A 2 3.32 1.72 5.88
C VAL A 2 2.13 2.47 6.47
N THR A 3 1.02 1.79 6.63
CA THR A 3 -0.17 2.44 7.16
C THR A 3 -0.16 2.30 8.66
N TRP A 4 -0.02 3.42 9.35
CA TRP A 4 -0.04 3.42 10.79
C TRP A 4 -1.48 3.43 11.28
N THR A 5 -1.76 2.69 12.35
CA THR A 5 -3.12 2.59 12.86
C THR A 5 -3.10 2.85 14.35
N CYS A 6 -4.07 3.60 14.81
CA CYS A 6 -4.22 3.87 16.23
C CYS A 6 -5.68 3.66 16.61
N GLY A 7 -6.54 4.62 16.30
CA GLY A 7 -7.97 4.52 16.66
C GLY A 7 -8.75 3.56 15.76
N GLY A 8 -8.13 2.46 15.31
CA GLY A 8 -8.72 1.57 14.30
C GLY A 8 -8.72 2.16 12.88
N LEU A 9 -8.12 3.34 12.71
CA LEU A 9 -8.15 4.08 11.44
C LEU A 9 -6.75 3.98 10.86
N LEU A 10 -6.68 3.79 9.55
CA LEU A 10 -5.43 3.54 8.85
C LEU A 10 -4.89 4.87 8.32
N TYR A 11 -3.64 5.18 8.59
CA TYR A 11 -3.02 6.48 8.34
C TYR A 11 -1.79 6.23 7.50
N ASN A 12 -1.92 6.43 6.19
CA ASN A 12 -0.79 6.25 5.30
C ASN A 12 0.37 7.07 5.82
N GLN A 13 1.51 6.44 6.09
CA GLN A 13 2.64 7.20 6.62
C GLN A 13 2.99 8.36 5.72
N ASN A 14 2.97 8.15 4.41
CA ASN A 14 3.16 9.26 3.48
C ASN A 14 2.28 10.47 3.80
N LYS A 15 0.99 10.29 4.13
CA LYS A 15 0.17 11.35 4.72
C LYS A 15 0.54 11.73 6.15
N ALA A 16 0.91 10.82 7.03
CA ALA A 16 1.44 11.23 8.33
C ALA A 16 2.62 12.23 8.24
N GLU A 17 3.56 12.06 7.31
CA GLU A 17 4.65 13.00 7.09
C GLU A 17 4.19 14.10 6.14
N SER A 18 3.46 13.79 5.06
CA SER A 18 3.03 14.72 4.01
C SER A 18 1.95 15.64 4.53
N ASN A 19 0.82 15.13 5.00
CA ASN A 19 -0.17 15.92 5.75
C ASN A 19 0.45 16.92 6.72
N SER A 20 1.52 16.50 7.40
CA SER A 20 2.33 17.38 8.26
C SER A 20 3.34 18.27 7.56
N HIS A 21 3.94 17.83 6.44
CA HIS A 21 4.90 18.57 5.63
C HIS A 21 4.37 19.97 5.33
N HIS A 22 3.06 20.09 5.14
CA HIS A 22 2.35 21.34 4.92
C HIS A 22 2.23 22.14 6.21
N ALA A 23 1.85 21.46 7.31
CA ALA A 23 1.80 22.02 8.65
C ALA A 23 2.99 22.95 8.93
N PRO A 24 2.74 24.16 9.44
CA PRO A 24 3.79 25.12 9.67
C PRO A 24 4.60 24.65 10.86
N LEU A 25 5.92 24.61 10.68
CA LEU A 25 6.90 24.23 11.69
C LEU A 25 6.89 25.17 12.87
N SER A 26 5.97 24.93 13.81
CA SER A 26 5.71 25.82 14.96
C SER A 26 4.60 25.24 15.81
N ASP A 27 4.71 25.44 17.12
CA ASP A 27 3.71 24.98 18.10
C ASP A 27 2.63 26.01 18.26
N GLY A 28 1.38 25.63 17.94
CA GLY A 28 0.24 26.51 18.15
C GLY A 28 0.46 27.86 17.47
N LYS A 29 0.58 27.84 16.14
CA LYS A 29 0.73 29.05 15.32
C LYS A 29 -0.28 29.12 14.18
N THR A 30 -1.27 28.26 14.23
CA THR A 30 -2.17 28.11 13.12
C THR A 30 -3.53 28.47 13.63
N GLY A 31 -4.38 28.98 12.75
CA GLY A 31 -5.73 29.39 13.13
C GLY A 31 -6.40 28.38 14.02
N SER A 32 -6.57 27.16 13.51
CA SER A 32 -7.12 26.06 14.29
C SER A 32 -6.37 25.86 15.56
N SER A 33 -5.11 25.45 15.46
CA SER A 33 -4.18 25.19 16.56
C SER A 33 -3.00 24.38 16.10
N TYR A 34 -3.30 23.16 15.68
CA TYR A 34 -2.32 22.21 15.23
C TYR A 34 -1.50 22.70 14.03
N PRO A 35 -0.25 22.29 13.90
CA PRO A 35 0.38 21.44 14.87
C PRO A 35 0.74 22.21 16.15
N HIS A 36 1.06 21.47 17.20
CA HIS A 36 1.38 22.07 18.50
C HIS A 36 2.51 21.32 19.16
N TRP A 37 3.08 21.81 20.26
CA TRP A 37 4.08 21.06 20.98
C TRP A 37 3.44 19.82 21.61
N PHE A 38 4.25 18.78 21.71
CA PHE A 38 3.93 17.46 22.16
C PHE A 38 4.83 17.25 23.36
N THR A 39 4.33 17.69 24.51
CA THR A 39 4.93 17.42 25.81
C THR A 39 5.43 16.00 25.89
N ASN A 40 4.74 15.01 25.29
CA ASN A 40 5.17 13.60 25.29
C ASN A 40 5.39 13.07 26.72
N GLY A 41 4.75 13.75 27.67
CA GLY A 41 5.05 13.54 29.06
C GLY A 41 5.88 14.63 29.72
N TYR A 42 6.91 15.18 29.08
CA TYR A 42 7.73 16.31 29.56
C TYR A 42 6.89 17.43 30.13
N ASP A 43 7.48 18.19 31.04
CA ASP A 43 6.78 19.35 31.62
C ASP A 43 6.90 20.60 30.75
N GLY A 44 8.06 20.79 30.14
CA GLY A 44 8.38 21.94 29.30
C GLY A 44 9.68 21.74 28.55
N ASP A 45 10.80 21.81 29.26
CA ASP A 45 12.17 21.66 28.71
C ASP A 45 12.83 20.40 29.24
N GLY A 46 13.04 20.36 30.56
CA GLY A 46 13.63 19.22 31.22
C GLY A 46 12.80 17.96 31.02
N LYS A 47 13.19 16.89 31.71
CA LYS A 47 12.44 15.64 31.70
C LYS A 47 10.99 15.83 32.20
N LEU A 48 10.31 14.71 32.38
CA LEU A 48 8.94 14.77 32.82
C LEU A 48 8.87 14.98 34.33
N PRO A 49 7.73 15.46 34.84
CA PRO A 49 7.57 15.64 36.27
C PRO A 49 7.46 14.29 36.95
N LYS A 50 7.67 14.28 38.26
CA LYS A 50 7.53 13.08 39.11
C LYS A 50 6.18 12.39 38.87
N GLY A 51 6.22 11.32 38.07
CA GLY A 51 4.99 10.63 37.65
C GLY A 51 4.61 10.98 36.22
N ARG A 52 5.21 10.27 35.26
CA ARG A 52 4.89 10.35 33.84
C ARG A 52 5.49 9.21 33.07
N THR A 53 5.00 9.01 31.84
CA THR A 53 5.44 7.89 31.00
C THR A 53 5.56 8.37 29.55
N PRO A 54 6.78 8.73 29.11
CA PRO A 54 7.02 9.19 27.75
C PRO A 54 6.93 8.03 26.77
N ILE A 55 6.42 8.34 25.59
CA ILE A 55 6.25 7.35 24.54
C ILE A 55 7.64 6.97 24.04
N LYS A 56 7.99 5.69 24.15
CA LYS A 56 9.27 5.21 23.64
C LYS A 56 9.12 4.97 22.15
N PHE A 57 10.11 5.40 21.39
CA PHE A 57 10.16 5.23 19.94
C PHE A 57 11.38 4.42 19.54
N GLY A 58 12.55 4.80 20.08
CA GLY A 58 13.85 4.23 19.75
C GLY A 58 14.84 5.25 19.21
N LYS A 59 14.42 6.50 19.02
CA LYS A 59 15.29 7.60 18.58
C LYS A 59 15.77 8.37 19.77
N SER A 60 17.07 8.66 19.78
CA SER A 60 17.69 9.50 20.81
C SER A 60 17.32 10.98 20.67
N ASP A 61 16.55 11.34 19.63
CA ASP A 61 16.13 12.71 19.34
C ASP A 61 14.83 12.98 20.05
N CYS A 62 13.85 12.08 19.85
CA CYS A 62 12.55 12.19 20.48
C CYS A 62 12.62 11.80 21.96
N ASP A 63 13.47 10.81 22.27
CA ASP A 63 13.78 10.39 23.64
C ASP A 63 14.48 11.50 24.42
N ARG A 64 15.24 12.35 23.74
CA ARG A 64 15.89 13.49 24.38
C ARG A 64 14.87 14.45 25.00
N PRO A 65 15.32 15.27 25.95
CA PRO A 65 14.47 16.29 26.52
C PRO A 65 14.17 17.44 25.52
N PRO A 66 12.92 17.97 25.47
CA PRO A 66 12.52 19.06 24.61
C PRO A 66 13.10 20.41 25.10
N LYS A 67 12.90 21.45 24.30
CA LYS A 67 13.43 22.78 24.61
C LYS A 67 12.37 23.87 24.38
N HIS A 68 11.17 23.62 24.91
CA HIS A 68 10.09 24.60 24.83
C HIS A 68 10.33 25.90 25.60
N SER A 69 10.11 27.05 24.94
CA SER A 69 10.27 28.37 25.60
C SER A 69 8.92 29.05 25.73
N LYS A 70 8.61 29.87 24.74
CA LYS A 70 7.38 30.65 24.66
C LYS A 70 6.19 29.75 24.43
N ASP A 71 5.01 30.29 24.23
CA ASP A 71 3.83 29.47 23.85
C ASP A 71 3.92 28.88 22.42
N GLY A 72 5.08 28.43 22.00
CA GLY A 72 5.25 27.89 20.66
C GLY A 72 6.58 27.21 20.60
N ASN A 73 7.54 27.84 19.93
CA ASN A 73 8.86 27.28 19.68
C ASN A 73 9.84 28.10 20.54
N GLY A 74 10.35 29.17 19.94
CA GLY A 74 11.36 30.00 20.55
C GLY A 74 12.60 30.02 19.68
N LYS A 75 13.76 29.89 20.32
CA LYS A 75 15.09 29.94 19.66
C LYS A 75 15.25 28.75 18.73
N THR A 76 15.57 27.60 19.30
CA THR A 76 15.73 26.36 18.52
C THR A 76 14.90 25.23 19.10
N ASP A 77 13.75 25.54 19.69
CA ASP A 77 12.87 24.58 20.34
C ASP A 77 12.90 23.17 19.75
N HIS A 78 13.79 22.31 20.23
CA HIS A 78 14.03 21.02 19.56
C HIS A 78 13.01 20.00 20.05
N TYR A 79 12.00 20.50 20.77
CA TYR A 79 10.85 19.76 21.22
C TYR A 79 10.21 18.94 20.10
N LEU A 80 9.29 18.11 20.52
CA LEU A 80 8.47 17.40 19.56
C LEU A 80 7.17 18.12 19.35
N LEU A 81 6.68 18.17 18.11
CA LEU A 81 5.39 18.73 17.80
C LEU A 81 4.60 17.64 17.10
N GLU A 82 3.38 17.42 17.57
CA GLU A 82 2.44 16.53 16.92
C GLU A 82 1.54 17.25 15.91
N PHE A 83 0.88 16.47 15.05
CA PHE A 83 -0.02 17.05 14.05
C PHE A 83 -1.13 16.09 13.64
N PRO A 84 -2.41 16.51 13.60
CA PRO A 84 -3.57 15.68 13.29
C PRO A 84 -3.58 15.38 11.82
N THR A 85 -3.29 14.12 11.50
CA THR A 85 -3.22 13.59 10.15
C THR A 85 -4.38 12.67 9.90
N PHE A 86 -5.30 13.11 9.06
CA PHE A 86 -6.47 12.33 8.69
C PHE A 86 -6.16 11.31 7.59
N PRO A 87 -6.99 10.25 7.48
CA PRO A 87 -6.79 9.21 6.48
C PRO A 87 -7.22 9.68 5.10
N ASP A 88 -8.32 10.46 5.00
CA ASP A 88 -8.84 11.02 3.75
C ASP A 88 -7.71 11.65 2.94
N GLY A 89 -6.70 12.15 3.66
CA GLY A 89 -5.53 12.76 3.11
C GLY A 89 -5.72 14.21 2.80
N HIS A 90 -6.93 14.71 3.06
CA HIS A 90 -7.27 16.10 2.89
C HIS A 90 -6.38 16.86 3.88
N ASP A 91 -5.74 17.91 3.37
CA ASP A 91 -5.01 18.87 4.20
C ASP A 91 -6.00 19.45 5.21
N TYR A 92 -5.99 18.87 6.42
CA TYR A 92 -6.84 19.29 7.52
C TYR A 92 -6.89 20.80 7.56
N LYS A 93 -8.02 21.40 7.91
CA LYS A 93 -8.05 22.84 8.10
C LYS A 93 -7.39 23.18 9.42
N PHE A 94 -6.13 22.86 9.58
CA PHE A 94 -5.34 23.23 10.73
C PHE A 94 -4.94 24.68 10.68
N ASP A 95 -5.24 25.43 9.64
CA ASP A 95 -4.89 26.86 9.48
C ASP A 95 -6.12 27.75 9.68
N SER A 96 -7.30 27.21 9.41
CA SER A 96 -8.58 27.91 9.53
C SER A 96 -9.25 27.48 10.80
N LYS A 97 -9.25 28.37 11.80
CA LYS A 97 -9.96 28.10 13.06
C LYS A 97 -11.49 28.16 12.89
N LYS A 98 -11.95 29.03 11.98
CA LYS A 98 -13.38 29.18 11.75
C LYS A 98 -13.65 29.06 10.24
N PRO A 99 -14.36 28.02 9.81
CA PRO A 99 -14.84 26.93 10.68
C PRO A 99 -13.67 26.05 11.13
N LYS A 100 -13.93 25.09 12.02
CA LYS A 100 -12.92 24.16 12.55
C LYS A 100 -13.48 22.77 12.52
N GLU A 101 -12.71 21.85 11.94
CA GLU A 101 -13.13 20.45 11.82
C GLU A 101 -12.45 19.69 12.93
N ASN A 102 -13.23 18.84 13.60
CA ASN A 102 -12.74 17.98 14.68
C ASN A 102 -11.40 17.35 14.29
N PRO A 103 -10.38 17.37 15.16
CA PRO A 103 -9.08 16.76 14.87
C PRO A 103 -9.17 15.22 14.80
N GLY A 104 -8.02 14.58 14.87
CA GLY A 104 -7.94 13.12 14.89
C GLY A 104 -7.19 12.62 16.12
N PRO A 105 -7.38 11.34 16.46
CA PRO A 105 -6.67 10.74 17.57
C PRO A 105 -5.21 10.51 17.19
N ALA A 106 -4.94 10.02 15.97
CA ALA A 106 -3.61 9.77 15.49
C ALA A 106 -2.96 11.04 15.01
N ARG A 107 -1.71 11.24 15.43
CA ARG A 107 -0.93 12.40 15.05
C ARG A 107 0.50 12.01 14.79
N VAL A 108 1.17 12.74 13.91
CA VAL A 108 2.58 12.51 13.57
C VAL A 108 3.50 13.30 14.49
N ILE A 109 4.34 12.61 15.24
CA ILE A 109 5.16 13.23 16.27
C ILE A 109 6.57 13.24 15.74
N TYR A 110 7.09 14.45 15.58
CA TYR A 110 8.41 14.62 15.05
C TYR A 110 9.11 15.71 15.86
N THR A 111 10.42 15.60 15.92
CA THR A 111 11.23 16.59 16.62
C THR A 111 11.51 17.76 15.70
N TYR A 112 11.89 18.89 16.27
CA TYR A 112 12.21 20.07 15.47
C TYR A 112 13.74 20.33 15.46
N PRO A 113 14.24 21.02 14.42
CA PRO A 113 13.48 21.38 13.21
C PRO A 113 13.28 20.18 12.34
N ASN A 114 14.36 19.45 12.07
CA ASN A 114 14.35 18.23 11.28
C ASN A 114 13.25 17.32 11.80
N LYS A 115 12.15 17.17 11.04
CA LYS A 115 10.98 16.38 11.39
C LYS A 115 11.40 14.93 11.48
N VAL A 116 12.04 14.58 12.60
CA VAL A 116 12.58 13.23 12.84
C VAL A 116 11.36 12.41 13.25
N PHE A 117 10.51 12.13 12.26
CA PHE A 117 9.31 11.32 12.38
C PHE A 117 9.61 10.12 13.28
N CYS A 118 9.10 10.18 14.51
CA CYS A 118 9.33 9.11 15.45
C CYS A 118 8.31 8.00 15.20
N GLY A 119 7.08 8.42 14.92
CA GLY A 119 5.99 7.52 14.66
C GLY A 119 4.69 8.25 14.80
N ILE A 120 3.66 7.53 15.23
CA ILE A 120 2.32 8.10 15.32
C ILE A 120 1.82 7.80 16.69
N ILE A 121 1.11 8.71 17.29
CA ILE A 121 0.64 8.56 18.66
C ILE A 121 -0.85 8.81 18.68
N ALA A 122 -1.56 8.24 19.65
CA ALA A 122 -3.00 8.43 19.79
C ALA A 122 -3.46 7.73 21.06
N HIS A 123 -4.67 8.08 21.51
CA HIS A 123 -5.24 7.55 22.73
C HIS A 123 -6.09 6.34 22.41
N THR A 124 -5.49 5.17 22.45
CA THR A 124 -6.14 3.90 22.10
C THR A 124 -6.51 3.15 23.37
N LYS A 125 -7.06 3.90 24.33
CA LYS A 125 -7.60 3.36 25.58
C LYS A 125 -9.12 3.40 25.60
N GLU A 126 -9.73 4.31 24.84
CA GLU A 126 -11.20 4.40 24.75
C GLU A 126 -11.58 5.36 23.62
N ASN A 127 -11.25 6.63 23.78
CA ASN A 127 -11.52 7.68 22.81
C ASN A 127 -10.50 8.81 22.93
N GLN A 128 -10.26 9.23 24.18
CA GLN A 128 -9.37 10.33 24.53
C GLN A 128 -8.94 10.24 25.99
N GLY A 129 -8.02 9.32 26.28
CA GLY A 129 -7.50 9.16 27.64
C GLY A 129 -5.99 9.31 27.63
N GLU A 130 -5.29 8.20 27.79
CA GLU A 130 -3.82 8.21 27.81
C GLU A 130 -3.26 8.25 26.41
N LEU A 131 -2.02 8.70 26.24
CA LEU A 131 -1.35 8.72 24.93
C LEU A 131 -0.38 7.55 24.82
N LYS A 132 -0.22 7.04 23.61
CA LYS A 132 0.62 5.87 23.29
C LYS A 132 0.99 5.91 21.84
N LEU A 133 1.95 5.08 21.45
CA LEU A 133 2.38 4.99 20.06
C LEU A 133 1.44 4.05 19.32
N CYS A 134 1.16 4.38 18.05
CA CYS A 134 0.40 3.53 17.14
C CYS A 134 1.14 2.23 16.83
N SER A 135 0.58 1.46 15.94
CA SER A 135 1.15 0.16 15.57
C SER A 135 1.19 0.06 14.05
N HIS A 136 2.34 0.39 13.48
CA HIS A 136 2.60 0.21 12.05
C HIS A 136 3.40 -1.05 11.75
N ALA A 1 4.52 5.25 3.54
CA ALA A 1 4.00 4.01 2.96
C ALA A 1 4.36 3.98 1.49
N VAL A 2 3.68 3.12 0.73
CA VAL A 2 3.87 3.04 -0.71
C VAL A 2 3.37 4.31 -1.39
N THR A 3 3.96 4.63 -2.54
CA THR A 3 3.60 5.78 -3.32
C THR A 3 2.46 5.46 -4.28
N TRP A 4 1.32 6.10 -4.06
CA TRP A 4 0.15 5.88 -4.90
C TRP A 4 0.25 6.73 -6.14
N THR A 5 -0.13 6.25 -7.28
CA THR A 5 -0.03 6.99 -8.53
C THR A 5 -1.38 7.06 -9.17
N CYS A 6 -1.75 8.25 -9.63
CA CYS A 6 -3.03 8.46 -10.28
C CYS A 6 -2.81 8.99 -11.68
N GLY A 7 -2.04 8.24 -12.49
CA GLY A 7 -1.71 8.61 -13.87
C GLY A 7 -1.41 10.11 -13.99
N GLY A 8 -0.39 10.57 -13.27
CA GLY A 8 -0.02 11.97 -13.26
C GLY A 8 1.14 12.22 -12.35
N LEU A 9 0.87 12.34 -11.05
CA LEU A 9 1.91 12.55 -10.05
C LEU A 9 1.84 11.47 -8.99
N LEU A 10 2.94 11.29 -8.26
CA LEU A 10 3.03 10.26 -7.26
C LEU A 10 2.57 10.87 -5.93
N TYR A 11 1.71 10.18 -5.22
CA TYR A 11 1.08 10.58 -4.00
C TYR A 11 1.51 9.65 -2.89
N ASN A 12 2.59 10.02 -2.19
CA ASN A 12 3.09 9.22 -1.10
C ASN A 12 1.98 9.02 -0.10
N GLN A 13 1.66 7.79 0.29
CA GLN A 13 0.61 7.53 1.23
C GLN A 13 0.74 8.40 2.46
N ASN A 14 1.93 8.43 3.07
CA ASN A 14 2.20 9.26 4.23
C ASN A 14 1.71 10.66 3.98
N LYS A 15 1.84 11.21 2.79
CA LYS A 15 1.25 12.45 2.36
C LYS A 15 -0.25 12.36 2.17
N ALA A 16 -0.80 11.42 1.43
CA ALA A 16 -2.22 11.20 1.31
C ALA A 16 -2.93 11.17 2.67
N GLU A 17 -2.26 10.63 3.69
CA GLU A 17 -2.78 10.57 5.03
C GLU A 17 -2.38 11.81 5.78
N SER A 18 -1.14 12.28 5.69
CA SER A 18 -0.59 13.43 6.38
C SER A 18 -1.35 14.64 5.89
N ASN A 19 -1.90 14.63 4.69
CA ASN A 19 -2.65 15.71 4.14
C ASN A 19 -4.00 15.78 4.83
N SER A 20 -4.71 14.64 4.83
CA SER A 20 -5.99 14.54 5.50
C SER A 20 -5.84 14.55 7.02
N HIS A 21 -4.61 14.37 7.51
CA HIS A 21 -4.32 14.27 8.92
C HIS A 21 -4.73 15.58 9.56
N HIS A 22 -4.26 16.70 8.99
CA HIS A 22 -4.58 18.01 9.49
C HIS A 22 -6.01 18.37 9.15
N ALA A 23 -6.44 18.04 7.92
CA ALA A 23 -7.79 18.28 7.47
C ALA A 23 -8.81 17.97 8.56
N PRO A 24 -9.71 18.92 8.83
CA PRO A 24 -10.70 18.76 9.88
C PRO A 24 -11.75 17.75 9.45
N LEU A 25 -11.97 16.73 10.28
CA LEU A 25 -12.96 15.70 10.03
C LEU A 25 -14.36 16.29 9.90
N SER A 26 -14.72 16.68 8.68
CA SER A 26 -15.97 17.33 8.41
C SER A 26 -16.10 17.55 6.90
N ASP A 27 -17.31 17.90 6.49
CA ASP A 27 -17.62 18.19 5.09
C ASP A 27 -18.01 19.64 4.96
N GLY A 28 -17.43 20.34 3.97
CA GLY A 28 -17.83 21.69 3.63
C GLY A 28 -17.86 22.52 4.88
N LYS A 29 -16.69 22.66 5.52
CA LYS A 29 -16.56 23.42 6.75
C LYS A 29 -15.16 23.99 6.87
N THR A 30 -14.60 24.36 5.75
CA THR A 30 -13.22 24.85 5.70
C THR A 30 -13.12 25.94 4.67
N GLY A 31 -12.16 26.84 4.85
CA GLY A 31 -11.95 27.98 3.97
C GLY A 31 -12.21 27.60 2.52
N SER A 32 -11.25 26.93 1.90
CA SER A 32 -11.40 26.48 0.54
C SER A 32 -12.68 25.71 0.38
N SER A 33 -12.81 24.58 1.10
CA SER A 33 -13.99 23.73 1.07
C SER A 33 -13.66 22.36 1.63
N TYR A 34 -12.60 21.76 1.09
CA TYR A 34 -12.17 20.46 1.49
C TYR A 34 -11.76 20.42 2.96
N PRO A 35 -11.89 19.27 3.63
CA PRO A 35 -12.47 18.08 3.01
C PRO A 35 -13.98 18.20 2.85
N HIS A 36 -14.55 17.34 2.03
CA HIS A 36 -15.98 17.36 1.75
C HIS A 36 -16.51 15.95 1.65
N TRP A 37 -17.82 15.77 1.75
CA TRP A 37 -18.42 14.45 1.65
C TRP A 37 -18.10 13.88 0.28
N PHE A 38 -17.77 12.59 0.25
CA PHE A 38 -17.37 11.88 -0.92
C PHE A 38 -18.48 10.94 -1.24
N THR A 39 -19.54 11.46 -1.86
CA THR A 39 -20.67 10.67 -2.35
C THR A 39 -20.21 9.35 -2.90
N ASN A 40 -19.03 9.28 -3.53
CA ASN A 40 -18.43 8.05 -4.01
C ASN A 40 -19.44 7.40 -4.96
N GLY A 41 -20.38 8.16 -5.48
CA GLY A 41 -21.46 7.62 -6.24
C GLY A 41 -22.80 7.77 -5.53
N TYR A 42 -22.86 7.42 -4.25
CA TYR A 42 -24.07 7.46 -3.46
C TYR A 42 -24.77 8.80 -3.61
N ASP A 43 -26.09 8.77 -3.60
CA ASP A 43 -26.86 10.00 -3.71
C ASP A 43 -26.96 10.67 -2.34
N GLY A 44 -27.08 9.86 -1.28
CA GLY A 44 -27.20 10.35 0.07
C GLY A 44 -26.93 9.24 1.06
N ASP A 45 -27.99 8.66 1.59
CA ASP A 45 -27.91 7.58 2.55
C ASP A 45 -27.81 6.26 1.82
N GLY A 46 -27.65 5.16 2.57
CA GLY A 46 -27.55 3.82 2.01
C GLY A 46 -26.76 3.80 0.71
N LYS A 47 -26.99 2.79 -0.10
CA LYS A 47 -26.38 2.71 -1.41
C LYS A 47 -26.86 3.85 -2.33
N LEU A 48 -26.48 3.78 -3.58
CA LEU A 48 -26.83 4.79 -4.55
C LEU A 48 -28.18 4.43 -5.18
N PRO A 49 -28.70 5.32 -6.03
CA PRO A 49 -29.95 5.11 -6.72
C PRO A 49 -29.80 4.08 -7.84
N LYS A 50 -30.89 3.88 -8.60
CA LYS A 50 -30.88 2.98 -9.73
C LYS A 50 -29.99 3.54 -10.83
N GLY A 51 -28.73 3.11 -10.87
CA GLY A 51 -27.80 3.56 -11.87
C GLY A 51 -26.66 4.33 -11.25
N ARG A 52 -25.58 3.64 -10.88
CA ARG A 52 -24.40 4.25 -10.31
C ARG A 52 -23.32 3.21 -10.08
N THR A 53 -22.08 3.66 -10.04
CA THR A 53 -20.94 2.77 -9.85
C THR A 53 -19.90 3.42 -8.96
N PRO A 54 -19.91 3.05 -7.66
CA PRO A 54 -18.96 3.58 -6.70
C PRO A 54 -17.56 3.02 -6.93
N ILE A 55 -16.61 3.49 -6.12
CA ILE A 55 -15.23 3.07 -6.22
C ILE A 55 -14.98 1.98 -5.19
N LYS A 56 -14.27 0.92 -5.58
CA LYS A 56 -13.93 -0.15 -4.66
C LYS A 56 -12.58 0.14 -4.04
N PHE A 57 -12.34 -0.42 -2.85
CA PHE A 57 -11.12 -0.25 -2.11
C PHE A 57 -10.69 -1.55 -1.46
N GLY A 58 -11.62 -2.22 -0.79
CA GLY A 58 -11.37 -3.45 -0.07
C GLY A 58 -11.68 -3.32 1.41
N LYS A 59 -12.05 -2.13 1.86
CA LYS A 59 -12.35 -1.87 3.25
C LYS A 59 -13.83 -1.98 3.46
N SER A 60 -14.25 -2.67 4.52
CA SER A 60 -15.65 -2.82 4.86
C SER A 60 -16.23 -1.51 5.39
N ASP A 61 -15.40 -0.50 5.59
CA ASP A 61 -15.77 0.77 6.14
C ASP A 61 -16.13 1.67 4.98
N CYS A 62 -15.24 1.75 3.98
CA CYS A 62 -15.45 2.59 2.84
C CYS A 62 -16.48 1.94 1.94
N ASP A 63 -16.41 0.59 1.84
CA ASP A 63 -17.38 -0.17 1.07
C ASP A 63 -18.79 0.06 1.62
N ARG A 64 -18.90 0.08 2.96
CA ARG A 64 -20.18 0.29 3.59
C ARG A 64 -20.87 1.52 2.98
N PRO A 65 -22.20 1.57 3.18
CA PRO A 65 -22.97 2.71 2.75
C PRO A 65 -22.78 3.92 3.64
N PRO A 66 -22.80 5.15 3.09
CA PRO A 66 -22.66 6.37 3.85
C PRO A 66 -23.93 6.71 4.60
N LYS A 67 -23.82 7.69 5.50
CA LYS A 67 -24.95 8.09 6.33
C LYS A 67 -25.05 9.60 6.29
N HIS A 68 -25.08 10.21 5.13
CA HIS A 68 -25.20 11.66 5.03
C HIS A 68 -26.67 12.07 5.11
N SER A 69 -26.92 13.32 5.48
CA SER A 69 -28.26 13.90 5.48
C SER A 69 -28.17 15.37 5.85
N LYS A 70 -27.25 15.71 6.77
CA LYS A 70 -27.04 17.10 7.17
C LYS A 70 -26.19 17.85 6.20
N ASP A 71 -25.78 19.06 6.54
CA ASP A 71 -24.89 19.86 5.71
C ASP A 71 -23.42 19.49 5.92
N GLY A 72 -23.15 18.19 6.13
CA GLY A 72 -21.81 17.74 6.40
C GLY A 72 -21.82 16.40 7.07
N ASN A 73 -22.00 16.40 8.38
CA ASN A 73 -22.04 15.18 9.14
C ASN A 73 -23.03 15.35 10.25
N GLY A 74 -24.34 15.30 9.98
CA GLY A 74 -25.38 15.36 10.97
C GLY A 74 -25.03 14.74 12.30
N LYS A 75 -25.41 13.48 12.47
CA LYS A 75 -25.08 12.75 13.67
C LYS A 75 -23.69 12.13 13.54
N THR A 76 -23.63 10.81 13.41
CA THR A 76 -22.39 10.07 13.29
C THR A 76 -22.14 9.68 11.84
N ASP A 77 -22.76 10.40 10.91
CA ASP A 77 -22.68 10.14 9.49
C ASP A 77 -21.36 9.53 9.11
N HIS A 78 -21.27 8.24 8.84
CA HIS A 78 -20.00 7.61 8.53
C HIS A 78 -19.61 7.84 7.09
N TYR A 79 -20.32 8.75 6.43
CA TYR A 79 -19.99 9.20 5.10
C TYR A 79 -18.48 9.38 4.81
N LEU A 80 -18.08 9.02 3.62
CA LEU A 80 -16.69 9.19 3.26
C LEU A 80 -16.41 10.64 2.94
N LEU A 81 -15.16 11.07 3.01
CA LEU A 81 -14.77 12.43 2.73
C LEU A 81 -13.45 12.41 1.97
N GLU A 82 -13.37 13.19 0.90
CA GLU A 82 -12.22 13.27 0.04
C GLU A 82 -11.44 14.53 0.39
N PHE A 83 -10.14 14.48 0.16
CA PHE A 83 -9.28 15.61 0.45
C PHE A 83 -8.21 15.78 -0.60
N PRO A 84 -7.99 17.00 -1.10
CA PRO A 84 -7.01 17.27 -2.13
C PRO A 84 -5.62 17.23 -1.56
N THR A 85 -4.99 16.06 -1.66
CA THR A 85 -3.65 15.85 -1.16
C THR A 85 -2.63 16.09 -2.26
N PHE A 86 -1.74 17.05 -2.06
CA PHE A 86 -0.72 17.39 -3.01
C PHE A 86 0.49 16.49 -2.85
N PRO A 87 1.23 16.27 -3.94
CA PRO A 87 2.42 15.44 -3.93
C PRO A 87 3.61 16.14 -3.35
N ASP A 88 3.81 17.42 -3.72
CA ASP A 88 4.88 18.26 -3.17
C ASP A 88 5.00 18.04 -1.65
N GLY A 89 3.85 17.79 -1.01
CA GLY A 89 3.79 17.54 0.40
C GLY A 89 3.36 18.80 1.10
N HIS A 90 2.80 19.77 0.36
CA HIS A 90 2.35 21.02 0.92
C HIS A 90 0.93 20.84 1.39
N ASP A 91 0.66 21.25 2.61
CA ASP A 91 -0.70 21.22 3.16
C ASP A 91 -1.53 22.27 2.47
N TYR A 92 -2.34 21.85 1.50
CA TYR A 92 -3.24 22.74 0.78
C TYR A 92 -3.80 23.82 1.68
N LYS A 93 -3.92 25.04 1.20
CA LYS A 93 -4.48 26.13 1.98
C LYS A 93 -5.99 26.00 2.02
N PHE A 94 -6.49 24.91 2.59
CA PHE A 94 -7.90 24.67 2.76
C PHE A 94 -8.47 25.47 3.91
N ASP A 95 -7.67 26.34 4.54
CA ASP A 95 -8.10 27.17 5.65
C ASP A 95 -8.31 28.59 5.16
N SER A 96 -7.50 29.02 4.18
CA SER A 96 -7.59 30.36 3.64
C SER A 96 -8.39 30.30 2.36
N LYS A 97 -9.70 30.58 2.45
CA LYS A 97 -10.56 30.61 1.28
C LYS A 97 -10.27 31.85 0.47
N LYS A 98 -9.95 32.97 1.11
CA LYS A 98 -9.67 34.22 0.47
C LYS A 98 -8.24 34.66 0.81
N PRO A 99 -7.30 34.54 -0.15
CA PRO A 99 -7.56 33.97 -1.48
C PRO A 99 -7.73 32.48 -1.44
N LYS A 100 -8.14 31.85 -2.54
CA LYS A 100 -8.36 30.41 -2.60
C LYS A 100 -7.42 29.80 -3.62
N GLU A 101 -6.68 28.78 -3.20
CA GLU A 101 -5.76 28.10 -4.09
C GLU A 101 -6.51 27.08 -4.94
N ASN A 102 -6.02 26.84 -6.14
CA ASN A 102 -6.50 25.80 -7.00
C ASN A 102 -6.55 24.44 -6.30
N PRO A 103 -7.61 23.68 -6.56
CA PRO A 103 -7.75 22.35 -6.00
C PRO A 103 -6.82 21.35 -6.67
N GLY A 104 -7.11 20.06 -6.46
CA GLY A 104 -6.35 19.00 -7.09
C GLY A 104 -7.25 17.85 -7.54
N PRO A 105 -6.74 17.05 -8.49
CA PRO A 105 -7.47 15.91 -9.02
C PRO A 105 -7.48 14.76 -8.02
N ALA A 106 -6.29 14.24 -7.70
CA ALA A 106 -6.18 13.17 -6.75
C ALA A 106 -6.55 13.64 -5.38
N ARG A 107 -7.36 12.84 -4.69
CA ARG A 107 -7.79 13.14 -3.34
C ARG A 107 -7.82 11.91 -2.49
N VAL A 108 -7.54 12.02 -1.21
CA VAL A 108 -7.59 10.91 -0.27
C VAL A 108 -9.00 10.69 0.23
N ILE A 109 -9.53 9.50 0.00
CA ILE A 109 -10.90 9.18 0.35
C ILE A 109 -10.84 8.29 1.56
N TYR A 110 -11.52 8.70 2.62
CA TYR A 110 -11.55 7.95 3.85
C TYR A 110 -12.92 8.02 4.49
N THR A 111 -13.17 7.13 5.43
CA THR A 111 -14.47 7.04 6.10
C THR A 111 -14.44 7.89 7.34
N TYR A 112 -15.61 8.20 7.89
CA TYR A 112 -15.73 9.01 9.06
C TYR A 112 -16.37 8.20 10.21
N PRO A 113 -16.05 8.56 11.47
CA PRO A 113 -15.07 9.59 11.76
C PRO A 113 -13.68 9.05 11.48
N ASN A 114 -13.36 7.90 12.05
CA ASN A 114 -12.07 7.28 11.88
C ASN A 114 -11.62 7.41 10.45
N LYS A 115 -10.58 8.19 10.16
CA LYS A 115 -10.07 8.42 8.82
C LYS A 115 -9.52 7.12 8.30
N VAL A 116 -10.37 6.13 8.03
CA VAL A 116 -10.01 4.82 7.57
C VAL A 116 -9.60 4.97 6.11
N PHE A 117 -8.53 5.71 5.86
CA PHE A 117 -7.99 5.96 4.57
C PHE A 117 -8.14 4.70 3.72
N CYS A 118 -8.78 4.84 2.57
CA CYS A 118 -8.94 3.75 1.66
C CYS A 118 -7.93 3.87 0.53
N GLY A 119 -7.70 5.11 0.08
CA GLY A 119 -6.79 5.39 -1.01
C GLY A 119 -7.08 6.72 -1.64
N ILE A 120 -6.62 6.90 -2.86
CA ILE A 120 -6.80 8.15 -3.56
C ILE A 120 -7.61 7.88 -4.79
N ILE A 121 -8.48 8.75 -5.24
CA ILE A 121 -9.27 8.58 -6.44
C ILE A 121 -8.78 9.54 -7.50
N ALA A 122 -9.05 9.26 -8.76
CA ALA A 122 -8.65 10.07 -9.88
C ALA A 122 -9.09 9.42 -11.17
N HIS A 123 -9.19 10.21 -12.23
CA HIS A 123 -9.62 9.74 -13.52
C HIS A 123 -8.42 9.31 -14.32
N THR A 124 -8.12 8.03 -14.30
CA THR A 124 -6.95 7.46 -14.96
C THR A 124 -7.38 6.78 -16.24
N LYS A 125 -8.27 7.44 -17.00
CA LYS A 125 -8.74 6.94 -18.28
C LYS A 125 -8.10 7.72 -19.42
N GLU A 126 -7.68 8.95 -19.17
CA GLU A 126 -7.03 9.78 -20.18
C GLU A 126 -6.55 11.09 -19.58
N ASN A 127 -7.48 11.98 -19.24
CA ASN A 127 -7.20 13.28 -18.71
C ASN A 127 -8.15 13.54 -17.56
N GLN A 128 -9.45 13.43 -17.83
CA GLN A 128 -10.49 13.67 -16.86
C GLN A 128 -11.81 13.08 -17.33
N GLY A 129 -11.95 11.77 -17.19
CA GLY A 129 -13.17 11.09 -17.60
C GLY A 129 -13.92 10.55 -16.40
N GLU A 130 -13.81 9.24 -16.18
CA GLU A 130 -14.49 8.60 -15.06
C GLU A 130 -13.58 8.55 -13.85
N LEU A 131 -14.16 8.63 -12.66
CA LEU A 131 -13.40 8.55 -11.43
C LEU A 131 -13.13 7.10 -11.04
N LYS A 132 -11.98 6.86 -10.45
CA LYS A 132 -11.53 5.52 -10.06
C LYS A 132 -10.52 5.62 -8.96
N LEU A 133 -10.16 4.50 -8.35
CA LEU A 133 -9.17 4.48 -7.28
C LEU A 133 -7.79 4.41 -7.91
N CYS A 134 -6.84 5.15 -7.34
CA CYS A 134 -5.45 5.20 -7.74
C CYS A 134 -4.87 3.80 -7.64
N SER A 135 -3.58 3.70 -7.85
CA SER A 135 -2.90 2.42 -7.78
C SER A 135 -1.42 2.66 -7.78
N HIS A 136 -0.75 2.20 -6.71
CA HIS A 136 0.70 2.31 -6.59
C HIS A 136 1.41 2.09 -7.95
N ALA A 1 4.51 5.29 3.55
CA ALA A 1 4.03 4.03 2.93
C ALA A 1 2.92 3.50 3.81
N VAL A 2 2.77 2.18 3.88
CA VAL A 2 1.76 1.52 4.70
C VAL A 2 2.08 0.03 4.72
N THR A 3 2.07 -0.55 5.91
CA THR A 3 2.31 -1.98 6.07
C THR A 3 1.01 -2.74 5.90
N TRP A 4 0.94 -3.58 4.88
CA TRP A 4 -0.24 -4.38 4.63
C TRP A 4 -0.20 -5.64 5.48
N THR A 5 -1.32 -6.05 6.02
CA THR A 5 -1.36 -7.22 6.91
C THR A 5 -2.55 -8.07 6.52
N CYS A 6 -2.32 -9.37 6.40
CA CYS A 6 -3.38 -10.30 6.06
C CYS A 6 -3.54 -11.32 7.19
N GLY A 7 -4.03 -10.86 8.34
CA GLY A 7 -4.23 -11.68 9.54
C GLY A 7 -3.17 -12.77 9.73
N GLY A 8 -2.06 -12.42 10.37
CA GLY A 8 -0.95 -13.35 10.55
C GLY A 8 0.37 -12.61 10.55
N LEU A 9 0.80 -12.16 9.37
CA LEU A 9 2.03 -11.40 9.23
C LEU A 9 1.76 -10.16 8.40
N LEU A 10 2.65 -9.18 8.54
CA LEU A 10 2.59 -7.94 7.80
C LEU A 10 3.59 -7.95 6.64
N TYR A 11 3.30 -7.17 5.61
CA TYR A 11 4.12 -7.08 4.42
C TYR A 11 4.30 -5.62 4.05
N ASN A 12 5.52 -5.12 4.26
CA ASN A 12 5.84 -3.75 3.91
C ASN A 12 5.52 -3.53 2.44
N GLN A 13 4.62 -2.58 2.15
CA GLN A 13 4.28 -2.29 0.77
C GLN A 13 5.49 -1.97 -0.06
N ASN A 14 6.39 -1.18 0.51
CA ASN A 14 7.63 -0.82 -0.16
C ASN A 14 8.37 -2.05 -0.69
N LYS A 15 8.14 -3.21 -0.07
CA LYS A 15 8.59 -4.51 -0.55
C LYS A 15 7.52 -5.25 -1.33
N ALA A 16 6.25 -5.11 -1.02
CA ALA A 16 5.20 -5.75 -1.81
C ALA A 16 5.28 -5.35 -3.30
N GLU A 17 5.59 -4.08 -3.57
CA GLU A 17 5.79 -3.59 -4.93
C GLU A 17 7.26 -3.78 -5.34
N SER A 18 8.23 -3.46 -4.47
CA SER A 18 9.65 -3.58 -4.80
C SER A 18 10.10 -5.02 -4.94
N ASN A 19 9.93 -5.83 -3.88
CA ASN A 19 10.13 -7.28 -3.97
C ASN A 19 9.51 -7.90 -5.22
N SER A 20 8.41 -7.31 -5.69
CA SER A 20 7.76 -7.73 -6.93
C SER A 20 8.38 -7.11 -8.17
N HIS A 21 8.89 -5.87 -8.07
CA HIS A 21 9.53 -5.14 -9.18
C HIS A 21 10.54 -6.05 -9.87
N HIS A 22 11.23 -6.88 -9.08
CA HIS A 22 12.21 -7.85 -9.54
C HIS A 22 11.53 -8.98 -10.29
N ALA A 23 10.46 -9.53 -9.68
CA ALA A 23 9.63 -10.58 -10.27
C ALA A 23 9.42 -10.32 -11.77
N PRO A 24 9.70 -11.32 -12.61
CA PRO A 24 9.58 -11.17 -14.05
C PRO A 24 8.12 -11.14 -14.42
N LEU A 25 7.71 -10.09 -15.11
CA LEU A 25 6.35 -9.92 -15.58
C LEU A 25 5.94 -11.03 -16.54
N SER A 26 5.31 -12.06 -15.98
CA SER A 26 4.95 -13.27 -16.72
C SER A 26 4.24 -14.25 -15.77
N ASP A 27 3.50 -15.18 -16.35
CA ASP A 27 2.79 -16.23 -15.62
C ASP A 27 3.59 -17.50 -15.67
N GLY A 28 4.06 -17.98 -14.51
CA GLY A 28 4.78 -19.24 -14.46
C GLY A 28 5.92 -19.31 -15.49
N LYS A 29 6.98 -18.55 -15.23
CA LYS A 29 8.16 -18.50 -16.11
C LYS A 29 9.45 -18.35 -15.34
N THR A 30 9.40 -18.73 -14.08
CA THR A 30 10.53 -18.59 -13.18
C THR A 30 10.89 -19.95 -12.65
N GLY A 31 12.14 -20.10 -12.21
CA GLY A 31 12.63 -21.36 -11.70
C GLY A 31 11.64 -22.04 -10.77
N SER A 32 11.17 -21.30 -9.77
CA SER A 32 10.11 -21.77 -8.87
C SER A 32 8.79 -21.89 -9.60
N SER A 33 8.11 -20.76 -9.79
CA SER A 33 6.81 -20.67 -10.45
C SER A 33 6.37 -19.22 -10.52
N TYR A 34 6.25 -18.60 -9.35
CA TYR A 34 5.77 -17.23 -9.22
C TYR A 34 6.71 -16.21 -9.92
N PRO A 35 6.13 -15.11 -10.43
CA PRO A 35 4.70 -14.82 -10.33
C PRO A 35 3.88 -15.68 -11.29
N HIS A 36 2.58 -15.64 -11.12
CA HIS A 36 1.67 -16.45 -11.93
C HIS A 36 0.43 -15.66 -12.24
N TRP A 37 -0.41 -16.15 -13.14
CA TRP A 37 -1.65 -15.46 -13.45
C TRP A 37 -2.60 -15.60 -12.27
N PHE A 38 -3.11 -14.44 -11.85
CA PHE A 38 -4.05 -14.31 -10.76
C PHE A 38 -5.43 -14.19 -11.41
N THR A 39 -5.97 -15.35 -11.75
CA THR A 39 -7.36 -15.49 -12.20
C THR A 39 -8.28 -14.59 -11.41
N ASN A 40 -7.98 -14.36 -10.12
CA ASN A 40 -8.81 -13.49 -9.27
C ASN A 40 -10.28 -13.94 -9.24
N GLY A 41 -10.49 -15.20 -9.61
CA GLY A 41 -11.81 -15.72 -9.82
C GLY A 41 -12.11 -16.01 -11.27
N TYR A 42 -11.76 -15.11 -12.20
CA TYR A 42 -12.01 -15.22 -13.64
C TYR A 42 -11.63 -16.60 -14.15
N ASP A 43 -12.31 -17.04 -15.20
CA ASP A 43 -12.01 -18.34 -15.81
C ASP A 43 -10.80 -18.25 -16.74
N GLY A 44 -10.71 -17.13 -17.47
CA GLY A 44 -9.65 -16.89 -18.44
C GLY A 44 -9.58 -15.42 -18.82
N ASP A 45 -10.50 -15.00 -19.68
CA ASP A 45 -10.57 -13.64 -20.19
C ASP A 45 -11.82 -12.93 -19.69
N GLY A 46 -12.99 -13.46 -20.09
CA GLY A 46 -14.30 -12.97 -19.70
C GLY A 46 -14.44 -12.94 -18.19
N LYS A 47 -15.67 -12.71 -17.72
CA LYS A 47 -15.94 -12.73 -16.29
C LYS A 47 -15.60 -14.10 -15.66
N LEU A 48 -16.02 -14.27 -14.43
CA LEU A 48 -15.75 -15.49 -13.71
C LEU A 48 -16.90 -16.47 -13.87
N PRO A 49 -16.76 -17.69 -13.30
CA PRO A 49 -17.80 -18.68 -13.36
C PRO A 49 -18.97 -18.28 -12.48
N LYS A 50 -20.14 -18.85 -12.79
CA LYS A 50 -21.35 -18.65 -12.00
C LYS A 50 -21.17 -19.22 -10.59
N GLY A 51 -20.82 -18.35 -9.66
CA GLY A 51 -20.55 -18.75 -8.27
C GLY A 51 -19.12 -18.42 -7.85
N ARG A 52 -18.62 -17.25 -8.27
CA ARG A 52 -17.31 -16.77 -7.87
C ARG A 52 -17.42 -15.43 -7.19
N THR A 53 -16.38 -15.10 -6.43
CA THR A 53 -16.29 -13.85 -5.70
C THR A 53 -14.89 -13.25 -5.86
N PRO A 54 -14.75 -12.27 -6.79
CA PRO A 54 -13.49 -11.57 -7.00
C PRO A 54 -13.18 -10.62 -5.86
N ILE A 55 -12.04 -9.95 -5.97
CA ILE A 55 -11.60 -9.02 -4.95
C ILE A 55 -11.76 -7.60 -5.50
N LYS A 56 -12.19 -6.70 -4.63
CA LYS A 56 -12.32 -5.29 -4.98
C LYS A 56 -11.08 -4.53 -4.54
N PHE A 57 -10.73 -3.52 -5.32
CA PHE A 57 -9.58 -2.65 -5.08
C PHE A 57 -9.99 -1.19 -5.14
N GLY A 58 -10.70 -0.81 -6.20
CA GLY A 58 -11.10 0.57 -6.47
C GLY A 58 -10.49 1.11 -7.76
N LYS A 59 -9.66 0.32 -8.43
CA LYS A 59 -9.06 0.71 -9.71
C LYS A 59 -9.85 0.09 -10.85
N SER A 60 -10.15 0.90 -11.86
CA SER A 60 -10.86 0.43 -13.06
C SER A 60 -9.97 -0.49 -13.91
N ASP A 61 -8.69 -0.63 -13.53
CA ASP A 61 -7.71 -1.43 -14.24
C ASP A 61 -7.75 -2.85 -13.70
N CYS A 62 -7.53 -2.98 -12.39
CA CYS A 62 -7.61 -4.27 -11.70
C CYS A 62 -9.04 -4.77 -11.65
N ASP A 63 -10.00 -3.86 -11.71
CA ASP A 63 -11.43 -4.21 -11.79
C ASP A 63 -11.76 -4.79 -13.15
N ARG A 64 -11.16 -4.25 -14.21
CA ARG A 64 -11.41 -4.74 -15.55
C ARG A 64 -11.12 -6.25 -15.67
N PRO A 65 -11.72 -6.88 -16.69
CA PRO A 65 -11.45 -8.30 -16.92
C PRO A 65 -10.03 -8.54 -17.47
N PRO A 66 -9.36 -9.61 -17.03
CA PRO A 66 -8.04 -9.97 -17.51
C PRO A 66 -8.09 -10.50 -18.93
N LYS A 67 -6.92 -10.69 -19.51
CA LYS A 67 -6.84 -11.23 -20.87
C LYS A 67 -5.78 -12.32 -20.92
N HIS A 68 -5.90 -13.33 -20.07
CA HIS A 68 -4.88 -14.41 -20.06
C HIS A 68 -5.13 -15.38 -21.23
N SER A 69 -4.08 -16.07 -21.66
CA SER A 69 -4.17 -17.05 -22.74
C SER A 69 -3.28 -18.24 -22.46
N LYS A 70 -3.03 -19.06 -23.48
CA LYS A 70 -2.13 -20.20 -23.34
C LYS A 70 -0.68 -19.77 -23.52
N ASP A 71 -0.15 -19.07 -22.53
CA ASP A 71 1.24 -18.58 -22.55
C ASP A 71 1.57 -17.84 -21.26
N GLY A 72 0.60 -17.03 -20.82
CA GLY A 72 0.75 -16.19 -19.64
C GLY A 72 0.61 -14.74 -19.99
N ASN A 73 1.33 -14.32 -21.02
CA ASN A 73 1.28 -12.96 -21.47
C ASN A 73 1.48 -12.97 -22.99
N GLY A 74 0.39 -13.17 -23.75
CA GLY A 74 0.46 -13.15 -25.20
C GLY A 74 0.69 -11.72 -25.73
N LYS A 75 -0.26 -11.22 -26.52
CA LYS A 75 -0.17 -9.86 -27.08
C LYS A 75 0.05 -8.80 -25.99
N THR A 76 -1.06 -8.32 -25.43
CA THR A 76 -0.99 -7.33 -24.34
C THR A 76 -1.72 -7.83 -23.11
N ASP A 77 -1.95 -9.15 -23.04
CA ASP A 77 -2.72 -9.81 -21.99
C ASP A 77 -2.53 -9.05 -20.70
N HIS A 78 -3.53 -8.30 -20.27
CA HIS A 78 -3.42 -7.45 -19.07
C HIS A 78 -3.82 -8.26 -17.84
N TYR A 79 -3.80 -9.58 -18.00
CA TYR A 79 -4.02 -10.54 -16.94
C TYR A 79 -3.32 -10.11 -15.65
N LEU A 80 -4.04 -10.24 -14.56
CA LEU A 80 -3.44 -9.94 -13.27
C LEU A 80 -2.51 -11.07 -12.85
N LEU A 81 -1.54 -10.77 -12.00
CA LEU A 81 -0.63 -11.77 -11.48
C LEU A 81 -0.34 -11.49 -10.01
N GLU A 82 -0.06 -12.56 -9.27
CA GLU A 82 0.23 -12.45 -7.85
C GLU A 82 1.66 -12.88 -7.56
N PHE A 83 2.18 -12.42 -6.43
CA PHE A 83 3.56 -12.73 -6.07
C PHE A 83 3.71 -13.01 -4.56
N PRO A 84 4.42 -14.10 -4.17
CA PRO A 84 4.55 -14.54 -2.79
C PRO A 84 5.40 -13.58 -2.00
N THR A 85 4.75 -12.55 -1.45
CA THR A 85 5.45 -11.55 -0.65
C THR A 85 5.63 -12.02 0.79
N PHE A 86 6.86 -11.93 1.28
CA PHE A 86 7.21 -12.36 2.64
C PHE A 86 7.20 -11.17 3.59
N PRO A 87 6.91 -11.44 4.87
CA PRO A 87 6.89 -10.41 5.88
C PRO A 87 8.27 -9.91 6.23
N ASP A 88 9.19 -10.84 6.48
CA ASP A 88 10.58 -10.56 6.83
C ASP A 88 11.12 -9.43 5.95
N GLY A 89 10.76 -9.52 4.67
CA GLY A 89 11.17 -8.55 3.67
C GLY A 89 12.42 -9.05 2.95
N HIS A 90 12.71 -10.35 3.02
CA HIS A 90 13.84 -10.91 2.29
C HIS A 90 13.41 -11.29 0.89
N ASP A 91 14.29 -11.19 -0.10
CA ASP A 91 13.98 -11.65 -1.48
C ASP A 91 13.76 -13.16 -1.53
N TYR A 92 12.77 -13.58 -2.32
CA TYR A 92 12.35 -14.98 -2.40
C TYR A 92 13.06 -15.60 -3.59
N LYS A 93 13.38 -16.88 -3.49
CA LYS A 93 13.97 -17.59 -4.63
C LYS A 93 12.87 -18.06 -5.57
N PHE A 94 12.24 -17.11 -6.24
CA PHE A 94 11.20 -17.40 -7.21
C PHE A 94 11.79 -17.72 -8.58
N ASP A 95 13.01 -17.26 -8.84
CA ASP A 95 13.72 -17.50 -10.10
C ASP A 95 14.57 -18.77 -10.01
N SER A 96 14.95 -19.14 -8.79
CA SER A 96 15.78 -20.32 -8.54
C SER A 96 14.86 -21.52 -8.43
N LYS A 97 14.90 -22.39 -9.45
CA LYS A 97 14.10 -23.61 -9.45
C LYS A 97 14.43 -24.49 -8.27
N LYS A 98 15.74 -24.69 -8.08
CA LYS A 98 16.28 -25.52 -7.03
C LYS A 98 17.52 -24.85 -6.40
N PRO A 99 17.53 -24.73 -5.06
CA PRO A 99 16.39 -25.09 -4.22
C PRO A 99 15.24 -24.11 -4.42
N LYS A 100 14.12 -24.38 -3.77
CA LYS A 100 12.92 -23.56 -3.82
C LYS A 100 12.30 -23.50 -2.43
N GLU A 101 12.14 -22.29 -1.92
CA GLU A 101 11.53 -22.08 -0.62
C GLU A 101 10.02 -21.96 -0.77
N ASN A 102 9.32 -22.13 0.35
CA ASN A 102 7.87 -22.00 0.38
C ASN A 102 7.41 -20.69 -0.27
N PRO A 103 6.17 -20.64 -0.78
CA PRO A 103 5.64 -19.43 -1.38
C PRO A 103 5.29 -18.38 -0.33
N GLY A 104 4.08 -18.45 0.18
CA GLY A 104 3.61 -17.51 1.18
C GLY A 104 2.10 -17.29 1.05
N PRO A 105 1.47 -16.78 2.12
CA PRO A 105 0.04 -16.51 2.13
C PRO A 105 -0.29 -15.24 1.36
N ALA A 106 0.05 -14.10 1.95
CA ALA A 106 -0.20 -12.83 1.30
C ALA A 106 0.59 -12.74 0.02
N ARG A 107 0.05 -11.97 -0.93
CA ARG A 107 0.66 -11.79 -2.24
C ARG A 107 0.28 -10.45 -2.83
N VAL A 108 1.23 -9.83 -3.52
CA VAL A 108 0.99 -8.55 -4.18
C VAL A 108 0.31 -8.77 -5.52
N ILE A 109 -0.83 -8.13 -5.70
CA ILE A 109 -1.60 -8.27 -6.94
C ILE A 109 -1.43 -7.03 -7.78
N TYR A 110 -1.34 -7.25 -9.10
CA TYR A 110 -1.15 -6.17 -10.05
C TYR A 110 -1.49 -6.60 -11.47
N THR A 111 -1.99 -5.65 -12.25
CA THR A 111 -2.37 -5.95 -13.63
C THR A 111 -1.14 -5.87 -14.52
N TYR A 112 -1.31 -6.32 -15.76
CA TYR A 112 -0.21 -6.27 -16.72
C TYR A 112 -0.51 -5.24 -17.85
N PRO A 113 0.55 -4.69 -18.48
CA PRO A 113 1.94 -4.90 -18.08
C PRO A 113 2.24 -4.13 -16.81
N ASN A 114 2.02 -2.82 -16.87
CA ASN A 114 2.23 -1.96 -15.73
C ASN A 114 1.66 -2.61 -14.48
N LYS A 115 2.51 -2.93 -13.51
CA LYS A 115 2.11 -3.58 -12.27
C LYS A 115 1.21 -2.63 -11.49
N VAL A 116 -0.06 -2.58 -11.90
CA VAL A 116 -1.06 -1.69 -11.34
C VAL A 116 -1.41 -2.25 -9.97
N PHE A 117 -0.50 -2.03 -9.02
CA PHE A 117 -0.59 -2.48 -7.65
C PHE A 117 -2.03 -2.36 -7.17
N CYS A 118 -2.71 -3.48 -7.09
CA CYS A 118 -4.11 -3.49 -6.68
C CYS A 118 -4.16 -3.48 -5.17
N GLY A 119 -3.32 -4.31 -4.55
CA GLY A 119 -3.24 -4.41 -3.11
C GLY A 119 -2.66 -5.76 -2.72
N ILE A 120 -3.10 -6.28 -1.60
CA ILE A 120 -2.56 -7.54 -1.08
C ILE A 120 -3.72 -8.44 -0.80
N ILE A 121 -3.58 -9.71 -1.11
CA ILE A 121 -4.67 -10.66 -0.89
C ILE A 121 -4.15 -11.85 -0.12
N ALA A 122 -5.02 -12.55 0.59
CA ALA A 122 -4.65 -13.73 1.35
C ALA A 122 -5.91 -14.36 1.94
N HIS A 123 -5.84 -15.67 2.17
CA HIS A 123 -6.96 -16.44 2.69
C HIS A 123 -6.89 -16.45 4.21
N THR A 124 -7.56 -15.49 4.85
CA THR A 124 -7.57 -15.38 6.33
C THR A 124 -8.83 -16.04 6.91
N LYS A 125 -9.17 -17.20 6.37
CA LYS A 125 -10.34 -17.94 6.86
C LYS A 125 -9.90 -19.12 7.71
N GLU A 126 -8.71 -19.65 7.44
CA GLU A 126 -8.15 -20.77 8.18
C GLU A 126 -6.70 -21.03 7.78
N ASN A 127 -6.49 -21.41 6.53
CA ASN A 127 -5.17 -21.67 5.95
C ASN A 127 -5.20 -21.45 4.44
N GLN A 128 -6.23 -22.02 3.81
CA GLN A 128 -6.38 -21.96 2.37
C GLN A 128 -7.84 -22.19 1.98
N GLY A 129 -8.67 -21.16 2.19
CA GLY A 129 -10.08 -21.25 1.84
C GLY A 129 -10.47 -20.11 0.92
N GLU A 130 -11.20 -19.14 1.46
CA GLU A 130 -11.63 -17.99 0.68
C GLU A 130 -10.52 -16.95 0.56
N LEU A 131 -10.43 -16.30 -0.60
CA LEU A 131 -9.43 -15.26 -0.81
C LEU A 131 -10.06 -13.88 -0.65
N LYS A 132 -9.33 -12.98 -0.01
CA LYS A 132 -9.78 -11.61 0.22
C LYS A 132 -8.60 -10.68 0.22
N LEU A 133 -8.87 -9.38 0.21
CA LEU A 133 -7.83 -8.37 0.25
C LEU A 133 -7.41 -8.12 1.70
N CYS A 134 -6.13 -7.79 1.90
CA CYS A 134 -5.60 -7.43 3.22
C CYS A 134 -6.22 -6.11 3.68
N SER A 135 -5.72 -5.60 4.80
CA SER A 135 -6.25 -4.37 5.38
C SER A 135 -5.08 -3.44 5.68
N HIS A 136 -4.80 -2.55 4.74
CA HIS A 136 -3.75 -1.55 4.89
C HIS A 136 -4.35 -0.20 5.29
N ALA A 1 4.50 5.26 3.58
CA ALA A 1 3.96 4.04 2.97
C ALA A 1 5.12 3.10 2.74
N VAL A 2 4.85 1.80 2.65
CA VAL A 2 5.86 0.76 2.39
C VAL A 2 6.88 1.25 1.35
N THR A 3 8.14 1.31 1.75
CA THR A 3 9.19 1.83 0.88
C THR A 3 9.70 0.69 0.03
N TRP A 4 9.43 0.76 -1.27
CA TRP A 4 9.88 -0.23 -2.23
C TRP A 4 11.35 -0.01 -2.54
N THR A 5 12.11 -1.07 -2.71
CA THR A 5 13.53 -0.97 -3.00
C THR A 5 13.88 -1.99 -4.03
N CYS A 6 14.67 -1.59 -5.01
CA CYS A 6 15.14 -2.48 -6.05
C CYS A 6 16.66 -2.61 -5.98
N GLY A 7 17.19 -3.09 -4.85
CA GLY A 7 18.63 -3.24 -4.62
C GLY A 7 19.45 -2.08 -5.19
N GLY A 8 19.35 -0.92 -4.53
CA GLY A 8 20.03 0.28 -5.00
C GLY A 8 19.54 1.50 -4.27
N LEU A 9 18.36 2.01 -4.62
CA LEU A 9 17.75 3.16 -3.97
C LEU A 9 16.34 2.80 -3.50
N LEU A 10 15.82 3.62 -2.59
CA LEU A 10 14.52 3.40 -1.99
C LEU A 10 13.47 4.10 -2.83
N TYR A 11 12.20 3.78 -2.63
CA TYR A 11 11.13 4.25 -3.49
C TYR A 11 9.85 4.22 -2.68
N ASN A 12 9.61 5.27 -1.90
CA ASN A 12 8.42 5.35 -1.10
C ASN A 12 7.23 5.15 -2.02
N GLN A 13 6.36 4.19 -1.69
CA GLN A 13 5.17 4.01 -2.50
C GLN A 13 4.28 5.24 -2.57
N ASN A 14 4.43 6.12 -1.58
CA ASN A 14 3.77 7.40 -1.59
C ASN A 14 4.19 8.32 -2.73
N LYS A 15 5.39 8.11 -3.26
CA LYS A 15 5.95 8.79 -4.40
C LYS A 15 5.85 7.93 -5.63
N ALA A 16 5.89 6.60 -5.58
CA ALA A 16 5.73 5.74 -6.74
C ALA A 16 4.44 6.02 -7.49
N GLU A 17 3.31 5.74 -6.84
CA GLU A 17 2.02 6.03 -7.41
C GLU A 17 1.88 7.52 -7.65
N SER A 18 2.28 8.37 -6.70
CA SER A 18 2.12 9.83 -6.81
C SER A 18 2.83 10.30 -8.05
N ASN A 19 4.07 9.88 -8.28
CA ASN A 19 4.80 10.17 -9.49
C ASN A 19 3.98 9.91 -10.74
N SER A 20 3.17 8.86 -10.72
CA SER A 20 2.20 8.55 -11.75
C SER A 20 0.92 9.35 -11.69
N HIS A 21 0.48 9.78 -10.50
CA HIS A 21 -0.69 10.61 -10.27
C HIS A 21 -0.62 11.87 -11.13
N HIS A 22 0.58 12.46 -11.25
CA HIS A 22 0.81 13.65 -12.04
C HIS A 22 1.00 13.28 -13.49
N ALA A 23 1.87 12.30 -13.76
CA ALA A 23 2.12 11.80 -15.09
C ALA A 23 0.82 11.64 -15.90
N PRO A 24 0.82 12.04 -17.18
CA PRO A 24 -0.38 11.99 -18.00
C PRO A 24 -0.67 10.55 -18.35
N LEU A 25 -1.87 10.10 -18.00
CA LEU A 25 -2.33 8.74 -18.29
C LEU A 25 -2.32 8.47 -19.78
N SER A 26 -1.32 7.73 -20.25
CA SER A 26 -1.12 7.46 -21.66
C SER A 26 0.10 6.58 -21.87
N ASP A 27 0.37 6.20 -23.12
CA ASP A 27 1.51 5.38 -23.49
C ASP A 27 2.47 6.25 -24.30
N GLY A 28 3.31 6.98 -23.59
CA GLY A 28 4.36 7.75 -24.22
C GLY A 28 3.76 8.91 -24.98
N LYS A 29 3.45 9.98 -24.26
CA LYS A 29 2.86 11.17 -24.87
C LYS A 29 3.25 12.44 -24.14
N THR A 30 4.49 12.49 -23.73
CA THR A 30 4.98 13.60 -22.91
C THR A 30 6.23 14.14 -23.55
N GLY A 31 6.50 15.43 -23.33
CA GLY A 31 7.67 16.08 -23.91
C GLY A 31 8.91 15.21 -23.83
N SER A 32 9.19 14.66 -22.65
CA SER A 32 10.27 13.71 -22.46
C SER A 32 9.99 12.40 -23.17
N SER A 33 9.14 11.56 -22.56
CA SER A 33 8.74 10.25 -23.08
C SER A 33 7.71 9.62 -22.16
N TYR A 34 8.13 9.29 -20.94
CA TYR A 34 7.35 8.63 -19.94
C TYR A 34 6.13 9.47 -19.52
N PRO A 35 5.03 8.82 -19.10
CA PRO A 35 4.98 7.37 -19.00
C PRO A 35 4.84 6.74 -20.36
N HIS A 36 5.17 5.46 -20.50
CA HIS A 36 5.08 4.73 -21.76
C HIS A 36 4.47 3.38 -21.50
N TRP A 37 4.04 2.67 -22.53
CA TRP A 37 3.52 1.33 -22.41
C TRP A 37 4.62 0.43 -21.88
N PHE A 38 4.19 -0.61 -21.19
CA PHE A 38 5.01 -1.53 -20.48
C PHE A 38 4.59 -2.88 -20.95
N THR A 39 5.06 -3.25 -22.14
CA THR A 39 4.89 -4.57 -22.73
C THR A 39 5.03 -5.64 -21.66
N ASN A 40 5.90 -5.46 -20.67
CA ASN A 40 6.06 -6.40 -19.55
C ASN A 40 6.40 -7.80 -20.09
N GLY A 41 6.87 -7.86 -21.33
CA GLY A 41 7.01 -9.09 -22.04
C GLY A 41 6.02 -9.31 -23.16
N TYR A 42 4.74 -8.96 -22.98
CA TYR A 42 3.70 -9.04 -23.99
C TYR A 42 4.14 -8.48 -25.33
N ASP A 43 3.53 -8.97 -26.40
CA ASP A 43 3.85 -8.45 -27.74
C ASP A 43 3.11 -7.16 -28.03
N GLY A 44 1.87 -7.06 -27.56
CA GLY A 44 0.99 -5.92 -27.77
C GLY A 44 -0.31 -6.08 -27.00
N ASP A 45 -1.09 -7.09 -27.36
CA ASP A 45 -2.37 -7.35 -26.73
C ASP A 45 -2.38 -8.70 -26.04
N GLY A 46 -2.32 -9.77 -26.86
CA GLY A 46 -2.30 -11.14 -26.40
C GLY A 46 -1.12 -11.37 -25.45
N LYS A 47 -0.92 -12.62 -25.06
CA LYS A 47 0.23 -12.99 -24.27
C LYS A 47 1.58 -12.60 -24.93
N LEU A 48 2.65 -13.02 -24.29
CA LEU A 48 3.96 -12.73 -24.80
C LEU A 48 4.34 -13.69 -25.92
N PRO A 49 5.37 -13.33 -26.71
CA PRO A 49 5.84 -14.17 -27.78
C PRO A 49 6.54 -15.39 -27.22
N LYS A 50 6.66 -16.44 -28.05
CA LYS A 50 7.36 -17.68 -27.69
C LYS A 50 8.76 -17.37 -27.15
N GLY A 51 8.89 -17.37 -25.83
CA GLY A 51 10.13 -16.98 -25.18
C GLY A 51 10.05 -15.59 -24.56
N ARG A 52 9.56 -15.53 -23.32
CA ARG A 52 9.51 -14.31 -22.52
C ARG A 52 9.22 -14.61 -21.06
N THR A 53 9.45 -13.62 -20.21
CA THR A 53 9.26 -13.78 -18.76
C THR A 53 8.60 -12.53 -18.19
N PRO A 54 7.25 -12.56 -18.04
CA PRO A 54 6.52 -11.44 -17.51
C PRO A 54 6.76 -11.29 -16.01
N ILE A 55 6.77 -10.05 -15.54
CA ILE A 55 7.01 -9.75 -14.14
C ILE A 55 5.75 -10.11 -13.36
N LYS A 56 5.88 -11.02 -12.41
CA LYS A 56 4.76 -11.41 -11.56
C LYS A 56 4.61 -10.37 -10.45
N PHE A 57 3.37 -9.98 -10.20
CA PHE A 57 3.00 -9.03 -9.17
C PHE A 57 2.17 -9.69 -8.08
N GLY A 58 1.11 -10.39 -8.51
CA GLY A 58 0.15 -11.00 -7.61
C GLY A 58 -1.27 -10.49 -7.82
N LYS A 59 -1.47 -9.53 -8.72
CA LYS A 59 -2.78 -9.00 -9.05
C LYS A 59 -3.23 -9.58 -10.35
N SER A 60 -4.46 -10.10 -10.38
CA SER A 60 -5.06 -10.62 -11.61
C SER A 60 -5.24 -9.52 -12.65
N ASP A 61 -5.10 -8.25 -12.27
CA ASP A 61 -5.21 -7.09 -13.15
C ASP A 61 -3.89 -6.80 -13.82
N CYS A 62 -2.81 -6.77 -13.03
CA CYS A 62 -1.46 -6.62 -13.54
C CYS A 62 -0.94 -7.90 -14.19
N ASP A 63 -1.65 -9.00 -14.02
CA ASP A 63 -1.34 -10.29 -14.61
C ASP A 63 -2.09 -10.45 -15.91
N ARG A 64 -3.36 -10.01 -15.98
CA ARG A 64 -4.14 -10.12 -17.20
C ARG A 64 -3.38 -9.62 -18.43
N PRO A 65 -3.80 -10.06 -19.61
CA PRO A 65 -3.21 -9.56 -20.84
C PRO A 65 -3.60 -8.09 -21.15
N PRO A 66 -2.64 -7.23 -21.51
CA PRO A 66 -2.89 -5.85 -21.85
C PRO A 66 -3.61 -5.75 -23.18
N LYS A 67 -4.05 -4.54 -23.50
CA LYS A 67 -4.71 -4.28 -24.76
C LYS A 67 -3.99 -3.15 -25.48
N HIS A 68 -2.68 -3.22 -25.68
CA HIS A 68 -2.01 -2.13 -26.39
C HIS A 68 -2.20 -2.25 -27.90
N SER A 69 -1.98 -1.16 -28.63
CA SER A 69 -2.03 -1.17 -30.08
C SER A 69 -1.54 0.16 -30.61
N LYS A 70 -1.83 0.44 -31.87
CA LYS A 70 -1.57 1.74 -32.48
C LYS A 70 -2.49 2.84 -31.96
N ASP A 71 -2.55 3.01 -30.65
CA ASP A 71 -3.40 3.99 -30.00
C ASP A 71 -3.11 3.89 -28.52
N GLY A 72 -1.96 4.39 -28.05
CA GLY A 72 -1.55 4.40 -26.65
C GLY A 72 -2.65 4.02 -25.68
N ASN A 73 -3.63 4.90 -25.52
CA ASN A 73 -4.91 4.63 -24.89
C ASN A 73 -6.11 4.91 -25.82
N GLY A 74 -6.42 4.01 -26.75
CA GLY A 74 -7.53 4.20 -27.66
C GLY A 74 -8.87 4.08 -26.94
N LYS A 75 -9.48 2.91 -27.04
CA LYS A 75 -10.73 2.65 -26.32
C LYS A 75 -10.49 2.51 -24.82
N THR A 76 -10.50 1.28 -24.35
CA THR A 76 -10.26 0.97 -22.94
C THR A 76 -8.95 0.24 -22.76
N ASP A 77 -8.09 0.24 -23.79
CA ASP A 77 -6.82 -0.45 -23.79
C ASP A 77 -6.19 -0.51 -22.40
N HIS A 78 -6.31 -1.64 -21.71
CA HIS A 78 -5.89 -1.75 -20.31
C HIS A 78 -4.42 -2.12 -20.28
N TYR A 79 -3.64 -1.45 -21.11
CA TYR A 79 -2.23 -1.67 -21.26
C TYR A 79 -1.48 -1.17 -20.02
N LEU A 80 -0.54 -1.98 -19.53
CA LEU A 80 0.27 -1.56 -18.41
C LEU A 80 1.23 -0.48 -18.86
N LEU A 81 1.44 0.55 -18.08
CA LEU A 81 2.40 1.60 -18.38
C LEU A 81 3.25 1.81 -17.13
N GLU A 82 4.52 2.05 -17.35
CA GLU A 82 5.44 2.37 -16.30
C GLU A 82 5.79 3.85 -16.27
N PHE A 83 6.42 4.29 -15.18
CA PHE A 83 6.83 5.67 -15.06
C PHE A 83 8.03 5.87 -14.12
N PRO A 84 8.99 6.75 -14.46
CA PRO A 84 10.22 6.95 -13.71
C PRO A 84 9.94 7.72 -12.44
N THR A 85 9.75 6.98 -11.35
CA THR A 85 9.46 7.51 -10.02
C THR A 85 10.69 7.56 -9.14
N PHE A 86 11.20 8.77 -8.95
CA PHE A 86 12.38 8.96 -8.14
C PHE A 86 12.02 9.01 -6.65
N PRO A 87 13.02 8.77 -5.79
CA PRO A 87 12.82 8.82 -4.35
C PRO A 87 12.77 10.21 -3.82
N ASP A 88 13.56 11.14 -4.39
CA ASP A 88 13.57 12.57 -4.03
C ASP A 88 12.14 13.10 -3.93
N GLY A 89 11.26 12.53 -4.73
CA GLY A 89 9.86 12.86 -4.74
C GLY A 89 9.59 14.09 -5.55
N HIS A 90 10.56 14.42 -6.40
CA HIS A 90 10.45 15.57 -7.29
C HIS A 90 9.65 15.14 -8.52
N ASP A 91 8.80 16.03 -8.99
CA ASP A 91 8.04 15.83 -10.20
C ASP A 91 8.98 15.96 -11.38
N TYR A 92 9.65 14.86 -11.75
CA TYR A 92 10.60 14.83 -12.85
C TYR A 92 10.09 15.64 -14.04
N LYS A 93 10.98 16.18 -14.84
CA LYS A 93 10.56 16.91 -16.02
C LYS A 93 10.23 15.94 -17.15
N PHE A 94 9.20 15.13 -16.95
CA PHE A 94 8.73 14.17 -17.92
C PHE A 94 7.83 14.84 -18.95
N ASP A 95 7.40 16.08 -18.70
CA ASP A 95 6.54 16.84 -19.59
C ASP A 95 7.37 17.80 -20.45
N SER A 96 8.48 18.28 -19.89
CA SER A 96 9.35 19.17 -20.62
C SER A 96 10.24 18.37 -21.55
N LYS A 97 9.98 18.49 -22.86
CA LYS A 97 10.77 17.81 -23.88
C LYS A 97 12.23 18.21 -23.79
N LYS A 98 12.44 19.53 -23.72
CA LYS A 98 13.75 20.13 -23.71
C LYS A 98 13.80 21.27 -22.68
N PRO A 99 14.76 21.22 -21.76
CA PRO A 99 15.71 20.11 -21.66
C PRO A 99 15.01 18.85 -21.12
N LYS A 100 15.74 17.74 -21.09
CA LYS A 100 15.27 16.47 -20.59
C LYS A 100 16.35 15.83 -19.73
N GLU A 101 15.95 15.41 -18.54
CA GLU A 101 16.87 14.73 -17.65
C GLU A 101 17.07 13.26 -18.03
N ASN A 102 17.88 12.56 -17.23
CA ASN A 102 18.01 11.12 -17.38
C ASN A 102 16.82 10.33 -16.82
N PRO A 103 16.54 9.13 -17.36
CA PRO A 103 15.50 8.27 -16.84
C PRO A 103 15.86 7.67 -15.47
N GLY A 104 15.10 6.65 -15.07
CA GLY A 104 15.36 5.92 -13.84
C GLY A 104 15.37 4.41 -14.03
N PRO A 105 16.01 3.67 -13.13
CA PRO A 105 16.05 2.22 -13.20
C PRO A 105 14.73 1.60 -12.75
N ALA A 106 14.16 2.14 -11.67
CA ALA A 106 12.88 1.71 -11.16
C ALA A 106 11.78 2.56 -11.73
N ARG A 107 10.62 1.94 -11.96
CA ARG A 107 9.44 2.62 -12.46
C ARG A 107 8.19 2.05 -11.89
N VAL A 108 7.14 2.84 -11.72
CA VAL A 108 5.85 2.39 -11.20
C VAL A 108 5.01 1.79 -12.31
N ILE A 109 4.80 0.48 -12.27
CA ILE A 109 4.10 -0.23 -13.33
C ILE A 109 2.68 -0.33 -12.90
N TYR A 110 1.74 0.14 -13.70
CA TYR A 110 0.33 0.09 -13.36
C TYR A 110 -0.47 -0.11 -14.62
N THR A 111 -1.65 -0.68 -14.48
CA THR A 111 -2.54 -0.94 -15.61
C THR A 111 -3.46 0.24 -15.81
N TYR A 112 -4.10 0.31 -16.97
CA TYR A 112 -5.03 1.38 -17.25
C TYR A 112 -6.48 0.85 -17.30
N PRO A 113 -7.48 1.73 -17.07
CA PRO A 113 -7.26 3.08 -16.59
C PRO A 113 -6.86 3.09 -15.15
N ASN A 114 -7.62 2.39 -14.31
CA ASN A 114 -7.36 2.26 -12.90
C ASN A 114 -5.90 1.95 -12.70
N LYS A 115 -5.12 2.90 -12.15
CA LYS A 115 -3.69 2.78 -11.92
C LYS A 115 -3.47 1.73 -10.86
N VAL A 116 -3.75 0.47 -11.18
CA VAL A 116 -3.65 -0.67 -10.29
C VAL A 116 -2.17 -0.93 -10.15
N PHE A 117 -1.48 -0.06 -9.42
CA PHE A 117 -0.06 -0.13 -9.15
C PHE A 117 0.33 -1.58 -8.89
N CYS A 118 1.18 -2.10 -9.75
CA CYS A 118 1.64 -3.46 -9.69
C CYS A 118 2.89 -3.50 -8.83
N GLY A 119 3.82 -2.56 -9.08
CA GLY A 119 5.06 -2.49 -8.35
C GLY A 119 6.14 -1.79 -9.16
N ILE A 120 7.35 -1.83 -8.64
CA ILE A 120 8.46 -1.18 -9.28
C ILE A 120 9.36 -2.25 -9.82
N ILE A 121 9.75 -2.18 -11.07
CA ILE A 121 10.61 -3.20 -11.64
C ILE A 121 12.02 -2.64 -11.71
N ALA A 122 13.04 -3.49 -11.73
CA ALA A 122 14.43 -3.10 -11.88
C ALA A 122 15.31 -4.36 -11.97
N HIS A 123 16.49 -4.20 -12.55
CA HIS A 123 17.42 -5.28 -12.75
C HIS A 123 18.32 -5.39 -11.54
N THR A 124 17.97 -6.24 -10.59
CA THR A 124 18.76 -6.44 -9.36
C THR A 124 19.68 -7.66 -9.46
N LYS A 125 20.24 -7.85 -10.66
CA LYS A 125 21.16 -8.95 -10.90
C LYS A 125 22.60 -8.47 -10.92
N GLU A 126 22.83 -7.22 -11.30
CA GLU A 126 24.15 -6.63 -11.32
C GLU A 126 24.06 -5.13 -11.62
N ASN A 127 23.65 -4.80 -12.85
CA ASN A 127 23.50 -3.43 -13.31
C ASN A 127 22.49 -3.36 -14.45
N GLN A 128 22.61 -4.29 -15.39
CA GLN A 128 21.76 -4.39 -16.55
C GLN A 128 21.72 -5.86 -17.03
N GLY A 129 20.92 -6.68 -16.36
CA GLY A 129 20.77 -8.07 -16.78
C GLY A 129 19.31 -8.42 -16.89
N GLU A 130 18.82 -9.18 -15.93
CA GLU A 130 17.42 -9.59 -15.91
C GLU A 130 16.56 -8.58 -15.19
N LEU A 131 15.30 -8.45 -15.57
CA LEU A 131 14.37 -7.55 -14.92
C LEU A 131 13.44 -8.32 -13.99
N LYS A 132 13.06 -7.72 -12.87
CA LYS A 132 12.17 -8.29 -11.87
C LYS A 132 11.48 -7.17 -11.12
N LEU A 133 10.49 -7.54 -10.31
CA LEU A 133 9.79 -6.59 -9.48
C LEU A 133 10.59 -6.39 -8.20
N CYS A 134 10.53 -5.17 -7.66
CA CYS A 134 11.14 -4.77 -6.41
C CYS A 134 10.59 -5.61 -5.26
N SER A 135 11.04 -5.31 -4.05
CA SER A 135 10.60 -6.09 -2.90
C SER A 135 10.93 -5.28 -1.67
N HIS A 136 9.88 -4.77 -1.02
CA HIS A 136 10.03 -4.07 0.25
C HIS A 136 10.09 -5.07 1.43
N ALA A 1 4.50 5.31 3.58
CA ALA A 1 3.97 4.06 2.98
C ALA A 1 4.99 3.52 2.00
N VAL A 2 6.06 2.91 2.53
CA VAL A 2 7.10 2.31 1.69
C VAL A 2 6.49 1.12 0.96
N THR A 3 6.86 0.97 -0.31
CA THR A 3 6.32 -0.05 -1.19
C THR A 3 7.32 -1.22 -1.25
N TRP A 4 6.91 -2.41 -0.83
CA TRP A 4 7.80 -3.55 -0.70
C TRP A 4 7.97 -4.20 -2.05
N THR A 5 9.17 -4.59 -2.41
CA THR A 5 9.45 -5.16 -3.72
C THR A 5 10.17 -6.47 -3.53
N CYS A 6 9.69 -7.49 -4.23
CA CYS A 6 10.29 -8.80 -4.22
C CYS A 6 10.72 -9.27 -5.61
N GLY A 7 11.72 -8.56 -6.17
CA GLY A 7 12.23 -8.81 -7.52
C GLY A 7 11.11 -9.06 -8.54
N GLY A 8 10.19 -8.10 -8.66
CA GLY A 8 9.02 -8.22 -9.52
C GLY A 8 8.31 -6.88 -9.66
N LEU A 9 7.38 -6.59 -8.75
CA LEU A 9 6.63 -5.34 -8.69
C LEU A 9 6.63 -4.81 -7.27
N LEU A 10 6.24 -3.54 -7.14
CA LEU A 10 6.16 -2.83 -5.87
C LEU A 10 4.75 -2.98 -5.27
N TYR A 11 4.65 -3.71 -4.18
CA TYR A 11 3.50 -4.07 -3.36
C TYR A 11 3.31 -3.01 -2.30
N ASN A 12 2.23 -2.23 -2.41
CA ASN A 12 1.90 -1.24 -1.40
C ASN A 12 1.83 -1.93 -0.05
N GLN A 13 2.63 -1.50 0.93
CA GLN A 13 2.52 -2.13 2.25
C GLN A 13 1.11 -2.08 2.82
N ASN A 14 0.48 -0.92 2.78
CA ASN A 14 -0.92 -0.83 3.18
C ASN A 14 -1.83 -1.88 2.53
N LYS A 15 -1.62 -2.24 1.27
CA LYS A 15 -2.21 -3.41 0.62
C LYS A 15 -1.65 -4.73 1.10
N ALA A 16 -0.37 -4.91 1.33
CA ALA A 16 0.11 -6.13 1.93
C ALA A 16 -0.60 -6.48 3.23
N GLU A 17 -0.75 -5.55 4.16
CA GLU A 17 -1.56 -5.76 5.36
C GLU A 17 -3.07 -5.72 5.04
N SER A 18 -3.57 -4.72 4.29
CA SER A 18 -5.01 -4.49 3.99
C SER A 18 -5.59 -5.59 3.14
N ASN A 19 -5.03 -5.88 1.95
CA ASN A 19 -5.36 -7.05 1.15
C ASN A 19 -5.55 -8.29 2.02
N SER A 20 -4.65 -8.55 2.97
CA SER A 20 -4.70 -9.61 3.98
C SER A 20 -5.66 -9.39 5.15
N HIS A 21 -5.96 -8.16 5.58
CA HIS A 21 -6.90 -7.77 6.65
C HIS A 21 -8.28 -8.37 6.41
N HIS A 22 -8.68 -8.45 5.14
CA HIS A 22 -9.90 -9.08 4.65
C HIS A 22 -9.81 -10.60 4.65
N ALA A 23 -8.66 -11.14 4.22
CA ALA A 23 -8.29 -12.54 4.20
C ALA A 23 -8.62 -13.24 5.54
N PRO A 24 -9.34 -14.37 5.53
CA PRO A 24 -9.79 -15.03 6.73
C PRO A 24 -8.61 -15.58 7.52
N LEU A 25 -8.75 -15.57 8.85
CA LEU A 25 -7.70 -16.07 9.73
C LEU A 25 -7.72 -17.61 9.82
N SER A 26 -6.90 -18.26 9.01
CA SER A 26 -6.84 -19.71 8.86
C SER A 26 -5.78 -20.10 7.83
N ASP A 27 -5.45 -21.39 7.77
CA ASP A 27 -4.53 -22.00 6.81
C ASP A 27 -5.33 -22.86 5.85
N GLY A 28 -5.30 -22.51 4.57
CA GLY A 28 -5.87 -23.37 3.53
C GLY A 28 -7.33 -23.70 3.79
N LYS A 29 -8.17 -22.65 3.80
CA LYS A 29 -9.61 -22.70 4.11
C LYS A 29 -10.47 -21.72 3.34
N THR A 30 -9.94 -21.24 2.23
CA THR A 30 -10.58 -20.31 1.32
C THR A 30 -10.73 -20.98 -0.03
N GLY A 31 -11.66 -20.45 -0.83
CA GLY A 31 -11.98 -21.02 -2.14
C GLY A 31 -10.82 -21.27 -3.06
N SER A 32 -10.04 -20.23 -3.28
CA SER A 32 -8.79 -20.37 -3.99
C SER A 32 -7.78 -21.26 -3.25
N SER A 33 -7.35 -20.88 -2.02
CA SER A 33 -6.42 -21.53 -1.04
C SER A 33 -5.81 -20.61 0.01
N TYR A 34 -5.41 -19.42 -0.43
CA TYR A 34 -4.76 -18.39 0.37
C TYR A 34 -5.74 -17.58 1.26
N PRO A 35 -5.34 -17.12 2.46
CA PRO A 35 -4.06 -17.34 3.08
C PRO A 35 -3.93 -18.77 3.55
N HIS A 36 -2.69 -19.13 3.78
CA HIS A 36 -2.26 -20.46 4.18
C HIS A 36 -1.18 -20.31 5.24
N TRP A 37 -0.75 -21.40 5.81
CA TRP A 37 0.37 -21.43 6.73
C TRP A 37 1.67 -21.32 5.98
N PHE A 38 2.52 -20.52 6.60
CA PHE A 38 3.85 -20.17 6.27
C PHE A 38 4.70 -20.90 7.29
N THR A 39 5.09 -22.10 6.87
CA THR A 39 6.16 -22.91 7.47
C THR A 39 7.37 -22.08 7.83
N ASN A 40 7.72 -21.08 7.03
CA ASN A 40 8.88 -20.20 7.30
C ASN A 40 10.18 -20.99 7.39
N GLY A 41 10.21 -22.22 6.89
CA GLY A 41 11.26 -23.15 7.17
C GLY A 41 10.87 -24.30 8.12
N TYR A 42 10.13 -24.05 9.22
CA TYR A 42 9.62 -25.00 10.23
C TYR A 42 8.99 -26.23 9.57
N ASP A 43 8.96 -27.35 10.28
CA ASP A 43 8.34 -28.59 9.77
C ASP A 43 6.82 -28.64 9.94
N GLY A 44 6.34 -28.05 11.04
CA GLY A 44 4.93 -28.04 11.46
C GLY A 44 4.69 -27.20 12.72
N ASP A 45 5.21 -27.66 13.86
CA ASP A 45 5.07 -27.09 15.21
C ASP A 45 6.37 -26.67 15.85
N GLY A 46 7.22 -27.68 16.06
CA GLY A 46 8.56 -27.55 16.61
C GLY A 46 9.45 -26.75 15.70
N LYS A 47 10.75 -26.77 15.98
CA LYS A 47 11.72 -26.13 15.08
C LYS A 47 11.69 -26.72 13.65
N LEU A 48 12.65 -26.28 12.86
CA LEU A 48 12.79 -26.65 11.48
C LEU A 48 13.61 -27.94 11.31
N PRO A 49 13.65 -28.51 10.10
CA PRO A 49 14.45 -29.69 9.86
C PRO A 49 15.93 -29.37 10.09
N LYS A 50 16.75 -30.42 10.21
CA LYS A 50 18.22 -30.33 10.23
C LYS A 50 18.74 -29.68 8.94
N GLY A 51 19.10 -28.41 9.01
CA GLY A 51 19.55 -27.62 7.86
C GLY A 51 18.40 -26.85 7.24
N ARG A 52 18.03 -25.74 7.86
CA ARG A 52 17.08 -24.78 7.33
C ARG A 52 17.42 -23.38 7.83
N THR A 53 17.02 -22.39 7.05
CA THR A 53 17.15 -20.97 7.37
C THR A 53 15.77 -20.30 7.29
N PRO A 54 15.10 -20.05 8.43
CA PRO A 54 13.87 -19.30 8.49
C PRO A 54 14.11 -17.84 8.16
N ILE A 55 13.11 -17.21 7.57
CA ILE A 55 13.12 -15.79 7.27
C ILE A 55 13.24 -15.06 8.62
N LYS A 56 14.33 -14.31 8.79
CA LYS A 56 14.52 -13.46 9.96
C LYS A 56 13.86 -12.11 9.72
N PHE A 57 13.10 -11.67 10.71
CA PHE A 57 12.38 -10.38 10.76
C PHE A 57 12.90 -9.46 11.87
N GLY A 58 13.29 -10.05 13.01
CA GLY A 58 13.69 -9.34 14.25
C GLY A 58 12.60 -9.30 15.31
N LYS A 59 11.44 -9.89 15.03
CA LYS A 59 10.34 -10.02 15.97
C LYS A 59 10.30 -11.40 16.58
N SER A 60 10.11 -11.45 17.90
CA SER A 60 9.99 -12.70 18.67
C SER A 60 8.69 -13.45 18.38
N ASP A 61 7.74 -12.87 17.64
CA ASP A 61 6.47 -13.46 17.19
C ASP A 61 6.71 -14.25 15.92
N CYS A 62 7.33 -13.61 14.92
CA CYS A 62 7.64 -14.23 13.62
C CYS A 62 8.87 -15.15 13.65
N ASP A 63 9.66 -15.03 14.71
CA ASP A 63 10.74 -15.94 15.11
C ASP A 63 10.23 -17.11 15.96
N ARG A 64 9.16 -16.92 16.75
CA ARG A 64 8.63 -18.02 17.56
C ARG A 64 8.28 -19.27 16.75
N PRO A 65 8.31 -20.45 17.38
CA PRO A 65 7.86 -21.65 16.71
C PRO A 65 6.32 -21.61 16.45
N PRO A 66 5.82 -22.02 15.27
CA PRO A 66 4.41 -22.11 14.94
C PRO A 66 3.68 -23.20 15.73
N LYS A 67 2.34 -23.30 15.58
CA LYS A 67 1.56 -24.35 16.28
C LYS A 67 0.54 -25.09 15.42
N HIS A 68 0.93 -25.44 14.19
CA HIS A 68 0.12 -26.10 13.17
C HIS A 68 -0.42 -27.44 13.59
N SER A 69 -1.54 -27.81 13.01
CA SER A 69 -2.16 -29.10 13.32
C SER A 69 -2.90 -29.65 12.12
N LYS A 70 -3.63 -30.74 12.30
CA LYS A 70 -4.50 -31.27 11.27
C LYS A 70 -5.82 -30.48 11.17
N ASP A 71 -5.78 -29.24 10.69
CA ASP A 71 -6.98 -28.36 10.55
C ASP A 71 -6.66 -27.10 9.75
N GLY A 72 -5.53 -26.51 10.12
CA GLY A 72 -5.01 -25.29 9.56
C GLY A 72 -4.57 -24.39 10.67
N ASN A 73 -5.50 -23.88 11.48
CA ASN A 73 -5.38 -22.92 12.60
C ASN A 73 -5.56 -23.57 13.99
N GLY A 74 -5.87 -24.87 13.97
CA GLY A 74 -6.16 -25.74 15.08
C GLY A 74 -6.91 -25.06 16.22
N LYS A 75 -6.31 -25.09 17.42
CA LYS A 75 -6.74 -24.27 18.55
C LYS A 75 -6.48 -22.78 18.41
N THR A 76 -5.24 -22.37 18.65
CA THR A 76 -4.81 -20.98 18.56
C THR A 76 -3.67 -20.79 17.61
N ASP A 77 -3.34 -21.82 16.81
CA ASP A 77 -2.17 -21.91 15.93
C ASP A 77 -1.51 -20.58 15.64
N HIS A 78 -0.50 -20.27 16.42
CA HIS A 78 0.13 -18.94 16.35
C HIS A 78 1.21 -18.82 15.27
N TYR A 79 1.24 -19.82 14.41
CA TYR A 79 1.99 -19.87 13.18
C TYR A 79 1.90 -18.61 12.37
N LEU A 80 2.84 -18.51 11.46
CA LEU A 80 2.75 -17.47 10.49
C LEU A 80 1.84 -17.89 9.36
N LEU A 81 1.17 -16.95 8.70
CA LEU A 81 0.37 -17.21 7.51
C LEU A 81 0.71 -16.18 6.46
N GLU A 82 0.98 -16.67 5.25
CA GLU A 82 1.26 -15.85 4.11
C GLU A 82 0.01 -15.58 3.27
N PHE A 83 0.01 -14.47 2.52
CA PHE A 83 -1.12 -14.11 1.67
C PHE A 83 -0.72 -13.33 0.40
N PRO A 84 -1.13 -13.74 -0.83
CA PRO A 84 -0.76 -13.15 -2.10
C PRO A 84 -1.44 -11.81 -2.27
N THR A 85 -0.70 -10.78 -1.88
CA THR A 85 -1.11 -9.40 -1.96
C THR A 85 -0.60 -8.78 -3.25
N PHE A 86 -1.54 -8.41 -4.12
CA PHE A 86 -1.23 -7.78 -5.40
C PHE A 86 -1.01 -6.26 -5.24
N PRO A 87 -0.23 -5.62 -6.14
CA PRO A 87 0.00 -4.19 -6.11
C PRO A 87 -1.17 -3.32 -6.54
N ASP A 88 -1.98 -3.79 -7.52
CA ASP A 88 -3.23 -3.19 -8.04
C ASP A 88 -4.20 -2.86 -6.90
N GLY A 89 -4.11 -3.67 -5.85
CA GLY A 89 -4.89 -3.51 -4.64
C GLY A 89 -6.27 -4.08 -4.70
N HIS A 90 -6.50 -4.85 -5.76
CA HIS A 90 -7.68 -5.63 -5.94
C HIS A 90 -7.71 -6.64 -4.78
N ASP A 91 -8.85 -6.76 -4.11
CA ASP A 91 -9.24 -7.93 -3.33
C ASP A 91 -9.18 -9.11 -4.30
N TYR A 92 -8.09 -9.86 -4.22
CA TYR A 92 -7.87 -11.13 -4.85
C TYR A 92 -9.09 -12.00 -4.58
N LYS A 93 -9.56 -12.71 -5.60
CA LYS A 93 -10.60 -13.71 -5.41
C LYS A 93 -10.05 -14.99 -4.76
N PHE A 94 -9.50 -14.84 -3.56
CA PHE A 94 -9.05 -15.93 -2.71
C PHE A 94 -10.20 -16.71 -2.11
N ASP A 95 -11.35 -16.09 -1.87
CA ASP A 95 -12.60 -16.71 -1.38
C ASP A 95 -13.30 -17.51 -2.48
N SER A 96 -13.29 -16.99 -3.70
CA SER A 96 -13.99 -17.61 -4.82
C SER A 96 -13.18 -18.79 -5.32
N LYS A 97 -13.65 -20.01 -5.06
CA LYS A 97 -12.95 -21.23 -5.52
C LYS A 97 -12.82 -21.33 -7.02
N LYS A 98 -13.91 -20.95 -7.69
CA LYS A 98 -14.03 -20.92 -9.14
C LYS A 98 -14.91 -19.75 -9.60
N PRO A 99 -14.44 -18.96 -10.58
CA PRO A 99 -13.08 -18.99 -11.09
C PRO A 99 -12.10 -18.49 -10.02
N LYS A 100 -10.83 -18.76 -10.25
CA LYS A 100 -9.71 -18.34 -9.41
C LYS A 100 -8.74 -17.56 -10.28
N GLU A 101 -8.05 -16.60 -9.70
CA GLU A 101 -6.92 -15.94 -10.35
C GLU A 101 -5.61 -16.60 -9.91
N ASN A 102 -4.51 -16.22 -10.55
CA ASN A 102 -3.12 -16.50 -10.18
C ASN A 102 -2.86 -16.21 -8.69
N PRO A 103 -1.90 -16.88 -8.06
CA PRO A 103 -1.53 -16.64 -6.68
C PRO A 103 -0.77 -15.34 -6.51
N GLY A 104 0.54 -15.35 -6.71
CA GLY A 104 1.36 -14.17 -6.55
C GLY A 104 2.67 -14.53 -5.85
N PRO A 105 3.79 -13.86 -6.18
CA PRO A 105 5.09 -14.11 -5.60
C PRO A 105 5.22 -13.50 -4.20
N ALA A 106 5.21 -12.17 -4.11
CA ALA A 106 5.25 -11.47 -2.84
C ALA A 106 3.95 -11.65 -2.07
N ARG A 107 4.13 -11.98 -0.80
CA ARG A 107 3.06 -12.25 0.13
C ARG A 107 3.35 -11.61 1.46
N VAL A 108 2.31 -11.26 2.21
CA VAL A 108 2.39 -10.71 3.57
C VAL A 108 2.43 -11.83 4.57
N ILE A 109 3.52 -11.92 5.30
CA ILE A 109 3.73 -12.98 6.28
C ILE A 109 3.52 -12.30 7.61
N TYR A 110 2.49 -12.75 8.29
CA TYR A 110 2.16 -12.27 9.60
C TYR A 110 2.04 -13.45 10.53
N THR A 111 2.22 -13.22 11.81
CA THR A 111 2.08 -14.21 12.87
C THR A 111 0.64 -14.39 13.29
N TYR A 112 0.32 -15.43 14.03
CA TYR A 112 -1.05 -15.57 14.50
C TYR A 112 -1.17 -15.35 16.03
N PRO A 113 -2.36 -15.01 16.57
CA PRO A 113 -3.50 -14.40 15.86
C PRO A 113 -3.27 -12.96 15.42
N ASN A 114 -2.65 -12.17 16.31
CA ASN A 114 -2.14 -10.82 16.04
C ASN A 114 -1.29 -10.86 14.78
N LYS A 115 -1.83 -10.32 13.68
CA LYS A 115 -1.22 -10.18 12.36
C LYS A 115 -0.06 -9.18 12.47
N VAL A 116 0.96 -9.57 13.22
CA VAL A 116 2.22 -8.88 13.45
C VAL A 116 2.95 -9.07 12.14
N PHE A 117 2.68 -8.15 11.23
CA PHE A 117 3.22 -7.97 9.90
C PHE A 117 4.74 -8.11 9.97
N CYS A 118 5.25 -9.24 9.53
CA CYS A 118 6.68 -9.51 9.61
C CYS A 118 7.41 -8.81 8.48
N GLY A 119 6.80 -8.90 7.31
CA GLY A 119 7.31 -8.35 6.09
C GLY A 119 6.66 -9.02 4.92
N ILE A 120 7.40 -9.01 3.82
CA ILE A 120 6.92 -9.59 2.60
C ILE A 120 7.96 -10.62 2.21
N ILE A 121 7.60 -11.71 1.58
CA ILE A 121 8.51 -12.75 1.15
C ILE A 121 8.15 -13.18 -0.26
N ALA A 122 9.12 -13.65 -1.02
CA ALA A 122 8.87 -14.18 -2.36
C ALA A 122 10.08 -14.94 -2.87
N HIS A 123 9.85 -15.80 -3.86
CA HIS A 123 10.88 -16.63 -4.43
C HIS A 123 11.57 -15.92 -5.60
N THR A 124 12.64 -15.19 -5.35
CA THR A 124 13.39 -14.43 -6.40
C THR A 124 14.54 -15.22 -7.00
N LYS A 125 14.35 -16.54 -7.10
CA LYS A 125 15.35 -17.45 -7.67
C LYS A 125 15.10 -17.73 -9.14
N GLU A 126 13.83 -17.75 -9.54
CA GLU A 126 13.37 -18.04 -10.90
C GLU A 126 11.85 -17.76 -11.01
N ASN A 127 11.05 -18.69 -10.52
CA ASN A 127 9.59 -18.75 -10.53
C ASN A 127 9.05 -19.01 -9.11
N GLN A 128 9.49 -20.13 -8.54
CA GLN A 128 9.08 -20.64 -7.25
C GLN A 128 10.09 -21.67 -6.68
N GLY A 129 11.23 -21.17 -6.21
CA GLY A 129 12.27 -22.01 -5.60
C GLY A 129 12.59 -21.57 -4.18
N GLU A 130 13.76 -20.95 -3.99
CA GLU A 130 14.19 -20.42 -2.69
C GLU A 130 13.29 -19.30 -2.20
N LEU A 131 13.21 -19.07 -0.89
CA LEU A 131 12.37 -18.07 -0.27
C LEU A 131 13.20 -17.15 0.61
N LYS A 132 12.93 -15.87 0.47
CA LYS A 132 13.64 -14.80 1.18
C LYS A 132 12.67 -13.67 1.44
N LEU A 133 13.10 -12.76 2.31
CA LEU A 133 12.39 -11.53 2.62
C LEU A 133 12.63 -10.52 1.49
N CYS A 134 11.61 -9.76 1.14
CA CYS A 134 11.65 -8.61 0.25
C CYS A 134 12.37 -7.45 0.91
N SER A 135 12.50 -6.38 0.14
CA SER A 135 13.20 -5.18 0.58
C SER A 135 12.41 -4.02 -0.01
N HIS A 136 11.58 -3.41 0.85
CA HIS A 136 10.99 -2.10 0.56
C HIS A 136 11.99 -0.96 0.48
N ALA A 1 4.49 5.24 3.52
CA ALA A 1 4.00 4.01 2.91
C ALA A 1 3.86 2.96 4.00
N VAL A 2 4.91 2.17 4.22
CA VAL A 2 4.92 1.10 5.21
C VAL A 2 4.45 1.65 6.54
N THR A 3 3.60 0.91 7.21
CA THR A 3 3.08 1.31 8.50
C THR A 3 4.05 0.92 9.59
N TRP A 4 4.64 1.92 10.24
CA TRP A 4 5.51 1.73 11.36
C TRP A 4 4.71 1.50 12.62
N THR A 5 5.17 0.56 13.43
CA THR A 5 4.48 0.18 14.66
C THR A 5 5.39 0.41 15.83
N CYS A 6 4.96 1.27 16.75
CA CYS A 6 5.72 1.55 17.95
C CYS A 6 5.10 0.90 19.16
N GLY A 7 4.83 -0.41 19.05
CA GLY A 7 4.16 -1.18 20.10
C GLY A 7 2.95 -0.46 20.66
N GLY A 8 2.09 0.06 19.79
CA GLY A 8 0.92 0.81 20.22
C GLY A 8 -0.10 0.90 19.11
N LEU A 9 0.11 1.83 18.19
CA LEU A 9 -0.76 1.99 17.03
C LEU A 9 0.06 1.97 15.75
N LEU A 10 -0.62 1.78 14.63
CA LEU A 10 0.03 1.72 13.35
C LEU A 10 0.19 3.13 12.81
N TYR A 11 1.37 3.45 12.29
CA TYR A 11 1.73 4.77 11.83
C TYR A 11 2.16 4.72 10.39
N ASN A 12 1.37 5.26 9.47
CA ASN A 12 1.73 5.24 8.07
C ASN A 12 2.95 6.09 7.88
N GLN A 13 4.06 5.51 7.39
CA GLN A 13 5.27 6.26 7.18
C GLN A 13 5.01 7.54 6.42
N ASN A 14 4.16 7.48 5.39
CA ASN A 14 3.78 8.66 4.66
C ASN A 14 3.35 9.77 5.59
N LYS A 15 2.50 9.51 6.57
CA LYS A 15 2.18 10.45 7.62
C LYS A 15 3.34 10.72 8.55
N ALA A 16 4.20 9.77 8.85
CA ALA A 16 5.41 10.01 9.60
C ALA A 16 6.31 11.08 8.98
N GLU A 17 6.51 11.02 7.67
CA GLU A 17 7.32 11.97 6.94
C GLU A 17 6.45 13.15 6.57
N SER A 18 5.20 12.97 6.20
CA SER A 18 4.28 13.99 5.74
C SER A 18 3.88 14.83 6.92
N ASN A 19 3.25 14.26 7.94
CA ASN A 19 2.95 14.95 9.18
C ASN A 19 4.09 15.84 9.65
N SER A 20 5.32 15.38 9.42
CA SER A 20 6.51 16.14 9.69
C SER A 20 6.87 17.15 8.60
N HIS A 21 6.69 16.81 7.32
CA HIS A 21 6.94 17.63 6.17
C HIS A 21 6.41 19.04 6.43
N HIS A 22 5.25 19.13 7.08
CA HIS A 22 4.66 20.38 7.48
C HIS A 22 5.39 21.01 8.64
N ALA A 23 5.63 20.22 9.70
CA ALA A 23 6.41 20.62 10.85
C ALA A 23 7.59 21.53 10.46
N PRO A 24 7.73 22.67 11.15
CA PRO A 24 8.76 23.63 10.85
C PRO A 24 10.10 23.10 11.29
N LEU A 25 11.06 23.03 10.36
CA LEU A 25 12.40 22.56 10.64
C LEU A 25 13.08 23.43 11.67
N SER A 26 13.01 23.00 12.93
CA SER A 26 13.54 23.75 14.05
C SER A 26 13.28 23.01 15.35
N ASP A 27 13.84 23.52 16.44
CA ASP A 27 13.69 22.95 17.76
C ASP A 27 12.82 23.85 18.62
N GLY A 28 11.69 23.33 19.09
CA GLY A 28 10.83 24.12 19.96
C GLY A 28 10.62 25.53 19.42
N LYS A 29 9.98 25.64 18.25
CA LYS A 29 9.69 26.92 17.64
C LYS A 29 8.23 27.05 17.28
N THR A 30 7.44 26.09 17.73
CA THR A 30 6.03 25.99 17.37
C THR A 30 5.22 26.20 18.63
N GLY A 31 3.99 26.70 18.48
CA GLY A 31 3.10 26.94 19.60
C GLY A 31 3.17 25.85 20.65
N SER A 32 2.87 24.61 20.24
CA SER A 32 2.99 23.48 21.13
C SER A 32 4.41 23.28 21.57
N SER A 33 5.32 22.98 20.63
CA SER A 33 6.74 22.77 20.88
C SER A 33 7.34 22.00 19.72
N TYR A 34 6.80 20.81 19.45
CA TYR A 34 7.24 19.95 18.39
C TYR A 34 7.21 20.63 17.00
N PRO A 35 8.17 20.29 16.12
CA PRO A 35 9.24 19.37 16.44
C PRO A 35 10.27 20.01 17.36
N HIS A 36 11.08 19.16 17.97
CA HIS A 36 12.09 19.60 18.92
C HIS A 36 13.39 18.87 18.69
N TRP A 37 14.45 19.21 19.41
CA TRP A 37 15.73 18.55 19.25
C TRP A 37 15.65 17.18 19.91
N PHE A 38 16.08 16.17 19.18
CA PHE A 38 16.08 14.79 19.57
C PHE A 38 17.49 14.44 19.96
N THR A 39 17.88 14.87 21.16
CA THR A 39 19.16 14.55 21.76
C THR A 39 19.56 13.12 21.46
N ASN A 40 18.60 12.20 21.35
CA ASN A 40 18.84 10.81 21.02
C ASN A 40 19.72 10.18 22.10
N GLY A 41 19.87 10.86 23.23
CA GLY A 41 20.75 10.45 24.27
C GLY A 41 21.87 11.45 24.49
N TYR A 42 22.41 12.03 23.40
CA TYR A 42 23.51 12.98 23.45
C TYR A 42 23.22 14.07 24.46
N ASP A 43 24.27 14.70 24.96
CA ASP A 43 24.10 15.80 25.89
C ASP A 43 23.82 17.10 25.16
N GLY A 44 24.53 17.31 24.03
CA GLY A 44 24.40 18.50 23.22
C GLY A 44 24.96 18.29 21.83
N ASP A 45 26.29 18.31 21.74
CA ASP A 45 26.99 18.13 20.48
C ASP A 45 27.79 16.86 20.48
N GLY A 46 28.80 16.80 21.37
CA GLY A 46 29.67 15.64 21.56
C GLY A 46 28.85 14.39 21.86
N LYS A 47 29.53 13.33 22.28
CA LYS A 47 28.86 12.11 22.67
C LYS A 47 27.81 12.36 23.78
N LEU A 48 27.39 11.30 24.41
CA LEU A 48 26.42 11.38 25.46
C LEU A 48 27.07 11.17 26.82
N PRO A 49 26.28 11.27 27.89
CA PRO A 49 26.79 11.06 29.24
C PRO A 49 27.07 9.58 29.51
N LYS A 50 27.58 9.30 30.71
CA LYS A 50 27.86 7.96 31.14
C LYS A 50 26.59 7.32 31.70
N GLY A 51 25.95 6.47 30.90
CA GLY A 51 24.73 5.78 31.30
C GLY A 51 23.56 6.16 30.41
N ARG A 52 23.66 5.79 29.13
CA ARG A 52 22.60 6.06 28.16
C ARG A 52 22.64 5.04 27.05
N THR A 53 21.69 5.12 26.13
CA THR A 53 21.68 4.29 24.94
C THR A 53 20.92 4.95 23.80
N PRO A 54 21.64 5.44 22.77
CA PRO A 54 21.01 6.07 21.63
C PRO A 54 20.29 5.05 20.75
N ILE A 55 19.58 5.55 19.73
CA ILE A 55 18.84 4.72 18.82
C ILE A 55 19.70 4.44 17.60
N LYS A 56 19.77 3.17 17.19
CA LYS A 56 20.52 2.77 16.03
C LYS A 56 19.58 2.60 14.85
N PHE A 57 19.99 3.10 13.69
CA PHE A 57 19.21 3.04 12.48
C PHE A 57 19.98 2.32 11.39
N GLY A 58 21.21 2.78 11.14
CA GLY A 58 22.07 2.25 10.11
C GLY A 58 22.57 3.34 9.17
N LYS A 59 22.07 4.57 9.33
CA LYS A 59 22.50 5.70 8.53
C LYS A 59 23.64 6.39 9.21
N SER A 60 24.70 6.67 8.46
CA SER A 60 25.84 7.40 8.98
C SER A 60 25.49 8.84 9.31
N ASP A 61 24.28 9.29 8.94
CA ASP A 61 23.78 10.62 9.18
C ASP A 61 23.09 10.66 10.53
N CYS A 62 22.07 9.81 10.70
CA CYS A 62 21.35 9.72 11.96
C CYS A 62 22.24 9.10 13.03
N ASP A 63 23.30 8.39 12.61
CA ASP A 63 24.28 7.80 13.51
C ASP A 63 25.25 8.85 14.00
N ARG A 64 25.69 9.73 13.06
CA ARG A 64 26.62 10.78 13.41
C ARG A 64 26.13 11.55 14.64
N PRO A 65 27.07 12.24 15.30
CA PRO A 65 26.73 13.13 16.39
C PRO A 65 26.02 14.42 15.96
N PRO A 66 24.97 14.83 16.68
CA PRO A 66 24.24 16.04 16.39
C PRO A 66 25.05 17.28 16.74
N LYS A 67 24.55 18.43 16.32
CA LYS A 67 25.20 19.70 16.61
C LYS A 67 24.21 20.67 17.20
N HIS A 68 23.49 20.30 18.26
CA HIS A 68 22.53 21.24 18.84
C HIS A 68 23.23 22.30 19.68
N SER A 69 22.51 23.36 20.03
CA SER A 69 23.02 24.42 20.87
C SER A 69 21.89 25.18 21.53
N LYS A 70 22.16 26.35 22.09
CA LYS A 70 21.16 27.18 22.69
C LYS A 70 20.47 28.06 21.64
N ASP A 71 19.60 27.46 20.84
CA ASP A 71 18.85 28.15 19.80
C ASP A 71 17.89 27.17 19.12
N GLY A 72 18.42 25.99 18.80
CA GLY A 72 17.68 24.98 18.09
C GLY A 72 18.36 24.59 16.82
N ASN A 73 18.74 25.53 15.99
CA ASN A 73 19.44 25.25 14.76
C ASN A 73 20.32 26.44 14.43
N GLY A 74 21.50 26.51 15.04
CA GLY A 74 22.42 27.62 14.80
C GLY A 74 22.88 27.66 13.36
N LYS A 75 24.18 27.45 13.12
CA LYS A 75 24.70 27.44 11.77
C LYS A 75 24.05 26.32 10.95
N THR A 76 24.74 25.20 10.84
CA THR A 76 24.25 24.05 10.10
C THR A 76 23.87 22.93 11.04
N ASP A 77 23.72 23.23 12.33
CA ASP A 77 23.40 22.27 13.37
C ASP A 77 22.60 21.14 12.82
N HIS A 78 23.21 19.97 12.60
CA HIS A 78 22.54 18.83 12.01
C HIS A 78 21.83 18.03 13.08
N TYR A 79 21.68 18.63 14.26
CA TYR A 79 20.91 18.11 15.35
C TYR A 79 19.65 17.36 14.91
N LEU A 80 19.45 16.18 15.48
CA LEU A 80 18.27 15.40 15.14
C LEU A 80 17.06 16.03 15.79
N LEU A 81 15.87 15.83 15.24
CA LEU A 81 14.64 16.34 15.80
C LEU A 81 13.54 15.32 15.61
N GLU A 82 12.65 15.23 16.59
CA GLU A 82 11.54 14.31 16.56
C GLU A 82 10.23 15.05 16.37
N PHE A 83 9.19 14.30 15.98
CA PHE A 83 7.89 14.88 15.76
C PHE A 83 6.77 13.89 16.03
N PRO A 84 5.79 14.24 16.87
CA PRO A 84 4.68 13.37 17.20
C PRO A 84 3.71 13.27 16.04
N THR A 85 3.81 12.14 15.33
CA THR A 85 2.97 11.86 14.19
C THR A 85 1.85 10.91 14.57
N PHE A 86 0.62 11.38 14.50
CA PHE A 86 -0.53 10.57 14.81
C PHE A 86 -0.95 9.69 13.62
N PRO A 87 -1.73 8.63 13.90
CA PRO A 87 -2.22 7.73 12.89
C PRO A 87 -3.35 8.30 12.09
N ASP A 88 -4.30 8.98 12.78
CA ASP A 88 -5.44 9.63 12.16
C ASP A 88 -5.00 10.42 10.93
N GLY A 89 -3.76 10.92 10.97
CA GLY A 89 -3.15 11.63 9.89
C GLY A 89 -3.44 13.09 10.01
N HIS A 90 -4.26 13.47 11.01
CA HIS A 90 -4.61 14.84 11.26
C HIS A 90 -3.34 15.61 11.59
N ASP A 91 -3.12 16.71 10.90
CA ASP A 91 -1.99 17.59 11.14
C ASP A 91 -2.09 18.12 12.56
N TYR A 92 -1.44 17.44 13.51
CA TYR A 92 -1.43 17.82 14.90
C TYR A 92 -1.36 19.33 15.04
N LYS A 93 -2.04 19.90 16.02
CA LYS A 93 -1.98 21.33 16.27
C LYS A 93 -0.69 21.68 17.00
N PHE A 94 0.45 21.42 16.37
CA PHE A 94 1.74 21.74 16.90
C PHE A 94 2.09 23.18 16.67
N ASP A 95 1.29 23.92 15.92
CA ASP A 95 1.50 25.34 15.64
C ASP A 95 0.65 26.19 16.57
N SER A 96 -0.53 25.68 16.93
CA SER A 96 -1.45 26.38 17.79
C SER A 96 -1.03 26.19 19.23
N LYS A 97 -0.48 27.24 19.84
CA LYS A 97 -0.05 27.19 21.23
C LYS A 97 -1.23 26.85 22.11
N LYS A 98 -2.34 27.55 21.92
CA LYS A 98 -3.53 27.42 22.70
C LYS A 98 -4.78 27.58 21.80
N PRO A 99 -5.70 26.61 21.89
CA PRO A 99 -5.53 25.43 22.72
C PRO A 99 -4.47 24.48 22.13
N LYS A 100 -4.18 23.40 22.85
CA LYS A 100 -3.24 22.38 22.39
C LYS A 100 -3.76 21.00 22.74
N GLU A 101 -3.44 20.03 21.89
CA GLU A 101 -3.86 18.67 22.13
C GLU A 101 -2.72 17.85 22.72
N ASN A 102 -3.06 16.69 23.27
CA ASN A 102 -2.07 15.80 23.81
C ASN A 102 -1.02 15.43 22.76
N PRO A 103 0.21 15.09 23.19
CA PRO A 103 1.26 14.66 22.29
C PRO A 103 1.02 13.24 21.79
N GLY A 104 2.06 12.63 21.22
CA GLY A 104 1.99 11.27 20.73
C GLY A 104 3.17 10.43 21.18
N PRO A 105 3.03 9.10 21.19
CA PRO A 105 4.09 8.20 21.58
C PRO A 105 5.13 8.11 20.48
N ALA A 106 4.72 7.58 19.33
CA ALA A 106 5.61 7.44 18.20
C ALA A 106 5.94 8.79 17.61
N ARG A 107 7.19 8.95 17.19
CA ARG A 107 7.67 10.18 16.60
C ARG A 107 8.64 9.91 15.48
N VAL A 108 8.60 10.74 14.44
CA VAL A 108 9.50 10.61 13.31
C VAL A 108 10.82 11.28 13.60
N ILE A 109 11.90 10.54 13.47
CA ILE A 109 13.23 11.05 13.74
C ILE A 109 13.94 11.33 12.45
N TYR A 110 14.69 12.42 12.39
CA TYR A 110 15.40 12.83 11.21
C TYR A 110 16.45 13.88 11.53
N THR A 111 17.50 13.90 10.72
CA THR A 111 18.60 14.83 10.94
C THR A 111 18.31 16.12 10.20
N TYR A 112 19.07 17.16 10.50
CA TYR A 112 18.91 18.44 9.86
C TYR A 112 20.13 18.75 8.96
N PRO A 113 19.92 19.59 7.92
CA PRO A 113 18.61 20.10 7.56
C PRO A 113 17.82 19.01 6.90
N ASN A 114 18.37 18.41 5.84
CA ASN A 114 17.72 17.36 5.12
C ASN A 114 17.11 16.37 6.08
N LYS A 115 15.78 16.25 6.12
CA LYS A 115 15.08 15.37 7.03
C LYS A 115 15.46 13.95 6.71
N VAL A 116 16.63 13.51 7.16
CA VAL A 116 17.18 12.21 6.88
C VAL A 116 16.38 11.22 7.69
N PHE A 117 15.13 10.98 7.32
CA PHE A 117 14.21 10.09 7.98
C PHE A 117 14.94 8.87 8.51
N CYS A 118 15.16 8.83 9.82
CA CYS A 118 15.88 7.75 10.44
C CYS A 118 14.90 6.61 10.65
N GLY A 119 13.70 6.94 11.15
CA GLY A 119 12.67 5.98 11.41
C GLY A 119 11.69 6.51 12.42
N ILE A 120 11.17 5.61 13.26
CA ILE A 120 10.15 5.98 14.22
C ILE A 120 10.61 5.51 15.56
N ILE A 121 10.30 6.24 16.62
CA ILE A 121 10.75 5.89 17.95
C ILE A 121 9.60 6.10 18.90
N ALA A 122 9.57 5.35 20.00
CA ALA A 122 8.50 5.43 20.97
C ALA A 122 8.73 4.42 22.07
N HIS A 123 8.67 4.86 23.31
CA HIS A 123 8.86 4.01 24.46
C HIS A 123 7.54 3.40 24.89
N THR A 124 7.27 2.20 24.43
CA THR A 124 6.04 1.50 24.77
C THR A 124 6.25 0.50 25.90
N LYS A 125 7.18 0.83 26.79
CA LYS A 125 7.48 -0.05 27.90
C LYS A 125 6.52 0.19 29.04
N GLU A 126 6.25 1.46 29.36
CA GLU A 126 5.32 1.86 30.41
C GLU A 126 5.42 3.36 30.68
N ASN A 127 6.42 3.76 31.47
CA ASN A 127 6.65 5.12 31.86
C ASN A 127 8.09 5.31 32.32
N GLN A 128 9.01 4.52 31.77
CA GLN A 128 10.41 4.57 32.15
C GLN A 128 11.24 3.70 31.22
N GLY A 129 11.72 4.30 30.14
CA GLY A 129 12.54 3.58 29.20
C GLY A 129 12.66 4.40 27.97
N GLU A 130 13.80 5.04 27.71
CA GLU A 130 14.05 5.84 26.51
C GLU A 130 13.41 5.24 25.26
N LEU A 131 12.98 6.12 24.36
CA LEU A 131 12.27 5.70 23.18
C LEU A 131 13.14 4.72 22.40
N LYS A 132 12.50 3.79 21.73
CA LYS A 132 13.18 2.75 20.99
C LYS A 132 12.72 2.79 19.56
N LEU A 133 13.60 2.40 18.64
CA LEU A 133 13.27 2.39 17.22
C LEU A 133 12.10 1.43 16.99
N CYS A 134 11.06 1.92 16.32
CA CYS A 134 9.90 1.15 15.95
C CYS A 134 10.28 0.09 14.93
N SER A 135 9.28 -0.61 14.42
CA SER A 135 9.52 -1.65 13.45
C SER A 135 8.32 -1.78 12.55
N HIS A 136 8.41 -1.22 11.35
CA HIS A 136 7.37 -1.36 10.35
C HIS A 136 7.22 -2.79 9.83
N ALA A 1 4.49 5.29 3.55
CA ALA A 1 4.02 4.02 2.94
C ALA A 1 2.67 3.68 3.53
N VAL A 2 2.20 2.46 3.35
CA VAL A 2 0.96 1.97 3.91
C VAL A 2 1.24 0.78 4.82
N THR A 3 0.60 0.78 5.98
CA THR A 3 0.79 -0.23 7.01
C THR A 3 -0.19 -1.34 6.77
N TRP A 4 0.30 -2.53 6.46
CA TRP A 4 -0.54 -3.69 6.21
C TRP A 4 -1.03 -4.29 7.52
N THR A 5 -2.27 -4.75 7.58
CA THR A 5 -2.81 -5.29 8.83
C THR A 5 -3.64 -6.50 8.50
N CYS A 6 -3.56 -7.51 9.35
CA CYS A 6 -4.33 -8.72 9.20
C CYS A 6 -5.25 -8.94 10.39
N GLY A 7 -4.69 -9.46 11.50
CA GLY A 7 -5.43 -9.74 12.72
C GLY A 7 -5.75 -8.44 13.46
N GLY A 8 -4.84 -8.00 14.30
CA GLY A 8 -4.99 -6.75 15.06
C GLY A 8 -3.66 -6.03 15.21
N LEU A 9 -2.63 -6.44 14.45
CA LEU A 9 -1.31 -5.83 14.48
C LEU A 9 -1.03 -5.17 13.15
N LEU A 10 -0.15 -4.17 13.17
CA LEU A 10 0.17 -3.37 12.00
C LEU A 10 1.56 -3.77 11.50
N TYR A 11 1.69 -3.97 10.21
CA TYR A 11 2.85 -4.55 9.55
C TYR A 11 3.30 -3.55 8.50
N ASN A 12 4.20 -2.65 8.88
CA ASN A 12 4.69 -1.68 7.92
C ASN A 12 5.20 -2.41 6.70
N GLN A 13 4.67 -2.15 5.51
CA GLN A 13 5.13 -2.84 4.31
C GLN A 13 6.62 -2.75 4.17
N ASN A 14 7.18 -1.54 4.26
CA ASN A 14 8.61 -1.32 4.17
C ASN A 14 9.35 -2.25 5.11
N LYS A 15 8.83 -2.56 6.31
CA LYS A 15 9.31 -3.64 7.17
C LYS A 15 8.98 -5.04 6.69
N ALA A 16 7.76 -5.40 6.35
CA ALA A 16 7.43 -6.66 5.73
C ALA A 16 8.33 -7.02 4.57
N GLU A 17 8.79 -6.05 3.77
CA GLU A 17 9.79 -6.21 2.73
C GLU A 17 11.20 -6.02 3.30
N SER A 18 11.49 -5.08 4.18
CA SER A 18 12.85 -4.76 4.64
C SER A 18 13.27 -5.81 5.62
N ASN A 19 12.56 -6.01 6.72
CA ASN A 19 12.75 -7.16 7.56
C ASN A 19 12.85 -8.51 6.81
N SER A 20 12.14 -8.64 5.69
CA SER A 20 12.29 -9.81 4.84
C SER A 20 13.46 -9.74 3.87
N HIS A 21 13.94 -8.56 3.50
CA HIS A 21 15.06 -8.32 2.60
C HIS A 21 16.28 -9.03 3.15
N HIS A 22 16.44 -9.03 4.47
CA HIS A 22 17.53 -9.68 5.16
C HIS A 22 17.37 -11.18 5.09
N ALA A 23 16.13 -11.68 5.33
CA ALA A 23 15.76 -13.06 5.23
C ALA A 23 16.43 -13.75 4.01
N PRO A 24 17.15 -14.86 4.22
CA PRO A 24 17.88 -15.51 3.17
C PRO A 24 16.87 -16.19 2.26
N LEU A 25 16.92 -15.85 0.97
CA LEU A 25 16.06 -16.42 -0.06
C LEU A 25 16.23 -17.90 -0.20
N SER A 26 15.48 -18.67 0.59
CA SER A 26 15.63 -20.12 0.74
C SER A 26 14.52 -20.67 1.60
N ASP A 27 14.10 -21.90 1.36
CA ASP A 27 13.09 -22.59 2.16
C ASP A 27 13.74 -23.29 3.33
N GLY A 28 13.47 -22.85 4.55
CA GLY A 28 14.03 -23.53 5.70
C GLY A 28 15.55 -23.65 5.62
N LYS A 29 16.23 -22.53 5.80
CA LYS A 29 17.71 -22.49 5.79
C LYS A 29 18.27 -21.56 6.83
N THR A 30 17.48 -21.28 7.84
CA THR A 30 17.81 -20.27 8.83
C THR A 30 17.63 -20.91 10.17
N GLY A 31 18.37 -20.46 11.16
CA GLY A 31 18.27 -20.96 12.51
C GLY A 31 16.84 -21.28 12.93
N SER A 32 16.00 -20.26 13.04
CA SER A 32 14.60 -20.47 13.30
C SER A 32 13.96 -21.41 12.33
N SER A 33 13.89 -21.01 11.05
CA SER A 33 13.33 -21.78 9.92
C SER A 33 13.02 -20.84 8.79
N TYR A 34 12.25 -19.79 9.08
CA TYR A 34 11.84 -18.82 8.11
C TYR A 34 13.01 -18.03 7.45
N PRO A 35 12.88 -17.63 6.18
CA PRO A 35 11.71 -17.88 5.38
C PRO A 35 11.68 -19.33 4.96
N HIS A 36 10.47 -19.83 4.79
CA HIS A 36 10.25 -21.22 4.37
C HIS A 36 9.37 -21.23 3.16
N TRP A 37 9.36 -22.32 2.40
CA TRP A 37 8.48 -22.43 1.24
C TRP A 37 7.03 -22.26 1.68
N PHE A 38 6.23 -21.71 0.80
CA PHE A 38 4.89 -21.27 1.05
C PHE A 38 4.09 -21.91 -0.05
N THR A 39 3.82 -23.20 0.13
CA THR A 39 2.97 -24.00 -0.74
C THR A 39 1.79 -23.18 -1.18
N ASN A 40 1.24 -22.29 -0.34
CA ASN A 40 0.10 -21.42 -0.65
C ASN A 40 -1.19 -22.26 -0.84
N GLY A 41 -1.12 -23.53 -0.45
CA GLY A 41 -2.12 -24.51 -0.74
C GLY A 41 -1.73 -25.57 -1.80
N TYR A 42 -0.58 -25.40 -2.44
CA TYR A 42 -0.09 -26.28 -3.49
C TYR A 42 0.48 -27.54 -2.87
N ASP A 43 0.76 -28.52 -3.71
CA ASP A 43 1.40 -29.74 -3.24
C ASP A 43 2.92 -29.62 -3.26
N GLY A 44 3.45 -28.95 -4.28
CA GLY A 44 4.87 -28.78 -4.48
C GLY A 44 5.21 -28.04 -5.76
N ASP A 45 4.78 -28.62 -6.87
CA ASP A 45 4.98 -28.05 -8.21
C ASP A 45 3.65 -27.71 -8.85
N GLY A 46 2.83 -28.74 -9.08
CA GLY A 46 1.51 -28.58 -9.66
C GLY A 46 0.68 -27.68 -8.76
N LYS A 47 -0.46 -27.21 -9.31
CA LYS A 47 -1.42 -26.36 -8.62
C LYS A 47 -1.99 -27.05 -7.37
N LEU A 48 -3.02 -26.48 -6.81
CA LEU A 48 -3.61 -27.08 -5.65
C LEU A 48 -4.47 -28.29 -6.04
N PRO A 49 -4.62 -29.27 -5.14
CA PRO A 49 -5.43 -30.44 -5.39
C PRO A 49 -6.91 -30.09 -5.37
N LYS A 50 -7.75 -31.06 -5.79
CA LYS A 50 -9.20 -30.90 -5.74
C LYS A 50 -9.65 -30.64 -4.30
N GLY A 51 -9.92 -29.38 -3.98
CA GLY A 51 -10.31 -29.02 -2.61
C GLY A 51 -9.27 -28.14 -1.95
N ARG A 52 -8.97 -27.02 -2.59
CA ARG A 52 -8.10 -26.02 -2.04
C ARG A 52 -8.43 -24.63 -2.52
N THR A 53 -7.88 -23.62 -1.83
CA THR A 53 -8.17 -22.22 -2.13
C THR A 53 -6.92 -21.36 -1.91
N PRO A 54 -6.16 -21.06 -2.98
CA PRO A 54 -4.96 -20.25 -2.88
C PRO A 54 -5.31 -18.79 -2.63
N ILE A 55 -4.42 -18.10 -1.91
CA ILE A 55 -4.63 -16.71 -1.55
C ILE A 55 -4.52 -15.89 -2.82
N LYS A 56 -5.56 -15.15 -3.19
CA LYS A 56 -5.51 -14.30 -4.36
C LYS A 56 -4.86 -12.98 -3.98
N PHE A 57 -3.95 -12.53 -4.83
CA PHE A 57 -3.19 -11.30 -4.64
C PHE A 57 -3.48 -10.32 -5.76
N GLY A 58 -3.35 -10.80 -6.99
CA GLY A 58 -3.50 -9.99 -8.19
C GLY A 58 -2.26 -10.01 -9.08
N LYS A 59 -1.18 -10.66 -8.65
CA LYS A 59 0.02 -10.83 -9.44
C LYS A 59 0.02 -12.16 -10.14
N SER A 60 0.46 -12.17 -11.39
CA SER A 60 0.61 -13.41 -12.17
C SER A 60 1.84 -14.21 -11.71
N ASP A 61 2.62 -13.70 -10.76
CA ASP A 61 3.81 -14.34 -10.24
C ASP A 61 3.40 -15.26 -9.10
N CYS A 62 2.70 -14.71 -8.11
CA CYS A 62 2.28 -15.47 -6.94
C CYS A 62 1.11 -16.37 -7.33
N ASP A 63 0.26 -15.90 -8.28
CA ASP A 63 -0.81 -16.72 -8.85
C ASP A 63 -0.23 -17.94 -9.58
N ARG A 64 0.87 -17.74 -10.29
CA ARG A 64 1.48 -18.84 -10.98
C ARG A 64 1.76 -20.05 -10.06
N PRO A 65 1.93 -21.22 -10.68
CA PRO A 65 2.36 -22.37 -9.94
C PRO A 65 3.83 -22.32 -9.46
N PRO A 66 4.13 -22.66 -8.20
CA PRO A 66 5.46 -22.71 -7.66
C PRO A 66 6.24 -23.89 -8.25
N LYS A 67 7.53 -23.89 -7.99
CA LYS A 67 8.41 -24.97 -8.44
C LYS A 67 9.21 -25.48 -7.26
N HIS A 68 8.59 -25.82 -6.14
CA HIS A 68 9.39 -26.34 -5.02
C HIS A 68 9.81 -27.78 -5.29
N SER A 69 10.73 -28.30 -4.46
CA SER A 69 11.15 -29.71 -4.50
C SER A 69 11.84 -30.12 -3.21
N LYS A 70 12.67 -31.15 -3.24
CA LYS A 70 13.50 -31.52 -2.09
C LYS A 70 14.77 -30.70 -1.99
N ASP A 71 14.64 -29.43 -1.64
CA ASP A 71 15.77 -28.51 -1.44
C ASP A 71 15.26 -27.17 -0.95
N GLY A 72 14.15 -26.73 -1.53
CA GLY A 72 13.58 -25.44 -1.25
C GLY A 72 13.74 -24.49 -2.40
N ASN A 73 14.97 -24.25 -2.83
CA ASN A 73 15.32 -23.27 -3.85
C ASN A 73 16.29 -23.98 -4.76
N GLY A 74 15.81 -24.96 -5.50
CA GLY A 74 16.63 -25.71 -6.46
C GLY A 74 17.21 -24.82 -7.56
N LYS A 75 16.87 -25.07 -8.83
CA LYS A 75 17.33 -24.21 -9.92
C LYS A 75 16.79 -22.78 -9.80
N THR A 76 15.74 -22.49 -10.56
CA THR A 76 15.11 -21.18 -10.52
C THR A 76 13.79 -21.26 -9.78
N ASP A 77 13.53 -22.36 -9.08
CA ASP A 77 12.30 -22.65 -8.36
C ASP A 77 11.66 -21.38 -7.90
N HIS A 78 10.58 -20.92 -8.51
CA HIS A 78 9.95 -19.64 -8.18
C HIS A 78 8.96 -19.81 -7.03
N TYR A 79 9.06 -20.95 -6.36
CA TYR A 79 8.39 -21.27 -5.13
C TYR A 79 8.17 -20.05 -4.23
N LEU A 80 6.97 -19.88 -3.73
CA LEU A 80 6.71 -18.76 -2.85
C LEU A 80 7.30 -19.06 -1.49
N LEU A 81 7.63 -18.05 -0.69
CA LEU A 81 8.14 -18.24 0.67
C LEU A 81 7.57 -17.18 1.56
N GLU A 82 7.11 -17.58 2.73
CA GLU A 82 6.55 -16.69 3.70
C GLU A 82 7.53 -16.41 4.82
N PHE A 83 7.38 -15.25 5.45
CA PHE A 83 8.28 -14.88 6.54
C PHE A 83 7.58 -14.17 7.68
N PRO A 84 7.88 -14.45 8.96
CA PRO A 84 7.15 -13.93 10.10
C PRO A 84 7.48 -12.49 10.27
N THR A 85 6.73 -11.60 9.62
CA THR A 85 6.93 -10.16 9.70
C THR A 85 6.33 -9.58 10.97
N PHE A 86 7.14 -9.03 11.85
CA PHE A 86 6.68 -8.44 13.10
C PHE A 86 6.22 -7.00 12.88
N PRO A 87 5.40 -6.49 13.81
CA PRO A 87 4.91 -5.13 13.74
C PRO A 87 5.97 -4.14 14.16
N ASP A 88 6.68 -4.42 15.27
CA ASP A 88 7.77 -3.55 15.75
C ASP A 88 8.80 -3.32 14.62
N GLY A 89 8.89 -4.31 13.73
CA GLY A 89 9.82 -4.32 12.64
C GLY A 89 11.21 -4.76 13.08
N HIS A 90 11.46 -4.89 14.40
CA HIS A 90 12.74 -5.34 14.93
C HIS A 90 13.13 -6.61 14.21
N ASP A 91 14.38 -6.81 13.82
CA ASP A 91 14.82 -8.08 13.20
C ASP A 91 14.65 -9.26 14.15
N TYR A 92 14.27 -10.40 13.57
CA TYR A 92 13.94 -11.59 14.33
C TYR A 92 15.17 -12.48 14.32
N LYS A 93 15.33 -13.35 15.30
CA LYS A 93 16.40 -14.34 15.28
C LYS A 93 16.02 -15.53 14.41
N PHE A 94 15.65 -15.25 13.17
CA PHE A 94 15.35 -16.25 12.19
C PHE A 94 16.61 -17.01 11.78
N ASP A 95 17.80 -16.42 11.88
CA ASP A 95 19.07 -17.06 11.53
C ASP A 95 19.69 -17.79 12.74
N SER A 96 19.29 -17.40 13.95
CA SER A 96 19.81 -17.98 15.17
C SER A 96 18.71 -18.81 15.75
N LYS A 97 18.78 -20.13 15.57
CA LYS A 97 17.81 -21.05 16.17
C LYS A 97 18.01 -21.09 17.68
N LYS A 98 19.24 -20.88 18.13
CA LYS A 98 19.55 -20.89 19.54
C LYS A 98 20.25 -19.59 19.94
N PRO A 99 19.59 -18.74 20.76
CA PRO A 99 18.22 -18.97 21.26
C PRO A 99 17.21 -18.81 20.13
N LYS A 100 15.94 -19.11 20.36
CA LYS A 100 14.84 -18.96 19.39
C LYS A 100 13.69 -18.22 20.03
N GLU A 101 13.00 -17.43 19.23
CA GLU A 101 11.89 -16.62 19.71
C GLU A 101 10.58 -17.18 19.15
N ASN A 102 9.49 -16.60 19.59
CA ASN A 102 8.18 -16.97 19.10
C ASN A 102 7.91 -16.39 17.70
N PRO A 103 7.28 -17.17 16.80
CA PRO A 103 6.91 -16.68 15.49
C PRO A 103 5.72 -15.72 15.55
N GLY A 104 5.11 -15.47 14.39
CA GLY A 104 3.93 -14.64 14.30
C GLY A 104 2.87 -15.22 13.37
N PRO A 105 1.62 -14.74 13.45
CA PRO A 105 0.55 -15.21 12.59
C PRO A 105 0.67 -14.62 11.20
N ALA A 106 0.83 -13.30 11.11
CA ALA A 106 1.02 -12.65 9.81
C ALA A 106 2.41 -12.90 9.30
N ARG A 107 2.51 -13.09 7.99
CA ARG A 107 3.77 -13.29 7.31
C ARG A 107 3.81 -12.66 5.96
N VAL A 108 4.96 -12.15 5.53
CA VAL A 108 5.14 -11.54 4.21
C VAL A 108 5.30 -12.60 3.15
N ILE A 109 4.46 -12.54 2.12
CA ILE A 109 4.46 -13.48 1.03
C ILE A 109 5.10 -12.87 -0.18
N TYR A 110 5.86 -13.67 -0.90
CA TYR A 110 6.57 -13.22 -2.08
C TYR A 110 7.07 -14.41 -2.87
N THR A 111 7.21 -14.20 -4.17
CA THR A 111 7.66 -15.25 -5.07
C THR A 111 9.16 -15.22 -5.16
N TYR A 112 9.76 -16.25 -5.74
CA TYR A 112 11.20 -16.30 -5.93
C TYR A 112 11.57 -16.13 -7.42
N PRO A 113 12.79 -15.63 -7.71
CA PRO A 113 13.72 -15.12 -6.71
C PRO A 113 13.25 -13.78 -6.27
N ASN A 114 13.04 -12.86 -7.20
CA ASN A 114 12.58 -11.52 -6.92
C ASN A 114 11.44 -11.57 -5.92
N LYS A 115 11.64 -11.08 -4.70
CA LYS A 115 10.65 -11.12 -3.63
C LYS A 115 9.50 -10.23 -4.03
N VAL A 116 8.66 -10.71 -4.94
CA VAL A 116 7.53 -9.99 -5.52
C VAL A 116 6.45 -9.99 -4.45
N PHE A 117 6.69 -9.18 -3.42
CA PHE A 117 5.85 -9.01 -2.26
C PHE A 117 4.41 -9.01 -2.76
N CYS A 118 3.67 -10.06 -2.42
CA CYS A 118 2.28 -10.12 -2.76
C CYS A 118 1.42 -9.53 -1.65
N GLY A 119 1.96 -9.50 -0.43
CA GLY A 119 1.24 -9.03 0.75
C GLY A 119 1.43 -9.95 1.91
N ILE A 120 0.67 -9.71 2.96
CA ILE A 120 0.77 -10.54 4.17
C ILE A 120 -0.45 -11.39 4.20
N ILE A 121 -0.38 -12.57 4.80
CA ILE A 121 -1.53 -13.45 4.94
C ILE A 121 -1.76 -13.70 6.41
N ALA A 122 -2.98 -14.01 6.81
CA ALA A 122 -3.35 -14.38 8.16
C ALA A 122 -4.81 -14.81 8.21
N HIS A 123 -5.14 -15.58 9.24
CA HIS A 123 -6.47 -16.14 9.40
C HIS A 123 -7.30 -15.17 10.21
N THR A 124 -8.08 -14.32 9.54
CA THR A 124 -8.94 -13.32 10.20
C THR A 124 -10.38 -13.83 10.34
N LYS A 125 -10.51 -15.11 10.60
CA LYS A 125 -11.83 -15.69 10.79
C LYS A 125 -12.13 -15.90 12.28
N GLU A 126 -11.10 -16.12 13.08
CA GLU A 126 -11.27 -16.30 14.53
C GLU A 126 -9.91 -16.31 15.21
N ASN A 127 -9.11 -17.35 14.93
CA ASN A 127 -7.78 -17.51 15.49
C ASN A 127 -6.93 -18.40 14.57
N GLN A 128 -7.53 -19.50 14.10
CA GLN A 128 -6.90 -20.47 13.24
C GLN A 128 -7.98 -21.18 12.41
N GLY A 129 -8.45 -20.52 11.35
CA GLY A 129 -9.43 -21.16 10.47
C GLY A 129 -8.98 -21.03 9.03
N GLU A 130 -9.62 -20.11 8.31
CA GLU A 130 -9.29 -19.92 6.90
C GLU A 130 -8.20 -18.88 6.75
N LEU A 131 -7.38 -18.97 5.71
CA LEU A 131 -6.31 -18.01 5.47
C LEU A 131 -6.71 -17.08 4.33
N LYS A 132 -6.28 -15.83 4.39
CA LYS A 132 -6.56 -14.80 3.40
C LYS A 132 -5.43 -13.79 3.39
N LEU A 133 -5.42 -12.92 2.39
CA LEU A 133 -4.43 -11.87 2.29
C LEU A 133 -4.91 -10.68 3.12
N CYS A 134 -3.97 -10.02 3.80
CA CYS A 134 -4.21 -8.81 4.56
C CYS A 134 -4.73 -7.70 3.64
N SER A 135 -4.97 -6.56 4.23
CA SER A 135 -5.53 -5.47 3.46
C SER A 135 -5.18 -4.24 4.25
N HIS A 136 -4.00 -3.67 4.01
CA HIS A 136 -3.62 -2.34 4.50
C HIS A 136 -4.77 -1.33 4.57
N ALA A 1 4.53 5.26 3.54
CA ALA A 1 4.02 4.01 2.97
C ALA A 1 3.57 4.28 1.55
N VAL A 2 3.03 3.27 0.89
CA VAL A 2 2.51 3.41 -0.48
C VAL A 2 1.08 3.95 -0.44
N THR A 3 0.74 4.73 -1.44
CA THR A 3 -0.58 5.35 -1.56
C THR A 3 -1.51 4.40 -2.29
N TRP A 4 -2.54 3.92 -1.58
CA TRP A 4 -3.52 3.03 -2.14
C TRP A 4 -4.51 3.83 -2.96
N THR A 5 -4.99 3.26 -4.06
CA THR A 5 -5.92 3.95 -4.93
C THR A 5 -6.99 2.97 -5.37
N CYS A 6 -8.24 3.41 -5.31
CA CYS A 6 -9.36 2.61 -5.76
C CYS A 6 -10.09 3.30 -6.91
N GLY A 7 -11.00 4.21 -6.58
CA GLY A 7 -11.81 4.91 -7.58
C GLY A 7 -11.17 6.22 -7.99
N GLY A 8 -10.11 6.19 -8.80
CA GLY A 8 -9.38 7.41 -9.19
C GLY A 8 -9.08 8.35 -8.01
N LEU A 9 -8.97 7.78 -6.81
CA LEU A 9 -8.77 8.52 -5.58
C LEU A 9 -7.60 7.92 -4.84
N LEU A 10 -6.90 8.74 -4.09
CA LEU A 10 -5.67 8.37 -3.43
C LEU A 10 -5.99 8.09 -1.96
N TYR A 11 -5.17 7.28 -1.32
CA TYR A 11 -5.44 6.80 0.03
C TYR A 11 -4.14 6.36 0.66
N ASN A 12 -3.43 7.31 1.26
CA ASN A 12 -2.16 6.99 1.90
C ASN A 12 -2.38 5.87 2.90
N GLN A 13 -1.65 4.76 2.80
CA GLN A 13 -1.81 3.67 3.77
C GLN A 13 -1.77 4.19 5.20
N ASN A 14 -0.94 5.22 5.43
CA ASN A 14 -0.87 5.85 6.72
C ASN A 14 -2.20 6.47 7.11
N LYS A 15 -2.87 7.17 6.21
CA LYS A 15 -4.22 7.69 6.43
C LYS A 15 -5.26 6.59 6.42
N ALA A 16 -5.20 5.64 5.51
CA ALA A 16 -6.12 4.51 5.46
C ALA A 16 -6.17 3.79 6.80
N GLU A 17 -5.02 3.65 7.46
CA GLU A 17 -4.95 3.07 8.78
C GLU A 17 -5.19 4.12 9.83
N SER A 18 -4.53 5.29 9.76
CA SER A 18 -4.54 6.34 10.75
C SER A 18 -5.94 6.88 10.83
N ASN A 19 -6.50 7.40 9.75
CA ASN A 19 -7.90 7.79 9.66
C ASN A 19 -8.82 6.83 10.42
N SER A 20 -8.54 5.53 10.30
CA SER A 20 -9.24 4.50 11.05
C SER A 20 -8.80 4.34 12.50
N HIS A 21 -7.49 4.46 12.78
CA HIS A 21 -6.90 4.39 14.11
C HIS A 21 -7.73 5.18 15.10
N HIS A 22 -8.30 6.30 14.65
CA HIS A 22 -9.17 7.14 15.42
C HIS A 22 -10.55 6.51 15.58
N ALA A 23 -11.15 6.11 14.46
CA ALA A 23 -12.42 5.39 14.43
C ALA A 23 -12.52 4.38 15.59
N PRO A 24 -13.60 4.47 16.39
CA PRO A 24 -13.78 3.60 17.52
C PRO A 24 -14.13 2.20 17.07
N LEU A 25 -13.45 1.21 17.64
CA LEU A 25 -13.68 -0.18 17.32
C LEU A 25 -15.11 -0.56 17.64
N SER A 26 -15.90 -0.86 16.62
CA SER A 26 -17.31 -1.22 16.79
C SER A 26 -17.97 -1.50 15.46
N ASP A 27 -18.96 -2.37 15.43
CA ASP A 27 -19.64 -2.72 14.17
C ASP A 27 -20.78 -1.70 13.95
N GLY A 28 -20.42 -0.52 13.46
CA GLY A 28 -21.43 0.47 13.16
C GLY A 28 -22.08 0.98 14.42
N LYS A 29 -21.37 1.85 15.14
CA LYS A 29 -21.86 2.45 16.37
C LYS A 29 -21.25 3.82 16.62
N THR A 30 -21.12 4.58 15.56
CA THR A 30 -20.49 5.89 15.59
C THR A 30 -21.49 6.90 15.11
N GLY A 31 -21.26 8.17 15.47
CA GLY A 31 -22.12 9.31 15.12
C GLY A 31 -22.69 9.18 13.73
N SER A 32 -21.86 9.48 12.72
CA SER A 32 -22.28 9.35 11.34
C SER A 32 -22.77 7.95 11.05
N SER A 33 -21.91 6.95 11.29
CA SER A 33 -22.23 5.53 11.11
C SER A 33 -20.98 4.69 11.02
N TYR A 34 -20.05 5.11 10.15
CA TYR A 34 -18.78 4.44 9.96
C TYR A 34 -17.83 4.60 11.16
N PRO A 35 -17.00 3.59 11.43
CA PRO A 35 -16.92 2.41 10.61
C PRO A 35 -18.07 1.45 10.87
N HIS A 36 -18.13 0.34 10.17
CA HIS A 36 -19.20 -0.64 10.35
C HIS A 36 -18.76 -2.02 9.96
N TRP A 37 -19.51 -3.06 10.28
CA TRP A 37 -19.13 -4.40 9.82
C TRP A 37 -19.15 -4.43 8.29
N PHE A 38 -18.33 -5.33 7.76
CA PHE A 38 -18.08 -5.51 6.36
C PHE A 38 -18.35 -6.96 6.09
N THR A 39 -19.63 -7.26 5.87
CA THR A 39 -20.10 -8.58 5.44
C THR A 39 -19.12 -9.18 4.45
N ASN A 40 -18.51 -8.39 3.57
CA ASN A 40 -17.53 -8.87 2.61
C ASN A 40 -18.10 -10.02 1.78
N GLY A 41 -19.43 -10.08 1.73
CA GLY A 41 -20.12 -11.17 1.15
C GLY A 41 -20.79 -12.09 2.17
N TYR A 42 -20.16 -12.38 3.31
CA TYR A 42 -20.71 -13.19 4.37
C TYR A 42 -22.13 -12.75 4.75
N ASP A 43 -22.89 -13.68 5.31
CA ASP A 43 -24.26 -13.36 5.74
C ASP A 43 -24.25 -12.74 7.13
N GLY A 44 -23.36 -13.22 8.00
CA GLY A 44 -23.23 -12.77 9.37
C GLY A 44 -22.00 -13.37 10.03
N ASP A 45 -21.98 -14.70 10.13
CA ASP A 45 -20.87 -15.41 10.77
C ASP A 45 -20.27 -16.42 9.83
N GLY A 46 -21.07 -17.41 9.45
CA GLY A 46 -20.69 -18.47 8.53
C GLY A 46 -20.20 -17.89 7.22
N LYS A 47 -19.95 -18.76 6.25
CA LYS A 47 -19.50 -18.33 4.92
C LYS A 47 -20.55 -17.42 4.27
N LEU A 48 -20.38 -17.20 2.99
CA LEU A 48 -21.29 -16.34 2.26
C LEU A 48 -22.40 -17.16 1.61
N PRO A 49 -23.42 -16.48 1.07
CA PRO A 49 -24.50 -17.15 0.40
C PRO A 49 -24.06 -17.71 -0.94
N LYS A 50 -24.81 -18.70 -1.43
CA LYS A 50 -24.54 -19.32 -2.72
C LYS A 50 -24.69 -18.27 -3.83
N GLY A 51 -23.57 -17.72 -4.26
CA GLY A 51 -23.56 -16.67 -5.27
C GLY A 51 -22.95 -15.39 -4.74
N ARG A 52 -21.88 -15.50 -3.95
CA ARG A 52 -21.15 -14.34 -3.41
C ARG A 52 -19.69 -14.39 -3.82
N THR A 53 -19.03 -13.23 -3.73
CA THR A 53 -17.63 -13.13 -4.10
C THR A 53 -16.89 -12.23 -3.10
N PRO A 54 -16.20 -12.85 -2.12
CA PRO A 54 -15.43 -12.11 -1.14
C PRO A 54 -14.18 -11.50 -1.75
N ILE A 55 -13.63 -10.50 -1.05
CA ILE A 55 -12.46 -9.80 -1.51
C ILE A 55 -11.24 -10.59 -1.05
N LYS A 56 -10.41 -11.01 -1.99
CA LYS A 56 -9.18 -11.72 -1.65
C LYS A 56 -8.11 -10.71 -1.29
N PHE A 57 -7.40 -10.98 -0.20
CA PHE A 57 -6.33 -10.13 0.28
C PHE A 57 -5.01 -10.88 0.28
N GLY A 58 -5.01 -12.05 0.90
CA GLY A 58 -3.83 -12.89 1.06
C GLY A 58 -3.53 -13.20 2.51
N LYS A 59 -4.32 -12.66 3.43
CA LYS A 59 -4.19 -12.92 4.85
C LYS A 59 -5.19 -13.95 5.29
N SER A 60 -4.76 -14.84 6.19
CA SER A 60 -5.65 -15.85 6.76
C SER A 60 -6.57 -15.24 7.82
N ASP A 61 -6.44 -13.95 8.10
CA ASP A 61 -7.23 -13.25 9.09
C ASP A 61 -8.49 -12.73 8.42
N CYS A 62 -8.32 -11.95 7.36
CA CYS A 62 -9.43 -11.38 6.63
C CYS A 62 -10.11 -12.46 5.80
N ASP A 63 -9.32 -13.45 5.34
CA ASP A 63 -9.86 -14.60 4.63
C ASP A 63 -10.74 -15.43 5.55
N ARG A 64 -10.34 -15.56 6.82
CA ARG A 64 -11.13 -16.32 7.75
C ARG A 64 -12.58 -15.85 7.82
N PRO A 65 -13.46 -16.72 8.32
CA PRO A 65 -14.83 -16.35 8.51
C PRO A 65 -15.04 -15.34 9.66
N PRO A 66 -15.94 -14.36 9.49
CA PRO A 66 -16.26 -13.39 10.51
C PRO A 66 -17.08 -14.00 11.63
N LYS A 67 -17.24 -13.24 12.71
CA LYS A 67 -17.99 -13.69 13.87
C LYS A 67 -18.89 -12.56 14.33
N HIS A 68 -19.76 -12.05 13.47
CA HIS A 68 -20.73 -11.04 13.89
C HIS A 68 -21.87 -11.60 14.75
N SER A 69 -22.46 -10.76 15.58
CA SER A 69 -23.58 -11.14 16.42
C SER A 69 -24.60 -10.03 16.51
N LYS A 70 -25.58 -10.18 17.38
CA LYS A 70 -26.58 -9.16 17.60
C LYS A 70 -26.09 -8.13 18.64
N ASP A 71 -25.10 -7.35 18.26
CA ASP A 71 -24.53 -6.31 19.13
C ASP A 71 -23.46 -5.53 18.39
N GLY A 72 -22.62 -6.28 17.66
CA GLY A 72 -21.54 -5.72 16.90
C GLY A 72 -20.20 -6.33 17.25
N ASN A 73 -19.62 -5.90 18.36
CA ASN A 73 -18.36 -6.40 18.87
C ASN A 73 -18.59 -7.02 20.24
N GLY A 74 -19.46 -8.01 20.33
CA GLY A 74 -19.76 -8.69 21.59
C GLY A 74 -18.53 -9.28 22.26
N LYS A 75 -18.38 -10.60 22.21
CA LYS A 75 -17.20 -11.26 22.77
C LYS A 75 -15.91 -10.78 22.09
N THR A 76 -15.46 -11.54 21.11
CA THR A 76 -14.26 -11.19 20.36
C THR A 76 -14.53 -11.18 18.87
N ASP A 77 -15.79 -10.92 18.49
CA ASP A 77 -16.24 -10.94 17.12
C ASP A 77 -15.14 -10.44 16.20
N HIS A 78 -14.51 -11.34 15.44
CA HIS A 78 -13.39 -10.96 14.57
C HIS A 78 -13.92 -10.44 13.23
N TYR A 79 -15.19 -10.05 13.22
CA TYR A 79 -15.86 -9.48 12.08
C TYR A 79 -15.01 -8.39 11.43
N LEU A 80 -14.93 -8.42 10.11
CA LEU A 80 -14.18 -7.40 9.39
C LEU A 80 -15.01 -6.13 9.37
N LEU A 81 -14.39 -4.99 9.60
CA LEU A 81 -15.06 -3.71 9.54
C LEU A 81 -14.33 -2.82 8.55
N GLU A 82 -15.09 -1.94 7.91
CA GLU A 82 -14.53 -0.99 6.98
C GLU A 82 -14.70 0.45 7.46
N PHE A 83 -13.95 1.37 6.86
CA PHE A 83 -14.01 2.76 7.25
C PHE A 83 -13.64 3.73 6.12
N PRO A 84 -14.42 4.80 5.90
CA PRO A 84 -14.20 5.73 4.82
C PRO A 84 -12.99 6.59 5.09
N THR A 85 -11.91 6.28 4.40
CA THR A 85 -10.64 6.98 4.55
C THR A 85 -10.41 7.87 3.36
N PHE A 86 -10.51 9.17 3.54
CA PHE A 86 -10.31 10.13 2.47
C PHE A 86 -8.82 10.47 2.30
N PRO A 87 -8.46 11.02 1.13
CA PRO A 87 -7.10 11.40 0.85
C PRO A 87 -6.70 12.66 1.53
N ASP A 88 -7.60 13.67 1.54
CA ASP A 88 -7.41 14.94 2.25
C ASP A 88 -6.76 14.73 3.60
N GLY A 89 -7.01 13.58 4.22
CA GLY A 89 -6.48 13.20 5.49
C GLY A 89 -7.38 13.59 6.63
N HIS A 90 -8.40 14.41 6.33
CA HIS A 90 -9.38 14.83 7.30
C HIS A 90 -10.03 13.60 7.91
N ASP A 91 -10.33 13.68 9.19
CA ASP A 91 -11.06 12.64 9.87
C ASP A 91 -12.55 12.92 9.73
N TYR A 92 -13.28 11.96 9.15
CA TYR A 92 -14.73 12.03 9.03
C TYR A 92 -15.44 12.42 10.33
N LYS A 93 -16.72 12.72 10.25
CA LYS A 93 -17.47 13.16 11.41
C LYS A 93 -18.23 11.97 11.95
N PHE A 94 -17.50 10.93 12.34
CA PHE A 94 -18.08 9.74 12.94
C PHE A 94 -18.41 9.93 14.42
N ASP A 95 -18.42 11.17 14.91
CA ASP A 95 -18.71 11.48 16.31
C ASP A 95 -20.07 12.14 16.42
N SER A 96 -20.46 12.88 15.39
CA SER A 96 -21.73 13.58 15.35
C SER A 96 -22.60 12.99 14.27
N LYS A 97 -23.72 12.40 14.68
CA LYS A 97 -24.68 11.84 13.73
C LYS A 97 -25.16 12.89 12.75
N LYS A 98 -25.51 14.06 13.28
CA LYS A 98 -26.01 15.16 12.50
C LYS A 98 -25.46 16.49 13.05
N PRO A 99 -24.94 17.35 12.15
CA PRO A 99 -24.80 17.03 10.73
C PRO A 99 -23.72 15.98 10.49
N LYS A 100 -23.60 15.56 9.23
CA LYS A 100 -22.58 14.59 8.83
C LYS A 100 -22.09 14.92 7.43
N GLU A 101 -20.83 14.63 7.17
CA GLU A 101 -20.26 14.90 5.84
C GLU A 101 -20.54 13.75 4.89
N ASN A 102 -20.15 13.90 3.63
CA ASN A 102 -20.28 12.82 2.67
C ASN A 102 -19.24 11.71 2.93
N PRO A 103 -19.64 10.43 2.79
CA PRO A 103 -18.73 9.31 2.91
C PRO A 103 -17.72 9.21 1.76
N GLY A 104 -17.13 8.04 1.60
CA GLY A 104 -16.21 7.79 0.49
C GLY A 104 -16.43 6.41 -0.12
N PRO A 105 -16.01 6.24 -1.38
CA PRO A 105 -16.13 4.97 -2.08
C PRO A 105 -15.14 3.96 -1.56
N ALA A 106 -13.91 4.40 -1.32
CA ALA A 106 -12.87 3.55 -0.79
C ALA A 106 -12.88 3.61 0.72
N ARG A 107 -12.70 2.44 1.33
CA ARG A 107 -12.64 2.31 2.78
C ARG A 107 -11.58 1.34 3.19
N VAL A 108 -11.01 1.51 4.38
CA VAL A 108 -10.00 0.60 4.93
C VAL A 108 -10.66 -0.59 5.59
N ILE A 109 -10.35 -1.79 5.12
CA ILE A 109 -10.96 -3.01 5.61
C ILE A 109 -9.92 -3.75 6.41
N TYR A 110 -10.23 -3.97 7.68
CA TYR A 110 -9.35 -4.64 8.60
C TYR A 110 -10.13 -5.56 9.51
N THR A 111 -9.45 -6.60 9.97
CA THR A 111 -10.08 -7.58 10.84
C THR A 111 -10.02 -7.10 12.27
N TYR A 112 -10.86 -7.66 13.14
CA TYR A 112 -10.88 -7.28 14.53
C TYR A 112 -10.40 -8.45 15.42
N PRO A 113 -9.84 -8.12 16.60
CA PRO A 113 -9.58 -6.75 17.02
C PRO A 113 -8.40 -6.18 16.28
N ASN A 114 -7.30 -6.94 16.28
CA ASN A 114 -6.07 -6.58 15.59
C ASN A 114 -6.41 -6.06 14.21
N LYS A 115 -6.30 -4.74 14.01
CA LYS A 115 -6.61 -4.08 12.75
C LYS A 115 -5.60 -4.50 11.71
N VAL A 116 -5.65 -5.78 11.31
CA VAL A 116 -4.76 -6.39 10.36
C VAL A 116 -5.16 -5.85 9.01
N PHE A 117 -4.82 -4.58 8.78
CA PHE A 117 -5.10 -3.87 7.56
C PHE A 117 -4.92 -4.84 6.40
N CYS A 118 -6.00 -5.08 5.67
CA CYS A 118 -5.95 -5.93 4.52
C CYS A 118 -5.81 -5.09 3.26
N GLY A 119 -6.43 -3.90 3.27
CA GLY A 119 -6.43 -3.00 2.14
C GLY A 119 -7.72 -2.24 2.05
N ILE A 120 -7.84 -1.46 0.98
CA ILE A 120 -9.04 -0.65 0.78
C ILE A 120 -9.87 -1.32 -0.27
N ILE A 121 -11.17 -1.19 -0.22
CA ILE A 121 -12.06 -1.79 -1.21
C ILE A 121 -12.88 -0.68 -1.84
N ALA A 122 -13.30 -0.87 -3.09
CA ALA A 122 -14.12 0.09 -3.80
C ALA A 122 -14.49 -0.47 -5.17
N HIS A 123 -15.76 -0.39 -5.53
CA HIS A 123 -16.24 -0.87 -6.81
C HIS A 123 -16.13 0.21 -7.87
N THR A 124 -15.04 0.22 -8.61
CA THR A 124 -14.84 1.21 -9.66
C THR A 124 -15.21 0.65 -11.03
N LYS A 125 -16.21 -0.21 -11.04
CA LYS A 125 -16.67 -0.79 -12.29
C LYS A 125 -17.66 0.15 -12.95
N GLU A 126 -18.62 0.68 -12.20
CA GLU A 126 -19.65 1.59 -12.70
C GLU A 126 -20.69 1.86 -11.60
N ASN A 127 -21.65 0.94 -11.47
CA ASN A 127 -22.75 1.04 -10.52
C ASN A 127 -23.33 -0.34 -10.24
N GLN A 128 -22.52 -1.39 -10.42
CA GLN A 128 -22.99 -2.75 -10.24
C GLN A 128 -21.83 -3.72 -10.29
N GLY A 129 -21.22 -3.96 -9.15
CA GLY A 129 -20.11 -4.90 -9.08
C GLY A 129 -19.47 -4.72 -7.74
N GLU A 130 -19.68 -5.64 -6.81
CA GLU A 130 -19.10 -5.64 -5.47
C GLU A 130 -17.69 -5.04 -5.45
N LEU A 131 -17.42 -4.26 -4.41
CA LEU A 131 -16.15 -3.58 -4.29
C LEU A 131 -15.01 -4.60 -4.31
N LYS A 132 -13.83 -4.14 -4.70
CA LYS A 132 -12.67 -5.02 -4.84
C LYS A 132 -11.51 -4.35 -4.15
N LEU A 133 -10.56 -5.17 -3.71
CA LEU A 133 -9.38 -4.66 -3.03
C LEU A 133 -8.66 -3.74 -3.99
N CYS A 134 -8.34 -2.54 -3.51
CA CYS A 134 -7.62 -1.54 -4.26
C CYS A 134 -6.27 -2.10 -4.69
N SER A 135 -5.48 -1.27 -5.34
CA SER A 135 -4.21 -1.74 -5.85
C SER A 135 -3.30 -0.55 -5.88
N HIS A 136 -2.71 -0.22 -4.74
CA HIS A 136 -1.69 0.82 -4.63
C HIS A 136 -0.75 0.86 -5.85
N ALA A 1 4.51 5.30 3.60
CA ALA A 1 3.96 4.04 3.02
C ALA A 1 4.29 4.03 1.55
N VAL A 2 3.59 3.23 0.74
CA VAL A 2 3.83 3.06 -0.71
C VAL A 2 5.04 2.15 -0.91
N THR A 3 5.05 1.39 -1.97
CA THR A 3 6.12 0.42 -2.25
C THR A 3 7.06 1.00 -3.28
N TRP A 4 8.24 1.44 -2.84
CA TRP A 4 9.23 2.05 -3.69
C TRP A 4 9.89 0.96 -4.53
N THR A 5 10.19 1.28 -5.78
CA THR A 5 10.80 0.29 -6.67
C THR A 5 11.93 0.97 -7.41
N CYS A 6 12.99 0.22 -7.65
CA CYS A 6 14.13 0.68 -8.44
C CYS A 6 14.45 -0.25 -9.62
N GLY A 7 13.41 -0.88 -10.16
CA GLY A 7 13.53 -1.80 -11.29
C GLY A 7 12.42 -2.84 -11.28
N GLY A 8 12.72 -4.01 -10.73
CA GLY A 8 11.74 -5.10 -10.57
C GLY A 8 11.49 -5.50 -9.12
N LEU A 9 12.24 -4.90 -8.18
CA LEU A 9 12.19 -5.21 -6.77
C LEU A 9 11.45 -4.08 -6.08
N LEU A 10 10.52 -4.46 -5.21
CA LEU A 10 9.68 -3.54 -4.45
C LEU A 10 10.28 -3.27 -3.08
N TYR A 11 9.84 -2.24 -2.39
CA TYR A 11 10.43 -1.73 -1.15
C TYR A 11 9.37 -0.96 -0.38
N ASN A 12 8.56 -1.67 0.39
CA ASN A 12 7.50 -1.04 1.16
C ASN A 12 8.14 0.06 1.99
N GLN A 13 7.71 1.31 1.87
CA GLN A 13 8.33 2.39 2.65
C GLN A 13 8.36 2.08 4.12
N ASN A 14 7.22 1.63 4.68
CA ASN A 14 7.13 1.21 6.08
C ASN A 14 8.26 0.26 6.45
N LYS A 15 8.69 -0.59 5.53
CA LYS A 15 9.91 -1.39 5.61
C LYS A 15 11.18 -0.61 5.35
N ALA A 16 11.37 0.08 4.24
CA ALA A 16 12.53 0.96 4.01
C ALA A 16 12.89 1.84 5.22
N GLU A 17 11.88 2.34 5.93
CA GLU A 17 12.04 3.07 7.17
C GLU A 17 12.21 2.11 8.33
N SER A 18 11.29 1.13 8.54
CA SER A 18 11.33 0.18 9.65
C SER A 18 12.64 -0.59 9.63
N ASN A 19 13.33 -0.66 8.50
CA ASN A 19 14.62 -1.28 8.36
C ASN A 19 15.71 -0.38 8.95
N SER A 20 15.67 0.90 8.62
CA SER A 20 16.54 1.93 9.18
C SER A 20 16.22 2.23 10.64
N HIS A 21 15.14 1.66 11.18
CA HIS A 21 14.75 1.90 12.57
C HIS A 21 15.69 1.16 13.52
N HIS A 22 16.03 -0.09 13.21
CA HIS A 22 16.93 -0.89 14.03
C HIS A 22 18.39 -0.57 13.71
N ALA A 23 18.67 -0.27 12.44
CA ALA A 23 19.98 0.12 11.97
C ALA A 23 20.68 1.10 12.92
N PRO A 24 21.90 0.80 13.38
CA PRO A 24 22.58 1.63 14.35
C PRO A 24 23.05 2.90 13.65
N LEU A 25 22.69 4.04 14.23
CA LEU A 25 23.06 5.35 13.73
C LEU A 25 24.59 5.50 13.79
N SER A 26 25.24 5.54 12.64
CA SER A 26 26.71 5.66 12.54
C SER A 26 27.16 5.76 11.08
N ASP A 27 28.43 5.98 10.79
CA ASP A 27 28.92 6.02 9.40
C ASP A 27 29.87 4.84 9.27
N GLY A 28 29.30 3.67 8.96
CA GLY A 28 30.13 2.51 8.69
C GLY A 28 30.71 1.96 9.98
N LYS A 29 29.86 1.35 10.80
CA LYS A 29 30.25 0.75 12.09
C LYS A 29 29.37 -0.42 12.47
N THR A 30 29.22 -1.34 11.55
CA THR A 30 28.30 -2.46 11.68
C THR A 30 29.00 -3.68 11.18
N GLY A 31 28.67 -4.83 11.76
CA GLY A 31 29.31 -6.11 11.46
C GLY A 31 29.60 -6.31 10.00
N SER A 32 28.54 -6.51 9.21
CA SER A 32 28.65 -6.61 7.76
C SER A 32 29.33 -5.39 7.17
N SER A 33 28.83 -4.18 7.46
CA SER A 33 29.34 -2.86 7.05
C SER A 33 28.26 -1.80 7.04
N TYR A 34 27.03 -2.20 6.69
CA TYR A 34 25.85 -1.34 6.65
C TYR A 34 25.11 -1.20 8.01
N PRO A 35 24.57 -0.02 8.31
CA PRO A 35 24.55 1.08 7.39
C PRO A 35 25.87 1.84 7.36
N HIS A 36 25.97 2.81 6.46
CA HIS A 36 27.20 3.56 6.26
C HIS A 36 26.89 4.96 5.79
N TRP A 37 27.85 5.88 5.82
CA TRP A 37 27.57 7.19 5.23
C TRP A 37 27.50 7.11 3.71
N PHE A 38 26.63 7.94 3.18
CA PHE A 38 26.26 8.08 1.79
C PHE A 38 26.75 9.46 1.42
N THR A 39 28.02 9.51 1.04
CA THR A 39 28.66 10.66 0.43
C THR A 39 27.70 11.39 -0.49
N ASN A 40 26.90 10.68 -1.29
CA ASN A 40 25.92 11.28 -2.20
C ASN A 40 26.58 12.24 -3.19
N GLY A 41 27.89 12.07 -3.38
CA GLY A 41 28.69 13.02 -4.08
C GLY A 41 29.61 13.85 -3.19
N TYR A 42 29.15 14.27 -2.01
CA TYR A 42 29.93 15.09 -1.07
C TYR A 42 31.27 14.43 -0.76
N ASP A 43 32.30 15.23 -0.53
CA ASP A 43 33.63 14.68 -0.20
C ASP A 43 33.73 14.31 1.27
N GLY A 44 33.10 15.11 2.12
CA GLY A 44 33.09 14.96 3.56
C GLY A 44 32.28 16.07 4.22
N ASP A 45 32.63 17.33 3.98
CA ASP A 45 31.90 18.44 4.56
C ASP A 45 30.60 18.70 3.78
N GLY A 46 30.11 19.92 3.89
CA GLY A 46 28.97 20.37 3.14
C GLY A 46 29.30 20.96 1.79
N LYS A 47 30.18 20.32 1.02
CA LYS A 47 30.61 20.76 -0.31
C LYS A 47 30.90 19.56 -1.18
N LEU A 48 30.91 19.80 -2.49
CA LEU A 48 31.12 18.74 -3.47
C LEU A 48 32.26 19.11 -4.42
N PRO A 49 32.91 18.11 -5.04
CA PRO A 49 34.00 18.37 -5.96
C PRO A 49 33.46 18.97 -7.26
N LYS A 50 34.33 19.66 -8.00
CA LYS A 50 34.00 20.22 -9.31
C LYS A 50 33.40 19.13 -10.20
N GLY A 51 32.09 19.18 -10.42
CA GLY A 51 31.40 18.15 -11.19
C GLY A 51 30.78 17.08 -10.30
N ARG A 52 29.85 17.49 -9.44
CA ARG A 52 29.09 16.56 -8.61
C ARG A 52 27.62 16.91 -8.61
N THR A 53 26.78 15.91 -8.42
CA THR A 53 25.34 16.07 -8.40
C THR A 53 24.73 15.05 -7.44
N PRO A 54 24.31 15.49 -6.25
CA PRO A 54 23.64 14.64 -5.29
C PRO A 54 22.24 14.29 -5.76
N ILE A 55 21.74 13.16 -5.28
CA ILE A 55 20.41 12.66 -5.59
C ILE A 55 19.39 13.64 -5.03
N LYS A 56 18.52 14.15 -5.89
CA LYS A 56 17.47 15.06 -5.45
C LYS A 56 16.31 14.26 -4.90
N PHE A 57 15.80 14.71 -3.75
CA PHE A 57 14.67 14.09 -3.05
C PHE A 57 13.48 15.04 -2.99
N GLY A 58 13.76 16.35 -2.90
CA GLY A 58 12.75 17.38 -2.73
C GLY A 58 12.61 17.86 -1.28
N LYS A 59 13.37 17.27 -0.36
CA LYS A 59 13.38 17.68 1.05
C LYS A 59 14.56 18.58 1.31
N SER A 60 14.33 19.70 1.99
CA SER A 60 15.40 20.62 2.36
C SER A 60 16.40 19.99 3.33
N ASP A 61 16.05 18.85 3.95
CA ASP A 61 16.88 18.10 4.88
C ASP A 61 17.77 17.13 4.12
N CYS A 62 17.17 16.35 3.22
CA CYS A 62 17.90 15.45 2.32
C CYS A 62 18.61 16.18 1.19
N ASP A 63 18.34 17.47 1.02
CA ASP A 63 18.99 18.35 0.04
C ASP A 63 20.17 19.04 0.69
N ARG A 64 20.00 19.48 1.95
CA ARG A 64 21.06 20.19 2.64
C ARG A 64 22.39 19.44 2.57
N PRO A 65 23.48 20.16 2.73
CA PRO A 65 24.76 19.54 2.82
C PRO A 65 24.99 18.71 4.10
N PRO A 66 25.48 17.48 4.00
CA PRO A 66 25.82 16.66 5.13
C PRO A 66 27.04 17.22 5.87
N LYS A 67 27.27 16.68 7.06
CA LYS A 67 28.43 17.02 7.85
C LYS A 67 29.06 15.69 8.21
N HIS A 68 30.34 15.53 7.86
CA HIS A 68 31.21 14.41 8.25
C HIS A 68 32.25 14.86 9.29
N SER A 69 32.87 13.90 9.95
CA SER A 69 33.87 14.12 10.99
C SER A 69 34.80 12.93 11.07
N LYS A 70 35.82 13.04 11.93
CA LYS A 70 36.74 11.95 12.21
C LYS A 70 36.22 11.00 13.29
N ASP A 71 34.98 10.57 13.14
CA ASP A 71 34.31 9.68 14.11
C ASP A 71 33.09 8.97 13.52
N GLY A 72 33.05 8.87 12.18
CA GLY A 72 31.87 8.43 11.46
C GLY A 72 30.76 9.50 11.42
N ASN A 73 30.23 9.84 12.59
CA ASN A 73 29.24 10.89 12.80
C ASN A 73 29.97 12.04 13.50
N GLY A 74 29.87 12.16 14.82
CA GLY A 74 30.31 13.34 15.55
C GLY A 74 29.16 13.93 16.35
N LYS A 75 29.27 15.22 16.69
CA LYS A 75 28.25 15.94 17.48
C LYS A 75 26.83 15.78 16.93
N THR A 76 26.48 16.60 15.96
CA THR A 76 25.19 16.51 15.27
C THR A 76 25.37 16.20 13.79
N ASP A 77 26.60 15.87 13.36
CA ASP A 77 26.98 15.55 11.98
C ASP A 77 25.81 15.01 11.17
N HIS A 78 25.17 15.85 10.38
CA HIS A 78 23.91 15.47 9.74
C HIS A 78 24.26 14.83 8.42
N TYR A 79 24.86 13.66 8.46
CA TYR A 79 25.32 12.93 7.30
C TYR A 79 24.23 11.97 6.83
N LEU A 80 24.01 11.92 5.52
CA LEU A 80 23.06 10.96 4.99
C LEU A 80 23.69 9.59 5.04
N LEU A 81 23.01 8.60 5.62
CA LEU A 81 23.48 7.24 5.62
C LEU A 81 22.50 6.38 4.81
N GLU A 82 23.02 5.38 4.14
CA GLU A 82 22.23 4.40 3.42
C GLU A 82 22.21 3.05 4.13
N PHE A 83 21.23 2.22 3.78
CA PHE A 83 21.11 0.89 4.37
C PHE A 83 20.39 -0.10 3.45
N PRO A 84 20.82 -1.37 3.36
CA PRO A 84 20.21 -2.40 2.52
C PRO A 84 18.84 -2.84 3.03
N THR A 85 17.79 -2.25 2.49
CA THR A 85 16.43 -2.53 2.92
C THR A 85 15.75 -3.48 1.94
N PHE A 86 15.62 -4.73 2.32
CA PHE A 86 14.99 -5.73 1.45
C PHE A 86 13.46 -5.65 1.51
N PRO A 87 12.76 -6.20 0.52
CA PRO A 87 11.30 -6.23 0.51
C PRO A 87 10.73 -7.27 1.43
N ASP A 88 11.40 -8.44 1.57
CA ASP A 88 11.05 -9.51 2.50
C ASP A 88 10.68 -8.96 3.87
N GLY A 89 11.30 -7.83 4.22
CA GLY A 89 11.03 -7.15 5.47
C GLY A 89 11.77 -7.79 6.61
N HIS A 90 12.76 -8.62 6.28
CA HIS A 90 13.60 -9.26 7.26
C HIS A 90 14.69 -8.31 7.73
N ASP A 91 15.28 -8.60 8.87
CA ASP A 91 16.41 -7.88 9.41
C ASP A 91 17.68 -8.65 9.06
N TYR A 92 18.28 -8.29 7.92
CA TYR A 92 19.54 -8.87 7.50
C TYR A 92 20.59 -8.90 8.59
N LYS A 93 21.61 -9.72 8.40
CA LYS A 93 22.70 -9.80 9.36
C LYS A 93 23.76 -8.75 9.07
N PHE A 94 23.34 -7.50 9.09
CA PHE A 94 24.23 -6.35 8.92
C PHE A 94 25.06 -6.07 10.18
N ASP A 95 24.67 -6.63 11.31
CA ASP A 95 25.38 -6.46 12.60
C ASP A 95 26.40 -7.59 12.83
N SER A 96 26.18 -8.73 12.17
CA SER A 96 27.09 -9.85 12.26
C SER A 96 28.17 -9.70 11.21
N LYS A 97 29.39 -9.42 11.66
CA LYS A 97 30.56 -9.31 10.78
C LYS A 97 30.80 -10.59 10.01
N LYS A 98 30.77 -11.72 10.74
CA LYS A 98 31.02 -13.02 10.20
C LYS A 98 30.07 -14.05 10.83
N PRO A 99 29.36 -14.83 10.00
CA PRO A 99 29.37 -14.67 8.56
C PRO A 99 28.64 -13.38 8.14
N LYS A 100 28.71 -13.06 6.86
CA LYS A 100 28.04 -11.91 6.29
C LYS A 100 27.27 -12.34 5.06
N GLU A 101 26.17 -11.66 4.78
CA GLU A 101 25.40 -11.94 3.58
C GLU A 101 25.68 -10.91 2.47
N ASN A 102 25.06 -11.11 1.31
CA ASN A 102 25.23 -10.22 0.18
C ASN A 102 24.28 -8.99 0.26
N PRO A 103 24.79 -7.77 0.16
CA PRO A 103 23.92 -6.60 0.16
C PRO A 103 23.05 -6.50 -1.11
N GLY A 104 22.45 -5.32 -1.30
CA GLY A 104 21.66 -5.04 -2.48
C GLY A 104 21.89 -3.63 -3.01
N PRO A 105 21.33 -3.31 -4.18
CA PRO A 105 21.45 -1.99 -4.78
C PRO A 105 20.58 -0.98 -4.06
N ALA A 106 19.28 -1.23 -4.01
CA ALA A 106 18.34 -0.37 -3.32
C ALA A 106 18.68 -0.28 -1.84
N ARG A 107 18.68 0.95 -1.34
CA ARG A 107 18.97 1.24 0.05
C ARG A 107 18.19 2.43 0.51
N VAL A 108 17.82 2.48 1.78
CA VAL A 108 17.13 3.64 2.39
C VAL A 108 18.13 4.72 2.76
N ILE A 109 18.00 5.90 2.18
CA ILE A 109 18.92 7.02 2.40
C ILE A 109 18.16 8.02 3.23
N TYR A 110 18.66 8.27 4.44
CA TYR A 110 18.07 9.20 5.36
C TYR A 110 19.14 10.09 5.96
N THR A 111 18.75 11.28 6.37
CA THR A 111 19.67 12.23 6.99
C THR A 111 19.79 11.94 8.47
N TYR A 112 20.83 12.45 9.12
CA TYR A 112 21.01 12.26 10.55
C TYR A 112 20.77 13.58 11.32
N PRO A 113 20.39 13.51 12.60
CA PRO A 113 20.01 12.27 13.27
C PRO A 113 18.65 11.81 12.83
N ASN A 114 17.68 12.74 12.85
CA ASN A 114 16.33 12.52 12.39
C ASN A 114 16.37 11.81 11.05
N LYS A 115 16.01 10.52 11.02
CA LYS A 115 16.00 9.67 9.83
C LYS A 115 14.92 10.17 8.90
N VAL A 116 15.14 11.35 8.34
CA VAL A 116 14.27 12.04 7.41
C VAL A 116 14.43 11.26 6.13
N PHE A 117 13.74 10.12 6.07
CA PHE A 117 13.69 9.24 4.93
C PHE A 117 13.65 10.09 3.65
N CYS A 118 14.66 9.91 2.81
CA CYS A 118 14.72 10.64 1.57
C CYS A 118 14.14 9.80 0.46
N GLY A 119 14.52 8.53 0.43
CA GLY A 119 14.09 7.58 -0.58
C GLY A 119 15.07 6.45 -0.71
N ILE A 120 14.89 5.71 -1.78
CA ILE A 120 15.73 4.56 -2.06
C ILE A 120 16.44 4.86 -3.34
N ILE A 121 17.75 4.63 -3.38
CA ILE A 121 18.52 4.89 -4.57
C ILE A 121 18.92 3.56 -5.19
N ALA A 122 19.17 3.51 -6.48
CA ALA A 122 19.66 2.32 -7.16
C ALA A 122 20.06 2.65 -8.60
N HIS A 123 20.93 1.82 -9.17
CA HIS A 123 21.48 2.06 -10.50
C HIS A 123 20.57 1.39 -11.53
N THR A 124 19.57 2.09 -12.04
CA THR A 124 18.62 1.54 -13.04
C THR A 124 19.05 1.91 -14.46
N LYS A 125 20.35 1.86 -14.71
CA LYS A 125 20.88 2.14 -16.05
C LYS A 125 21.25 0.86 -16.78
N GLU A 126 21.61 -0.17 -16.04
CA GLU A 126 21.96 -1.48 -16.60
C GLU A 126 22.14 -2.51 -15.49
N ASN A 127 23.16 -2.31 -14.67
CA ASN A 127 23.47 -3.19 -13.53
C ASN A 127 24.21 -2.41 -12.44
N GLN A 128 25.21 -1.64 -12.87
CA GLN A 128 26.05 -0.85 -11.98
C GLN A 128 26.69 0.31 -12.75
N GLY A 129 25.89 1.35 -13.02
CA GLY A 129 26.40 2.53 -13.72
C GLY A 129 26.00 3.79 -12.96
N GLU A 130 25.05 4.51 -13.51
CA GLU A 130 24.57 5.74 -12.87
C GLU A 130 23.67 5.44 -11.70
N LEU A 131 23.63 6.31 -10.72
CA LEU A 131 22.75 6.15 -9.56
C LEU A 131 21.66 7.22 -9.61
N LYS A 132 20.47 6.88 -9.15
CA LYS A 132 19.32 7.76 -9.06
C LYS A 132 18.39 7.29 -7.96
N LEU A 133 17.40 8.11 -7.63
CA LEU A 133 16.39 7.75 -6.65
C LEU A 133 15.33 6.88 -7.33
N CYS A 134 14.77 5.94 -6.59
CA CYS A 134 13.65 5.12 -6.98
C CYS A 134 12.44 5.99 -7.24
N SER A 135 11.39 5.35 -7.70
CA SER A 135 10.18 6.06 -8.10
C SER A 135 9.10 5.00 -8.10
N HIS A 136 8.43 4.83 -6.95
CA HIS A 136 7.21 4.01 -6.81
C HIS A 136 6.16 4.20 -7.92
N ALA A 1 4.51 5.27 3.57
CA ALA A 1 3.98 4.04 2.94
C ALA A 1 4.65 2.86 3.60
N VAL A 2 3.87 1.84 3.93
CA VAL A 2 4.37 0.63 4.60
C VAL A 2 4.39 -0.50 3.59
N THR A 3 5.39 -1.34 3.64
CA THR A 3 5.51 -2.49 2.76
C THR A 3 4.75 -3.67 3.31
N TRP A 4 3.66 -4.06 2.65
CA TRP A 4 2.88 -5.21 3.02
C TRP A 4 3.55 -6.49 2.56
N THR A 5 3.53 -7.51 3.40
CA THR A 5 4.16 -8.78 3.09
C THR A 5 3.13 -9.87 3.13
N CYS A 6 3.01 -10.61 2.03
CA CYS A 6 2.10 -11.74 1.95
C CYS A 6 2.85 -13.05 1.83
N GLY A 7 3.94 -13.18 2.60
CA GLY A 7 4.78 -14.37 2.58
C GLY A 7 6.24 -13.99 2.61
N GLY A 8 6.86 -13.93 1.44
CA GLY A 8 8.27 -13.54 1.30
C GLY A 8 8.46 -12.35 0.37
N LEU A 9 7.36 -11.82 -0.16
CA LEU A 9 7.38 -10.77 -1.18
C LEU A 9 6.94 -9.50 -0.49
N LEU A 10 7.59 -8.41 -0.84
CA LEU A 10 7.32 -7.12 -0.23
C LEU A 10 6.55 -6.25 -1.22
N TYR A 11 5.37 -5.81 -0.83
CA TYR A 11 4.46 -5.06 -1.67
C TYR A 11 4.27 -3.68 -1.07
N ASN A 12 4.97 -2.69 -1.64
CA ASN A 12 4.85 -1.34 -1.15
C ASN A 12 3.40 -0.92 -1.19
N GLN A 13 2.82 -0.55 -0.06
CA GLN A 13 1.44 -0.13 -0.04
C GLN A 13 1.14 0.89 -1.09
N ASN A 14 1.98 1.91 -1.22
CA ASN A 14 1.81 2.92 -2.26
C ASN A 14 1.63 2.26 -3.61
N LYS A 15 2.38 1.20 -3.95
CA LYS A 15 2.15 0.39 -5.12
C LYS A 15 0.88 -0.45 -5.03
N ALA A 16 0.50 -1.00 -3.90
CA ALA A 16 -0.77 -1.68 -3.72
C ALA A 16 -1.97 -0.80 -4.09
N GLU A 17 -1.98 0.45 -3.63
CA GLU A 17 -3.02 1.40 -3.94
C GLU A 17 -2.74 2.03 -5.30
N SER A 18 -1.49 2.32 -5.67
CA SER A 18 -1.11 2.99 -6.90
C SER A 18 -1.27 2.04 -8.05
N ASN A 19 -0.56 0.91 -8.05
CA ASN A 19 -0.73 -0.16 -9.01
C ASN A 19 -2.19 -0.42 -9.33
N SER A 20 -3.05 -0.32 -8.31
CA SER A 20 -4.47 -0.42 -8.44
C SER A 20 -5.14 0.86 -8.90
N HIS A 21 -4.70 2.03 -8.46
CA HIS A 21 -5.21 3.33 -8.83
C HIS A 21 -5.42 3.41 -10.33
N HIS A 22 -4.50 2.82 -11.09
CA HIS A 22 -4.61 2.72 -12.53
C HIS A 22 -5.67 1.73 -12.97
N ALA A 23 -5.67 0.54 -12.37
CA ALA A 23 -6.68 -0.48 -12.56
C ALA A 23 -8.09 0.13 -12.70
N PRO A 24 -8.82 -0.28 -13.74
CA PRO A 24 -10.13 0.27 -14.02
C PRO A 24 -11.12 -0.27 -13.00
N LEU A 25 -11.81 0.64 -12.30
CA LEU A 25 -12.80 0.31 -11.30
C LEU A 25 -13.94 -0.49 -11.90
N SER A 26 -13.83 -1.81 -11.84
CA SER A 26 -14.77 -2.70 -12.48
C SER A 26 -14.35 -4.15 -12.25
N ASP A 27 -15.32 -5.07 -12.30
CA ASP A 27 -15.09 -6.49 -12.14
C ASP A 27 -14.95 -7.12 -13.51
N GLY A 28 -13.83 -7.81 -13.76
CA GLY A 28 -13.62 -8.52 -15.01
C GLY A 28 -13.98 -7.65 -16.21
N LYS A 29 -13.15 -6.64 -16.47
CA LYS A 29 -13.33 -5.72 -17.59
C LYS A 29 -12.01 -5.21 -18.12
N THR A 30 -10.98 -6.02 -18.00
CA THR A 30 -9.63 -5.63 -18.39
C THR A 30 -9.08 -6.68 -19.32
N GLY A 31 -8.25 -6.24 -20.27
CA GLY A 31 -7.66 -7.14 -21.25
C GLY A 31 -7.23 -8.45 -20.64
N SER A 32 -6.39 -8.38 -19.61
CA SER A 32 -5.98 -9.57 -18.88
C SER A 32 -7.15 -10.17 -18.12
N SER A 33 -7.60 -9.50 -17.06
CA SER A 33 -8.72 -9.94 -16.21
C SER A 33 -8.94 -9.04 -15.02
N TYR A 34 -7.90 -8.88 -14.20
CA TYR A 34 -7.91 -8.05 -13.04
C TYR A 34 -8.02 -6.55 -13.40
N PRO A 35 -8.60 -5.73 -12.53
CA PRO A 35 -9.16 -6.20 -11.26
C PRO A 35 -10.48 -6.92 -11.49
N HIS A 36 -10.89 -7.65 -10.47
CA HIS A 36 -12.11 -8.41 -10.53
C HIS A 36 -12.80 -8.39 -9.19
N TRP A 37 -14.09 -8.70 -9.15
CA TRP A 37 -14.82 -8.75 -7.91
C TRP A 37 -14.19 -9.76 -6.96
N PHE A 38 -14.10 -9.38 -5.68
CA PHE A 38 -13.48 -10.13 -4.64
C PHE A 38 -14.59 -10.62 -3.78
N THR A 39 -15.15 -11.77 -4.17
CA THR A 39 -16.11 -12.51 -3.37
C THR A 39 -15.73 -12.47 -1.91
N ASN A 40 -14.44 -12.47 -1.54
CA ASN A 40 -14.02 -12.38 -0.16
C ASN A 40 -14.66 -13.46 0.70
N GLY A 41 -15.10 -14.54 0.05
CA GLY A 41 -15.93 -15.52 0.66
C GLY A 41 -17.40 -15.46 0.27
N TYR A 42 -18.02 -14.27 0.20
CA TYR A 42 -19.38 -14.06 -0.23
C TYR A 42 -19.73 -14.86 -1.48
N ASP A 43 -21.00 -15.22 -1.62
CA ASP A 43 -21.44 -15.95 -2.80
C ASP A 43 -21.71 -15.02 -3.97
N GLY A 44 -22.25 -13.83 -3.68
CA GLY A 44 -22.60 -12.82 -4.66
C GLY A 44 -22.84 -11.47 -4.02
N ASP A 45 -24.02 -11.33 -3.42
CA ASP A 45 -24.45 -10.10 -2.76
C ASP A 45 -24.49 -10.27 -1.25
N GLY A 46 -25.43 -11.11 -0.78
CA GLY A 46 -25.61 -11.42 0.62
C GLY A 46 -24.33 -11.98 1.21
N LYS A 47 -24.41 -12.48 2.43
CA LYS A 47 -23.28 -13.10 3.10
C LYS A 47 -22.73 -14.28 2.29
N LEU A 48 -21.87 -15.05 2.93
CA LEU A 48 -21.27 -16.19 2.28
C LEU A 48 -22.16 -17.41 2.42
N PRO A 49 -21.92 -18.44 1.60
CA PRO A 49 -22.67 -19.68 1.66
C PRO A 49 -22.30 -20.47 2.90
N LYS A 50 -23.06 -21.54 3.15
CA LYS A 50 -22.81 -22.45 4.26
C LYS A 50 -21.41 -23.06 4.14
N GLY A 51 -20.45 -22.46 4.84
CA GLY A 51 -19.07 -22.89 4.78
C GLY A 51 -18.20 -21.90 4.04
N ARG A 52 -17.66 -20.90 4.75
CA ARG A 52 -16.75 -19.92 4.22
C ARG A 52 -16.07 -19.14 5.31
N THR A 53 -14.98 -18.45 4.96
CA THR A 53 -14.19 -17.71 5.93
C THR A 53 -13.67 -16.43 5.29
N PRO A 54 -14.39 -15.31 5.49
CA PRO A 54 -14.01 -14.02 4.94
C PRO A 54 -12.81 -13.45 5.67
N ILE A 55 -12.25 -12.37 5.12
CA ILE A 55 -11.08 -11.74 5.69
C ILE A 55 -11.53 -10.54 6.48
N LYS A 56 -11.00 -10.37 7.69
CA LYS A 56 -11.31 -9.22 8.51
C LYS A 56 -10.37 -8.07 8.16
N PHE A 57 -10.81 -6.84 8.47
CA PHE A 57 -10.03 -5.63 8.24
C PHE A 57 -10.20 -4.66 9.39
N GLY A 58 -11.44 -4.44 9.81
CA GLY A 58 -11.80 -3.47 10.83
C GLY A 58 -12.60 -2.30 10.29
N LYS A 59 -12.82 -2.26 8.97
CA LYS A 59 -13.63 -1.23 8.33
C LYS A 59 -15.04 -1.72 8.13
N SER A 60 -16.02 -0.89 8.46
CA SER A 60 -17.44 -1.22 8.25
C SER A 60 -17.78 -1.25 6.76
N ASP A 61 -16.85 -0.86 5.89
CA ASP A 61 -17.04 -0.84 4.44
C ASP A 61 -16.65 -2.16 3.86
N CYS A 62 -15.40 -2.58 4.11
CA CYS A 62 -14.90 -3.87 3.65
C CYS A 62 -15.55 -5.00 4.44
N ASP A 63 -16.13 -4.68 5.60
CA ASP A 63 -16.89 -5.62 6.40
C ASP A 63 -18.30 -5.81 5.88
N ARG A 64 -18.94 -4.71 5.46
CA ARG A 64 -20.28 -4.77 4.93
C ARG A 64 -20.37 -5.82 3.81
N PRO A 65 -21.60 -6.28 3.54
CA PRO A 65 -21.84 -7.17 2.44
C PRO A 65 -21.72 -6.50 1.06
N PRO A 66 -21.05 -7.15 0.09
CA PRO A 66 -20.89 -6.63 -1.25
C PRO A 66 -22.20 -6.70 -2.02
N LYS A 67 -22.21 -6.07 -3.19
CA LYS A 67 -23.37 -6.09 -4.05
C LYS A 67 -22.98 -6.53 -5.45
N HIS A 68 -22.27 -7.64 -5.61
CA HIS A 68 -21.89 -8.07 -6.95
C HIS A 68 -23.05 -8.73 -7.69
N SER A 69 -22.96 -8.82 -9.01
CA SER A 69 -23.97 -9.49 -9.81
C SER A 69 -23.38 -9.80 -11.14
N LYS A 70 -24.16 -10.46 -12.00
CA LYS A 70 -23.81 -10.78 -13.37
C LYS A 70 -23.64 -9.52 -14.22
N ASP A 71 -22.54 -8.81 -14.00
CA ASP A 71 -22.21 -7.55 -14.64
C ASP A 71 -20.88 -7.03 -14.13
N GLY A 72 -20.70 -7.05 -12.80
CA GLY A 72 -19.51 -6.55 -12.16
C GLY A 72 -19.78 -5.35 -11.34
N ASN A 73 -20.04 -4.23 -12.00
CA ASN A 73 -20.28 -2.94 -11.41
C ASN A 73 -21.56 -2.39 -12.00
N GLY A 74 -22.68 -3.06 -11.73
CA GLY A 74 -23.98 -2.64 -12.22
C GLY A 74 -24.36 -1.25 -11.73
N LYS A 75 -25.35 -1.16 -10.84
CA LYS A 75 -25.75 0.13 -10.27
C LYS A 75 -24.63 0.76 -9.46
N THR A 76 -24.69 0.59 -8.15
CA THR A 76 -23.67 1.10 -7.24
C THR A 76 -22.93 -0.02 -6.56
N ASP A 77 -23.05 -1.25 -7.10
CA ASP A 77 -22.48 -2.44 -6.55
C ASP A 77 -21.19 -2.12 -5.83
N HIS A 78 -21.17 -2.17 -4.51
CA HIS A 78 -19.99 -1.80 -3.74
C HIS A 78 -19.09 -3.01 -3.56
N TYR A 79 -19.34 -4.04 -4.36
CA TYR A 79 -18.58 -5.25 -4.41
C TYR A 79 -17.09 -4.96 -4.29
N LEU A 80 -16.37 -5.75 -3.50
CA LEU A 80 -14.93 -5.56 -3.40
C LEU A 80 -14.24 -6.00 -4.68
N LEU A 81 -13.04 -5.51 -4.95
CA LEU A 81 -12.32 -5.84 -6.16
C LEU A 81 -10.87 -6.04 -5.82
N GLU A 82 -10.35 -7.23 -6.11
CA GLU A 82 -8.97 -7.52 -5.86
C GLU A 82 -8.10 -7.23 -7.08
N PHE A 83 -6.83 -6.92 -6.81
CA PHE A 83 -5.91 -6.63 -7.90
C PHE A 83 -4.49 -7.10 -7.60
N PRO A 84 -3.82 -7.76 -8.54
CA PRO A 84 -2.48 -8.30 -8.34
C PRO A 84 -1.47 -7.18 -8.35
N THR A 85 -0.86 -6.95 -7.17
CA THR A 85 0.13 -5.92 -6.98
C THR A 85 1.52 -6.52 -6.90
N PHE A 86 2.34 -6.29 -7.91
CA PHE A 86 3.69 -6.80 -7.95
C PHE A 86 4.65 -5.91 -7.16
N PRO A 87 5.79 -6.48 -6.73
CA PRO A 87 6.80 -5.74 -5.98
C PRO A 87 7.62 -4.83 -6.84
N ASP A 88 8.02 -5.30 -8.05
CA ASP A 88 8.76 -4.51 -9.02
C ASP A 88 8.15 -3.12 -9.17
N GLY A 89 6.81 -3.05 -8.97
CA GLY A 89 6.08 -1.81 -9.01
C GLY A 89 5.69 -1.48 -10.43
N HIS A 90 5.92 -2.43 -11.35
CA HIS A 90 5.58 -2.28 -12.74
C HIS A 90 4.07 -2.41 -12.88
N ASP A 91 3.44 -1.44 -13.53
CA ASP A 91 2.04 -1.50 -13.86
C ASP A 91 1.77 -2.68 -14.76
N TYR A 92 1.40 -3.83 -14.16
CA TYR A 92 1.10 -5.03 -14.90
C TYR A 92 0.34 -4.71 -16.17
N LYS A 93 0.58 -5.45 -17.24
CA LYS A 93 -0.15 -5.27 -18.47
C LYS A 93 -1.54 -5.90 -18.34
N PHE A 94 -2.30 -5.48 -17.36
CA PHE A 94 -3.66 -5.91 -17.15
C PHE A 94 -4.61 -5.34 -18.19
N ASP A 95 -4.15 -4.40 -19.01
CA ASP A 95 -4.95 -3.78 -20.05
C ASP A 95 -4.82 -4.55 -21.35
N SER A 96 -3.63 -5.08 -21.62
CA SER A 96 -3.37 -5.85 -22.81
C SER A 96 -3.78 -7.29 -22.57
N LYS A 97 -4.84 -7.73 -23.25
CA LYS A 97 -5.31 -9.10 -23.15
C LYS A 97 -4.23 -10.08 -23.54
N LYS A 98 -3.60 -9.81 -24.70
CA LYS A 98 -2.59 -10.65 -25.26
C LYS A 98 -1.51 -9.76 -25.92
N PRO A 99 -0.23 -10.03 -25.62
CA PRO A 99 0.14 -11.00 -24.61
C PRO A 99 -0.22 -10.49 -23.20
N LYS A 100 -0.01 -11.34 -22.20
CA LYS A 100 -0.25 -11.01 -20.81
C LYS A 100 0.87 -11.55 -19.94
N GLU A 101 1.18 -10.83 -18.88
CA GLU A 101 2.19 -11.30 -17.95
C GLU A 101 1.62 -12.21 -16.87
N ASN A 102 2.50 -12.79 -16.06
CA ASN A 102 2.06 -13.62 -14.97
C ASN A 102 1.46 -12.78 -13.85
N PRO A 103 0.39 -13.28 -13.18
CA PRO A 103 -0.23 -12.61 -12.05
C PRO A 103 0.65 -12.70 -10.79
N GLY A 104 0.05 -12.40 -9.64
CA GLY A 104 0.72 -12.49 -8.37
C GLY A 104 -0.18 -13.04 -7.27
N PRO A 105 0.40 -13.47 -6.15
CA PRO A 105 -0.36 -13.99 -5.02
C PRO A 105 -1.02 -12.86 -4.26
N ALA A 106 -0.23 -11.92 -3.73
CA ALA A 106 -0.77 -10.79 -3.02
C ALA A 106 -1.60 -9.92 -3.92
N ARG A 107 -2.72 -9.43 -3.38
CA ARG A 107 -3.64 -8.59 -4.10
C ARG A 107 -4.22 -7.53 -3.20
N VAL A 108 -4.43 -6.33 -3.76
CA VAL A 108 -5.01 -5.21 -3.05
C VAL A 108 -6.52 -5.30 -3.04
N ILE A 109 -7.12 -5.30 -1.85
CA ILE A 109 -8.55 -5.40 -1.70
C ILE A 109 -9.12 -4.07 -1.31
N TYR A 110 -10.29 -3.76 -1.87
CA TYR A 110 -10.95 -2.50 -1.65
C TYR A 110 -12.38 -2.57 -2.11
N THR A 111 -13.22 -1.74 -1.49
CA THR A 111 -14.64 -1.70 -1.81
C THR A 111 -14.89 -0.71 -2.93
N TYR A 112 -16.07 -0.76 -3.54
CA TYR A 112 -16.41 0.15 -4.60
C TYR A 112 -17.52 1.13 -4.15
N PRO A 113 -17.59 2.32 -4.78
CA PRO A 113 -16.59 2.77 -5.74
C PRO A 113 -15.34 3.17 -5.01
N ASN A 114 -15.45 4.05 -4.01
CA ASN A 114 -14.34 4.49 -3.21
C ASN A 114 -13.45 3.32 -2.86
N LYS A 115 -12.23 3.26 -3.42
CA LYS A 115 -11.28 2.18 -3.20
C LYS A 115 -10.83 2.21 -1.76
N VAL A 116 -11.72 1.81 -0.85
CA VAL A 116 -11.50 1.83 0.58
C VAL A 116 -10.52 0.71 0.86
N PHE A 117 -9.25 0.96 0.57
CA PHE A 117 -8.16 0.06 0.74
C PHE A 117 -8.32 -0.73 2.05
N CYS A 118 -8.67 -2.01 1.91
CA CYS A 118 -8.90 -2.83 3.07
C CYS A 118 -7.57 -3.32 3.57
N GLY A 119 -6.72 -3.79 2.65
CA GLY A 119 -5.41 -4.31 2.94
C GLY A 119 -4.93 -5.18 1.81
N ILE A 120 -4.14 -6.19 2.15
CA ILE A 120 -3.54 -7.04 1.14
C ILE A 120 -3.86 -8.45 1.52
N ILE A 121 -4.20 -9.29 0.57
CA ILE A 121 -4.57 -10.67 0.84
C ILE A 121 -3.78 -11.56 -0.07
N ALA A 122 -3.57 -12.81 0.32
CA ALA A 122 -2.84 -13.78 -0.47
C ALA A 122 -2.81 -15.11 0.24
N HIS A 123 -2.56 -16.18 -0.50
CA HIS A 123 -2.52 -17.53 0.04
C HIS A 123 -1.10 -17.85 0.46
N THR A 124 -0.77 -17.61 1.73
CA THR A 124 0.57 -17.88 2.26
C THR A 124 0.62 -19.22 2.99
N LYS A 125 -0.06 -20.21 2.42
CA LYS A 125 -0.07 -21.55 3.00
C LYS A 125 0.84 -22.49 2.23
N GLU A 126 1.04 -22.21 0.94
CA GLU A 126 1.92 -23.00 0.09
C GLU A 126 2.15 -22.30 -1.25
N ASN A 127 1.07 -22.14 -2.03
CA ASN A 127 1.09 -21.47 -3.32
C ASN A 127 -0.27 -20.89 -3.65
N GLN A 128 -1.31 -21.71 -3.45
CA GLN A 128 -2.68 -21.34 -3.73
C GLN A 128 -3.65 -22.20 -2.92
N GLY A 129 -3.76 -21.91 -1.63
CA GLY A 129 -4.67 -22.64 -0.77
C GLY A 129 -5.72 -21.73 -0.17
N GLU A 130 -5.58 -21.42 1.11
CA GLU A 130 -6.51 -20.54 1.80
C GLU A 130 -6.12 -19.08 1.62
N LEU A 131 -7.06 -18.15 1.76
CA LEU A 131 -6.79 -16.73 1.65
C LEU A 131 -6.82 -16.09 3.03
N LYS A 132 -5.91 -15.14 3.26
CA LYS A 132 -5.81 -14.42 4.52
C LYS A 132 -5.31 -13.03 4.26
N LEU A 133 -5.30 -12.19 5.29
CA LEU A 133 -4.79 -10.82 5.21
C LEU A 133 -3.29 -10.82 5.46
N CYS A 134 -2.55 -10.07 4.63
CA CYS A 134 -1.13 -9.88 4.78
C CYS A 134 -0.85 -9.10 6.06
N SER A 135 0.42 -8.85 6.31
CA SER A 135 0.82 -8.15 7.53
C SER A 135 2.18 -7.59 7.25
N HIS A 136 2.23 -6.35 6.76
CA HIS A 136 3.47 -5.58 6.62
C HIS A 136 4.48 -5.85 7.74
N ALA A 1 4.50 5.29 3.59
CA ALA A 1 3.97 4.07 2.96
C ALA A 1 4.95 2.94 3.21
N VAL A 2 4.46 1.75 3.52
CA VAL A 2 5.30 0.59 3.75
C VAL A 2 5.54 -0.16 2.43
N THR A 3 6.59 -0.96 2.37
CA THR A 3 6.93 -1.75 1.20
C THR A 3 6.37 -3.15 1.31
N TRP A 4 5.34 -3.43 0.53
CA TRP A 4 4.68 -4.73 0.50
C TRP A 4 5.52 -5.69 -0.32
N THR A 5 5.61 -6.94 0.11
CA THR A 5 6.39 -7.95 -0.58
C THR A 5 5.56 -9.19 -0.72
N CYS A 6 5.66 -9.79 -1.90
CA CYS A 6 4.96 -11.03 -2.19
C CYS A 6 5.99 -12.08 -2.58
N GLY A 7 6.88 -12.45 -1.65
CA GLY A 7 7.92 -13.47 -1.83
C GLY A 7 8.56 -13.45 -3.22
N GLY A 8 9.43 -12.48 -3.49
CA GLY A 8 10.02 -12.31 -4.82
C GLY A 8 10.55 -10.90 -5.00
N LEU A 9 9.64 -9.95 -5.21
CA LEU A 9 9.98 -8.54 -5.34
C LEU A 9 9.16 -7.70 -4.36
N LEU A 10 9.67 -6.49 -4.11
CA LEU A 10 9.05 -5.53 -3.22
C LEU A 10 8.06 -4.69 -4.01
N TYR A 11 7.22 -3.93 -3.32
CA TYR A 11 6.11 -3.18 -3.87
C TYR A 11 5.78 -2.04 -2.93
N ASN A 12 6.47 -0.90 -3.10
CA ASN A 12 6.21 0.26 -2.27
C ASN A 12 4.73 0.59 -2.36
N GLN A 13 3.99 0.60 -1.25
CA GLN A 13 2.56 0.92 -1.26
C GLN A 13 2.29 2.20 -2.03
N ASN A 14 3.10 3.23 -1.82
CA ASN A 14 2.97 4.48 -2.55
C ASN A 14 2.89 4.21 -4.06
N LYS A 15 3.68 3.31 -4.61
CA LYS A 15 3.54 2.82 -5.97
C LYS A 15 2.34 1.91 -6.14
N ALA A 16 2.07 0.97 -5.28
CA ALA A 16 0.87 0.15 -5.36
C ALA A 16 -0.41 0.98 -5.50
N GLU A 17 -0.50 2.11 -4.79
CA GLU A 17 -1.61 3.04 -4.88
C GLU A 17 -1.35 4.01 -6.01
N SER A 18 -0.18 4.64 -6.14
CA SER A 18 0.15 5.70 -7.10
C SER A 18 0.20 5.11 -8.50
N ASN A 19 1.03 4.11 -8.75
CA ASN A 19 1.02 3.32 -9.98
C ASN A 19 -0.42 2.99 -10.40
N SER A 20 -1.32 2.73 -9.44
CA SER A 20 -2.74 2.48 -9.71
C SER A 20 -3.59 3.73 -9.84
N HIS A 21 -3.24 4.84 -9.16
CA HIS A 21 -3.93 6.12 -9.20
C HIS A 21 -4.14 6.56 -10.64
N HIS A 22 -3.19 6.24 -11.51
CA HIS A 22 -3.23 6.49 -12.94
C HIS A 22 -4.23 5.56 -13.62
N ALA A 23 -4.13 4.26 -13.33
CA ALA A 23 -5.05 3.23 -13.79
C ALA A 23 -6.51 3.72 -13.77
N PRO A 24 -7.20 3.68 -14.91
CA PRO A 24 -8.55 4.17 -15.02
C PRO A 24 -9.47 3.23 -14.27
N LEU A 25 -10.25 3.80 -13.34
CA LEU A 25 -11.22 3.06 -12.54
C LEU A 25 -12.31 2.42 -13.40
N SER A 26 -12.11 1.16 -13.76
CA SER A 26 -12.96 0.42 -14.69
C SER A 26 -12.43 -1.00 -14.87
N ASP A 27 -13.30 -1.95 -15.21
CA ASP A 27 -12.98 -3.34 -15.50
C ASP A 27 -12.74 -3.51 -16.99
N GLY A 28 -11.53 -3.93 -17.38
CA GLY A 28 -11.23 -4.24 -18.77
C GLY A 28 -11.66 -3.12 -19.72
N LYS A 29 -10.95 -1.99 -19.65
CA LYS A 29 -11.24 -0.80 -20.46
C LYS A 29 -9.98 -0.03 -20.84
N THR A 30 -8.86 -0.72 -20.83
CA THR A 30 -7.55 -0.16 -21.11
C THR A 30 -6.92 -0.93 -22.25
N GLY A 31 -6.07 -0.24 -23.02
CA GLY A 31 -5.34 -0.81 -24.15
C GLY A 31 -4.85 -2.23 -23.91
N SER A 32 -3.96 -2.40 -22.93
CA SER A 32 -3.51 -3.73 -22.54
C SER A 32 -4.65 -4.57 -21.98
N SER A 33 -5.28 -4.11 -20.90
CA SER A 33 -6.42 -4.75 -20.19
C SER A 33 -6.56 -4.25 -18.77
N TYR A 34 -5.44 -4.23 -18.03
CA TYR A 34 -5.40 -3.78 -16.65
C TYR A 34 -5.74 -2.28 -16.49
N PRO A 35 -6.41 -1.87 -15.41
CA PRO A 35 -6.91 -2.75 -14.38
C PRO A 35 -8.13 -3.51 -14.86
N HIS A 36 -8.38 -4.64 -14.21
CA HIS A 36 -9.46 -5.54 -14.57
C HIS A 36 -10.16 -6.01 -13.33
N TRP A 37 -11.30 -6.69 -13.48
CA TRP A 37 -12.02 -7.17 -12.32
C TRP A 37 -11.25 -8.31 -11.68
N PHE A 38 -11.38 -8.40 -10.37
CA PHE A 38 -10.74 -9.34 -9.50
C PHE A 38 -11.86 -10.03 -8.74
N THR A 39 -12.50 -10.98 -9.43
CA THR A 39 -13.49 -11.90 -8.85
C THR A 39 -13.12 -12.30 -7.43
N ASN A 40 -11.82 -12.56 -7.16
CA ASN A 40 -11.33 -12.93 -5.83
C ASN A 40 -12.00 -14.22 -5.34
N GLY A 41 -12.62 -14.95 -6.26
CA GLY A 41 -13.42 -16.11 -5.93
C GLY A 41 -14.87 -15.89 -6.28
N TYR A 42 -15.44 -14.71 -6.03
CA TYR A 42 -16.84 -14.40 -6.32
C TYR A 42 -17.24 -14.77 -7.75
N ASP A 43 -18.53 -14.93 -7.99
CA ASP A 43 -19.04 -15.29 -9.32
C ASP A 43 -19.20 -14.06 -10.21
N GLY A 44 -19.60 -12.95 -9.58
CA GLY A 44 -19.87 -11.69 -10.23
C GLY A 44 -21.02 -10.95 -9.55
N ASP A 45 -21.99 -11.66 -8.98
CA ASP A 45 -23.11 -11.01 -8.32
C ASP A 45 -22.75 -10.56 -6.91
N GLY A 46 -22.26 -11.50 -6.11
CA GLY A 46 -21.89 -11.29 -4.72
C GLY A 46 -21.89 -12.57 -3.90
N LYS A 47 -21.52 -13.70 -4.53
CA LYS A 47 -21.44 -15.01 -3.89
C LYS A 47 -20.24 -15.74 -4.45
N LEU A 48 -19.79 -16.74 -3.72
CA LEU A 48 -18.65 -17.54 -4.11
C LEU A 48 -19.09 -18.95 -4.54
N PRO A 49 -18.37 -19.57 -5.50
CA PRO A 49 -18.68 -20.88 -6.02
C PRO A 49 -18.35 -21.97 -5.00
N LYS A 50 -18.65 -23.22 -5.37
CA LYS A 50 -18.30 -24.38 -4.57
C LYS A 50 -16.81 -24.70 -4.72
N GLY A 51 -16.02 -24.33 -3.72
CA GLY A 51 -14.58 -24.61 -3.69
C GLY A 51 -13.79 -23.39 -4.11
N ARG A 52 -13.55 -22.48 -3.16
CA ARG A 52 -12.78 -21.26 -3.37
C ARG A 52 -12.35 -20.68 -2.02
N THR A 53 -11.53 -19.64 -2.05
CA THR A 53 -11.13 -18.90 -0.86
C THR A 53 -10.78 -17.46 -1.20
N PRO A 54 -11.62 -16.48 -0.83
CA PRO A 54 -11.34 -15.08 -1.05
C PRO A 54 -10.23 -14.59 -0.14
N ILE A 55 -9.43 -13.67 -0.67
CA ILE A 55 -8.32 -13.07 0.05
C ILE A 55 -8.89 -12.16 1.13
N LYS A 56 -8.56 -12.46 2.38
CA LYS A 56 -8.97 -11.62 3.51
C LYS A 56 -8.00 -10.47 3.67
N PHE A 57 -8.56 -9.28 3.82
CA PHE A 57 -7.83 -8.03 3.99
C PHE A 57 -8.08 -7.43 5.37
N GLY A 58 -9.35 -7.26 5.73
CA GLY A 58 -9.79 -6.64 6.97
C GLY A 58 -10.67 -5.40 6.75
N LYS A 59 -10.82 -4.97 5.50
CA LYS A 59 -11.68 -3.86 5.13
C LYS A 59 -13.06 -4.35 4.78
N SER A 60 -14.08 -3.72 5.36
CA SER A 60 -15.49 -4.01 5.08
C SER A 60 -15.88 -3.60 3.65
N ASP A 61 -14.96 -2.99 2.89
CA ASP A 61 -15.19 -2.57 1.52
C ASP A 61 -14.85 -3.72 0.59
N CYS A 62 -13.64 -4.27 0.72
CA CYS A 62 -13.17 -5.36 -0.11
C CYS A 62 -13.79 -6.68 0.34
N ASP A 63 -14.00 -6.82 1.66
CA ASP A 63 -14.70 -7.96 2.23
C ASP A 63 -16.15 -8.03 1.73
N ARG A 64 -16.79 -6.87 1.57
CA ARG A 64 -18.15 -6.80 1.09
C ARG A 64 -18.32 -7.59 -0.21
N PRO A 65 -19.59 -7.94 -0.51
CA PRO A 65 -19.88 -8.59 -1.78
C PRO A 65 -19.70 -7.62 -2.96
N PRO A 66 -18.82 -7.92 -3.93
CA PRO A 66 -18.64 -7.15 -5.14
C PRO A 66 -19.85 -7.26 -6.04
N LYS A 67 -19.92 -6.42 -7.08
CA LYS A 67 -21.01 -6.47 -8.06
C LYS A 67 -20.39 -6.44 -9.45
N HIS A 68 -20.86 -7.26 -10.37
CA HIS A 68 -20.40 -7.31 -11.76
C HIS A 68 -21.55 -6.90 -12.67
N SER A 69 -21.18 -6.51 -13.88
CA SER A 69 -22.12 -6.08 -14.91
C SER A 69 -21.57 -6.39 -16.28
N LYS A 70 -22.42 -6.23 -17.30
CA LYS A 70 -22.05 -6.44 -18.69
C LYS A 70 -21.43 -5.17 -19.30
N ASP A 71 -20.34 -4.70 -18.73
CA ASP A 71 -19.63 -3.49 -19.18
C ASP A 71 -18.34 -3.28 -18.40
N GLY A 72 -18.40 -3.59 -17.10
CA GLY A 72 -17.31 -3.44 -16.16
C GLY A 72 -17.76 -2.60 -14.98
N ASN A 73 -18.03 -1.33 -15.23
CA ASN A 73 -18.36 -0.28 -14.26
C ASN A 73 -19.65 0.38 -14.74
N GLY A 74 -20.73 -0.39 -14.81
CA GLY A 74 -22.04 0.11 -15.18
C GLY A 74 -22.56 1.15 -14.19
N LYS A 75 -23.51 0.78 -13.33
CA LYS A 75 -24.05 1.69 -12.32
C LYS A 75 -22.99 2.09 -11.28
N THR A 76 -22.93 1.35 -10.19
CA THR A 76 -21.96 1.56 -9.13
C THR A 76 -21.24 0.27 -8.79
N ASP A 77 -21.35 -0.74 -9.65
CA ASP A 77 -20.76 -2.06 -9.48
C ASP A 77 -19.49 -2.01 -8.64
N HIS A 78 -19.53 -2.39 -7.37
CA HIS A 78 -18.42 -2.18 -6.43
C HIS A 78 -17.57 -3.42 -6.42
N TYR A 79 -16.95 -3.72 -7.54
CA TYR A 79 -16.15 -4.90 -7.75
C TYR A 79 -14.69 -4.60 -7.47
N LEU A 80 -14.00 -5.56 -6.86
CA LEU A 80 -12.57 -5.41 -6.68
C LEU A 80 -11.85 -5.50 -8.02
N LEU A 81 -10.82 -4.70 -8.25
CA LEU A 81 -10.00 -4.72 -9.43
C LEU A 81 -8.53 -4.80 -9.06
N GLU A 82 -7.77 -5.54 -9.85
CA GLU A 82 -6.35 -5.69 -9.67
C GLU A 82 -5.56 -4.90 -10.73
N PHE A 83 -4.34 -4.52 -10.36
CA PHE A 83 -3.47 -3.76 -11.25
C PHE A 83 -2.00 -4.18 -11.12
N PRO A 84 -1.31 -4.48 -12.22
CA PRO A 84 0.08 -4.86 -12.23
C PRO A 84 0.97 -3.65 -11.94
N THR A 85 1.30 -3.49 -10.67
CA THR A 85 2.16 -2.41 -10.17
C THR A 85 3.57 -2.92 -9.95
N PHE A 86 4.50 -2.42 -10.76
CA PHE A 86 5.89 -2.80 -10.66
C PHE A 86 6.62 -2.03 -9.55
N PRO A 87 7.75 -2.57 -9.05
CA PRO A 87 8.53 -1.90 -8.03
C PRO A 87 9.35 -0.76 -8.54
N ASP A 88 9.95 -0.89 -9.74
CA ASP A 88 10.70 0.17 -10.43
C ASP A 88 9.99 1.51 -10.27
N GLY A 89 8.65 1.46 -10.32
CA GLY A 89 7.79 2.61 -10.23
C GLY A 89 7.25 3.05 -11.56
N HIS A 90 7.75 2.44 -12.63
CA HIS A 90 7.32 2.70 -13.98
C HIS A 90 5.86 2.30 -14.09
N ASP A 91 5.04 3.25 -14.50
CA ASP A 91 3.66 3.00 -14.81
C ASP A 91 3.61 2.03 -15.99
N TYR A 92 3.05 0.84 -15.75
CA TYR A 92 2.78 -0.13 -16.80
C TYR A 92 2.17 0.49 -18.06
N LYS A 93 2.34 -0.14 -19.20
CA LYS A 93 1.79 0.31 -20.47
C LYS A 93 0.42 -0.33 -20.68
N PHE A 94 -0.53 0.05 -19.85
CA PHE A 94 -1.92 -0.37 -19.98
C PHE A 94 -2.69 0.44 -21.01
N ASP A 95 -2.10 1.49 -21.56
CA ASP A 95 -2.73 2.35 -22.56
C ASP A 95 -2.45 1.85 -23.97
N SER A 96 -1.22 1.37 -24.17
CA SER A 96 -0.80 0.84 -25.47
C SER A 96 -1.14 -0.64 -25.53
N LYS A 97 -2.16 -1.00 -26.32
CA LYS A 97 -2.55 -2.40 -26.50
C LYS A 97 -1.39 -3.23 -27.06
N LYS A 98 -0.73 -2.68 -28.08
CA LYS A 98 0.37 -3.30 -28.77
C LYS A 98 1.41 -2.23 -29.15
N PRO A 99 2.70 -2.49 -28.87
CA PRO A 99 3.12 -3.64 -28.06
C PRO A 99 2.68 -3.45 -26.60
N LYS A 100 2.88 -4.48 -25.79
CA LYS A 100 2.56 -4.47 -24.37
C LYS A 100 3.67 -5.13 -23.60
N GLU A 101 3.80 -4.76 -22.32
CA GLU A 101 4.82 -5.35 -21.46
C GLU A 101 4.22 -6.47 -20.62
N ASN A 102 5.09 -7.20 -19.93
CA ASN A 102 4.66 -8.19 -18.97
C ASN A 102 3.71 -7.58 -17.93
N PRO A 103 2.70 -8.34 -17.49
CA PRO A 103 1.78 -7.89 -16.46
C PRO A 103 2.46 -7.90 -15.10
N GLY A 104 2.77 -9.06 -14.54
CA GLY A 104 3.39 -9.17 -13.23
C GLY A 104 2.58 -10.07 -12.31
N PRO A 105 3.22 -10.72 -11.33
CA PRO A 105 2.54 -11.59 -10.39
C PRO A 105 1.77 -10.80 -9.35
N ALA A 106 2.48 -9.91 -8.64
CA ALA A 106 1.87 -9.05 -7.67
C ALA A 106 1.05 -7.98 -8.34
N ARG A 107 -0.12 -7.72 -7.78
CA ARG A 107 -1.04 -6.69 -8.25
C ARG A 107 -1.74 -6.04 -7.08
N VAL A 108 -2.09 -4.77 -7.21
CA VAL A 108 -2.85 -4.01 -6.22
C VAL A 108 -4.34 -4.23 -6.38
N ILE A 109 -4.94 -4.86 -5.38
CA ILE A 109 -6.34 -5.22 -5.40
C ILE A 109 -7.08 -4.19 -4.56
N TYR A 110 -8.01 -3.51 -5.19
CA TYR A 110 -8.79 -2.48 -4.56
C TYR A 110 -10.25 -2.57 -4.98
N THR A 111 -11.12 -1.95 -4.22
CA THR A 111 -12.56 -1.96 -4.50
C THR A 111 -12.96 -0.80 -5.38
N TYR A 112 -14.11 -0.85 -6.02
CA TYR A 112 -14.60 0.24 -6.85
C TYR A 112 -15.82 0.93 -6.20
N PRO A 113 -16.07 2.22 -6.53
CA PRO A 113 -15.15 3.04 -7.29
C PRO A 113 -13.98 3.41 -6.41
N ASN A 114 -14.25 3.97 -5.23
CA ASN A 114 -13.23 4.35 -4.27
C ASN A 114 -12.14 3.28 -4.21
N LYS A 115 -10.94 3.57 -4.74
CA LYS A 115 -9.80 2.67 -4.81
C LYS A 115 -9.30 2.43 -3.40
N VAL A 116 -10.14 1.80 -2.58
CA VAL A 116 -9.90 1.43 -1.21
C VAL A 116 -8.93 0.27 -1.31
N PHE A 117 -7.68 0.62 -1.61
CA PHE A 117 -6.57 -0.27 -1.65
C PHE A 117 -6.68 -1.22 -0.48
N CYS A 118 -6.69 -2.51 -0.76
CA CYS A 118 -6.70 -3.51 0.27
C CYS A 118 -5.30 -4.09 0.50
N GLY A 119 -4.58 -4.32 -0.60
CA GLY A 119 -3.25 -4.89 -0.56
C GLY A 119 -2.88 -5.46 -1.90
N ILE A 120 -1.72 -6.10 -1.94
CA ILE A 120 -1.25 -6.75 -3.15
C ILE A 120 -1.40 -8.22 -2.97
N ILE A 121 -1.72 -8.97 -4.02
CA ILE A 121 -1.88 -10.41 -3.93
C ILE A 121 -0.87 -11.06 -4.86
N ALA A 122 -0.47 -12.28 -4.55
CA ALA A 122 0.49 -13.04 -5.34
C ALA A 122 0.63 -14.45 -4.78
N HIS A 123 0.43 -15.45 -5.63
CA HIS A 123 0.56 -16.84 -5.25
C HIS A 123 1.99 -17.33 -5.43
N THR A 124 2.78 -17.20 -4.40
CA THR A 124 4.19 -17.58 -4.40
C THR A 124 4.37 -18.91 -3.69
N LYS A 125 3.44 -19.83 -3.97
CA LYS A 125 3.48 -21.18 -3.43
C LYS A 125 4.19 -22.14 -4.37
N GLU A 126 3.94 -22.03 -5.68
CA GLU A 126 4.52 -22.82 -6.76
C GLU A 126 3.79 -22.53 -8.07
N ASN A 127 2.67 -23.22 -8.30
CA ASN A 127 1.88 -23.15 -9.52
C ASN A 127 0.44 -23.62 -9.29
N GLN A 128 -0.03 -23.51 -8.05
CA GLN A 128 -1.34 -24.01 -7.65
C GLN A 128 -1.70 -23.51 -6.25
N GLY A 129 -2.40 -22.40 -6.20
CA GLY A 129 -2.84 -21.81 -4.95
C GLY A 129 -3.22 -20.40 -5.26
N GLU A 130 -4.51 -20.07 -5.23
CA GLU A 130 -5.01 -18.70 -5.41
C GLU A 130 -4.10 -17.66 -4.76
N LEU A 131 -3.98 -16.50 -5.43
CA LEU A 131 -3.15 -15.42 -4.94
C LEU A 131 -3.57 -15.11 -3.51
N LYS A 132 -2.60 -14.75 -2.69
CA LYS A 132 -2.80 -14.43 -1.28
C LYS A 132 -2.28 -13.04 -1.04
N LEU A 133 -2.89 -12.34 -0.10
CA LEU A 133 -2.49 -11.00 0.25
C LEU A 133 -1.02 -11.05 0.67
N CYS A 134 -0.21 -10.14 0.12
CA CYS A 134 1.17 -9.96 0.47
C CYS A 134 1.30 -9.64 1.96
N SER A 135 2.52 -9.50 2.41
CA SER A 135 2.80 -9.28 3.81
C SER A 135 4.12 -8.53 3.91
N HIS A 136 4.06 -7.29 4.35
CA HIS A 136 5.23 -6.48 4.68
C HIS A 136 5.71 -6.75 6.09
N ALA A 1 4.53 5.25 3.56
CA ALA A 1 4.00 4.03 2.94
C ALA A 1 4.67 2.84 3.58
N VAL A 2 3.94 2.11 4.42
CA VAL A 2 4.49 0.94 5.08
C VAL A 2 4.59 -0.21 4.08
N THR A 3 5.73 -0.89 4.08
CA THR A 3 6.00 -1.97 3.15
C THR A 3 5.52 -3.27 3.75
N TRP A 4 4.59 -3.94 3.09
CA TRP A 4 4.04 -5.19 3.58
C TRP A 4 4.99 -6.33 3.28
N THR A 5 5.14 -7.28 4.19
CA THR A 5 6.08 -8.38 4.02
C THR A 5 5.39 -9.66 4.39
N CYS A 6 5.48 -10.64 3.50
CA CYS A 6 4.91 -11.94 3.78
C CYS A 6 6.01 -12.97 3.59
N GLY A 7 7.02 -12.96 4.46
CA GLY A 7 8.13 -13.92 4.40
C GLY A 7 9.45 -13.20 4.46
N GLY A 8 10.08 -12.99 3.31
CA GLY A 8 11.36 -12.30 3.19
C GLY A 8 11.36 -11.25 2.09
N LEU A 9 10.18 -10.98 1.50
CA LEU A 9 10.03 -10.07 0.40
C LEU A 9 9.17 -8.91 0.86
N LEU A 10 9.51 -7.71 0.41
CA LEU A 10 8.84 -6.48 0.82
C LEU A 10 8.03 -5.96 -0.35
N TYR A 11 6.76 -5.73 -0.12
CA TYR A 11 5.77 -5.35 -1.12
C TYR A 11 5.25 -3.97 -0.79
N ASN A 12 5.73 -2.97 -1.53
CA ASN A 12 5.28 -1.61 -1.32
C ASN A 12 3.77 -1.57 -1.40
N GLN A 13 3.10 -1.12 -0.34
CA GLN A 13 1.66 -1.05 -0.36
C GLN A 13 1.15 -0.32 -1.56
N ASN A 14 1.75 0.82 -1.90
CA ASN A 14 1.38 1.55 -3.09
C ASN A 14 1.37 0.65 -4.31
N LYS A 15 2.33 -0.26 -4.47
CA LYS A 15 2.28 -1.32 -5.47
C LYS A 15 1.25 -2.39 -5.17
N ALA A 16 0.99 -2.80 -3.95
CA ALA A 16 -0.10 -3.70 -3.64
C ALA A 16 -1.47 -3.18 -4.11
N GLU A 17 -1.74 -1.89 -3.96
CA GLU A 17 -2.97 -1.27 -4.42
C GLU A 17 -2.80 -0.85 -5.87
N SER A 18 -1.64 -0.35 -6.30
CA SER A 18 -1.39 0.15 -7.64
C SER A 18 -1.29 -1.01 -8.58
N ASN A 19 -0.37 -1.95 -8.37
CA ASN A 19 -0.30 -3.20 -9.12
C ASN A 19 -1.67 -3.83 -9.33
N SER A 20 -2.54 -3.72 -8.33
CA SER A 20 -3.92 -4.17 -8.43
C SER A 20 -4.86 -3.18 -9.11
N HIS A 21 -4.62 -1.88 -8.99
CA HIS A 21 -5.38 -0.80 -9.59
C HIS A 21 -5.54 -1.07 -11.07
N HIS A 22 -4.49 -1.58 -11.71
CA HIS A 22 -4.49 -1.93 -13.11
C HIS A 22 -5.25 -3.22 -13.33
N ALA A 23 -4.98 -4.23 -12.49
CA ALA A 23 -5.67 -5.51 -12.53
C ALA A 23 -7.19 -5.34 -12.79
N PRO A 24 -7.76 -6.15 -13.67
CA PRO A 24 -9.16 -6.03 -14.03
C PRO A 24 -10.01 -6.53 -12.89
N LEU A 25 -10.89 -5.65 -12.39
CA LEU A 25 -11.81 -5.97 -11.30
C LEU A 25 -12.72 -7.13 -11.68
N SER A 26 -12.33 -8.34 -11.31
CA SER A 26 -13.05 -9.55 -11.65
C SER A 26 -12.47 -10.73 -10.90
N ASP A 27 -13.04 -11.90 -11.10
CA ASP A 27 -12.58 -13.15 -10.51
C ASP A 27 -12.13 -14.11 -11.59
N GLY A 28 -10.87 -14.01 -11.96
CA GLY A 28 -10.32 -14.93 -12.94
C GLY A 28 -10.86 -14.58 -14.31
N LYS A 29 -10.30 -13.56 -14.93
CA LYS A 29 -10.68 -13.12 -16.28
C LYS A 29 -9.51 -12.49 -17.01
N THR A 30 -8.31 -12.94 -16.68
CA THR A 30 -7.10 -12.36 -17.24
C THR A 30 -6.34 -13.45 -17.94
N GLY A 31 -5.60 -13.08 -18.99
CA GLY A 31 -4.83 -14.02 -19.78
C GLY A 31 -4.12 -15.04 -18.91
N SER A 32 -3.37 -14.55 -17.93
CA SER A 32 -2.74 -15.42 -16.96
C SER A 32 -3.74 -16.09 -16.06
N SER A 33 -4.47 -15.31 -15.25
CA SER A 33 -5.54 -15.75 -14.33
C SER A 33 -5.90 -14.67 -13.34
N TYR A 34 -4.91 -14.24 -12.57
CA TYR A 34 -5.05 -13.21 -11.59
C TYR A 34 -5.43 -11.84 -12.17
N PRO A 35 -6.20 -11.03 -11.43
CA PRO A 35 -6.69 -11.37 -10.11
C PRO A 35 -7.82 -12.37 -10.18
N HIS A 36 -8.12 -12.97 -9.04
CA HIS A 36 -9.15 -14.00 -8.95
C HIS A 36 -9.92 -13.83 -7.68
N TRP A 37 -10.99 -14.59 -7.46
CA TRP A 37 -11.74 -14.55 -6.22
C TRP A 37 -10.97 -15.28 -5.15
N PHE A 38 -10.79 -14.59 -4.05
CA PHE A 38 -10.14 -15.05 -2.86
C PHE A 38 -11.21 -15.49 -1.91
N THR A 39 -11.62 -16.76 -2.05
CA THR A 39 -12.55 -17.43 -1.16
C THR A 39 -12.27 -17.07 0.28
N ASN A 40 -11.01 -16.87 0.66
CA ASN A 40 -10.59 -16.47 1.99
C ASN A 40 -10.83 -17.60 2.98
N GLY A 41 -11.17 -18.77 2.45
CA GLY A 41 -11.59 -19.92 3.18
C GLY A 41 -13.05 -20.30 2.99
N TYR A 42 -13.85 -19.41 2.40
CA TYR A 42 -15.26 -19.63 2.13
C TYR A 42 -15.44 -20.66 1.02
N ASP A 43 -16.67 -21.13 0.89
CA ASP A 43 -16.99 -22.07 -0.18
C ASP A 43 -17.32 -21.34 -1.47
N GLY A 44 -18.07 -20.23 -1.36
CA GLY A 44 -18.51 -19.42 -2.48
C GLY A 44 -19.43 -18.30 -2.03
N ASP A 45 -20.43 -18.64 -1.25
CA ASP A 45 -21.40 -17.67 -0.75
C ASP A 45 -21.46 -17.73 0.77
N GLY A 46 -21.88 -18.90 1.28
CA GLY A 46 -21.99 -19.13 2.70
C GLY A 46 -20.63 -18.97 3.37
N LYS A 47 -20.65 -18.79 4.69
CA LYS A 47 -19.43 -18.71 5.49
C LYS A 47 -18.53 -19.92 5.29
N LEU A 48 -17.35 -19.88 5.89
CA LEU A 48 -16.44 -21.00 5.82
C LEU A 48 -17.08 -22.30 6.32
N PRO A 49 -16.61 -23.44 5.83
CA PRO A 49 -17.15 -24.73 6.23
C PRO A 49 -16.74 -25.05 7.65
N LYS A 50 -17.49 -25.95 8.30
CA LYS A 50 -17.20 -26.42 9.66
C LYS A 50 -15.76 -26.97 9.72
N GLY A 51 -14.83 -26.14 10.19
CA GLY A 51 -13.43 -26.51 10.23
C GLY A 51 -12.58 -25.69 9.28
N ARG A 52 -12.36 -24.42 9.64
CA ARG A 52 -11.49 -23.51 8.89
C ARG A 52 -11.34 -22.20 9.64
N THR A 53 -10.33 -21.42 9.28
CA THR A 53 -10.09 -20.12 9.88
C THR A 53 -9.73 -19.09 8.82
N PRO A 54 -10.60 -18.10 8.54
CA PRO A 54 -10.27 -17.07 7.57
C PRO A 54 -9.22 -16.08 8.09
N ILE A 55 -8.90 -15.10 7.27
CA ILE A 55 -7.90 -14.11 7.61
C ILE A 55 -8.62 -12.91 8.19
N LYS A 56 -8.41 -12.61 9.46
CA LYS A 56 -9.02 -11.45 10.09
C LYS A 56 -8.18 -10.23 9.75
N PHE A 57 -8.85 -9.14 9.39
CA PHE A 57 -8.22 -7.89 9.02
C PHE A 57 -8.64 -6.80 9.99
N GLY A 58 -9.95 -6.64 10.16
CA GLY A 58 -10.55 -5.61 10.99
C GLY A 58 -11.71 -4.92 10.30
N LYS A 59 -11.87 -5.14 8.99
CA LYS A 59 -12.96 -4.56 8.23
C LYS A 59 -14.13 -5.51 8.24
N SER A 60 -15.32 -4.96 8.48
CA SER A 60 -16.55 -5.74 8.44
C SER A 60 -16.99 -6.02 7.01
N ASP A 61 -16.20 -5.61 6.01
CA ASP A 61 -16.47 -5.82 4.61
C ASP A 61 -15.88 -7.14 4.17
N CYS A 62 -14.58 -7.32 4.38
CA CYS A 62 -13.91 -8.57 4.03
C CYS A 62 -14.33 -9.68 4.99
N ASP A 63 -14.65 -9.31 6.23
CA ASP A 63 -15.16 -10.25 7.22
C ASP A 63 -16.54 -10.76 6.81
N ARG A 64 -17.37 -9.87 6.26
CA ARG A 64 -18.70 -10.25 5.82
C ARG A 64 -18.65 -11.49 4.89
N PRO A 65 -19.82 -12.10 4.69
CA PRO A 65 -19.95 -13.17 3.74
C PRO A 65 -19.86 -12.73 2.26
N PRO A 66 -18.98 -13.33 1.46
CA PRO A 66 -18.83 -13.04 0.05
C PRO A 66 -20.01 -13.55 -0.75
N LYS A 67 -20.09 -13.12 -2.00
CA LYS A 67 -21.18 -13.54 -2.87
C LYS A 67 -20.60 -14.02 -4.17
N HIS A 68 -19.76 -15.05 -4.20
CA HIS A 68 -19.21 -15.55 -5.46
C HIS A 68 -20.25 -16.34 -6.25
N SER A 69 -19.99 -16.59 -7.52
CA SER A 69 -20.87 -17.37 -8.38
C SER A 69 -20.07 -18.10 -9.43
N LYS A 70 -20.73 -18.85 -10.30
CA LYS A 70 -20.05 -19.56 -11.39
C LYS A 70 -19.86 -18.66 -12.59
N ASP A 71 -18.98 -17.66 -12.46
CA ASP A 71 -18.68 -16.72 -13.55
C ASP A 71 -17.58 -15.76 -13.10
N GLY A 72 -17.68 -15.30 -11.86
CA GLY A 72 -16.75 -14.37 -11.29
C GLY A 72 -17.49 -13.32 -10.50
N ASN A 73 -18.17 -12.41 -11.17
CA ASN A 73 -18.92 -11.38 -10.51
C ASN A 73 -20.22 -11.14 -11.25
N GLY A 74 -21.17 -12.07 -11.13
CA GLY A 74 -22.47 -11.93 -11.75
C GLY A 74 -23.23 -10.70 -11.28
N LYS A 75 -24.20 -10.87 -10.38
CA LYS A 75 -24.99 -9.78 -9.83
C LYS A 75 -24.10 -8.67 -9.26
N THR A 76 -23.76 -8.78 -7.99
CA THR A 76 -22.89 -7.81 -7.37
C THR A 76 -21.83 -8.47 -6.54
N ASP A 77 -21.54 -9.75 -6.79
CA ASP A 77 -20.59 -10.57 -6.06
C ASP A 77 -19.57 -9.77 -5.28
N HIS A 78 -19.85 -9.44 -4.02
CA HIS A 78 -19.00 -8.49 -3.29
C HIS A 78 -17.95 -9.28 -2.54
N TYR A 79 -17.59 -10.43 -3.11
CA TYR A 79 -16.54 -11.27 -2.65
C TYR A 79 -15.16 -10.60 -2.55
N LEU A 80 -14.19 -11.33 -2.05
CA LEU A 80 -12.81 -10.86 -2.03
C LEU A 80 -12.04 -11.38 -3.22
N LEU A 81 -10.99 -10.69 -3.64
CA LEU A 81 -10.21 -11.06 -4.80
C LEU A 81 -8.76 -10.79 -4.50
N GLU A 82 -7.90 -11.79 -4.71
CA GLU A 82 -6.48 -11.65 -4.48
C GLU A 82 -5.74 -11.38 -5.78
N PHE A 83 -4.56 -10.77 -5.64
CA PHE A 83 -3.75 -10.46 -6.80
C PHE A 83 -2.27 -10.55 -6.50
N PRO A 84 -1.47 -11.26 -7.31
CA PRO A 84 -0.04 -11.43 -7.12
C PRO A 84 0.70 -10.14 -7.43
N THR A 85 1.15 -9.49 -6.36
CA THR A 85 1.88 -8.23 -6.46
C THR A 85 3.35 -8.46 -6.18
N PHE A 86 4.17 -8.24 -7.19
CA PHE A 86 5.61 -8.40 -7.07
C PHE A 86 6.27 -7.15 -6.44
N PRO A 87 7.47 -7.33 -5.87
CA PRO A 87 8.20 -6.24 -5.26
C PRO A 87 8.86 -5.35 -6.27
N ASP A 88 9.41 -5.92 -7.35
CA ASP A 88 10.02 -5.19 -8.46
C ASP A 88 9.16 -4.01 -8.88
N GLY A 89 7.85 -4.17 -8.72
CA GLY A 89 6.87 -3.15 -8.97
C GLY A 89 6.40 -3.25 -10.42
N HIS A 90 7.07 -4.10 -11.21
CA HIS A 90 6.71 -4.33 -12.58
C HIS A 90 5.29 -4.86 -12.61
N ASP A 91 4.45 -4.25 -13.45
CA ASP A 91 3.08 -4.70 -13.66
C ASP A 91 3.14 -6.09 -14.25
N TYR A 92 3.01 -7.12 -13.41
CA TYR A 92 3.02 -8.50 -13.83
C TYR A 92 2.30 -8.67 -15.16
N LYS A 93 2.78 -9.52 -16.03
CA LYS A 93 2.09 -9.79 -17.28
C LYS A 93 0.89 -10.72 -17.05
N PHE A 94 -0.03 -10.30 -16.18
CA PHE A 94 -1.25 -11.00 -15.90
C PHE A 94 -2.24 -10.91 -17.05
N ASP A 95 -1.96 -10.08 -18.05
CA ASP A 95 -2.81 -9.88 -19.21
C ASP A 95 -2.40 -10.84 -20.33
N SER A 96 -1.09 -11.07 -20.47
CA SER A 96 -0.55 -11.96 -21.48
C SER A 96 -0.81 -13.39 -21.06
N LYS A 97 -1.76 -14.04 -21.72
CA LYS A 97 -2.08 -15.44 -21.44
C LYS A 97 -0.85 -16.31 -21.67
N LYS A 98 -0.23 -16.12 -22.83
CA LYS A 98 0.91 -16.89 -23.27
C LYS A 98 1.86 -16.01 -24.08
N PRO A 99 3.15 -15.98 -23.67
CA PRO A 99 3.62 -16.65 -22.46
C PRO A 99 3.10 -15.97 -21.21
N LYS A 100 3.42 -16.55 -20.05
CA LYS A 100 3.03 -16.01 -18.75
C LYS A 100 4.16 -16.24 -17.77
N GLU A 101 4.52 -15.19 -17.04
CA GLU A 101 5.55 -15.29 -16.01
C GLU A 101 5.07 -16.07 -14.80
N ASN A 102 6.01 -16.37 -13.90
CA ASN A 102 5.66 -17.07 -12.68
C ASN A 102 4.76 -16.23 -11.79
N PRO A 103 3.91 -16.86 -10.96
CA PRO A 103 3.07 -16.15 -10.01
C PRO A 103 3.87 -15.60 -8.83
N GLY A 104 3.16 -15.22 -7.77
CA GLY A 104 3.78 -14.73 -6.56
C GLY A 104 3.07 -15.22 -5.30
N PRO A 105 3.76 -15.23 -4.16
CA PRO A 105 3.18 -15.68 -2.89
C PRO A 105 2.26 -14.61 -2.33
N ALA A 106 2.84 -13.47 -1.92
CA ALA A 106 2.07 -12.37 -1.38
C ALA A 106 1.09 -11.86 -2.41
N ARG A 107 -0.13 -11.56 -1.94
CA ARG A 107 -1.19 -11.08 -2.78
C ARG A 107 -2.04 -10.06 -2.06
N VAL A 108 -2.51 -9.06 -2.79
CA VAL A 108 -3.35 -8.01 -2.23
C VAL A 108 -4.79 -8.47 -2.17
N ILE A 109 -5.39 -8.43 -0.99
CA ILE A 109 -6.76 -8.87 -0.79
C ILE A 109 -7.67 -7.67 -0.63
N TYR A 110 -8.83 -7.75 -1.26
CA TYR A 110 -9.78 -6.66 -1.23
C TYR A 110 -11.16 -7.11 -1.71
N THR A 111 -12.19 -6.41 -1.27
CA THR A 111 -13.56 -6.79 -1.59
C THR A 111 -13.98 -6.11 -2.86
N TYR A 112 -15.00 -6.59 -3.52
CA TYR A 112 -15.49 -6.00 -4.75
C TYR A 112 -16.83 -5.28 -4.51
N PRO A 113 -17.16 -4.30 -5.36
CA PRO A 113 -16.27 -3.78 -6.38
C PRO A 113 -15.21 -2.95 -5.73
N ASN A 114 -15.61 -1.96 -4.94
CA ASN A 114 -14.70 -1.07 -4.23
C ASN A 114 -13.58 -1.86 -3.62
N LYS A 115 -12.36 -1.79 -4.15
CA LYS A 115 -11.21 -2.57 -3.71
C LYS A 115 -10.90 -2.20 -2.28
N VAL A 116 -11.58 -2.85 -1.34
CA VAL A 116 -11.49 -2.52 0.08
C VAL A 116 -10.28 -3.26 0.57
N PHE A 117 -9.10 -2.83 0.11
CA PHE A 117 -7.81 -3.37 0.48
C PHE A 117 -7.81 -3.74 1.95
N CYS A 118 -7.94 -5.03 2.23
CA CYS A 118 -7.93 -5.50 3.59
C CYS A 118 -6.48 -5.63 4.08
N GLY A 119 -5.56 -5.81 3.14
CA GLY A 119 -4.16 -5.99 3.42
C GLY A 119 -3.55 -6.95 2.44
N ILE A 120 -2.56 -7.70 2.92
CA ILE A 120 -1.80 -8.60 2.07
C ILE A 120 -1.85 -9.94 2.73
N ILE A 121 -1.83 -11.00 1.96
CA ILE A 121 -1.91 -12.36 2.49
C ILE A 121 -0.90 -13.21 1.77
N ALA A 122 -0.43 -14.28 2.39
CA ALA A 122 0.55 -15.18 1.81
C ALA A 122 0.87 -16.28 2.79
N HIS A 123 0.84 -17.52 2.33
CA HIS A 123 1.14 -18.67 3.16
C HIS A 123 2.63 -18.99 3.16
N THR A 124 3.33 -18.48 4.14
CA THR A 124 4.77 -18.64 4.23
C THR A 124 5.09 -19.67 5.28
N LYS A 125 4.30 -20.75 5.27
CA LYS A 125 4.51 -21.86 6.19
C LYS A 125 5.34 -22.95 5.56
N GLU A 126 5.13 -23.24 4.28
CA GLU A 126 5.85 -24.24 3.50
C GLU A 126 5.14 -24.45 2.17
N ASN A 127 4.14 -25.33 2.13
CA ASN A 127 3.37 -25.72 0.96
C ASN A 127 2.02 -26.32 1.38
N GLN A 128 1.48 -25.90 2.53
CA GLN A 128 0.24 -26.43 3.04
C GLN A 128 -0.24 -25.59 4.20
N GLY A 129 -1.07 -24.60 3.91
CA GLY A 129 -1.61 -23.74 4.95
C GLY A 129 -2.13 -22.54 4.27
N GLU A 130 -3.44 -22.33 4.18
CA GLU A 130 -4.08 -21.14 3.62
C GLU A 130 -3.29 -19.85 3.90
N LEU A 131 -3.42 -18.88 3.01
CA LEU A 131 -2.68 -17.66 3.11
C LEU A 131 -3.02 -17.00 4.43
N LYS A 132 -2.12 -16.18 4.92
CA LYS A 132 -2.32 -15.51 6.21
C LYS A 132 -1.97 -14.06 6.03
N LEU A 133 -2.60 -13.19 6.82
CA LEU A 133 -2.37 -11.77 6.74
C LEU A 133 -0.86 -11.52 6.90
N CYS A 134 -0.31 -10.74 5.98
CA CYS A 134 1.08 -10.35 6.00
C CYS A 134 1.31 -9.46 7.21
N SER A 135 2.50 -8.92 7.30
CA SER A 135 2.83 -8.06 8.40
C SER A 135 3.98 -7.27 7.86
N HIS A 136 3.88 -5.94 7.90
CA HIS A 136 4.91 -4.95 7.53
C HIS A 136 6.35 -5.10 8.14
N ALA A 1 4.39 5.33 3.58
CA ALA A 1 3.84 4.08 2.95
C ALA A 1 4.84 2.96 3.21
N VAL A 2 4.66 1.76 2.63
CA VAL A 2 5.65 0.66 2.62
C VAL A 2 7.09 1.15 2.38
N THR A 3 8.03 0.52 3.05
CA THR A 3 9.42 0.93 3.06
C THR A 3 10.14 0.17 1.97
N TRP A 4 10.56 0.84 0.90
CA TRP A 4 11.23 0.21 -0.22
C TRP A 4 12.63 -0.09 0.22
N THR A 5 13.17 -1.21 -0.24
CA THR A 5 14.54 -1.61 0.12
C THR A 5 15.16 -2.32 -1.07
N CYS A 6 16.48 -2.28 -1.17
CA CYS A 6 17.25 -3.04 -2.16
C CYS A 6 18.35 -3.90 -1.55
N GLY A 7 19.53 -3.33 -1.29
CA GLY A 7 20.69 -4.05 -0.75
C GLY A 7 20.86 -3.77 0.74
N GLY A 8 19.84 -4.08 1.55
CA GLY A 8 19.78 -3.67 2.99
C GLY A 8 19.54 -2.19 3.32
N LEU A 9 19.44 -1.36 2.30
CA LEU A 9 19.26 0.08 2.39
C LEU A 9 17.75 0.39 2.29
N LEU A 10 17.24 1.23 3.17
CA LEU A 10 15.80 1.50 3.36
C LEU A 10 15.41 2.80 2.65
N TYR A 11 14.16 2.94 2.21
CA TYR A 11 13.70 3.99 1.30
C TYR A 11 12.19 4.09 1.52
N ASN A 12 11.78 4.67 2.63
CA ASN A 12 10.32 4.82 2.86
C ASN A 12 9.70 5.44 1.63
N GLN A 13 8.64 4.85 1.06
CA GLN A 13 7.97 5.44 -0.13
C GLN A 13 7.76 6.93 0.03
N ASN A 14 7.10 7.35 1.12
CA ASN A 14 6.91 8.79 1.42
C ASN A 14 8.20 9.59 1.30
N LYS A 15 9.29 9.16 1.94
CA LYS A 15 10.64 9.73 1.71
C LYS A 15 11.21 9.68 0.31
N ALA A 16 10.97 8.63 -0.49
CA ALA A 16 11.27 8.52 -1.93
C ALA A 16 10.52 9.51 -2.84
N GLU A 17 9.20 9.36 -2.97
CA GLU A 17 8.32 10.39 -3.60
C GLU A 17 8.62 11.79 -3.01
N SER A 18 8.81 11.95 -1.70
CA SER A 18 9.10 13.24 -0.98
C SER A 18 10.44 13.80 -1.43
N ASN A 19 11.53 13.03 -1.36
CA ASN A 19 12.84 13.43 -1.90
C ASN A 19 12.70 14.04 -3.31
N SER A 20 11.97 13.36 -4.18
CA SER A 20 11.58 13.84 -5.51
C SER A 20 10.60 15.02 -5.61
N HIS A 21 9.66 15.15 -4.66
CA HIS A 21 8.70 16.26 -4.49
C HIS A 21 9.42 17.59 -4.31
N HIS A 22 10.53 17.63 -3.55
CA HIS A 22 11.36 18.80 -3.34
C HIS A 22 12.32 19.02 -4.50
N ALA A 23 12.96 17.93 -4.95
CA ALA A 23 13.86 17.93 -6.08
C ALA A 23 13.29 18.67 -7.32
N PRO A 24 14.00 19.64 -7.90
CA PRO A 24 13.46 20.40 -9.00
C PRO A 24 13.34 19.46 -10.20
N LEU A 25 12.16 19.43 -10.81
CA LEU A 25 11.82 18.65 -12.00
C LEU A 25 12.59 19.09 -13.23
N SER A 26 13.74 18.47 -13.43
CA SER A 26 14.74 18.80 -14.44
C SER A 26 15.97 17.93 -14.23
N ASP A 27 16.80 17.84 -15.27
CA ASP A 27 18.04 17.07 -15.38
C ASP A 27 19.20 18.01 -15.26
N GLY A 28 20.04 17.81 -14.25
CA GLY A 28 21.28 18.60 -14.17
C GLY A 28 21.02 20.10 -14.17
N LYS A 29 20.11 20.51 -13.28
CA LYS A 29 19.74 21.93 -13.03
C LYS A 29 20.15 22.45 -11.66
N THR A 30 20.71 21.58 -10.86
CA THR A 30 20.99 21.84 -9.45
C THR A 30 22.50 21.84 -9.29
N GLY A 31 22.99 22.47 -8.23
CA GLY A 31 24.42 22.59 -7.94
C GLY A 31 25.22 21.32 -8.08
N SER A 32 24.77 20.28 -7.37
CA SER A 32 25.27 18.93 -7.66
C SER A 32 25.03 18.47 -9.11
N SER A 33 23.78 18.18 -9.47
CA SER A 33 23.23 17.66 -10.75
C SER A 33 21.84 17.08 -10.54
N TYR A 34 21.71 16.21 -9.56
CA TYR A 34 20.48 15.46 -9.31
C TYR A 34 19.24 16.39 -9.06
N PRO A 35 18.02 16.01 -9.45
CA PRO A 35 17.73 14.84 -10.22
C PRO A 35 18.32 15.06 -11.59
N HIS A 36 18.73 13.97 -12.17
CA HIS A 36 19.23 13.96 -13.55
C HIS A 36 18.31 13.11 -14.36
N TRP A 37 18.41 13.15 -15.67
CA TRP A 37 17.73 12.18 -16.52
C TRP A 37 18.25 10.76 -16.32
N PHE A 38 17.25 9.88 -16.18
CA PHE A 38 17.32 8.47 -15.97
C PHE A 38 17.12 7.90 -17.36
N THR A 39 18.28 7.74 -18.00
CA THR A 39 18.50 6.88 -19.16
C THR A 39 17.72 5.60 -19.01
N ASN A 40 17.67 4.97 -17.83
CA ASN A 40 16.88 3.72 -17.65
C ASN A 40 17.32 2.60 -18.63
N GLY A 41 18.56 2.67 -19.09
CA GLY A 41 19.00 1.92 -20.25
C GLY A 41 18.96 2.62 -21.63
N TYR A 42 17.95 3.46 -21.99
CA TYR A 42 17.80 4.32 -23.21
C TYR A 42 19.08 5.08 -23.53
N ASP A 43 19.31 5.32 -24.81
CA ASP A 43 20.49 6.11 -25.24
C ASP A 43 20.32 7.63 -25.20
N GLY A 44 19.11 8.09 -25.45
CA GLY A 44 18.71 9.50 -25.52
C GLY A 44 17.19 9.67 -25.55
N ASP A 45 16.59 9.50 -26.72
CA ASP A 45 15.14 9.65 -27.02
C ASP A 45 14.43 8.32 -27.30
N GLY A 46 14.85 7.68 -28.38
CA GLY A 46 14.36 6.38 -28.79
C GLY A 46 14.62 5.31 -27.75
N LYS A 47 14.36 4.05 -28.12
CA LYS A 47 14.77 2.92 -27.27
C LYS A 47 16.28 2.84 -26.95
N LEU A 48 16.63 1.77 -26.27
CA LEU A 48 18.01 1.59 -25.85
C LEU A 48 18.89 1.19 -27.05
N PRO A 49 20.21 1.38 -26.96
CA PRO A 49 21.10 0.86 -27.97
C PRO A 49 21.00 -0.68 -28.02
N LYS A 50 21.60 -1.25 -29.07
CA LYS A 50 21.82 -2.70 -29.24
C LYS A 50 22.59 -3.30 -28.04
N GLY A 51 21.86 -3.97 -27.15
CA GLY A 51 22.41 -4.50 -25.89
C GLY A 51 22.20 -3.53 -24.74
N ARG A 52 21.07 -3.65 -24.04
CA ARG A 52 20.73 -2.94 -22.79
C ARG A 52 19.51 -3.56 -22.12
N THR A 53 19.32 -3.22 -20.85
CA THR A 53 18.21 -3.77 -20.03
C THR A 53 17.56 -2.63 -19.26
N PRO A 54 16.39 -2.13 -19.73
CA PRO A 54 15.66 -1.11 -19.04
C PRO A 54 15.05 -1.68 -17.77
N ILE A 55 15.09 -0.87 -16.74
CA ILE A 55 14.41 -1.18 -15.49
C ILE A 55 12.91 -1.25 -15.85
N LYS A 56 12.33 -2.41 -15.62
CA LYS A 56 10.87 -2.56 -15.72
C LYS A 56 10.22 -2.19 -14.40
N PHE A 57 9.04 -1.58 -14.48
CA PHE A 57 8.21 -1.12 -13.34
C PHE A 57 6.79 -1.70 -13.43
N GLY A 58 6.15 -1.52 -14.58
CA GLY A 58 4.74 -1.85 -14.86
C GLY A 58 3.88 -0.67 -15.32
N LYS A 59 4.41 0.54 -15.32
CA LYS A 59 3.77 1.75 -15.87
C LYS A 59 4.21 1.98 -17.29
N SER A 60 3.24 2.22 -18.18
CA SER A 60 3.48 2.57 -19.59
C SER A 60 4.14 3.96 -19.80
N ASP A 61 4.46 4.67 -18.71
CA ASP A 61 4.96 6.03 -18.64
C ASP A 61 6.49 5.97 -18.58
N CYS A 62 7.00 5.22 -17.61
CA CYS A 62 8.42 4.95 -17.43
C CYS A 62 8.96 3.90 -18.41
N ASP A 63 8.08 2.99 -18.88
CA ASP A 63 8.30 2.07 -20.02
C ASP A 63 8.30 2.75 -21.39
N ARG A 64 7.59 3.87 -21.52
CA ARG A 64 7.63 4.63 -22.78
C ARG A 64 9.02 5.18 -23.15
N PRO A 65 9.29 5.41 -24.44
CA PRO A 65 10.53 6.04 -24.82
C PRO A 65 10.65 7.50 -24.26
N PRO A 66 11.74 7.92 -23.58
CA PRO A 66 11.96 9.27 -23.09
C PRO A 66 12.10 10.25 -24.25
N LYS A 67 12.25 11.52 -23.89
CA LYS A 67 12.60 12.53 -24.90
C LYS A 67 13.75 13.41 -24.39
N HIS A 68 14.87 12.86 -23.94
CA HIS A 68 15.94 13.73 -23.43
C HIS A 68 16.73 14.45 -24.55
N SER A 69 17.44 15.52 -24.24
CA SER A 69 18.26 16.23 -25.24
C SER A 69 19.47 16.86 -24.59
N LYS A 70 20.22 17.66 -25.32
CA LYS A 70 21.29 18.50 -24.74
C LYS A 70 20.70 19.74 -24.11
N ASP A 71 20.16 19.62 -22.91
CA ASP A 71 19.60 20.72 -22.07
C ASP A 71 19.18 20.23 -20.69
N GLY A 72 18.51 19.08 -20.69
CA GLY A 72 17.94 18.45 -19.52
C GLY A 72 16.46 18.23 -19.72
N ASN A 73 15.71 19.31 -19.87
CA ASN A 73 14.29 19.37 -20.14
C ASN A 73 14.09 20.53 -21.16
N GLY A 74 14.01 20.18 -22.43
CA GLY A 74 13.62 21.12 -23.50
C GLY A 74 12.14 21.50 -23.56
N LYS A 75 11.37 20.87 -24.46
CA LYS A 75 9.91 21.06 -24.49
C LYS A 75 9.14 20.34 -23.35
N THR A 76 8.59 19.16 -23.64
CA THR A 76 7.86 18.33 -22.66
C THR A 76 8.66 17.07 -22.30
N ASP A 77 9.95 17.01 -22.67
CA ASP A 77 10.89 15.89 -22.60
C ASP A 77 10.47 14.85 -21.54
N HIS A 78 9.75 13.79 -21.89
CA HIS A 78 9.04 13.00 -20.84
C HIS A 78 9.99 11.92 -20.38
N TYR A 79 11.16 12.37 -19.98
CA TYR A 79 12.31 11.56 -19.64
C TYR A 79 12.13 11.16 -18.18
N LEU A 80 12.59 9.98 -17.77
CA LEU A 80 12.63 9.76 -16.31
C LEU A 80 13.74 10.54 -15.62
N LEU A 81 13.70 10.72 -14.29
CA LEU A 81 14.72 11.44 -13.53
C LEU A 81 14.98 10.79 -12.21
N GLU A 82 16.16 10.20 -12.06
CA GLU A 82 16.45 9.52 -10.81
C GLU A 82 16.88 10.50 -9.73
N PHE A 83 16.64 10.14 -8.47
CA PHE A 83 17.03 11.01 -7.35
C PHE A 83 17.56 10.26 -6.12
N PRO A 84 18.68 10.66 -5.49
CA PRO A 84 19.28 9.96 -4.35
C PRO A 84 18.45 10.13 -3.08
N THR A 85 17.49 9.22 -2.93
CA THR A 85 16.57 9.19 -1.80
C THR A 85 17.14 8.35 -0.69
N PHE A 86 17.78 8.95 0.30
CA PHE A 86 18.34 8.15 1.40
C PHE A 86 17.27 7.77 2.46
N PRO A 87 17.46 6.71 3.26
CA PRO A 87 16.54 6.37 4.33
C PRO A 87 16.57 7.30 5.53
N ASP A 88 17.73 7.89 5.83
CA ASP A 88 18.00 8.92 6.89
C ASP A 88 16.89 9.98 6.88
N GLY A 89 16.41 10.27 5.68
CA GLY A 89 15.38 11.27 5.45
C GLY A 89 15.86 12.70 5.24
N HIS A 90 17.17 12.82 5.11
CA HIS A 90 17.87 14.04 4.78
C HIS A 90 17.58 14.32 3.30
N ASP A 91 17.13 15.53 3.03
CA ASP A 91 17.16 16.08 1.69
C ASP A 91 18.65 16.18 1.32
N TYR A 92 19.08 15.34 0.38
CA TYR A 92 20.39 15.35 -0.27
C TYR A 92 20.82 16.82 -0.55
N LYS A 93 22.10 17.13 -0.41
CA LYS A 93 22.61 18.43 -0.86
C LYS A 93 22.84 18.45 -2.37
N PHE A 94 21.75 18.28 -3.12
CA PHE A 94 21.71 18.45 -4.58
C PHE A 94 21.80 19.91 -5.01
N ASP A 95 21.37 20.88 -4.18
CA ASP A 95 21.38 22.33 -4.48
C ASP A 95 22.80 22.93 -4.33
N SER A 96 23.52 22.53 -3.30
CA SER A 96 24.88 23.00 -3.03
C SER A 96 25.85 22.30 -3.98
N LYS A 97 26.52 23.06 -4.86
CA LYS A 97 27.54 22.50 -5.79
C LYS A 97 28.69 21.76 -5.08
N LYS A 98 29.15 22.42 -4.01
CA LYS A 98 30.24 21.97 -3.13
C LYS A 98 30.07 22.52 -1.69
N PRO A 99 30.24 21.66 -0.66
CA PRO A 99 30.37 20.22 -0.82
C PRO A 99 29.06 19.63 -1.32
N LYS A 100 29.12 18.40 -1.79
CA LYS A 100 27.97 17.61 -2.25
C LYS A 100 28.23 16.18 -1.80
N GLU A 101 27.18 15.47 -1.46
CA GLU A 101 27.22 14.03 -1.13
C GLU A 101 27.52 13.18 -2.37
N ASN A 102 27.72 11.88 -2.16
CA ASN A 102 28.04 10.96 -3.25
C ASN A 102 26.86 9.97 -3.43
N PRO A 103 26.31 9.80 -4.65
CA PRO A 103 25.38 8.74 -5.00
C PRO A 103 26.13 7.39 -5.14
N GLY A 104 25.51 6.43 -5.82
CA GLY A 104 25.84 5.00 -5.79
C GLY A 104 24.72 4.16 -5.14
N PRO A 105 23.99 4.52 -4.04
CA PRO A 105 22.90 3.71 -3.49
C PRO A 105 21.65 3.70 -4.39
N ALA A 106 20.53 3.29 -3.81
CA ALA A 106 19.26 3.45 -4.48
C ALA A 106 18.89 4.92 -4.70
N ARG A 107 17.98 5.05 -5.65
CA ARG A 107 17.38 6.30 -6.12
C ARG A 107 15.93 6.08 -6.49
N VAL A 108 15.12 7.12 -6.39
CA VAL A 108 13.69 7.20 -6.82
C VAL A 108 13.57 7.63 -8.27
N ILE A 109 12.95 6.78 -9.06
CA ILE A 109 12.89 6.94 -10.51
C ILE A 109 11.46 7.24 -10.86
N TYR A 110 11.29 8.32 -11.58
CA TYR A 110 9.98 8.78 -11.95
C TYR A 110 10.07 9.39 -13.31
N THR A 111 8.95 9.42 -14.00
CA THR A 111 8.82 10.05 -15.34
C THR A 111 8.62 11.54 -15.25
N TYR A 112 8.78 12.27 -16.36
CA TYR A 112 8.52 13.72 -16.36
C TYR A 112 7.24 14.09 -17.18
N PRO A 113 6.64 15.27 -16.91
CA PRO A 113 6.85 16.09 -15.73
C PRO A 113 6.25 15.39 -14.54
N ASN A 114 4.99 14.98 -14.63
CA ASN A 114 4.30 14.23 -13.59
C ASN A 114 5.21 13.12 -13.04
N LYS A 115 5.70 13.26 -11.79
CA LYS A 115 6.60 12.33 -11.07
C LYS A 115 5.82 11.07 -10.78
N VAL A 116 5.66 10.29 -11.83
CA VAL A 116 4.89 9.04 -11.90
C VAL A 116 5.91 8.04 -11.40
N PHE A 117 6.02 8.08 -10.08
CA PHE A 117 6.83 7.26 -9.21
C PHE A 117 6.68 5.84 -9.77
N CYS A 118 7.78 5.33 -10.28
CA CYS A 118 7.81 3.96 -10.74
C CYS A 118 8.31 2.98 -9.67
N GLY A 119 9.29 3.44 -8.91
CA GLY A 119 9.93 2.70 -7.84
C GLY A 119 11.24 3.32 -7.44
N ILE A 120 11.99 2.59 -6.64
CA ILE A 120 13.32 2.99 -6.20
C ILE A 120 14.20 1.97 -6.82
N ILE A 121 15.14 2.36 -7.66
CA ILE A 121 16.16 1.45 -8.20
C ILE A 121 17.37 1.44 -7.28
N ALA A 122 18.19 0.39 -7.20
CA ALA A 122 19.47 0.33 -6.46
C ALA A 122 20.37 -0.81 -6.90
N HIS A 123 21.64 -0.70 -6.52
CA HIS A 123 22.61 -1.70 -6.98
C HIS A 123 22.65 -2.85 -5.98
N THR A 124 21.84 -3.89 -6.20
CA THR A 124 21.78 -5.09 -5.31
C THR A 124 22.69 -6.23 -5.77
N LYS A 125 23.79 -5.82 -6.38
CA LYS A 125 24.81 -6.79 -6.86
C LYS A 125 25.95 -6.95 -5.90
N GLU A 126 26.33 -5.89 -5.19
CA GLU A 126 27.40 -5.87 -4.19
C GLU A 126 27.42 -4.52 -3.43
N ASN A 127 27.78 -3.47 -4.15
CA ASN A 127 27.89 -2.08 -3.69
C ASN A 127 27.63 -1.06 -4.83
N GLN A 128 28.30 -1.30 -5.94
CA GLN A 128 28.30 -0.53 -7.17
C GLN A 128 28.53 -1.49 -8.35
N GLY A 129 27.46 -2.14 -8.80
CA GLY A 129 27.51 -2.93 -10.04
C GLY A 129 26.34 -2.56 -10.93
N GLU A 130 25.47 -3.50 -11.13
CA GLU A 130 24.26 -3.30 -11.93
C GLU A 130 23.19 -2.57 -11.14
N LEU A 131 22.42 -1.72 -11.81
CA LEU A 131 21.29 -1.03 -11.23
C LEU A 131 19.97 -1.64 -11.68
N LYS A 132 19.12 -2.00 -10.73
CA LYS A 132 17.80 -2.62 -10.94
C LYS A 132 16.76 -2.00 -10.01
N LEU A 133 15.49 -2.26 -10.21
CA LEU A 133 14.41 -1.77 -9.31
C LEU A 133 14.45 -2.54 -7.99
N CYS A 134 14.18 -1.87 -6.87
CA CYS A 134 13.88 -2.48 -5.57
C CYS A 134 12.54 -3.19 -5.54
N SER A 135 12.28 -3.73 -4.37
CA SER A 135 11.06 -4.48 -4.10
C SER A 135 10.72 -4.19 -2.64
N HIS A 136 9.95 -3.12 -2.39
CA HIS A 136 9.25 -2.89 -1.09
C HIS A 136 8.49 -4.06 -0.50
N ALA A 1 4.54 5.30 3.53
CA ALA A 1 4.03 4.06 2.88
C ALA A 1 3.83 3.02 3.94
N VAL A 2 3.79 1.72 3.62
CA VAL A 2 3.64 0.65 4.58
C VAL A 2 2.29 0.78 5.31
N THR A 3 1.38 -0.12 5.04
CA THR A 3 0.08 -0.07 5.69
C THR A 3 0.09 -0.93 6.94
N TRP A 4 -0.01 -0.31 8.11
CA TRP A 4 -0.07 -1.02 9.37
C TRP A 4 -1.47 -1.58 9.56
N THR A 5 -1.56 -2.79 10.09
CA THR A 5 -2.82 -3.48 10.30
C THR A 5 -2.86 -3.99 11.72
N CYS A 6 -3.83 -3.52 12.49
CA CYS A 6 -4.04 -3.99 13.86
C CYS A 6 -5.13 -5.06 13.93
N GLY A 7 -5.00 -6.11 13.11
CA GLY A 7 -6.02 -7.16 12.99
C GLY A 7 -7.44 -6.62 12.96
N GLY A 8 -7.68 -5.63 12.10
CA GLY A 8 -8.96 -4.95 12.00
C GLY A 8 -9.04 -4.10 10.76
N LEU A 9 -8.50 -2.88 10.83
CA LEU A 9 -8.45 -1.96 9.71
C LEU A 9 -7.00 -1.62 9.37
N LEU A 10 -6.80 -1.16 8.14
CA LEU A 10 -5.49 -0.77 7.66
C LEU A 10 -5.17 0.64 8.12
N TYR A 11 -3.91 1.05 8.02
CA TYR A 11 -3.44 2.33 8.52
C TYR A 11 -2.16 2.68 7.78
N ASN A 12 -2.29 3.31 6.61
CA ASN A 12 -1.15 3.75 5.84
C ASN A 12 -0.29 4.62 6.74
N GLN A 13 0.92 4.18 7.07
CA GLN A 13 1.80 4.96 7.93
C GLN A 13 1.96 6.39 7.48
N ASN A 14 1.94 6.59 6.16
CA ASN A 14 1.97 7.91 5.54
C ASN A 14 1.03 8.89 6.24
N LYS A 15 -0.09 8.39 6.74
CA LYS A 15 -1.04 9.06 7.57
C LYS A 15 -0.82 8.81 9.04
N ALA A 16 -0.71 7.61 9.56
CA ALA A 16 -0.40 7.39 10.97
C ALA A 16 0.71 8.33 11.51
N GLU A 17 1.67 8.69 10.69
CA GLU A 17 2.68 9.67 10.99
C GLU A 17 2.15 11.08 10.67
N SER A 18 1.57 11.33 9.49
CA SER A 18 1.14 12.66 9.07
C SER A 18 0.06 13.19 9.99
N ASN A 19 -0.90 12.37 10.37
CA ASN A 19 -1.90 12.65 11.37
C ASN A 19 -1.25 13.25 12.61
N SER A 20 -0.07 12.75 12.98
CA SER A 20 0.70 13.28 14.10
C SER A 20 1.47 14.54 13.74
N HIS A 21 1.85 14.71 12.47
CA HIS A 21 2.53 15.91 11.97
C HIS A 21 1.69 17.15 12.24
N HIS A 22 0.38 17.10 11.99
CA HIS A 22 -0.53 18.19 12.22
C HIS A 22 -0.89 18.29 13.69
N ALA A 23 -1.20 17.14 14.30
CA ALA A 23 -1.54 17.06 15.70
C ALA A 23 -0.59 17.90 16.56
N PRO A 24 -1.13 18.74 17.46
CA PRO A 24 -0.31 19.62 18.28
C PRO A 24 0.44 18.78 19.31
N LEU A 25 1.77 18.88 19.31
CA LEU A 25 2.65 18.20 20.23
C LEU A 25 2.38 18.62 21.68
N SER A 26 1.47 17.90 22.31
CA SER A 26 1.01 18.22 23.65
C SER A 26 0.01 17.17 24.10
N ASP A 27 -0.31 17.17 25.39
CA ASP A 27 -1.25 16.26 26.00
C ASP A 27 -2.46 17.01 26.51
N GLY A 28 -3.65 16.57 26.10
CA GLY A 28 -4.88 17.16 26.59
C GLY A 28 -4.92 18.67 26.34
N LYS A 29 -4.75 19.03 25.07
CA LYS A 29 -4.72 20.43 24.61
C LYS A 29 -5.42 20.60 23.27
N THR A 30 -6.38 19.75 23.00
CA THR A 30 -7.06 19.73 21.72
C THR A 30 -8.55 19.62 21.98
N GLY A 31 -9.33 20.29 21.14
CA GLY A 31 -10.78 20.35 21.24
C GLY A 31 -11.42 19.03 21.62
N SER A 32 -11.31 18.04 20.74
CA SER A 32 -11.73 16.67 21.03
C SER A 32 -11.08 16.15 22.29
N SER A 33 -9.73 16.06 22.28
CA SER A 33 -8.90 15.56 23.38
C SER A 33 -7.52 15.12 22.94
N TYR A 34 -7.49 14.41 21.81
CA TYR A 34 -6.28 13.91 21.18
C TYR A 34 -5.54 14.99 20.37
N PRO A 35 -4.20 14.90 20.27
CA PRO A 35 -3.42 13.85 20.91
C PRO A 35 -3.33 14.08 22.40
N HIS A 36 -3.06 13.00 23.11
CA HIS A 36 -2.91 13.03 24.54
C HIS A 36 -1.69 12.22 24.93
N TRP A 37 -1.10 12.50 26.07
CA TRP A 37 -0.01 11.71 26.59
C TRP A 37 -0.41 10.25 26.69
N PHE A 38 0.34 9.41 26.00
CA PHE A 38 0.23 7.99 25.95
C PHE A 38 1.14 7.45 27.00
N THR A 39 0.60 7.37 28.23
CA THR A 39 1.26 6.71 29.35
C THR A 39 1.97 5.45 28.92
N ASN A 40 1.40 4.70 27.96
CA ASN A 40 1.96 3.45 27.46
C ASN A 40 1.96 2.35 28.53
N GLY A 41 1.28 2.65 29.64
CA GLY A 41 1.30 1.85 30.84
C GLY A 41 1.96 2.54 32.02
N TYR A 42 2.78 3.56 31.78
CA TYR A 42 3.48 4.30 32.82
C TYR A 42 2.49 5.03 33.74
N ASP A 43 2.97 5.41 34.92
CA ASP A 43 2.15 6.19 35.85
C ASP A 43 2.17 7.68 35.50
N GLY A 44 3.36 8.19 35.14
CA GLY A 44 3.59 9.59 34.83
C GLY A 44 4.98 9.85 34.30
N ASP A 45 5.96 9.68 35.18
CA ASP A 45 7.37 9.88 34.88
C ASP A 45 8.13 8.56 35.00
N GLY A 46 8.15 8.02 36.23
CA GLY A 46 8.79 6.74 36.52
C GLY A 46 8.21 5.63 35.66
N LYS A 47 8.95 4.53 35.58
CA LYS A 47 8.55 3.35 34.82
C LYS A 47 7.18 2.84 35.29
N LEU A 48 6.66 1.86 34.59
CA LEU A 48 5.37 1.30 34.94
C LEU A 48 5.38 0.77 36.37
N PRO A 49 4.21 0.72 37.02
CA PRO A 49 4.11 0.23 38.38
C PRO A 49 4.34 -1.29 38.41
N LYS A 50 4.70 -1.81 39.59
CA LYS A 50 4.88 -3.24 39.82
C LYS A 50 3.58 -4.00 39.45
N GLY A 51 3.55 -4.55 38.25
CA GLY A 51 2.37 -5.23 37.74
C GLY A 51 1.80 -4.55 36.49
N ARG A 52 2.61 -4.49 35.43
CA ARG A 52 2.18 -3.97 34.14
C ARG A 52 3.17 -4.37 33.05
N THR A 53 2.74 -4.28 31.81
CA THR A 53 3.56 -4.62 30.66
C THR A 53 3.33 -3.59 29.55
N PRO A 54 4.33 -2.73 29.28
CA PRO A 54 4.27 -1.74 28.21
C PRO A 54 4.40 -2.41 26.83
N ILE A 55 4.29 -1.60 25.79
CA ILE A 55 4.38 -2.07 24.43
C ILE A 55 5.82 -1.91 23.97
N LYS A 56 6.45 -2.98 23.52
CA LYS A 56 7.79 -2.89 22.97
C LYS A 56 7.68 -2.42 21.52
N PHE A 57 8.55 -1.49 21.16
CA PHE A 57 8.65 -0.96 19.80
C PHE A 57 10.02 -1.23 19.18
N GLY A 58 11.04 -1.34 20.04
CA GLY A 58 12.43 -1.50 19.64
C GLY A 58 13.23 -0.20 19.71
N LYS A 59 12.58 0.91 20.04
CA LYS A 59 13.23 2.20 20.21
C LYS A 59 13.50 2.44 21.67
N SER A 60 14.75 2.76 21.98
CA SER A 60 15.14 3.11 23.34
C SER A 60 14.51 4.42 23.81
N ASP A 61 13.89 5.18 22.89
CA ASP A 61 13.15 6.41 23.17
C ASP A 61 11.72 6.11 23.55
N CYS A 62 11.06 5.23 22.79
CA CYS A 62 9.71 4.80 23.10
C CYS A 62 9.66 3.84 24.30
N ASP A 63 10.82 3.28 24.65
CA ASP A 63 10.99 2.44 25.83
C ASP A 63 11.35 3.25 27.05
N ARG A 64 12.13 4.34 26.86
CA ARG A 64 12.53 5.19 27.96
C ARG A 64 11.34 5.67 28.78
N PRO A 65 11.62 6.16 29.99
CA PRO A 65 10.59 6.75 30.82
C PRO A 65 10.12 8.12 30.30
N PRO A 66 8.80 8.33 30.15
CA PRO A 66 8.23 9.59 29.74
C PRO A 66 8.41 10.66 30.82
N LYS A 67 8.16 11.92 30.45
CA LYS A 67 8.22 13.05 31.37
C LYS A 67 6.93 13.83 31.32
N HIS A 68 5.83 13.22 31.76
CA HIS A 68 4.55 13.93 31.80
C HIS A 68 4.48 14.87 33.00
N SER A 69 3.49 15.74 33.02
CA SER A 69 3.27 16.66 34.14
C SER A 69 1.78 16.83 34.42
N LYS A 70 1.43 17.54 35.49
CA LYS A 70 0.03 17.85 35.79
C LYS A 70 -0.43 19.09 35.04
N ASP A 71 -0.61 18.95 33.74
CA ASP A 71 -1.08 20.03 32.87
C ASP A 71 -1.25 19.56 31.43
N GLY A 72 -0.27 18.78 30.98
CA GLY A 72 -0.24 18.26 29.63
C GLY A 72 1.16 17.84 29.30
N ASN A 73 1.96 18.78 28.85
CA ASN A 73 3.33 18.57 28.45
C ASN A 73 4.23 18.87 29.64
N GLY A 74 4.79 20.08 29.66
CA GLY A 74 5.75 20.55 30.63
C GLY A 74 7.00 21.07 29.94
N LYS A 75 8.09 21.21 30.70
CA LYS A 75 9.39 21.70 30.24
C LYS A 75 9.81 21.10 28.90
N THR A 76 10.36 19.90 28.95
CA THR A 76 10.72 19.17 27.76
C THR A 76 9.96 17.87 27.62
N ASP A 77 8.86 17.70 28.39
CA ASP A 77 8.00 16.52 28.37
C ASP A 77 8.23 15.55 27.21
N HIS A 78 9.20 14.66 27.34
CA HIS A 78 9.62 13.84 26.20
C HIS A 78 8.85 12.55 26.21
N TYR A 79 7.73 12.58 26.93
CA TYR A 79 6.77 11.51 27.01
C TYR A 79 6.28 11.01 25.66
N LEU A 80 5.41 10.02 25.70
CA LEU A 80 4.76 9.55 24.49
C LEU A 80 3.37 10.10 24.37
N LEU A 81 2.83 10.21 23.17
CA LEU A 81 1.48 10.73 22.93
C LEU A 81 0.83 9.94 21.81
N GLU A 82 -0.35 9.39 22.07
CA GLU A 82 -1.06 8.60 21.08
C GLU A 82 -2.02 9.50 20.29
N PHE A 83 -2.33 9.12 19.07
CA PHE A 83 -3.24 9.88 18.25
C PHE A 83 -4.14 9.01 17.38
N PRO A 84 -5.45 9.27 17.29
CA PRO A 84 -6.39 8.47 16.54
C PRO A 84 -6.20 8.69 15.05
N THR A 85 -5.49 7.75 14.42
CA THR A 85 -5.20 7.78 13.00
C THR A 85 -6.23 6.94 12.25
N PHE A 86 -7.11 7.60 11.53
CA PHE A 86 -8.12 6.93 10.73
C PHE A 86 -7.56 6.50 9.38
N PRO A 87 -8.11 5.40 8.81
CA PRO A 87 -7.70 4.89 7.52
C PRO A 87 -8.24 5.71 6.36
N ASP A 88 -9.48 6.22 6.48
CA ASP A 88 -10.12 7.11 5.48
C ASP A 88 -9.13 8.13 4.94
N GLY A 89 -8.23 8.57 5.82
CA GLY A 89 -7.19 9.50 5.48
C GLY A 89 -7.58 10.91 5.89
N HIS A 90 -8.81 11.06 6.38
CA HIS A 90 -9.32 12.32 6.86
C HIS A 90 -8.63 12.66 8.19
N ASP A 91 -8.22 13.90 8.34
CA ASP A 91 -7.68 14.40 9.59
C ASP A 91 -8.82 14.61 10.55
N TYR A 92 -8.96 13.70 11.52
CA TYR A 92 -9.98 13.80 12.55
C TYR A 92 -10.19 15.25 13.01
N LYS A 93 -11.41 15.62 13.35
CA LYS A 93 -11.68 16.95 13.88
C LYS A 93 -11.33 17.03 15.36
N PHE A 94 -10.06 16.82 15.65
CA PHE A 94 -9.49 16.95 16.98
C PHE A 94 -9.30 18.40 17.41
N ASP A 95 -9.70 19.36 16.59
CA ASP A 95 -9.60 20.79 16.86
C ASP A 95 -10.95 21.33 17.36
N SER A 96 -12.03 20.86 16.72
CA SER A 96 -13.38 21.28 17.05
C SER A 96 -13.90 20.39 18.17
N LYS A 97 -14.07 20.97 19.37
CA LYS A 97 -14.62 20.23 20.51
C LYS A 97 -16.01 19.67 20.18
N LYS A 98 -16.86 20.56 19.64
CA LYS A 98 -18.24 20.29 19.30
C LYS A 98 -18.62 21.00 17.98
N PRO A 99 -19.19 20.24 17.03
CA PRO A 99 -19.37 18.79 17.15
C PRO A 99 -18.01 18.07 17.04
N LYS A 100 -18.02 16.76 17.26
CA LYS A 100 -16.84 15.91 17.19
C LYS A 100 -17.22 14.57 16.59
N GLU A 101 -16.33 14.03 15.77
CA GLU A 101 -16.54 12.74 15.14
C GLU A 101 -16.22 11.58 16.09
N ASN A 102 -16.46 10.36 15.63
CA ASN A 102 -16.11 9.19 16.41
C ASN A 102 -14.60 8.97 16.40
N PRO A 103 -13.99 8.56 17.54
CA PRO A 103 -12.57 8.22 17.63
C PRO A 103 -12.22 6.89 16.90
N GLY A 104 -11.06 6.33 17.22
CA GLY A 104 -10.69 5.04 16.68
C GLY A 104 -9.88 4.23 17.69
N PRO A 105 -9.76 2.91 17.48
CA PRO A 105 -8.98 2.04 18.36
C PRO A 105 -7.50 2.22 18.13
N ALA A 106 -7.05 2.01 16.89
CA ALA A 106 -5.67 2.19 16.52
C ALA A 106 -5.25 3.63 16.69
N ARG A 107 -4.08 3.84 17.27
CA ARG A 107 -3.52 5.15 17.48
C ARG A 107 -2.04 5.15 17.25
N VAL A 108 -1.48 6.21 16.69
CA VAL A 108 -0.05 6.38 16.47
C VAL A 108 0.62 6.86 17.73
N ILE A 109 1.55 6.08 18.25
CA ILE A 109 2.23 6.38 19.49
C ILE A 109 3.62 6.84 19.12
N TYR A 110 3.99 8.02 19.57
CA TYR A 110 5.28 8.60 19.28
C TYR A 110 5.81 9.33 20.50
N THR A 111 7.09 9.60 20.51
CA THR A 111 7.77 10.24 21.63
C THR A 111 7.86 11.74 21.36
N TYR A 112 8.15 12.52 22.39
CA TYR A 112 8.31 13.96 22.24
C TYR A 112 9.78 14.38 22.39
N PRO A 113 10.19 15.50 21.77
CA PRO A 113 9.37 16.25 20.85
C PRO A 113 9.27 15.53 19.52
N ASN A 114 10.42 15.21 18.93
CA ASN A 114 10.49 14.44 17.71
C ASN A 114 9.51 13.30 17.76
N LYS A 115 8.46 13.34 16.92
CA LYS A 115 7.43 12.33 16.83
C LYS A 115 8.07 11.04 16.34
N VAL A 116 8.86 10.39 17.18
CA VAL A 116 9.57 9.16 16.90
C VAL A 116 8.50 8.09 16.93
N PHE A 117 7.71 8.05 15.86
CA PHE A 117 6.67 7.10 15.63
C PHE A 117 7.14 5.70 16.05
N CYS A 118 6.44 5.12 17.00
CA CYS A 118 6.77 3.83 17.52
C CYS A 118 5.95 2.76 16.80
N GLY A 119 4.66 3.03 16.65
CA GLY A 119 3.72 2.15 16.00
C GLY A 119 2.30 2.42 16.45
N ILE A 120 1.38 1.66 15.86
CA ILE A 120 -0.02 1.83 16.13
C ILE A 120 -0.42 0.74 17.08
N ILE A 121 -0.99 1.03 18.22
CA ILE A 121 -1.39 0.02 19.17
C ILE A 121 -2.87 -0.27 18.98
N ALA A 122 -3.32 -1.47 19.34
CA ALA A 122 -4.71 -1.86 19.29
C ALA A 122 -4.92 -3.25 19.91
N HIS A 123 -6.14 -3.51 20.38
CA HIS A 123 -6.46 -4.75 21.05
C HIS A 123 -6.93 -5.76 20.01
N THR A 124 -6.01 -6.58 19.50
CA THR A 124 -6.32 -7.59 18.47
C THR A 124 -6.55 -8.97 19.10
N LYS A 125 -7.20 -8.97 20.26
CA LYS A 125 -7.51 -10.22 20.97
C LYS A 125 -8.97 -10.60 20.76
N GLU A 126 -9.84 -9.61 20.60
CA GLU A 126 -11.27 -9.83 20.39
C GLU A 126 -11.95 -8.52 20.00
N ASN A 127 -12.02 -7.59 20.94
CA ASN A 127 -12.62 -6.28 20.75
C ASN A 127 -12.04 -5.26 21.72
N GLN A 128 -11.92 -5.67 22.97
CA GLN A 128 -11.40 -4.86 24.06
C GLN A 128 -10.82 -5.79 25.13
N GLY A 129 -9.61 -6.28 24.91
CA GLY A 129 -8.92 -7.09 25.91
C GLY A 129 -7.51 -6.59 26.12
N GLU A 130 -6.55 -7.33 25.61
CA GLU A 130 -5.14 -6.98 25.74
C GLU A 130 -4.72 -6.02 24.64
N LEU A 131 -3.75 -5.16 24.92
CA LEU A 131 -3.25 -4.19 23.96
C LEU A 131 -1.88 -4.66 23.45
N LYS A 132 -1.59 -4.38 22.19
CA LYS A 132 -0.35 -4.73 21.52
C LYS A 132 -0.07 -3.73 20.41
N LEU A 133 1.14 -3.78 19.87
CA LEU A 133 1.50 -2.97 18.73
C LEU A 133 1.00 -3.64 17.45
N CYS A 134 0.68 -2.83 16.45
CA CYS A 134 0.26 -3.24 15.12
C CYS A 134 1.41 -4.01 14.47
N SER A 135 1.20 -4.37 13.22
CA SER A 135 2.17 -5.15 12.48
C SER A 135 1.70 -5.20 11.04
N HIS A 136 2.57 -4.74 10.14
CA HIS A 136 2.37 -4.85 8.71
C HIS A 136 3.08 -6.09 8.16
N ALA A 1 4.51 5.25 3.52
CA ALA A 1 4.01 4.00 2.96
C ALA A 1 3.27 4.33 1.67
N VAL A 2 1.94 4.40 1.74
CA VAL A 2 1.10 4.67 0.60
C VAL A 2 0.24 5.89 0.89
N THR A 3 0.36 6.89 0.06
CA THR A 3 -0.35 8.14 0.23
C THR A 3 -1.72 8.04 -0.41
N TRP A 4 -2.77 8.21 0.40
CA TRP A 4 -4.13 8.13 -0.08
C TRP A 4 -4.51 9.43 -0.74
N THR A 5 -5.22 9.37 -1.85
CA THR A 5 -5.62 10.55 -2.58
C THR A 5 -7.08 10.46 -2.93
N CYS A 6 -7.80 11.54 -2.69
CA CYS A 6 -9.21 11.62 -3.03
C CYS A 6 -9.47 12.77 -4.00
N GLY A 7 -8.58 12.91 -4.98
CA GLY A 7 -8.69 13.97 -5.97
C GLY A 7 -7.33 14.42 -6.44
N GLY A 8 -6.82 15.49 -5.84
CA GLY A 8 -5.50 16.03 -6.16
C GLY A 8 -4.64 16.19 -4.92
N LEU A 9 -5.15 15.76 -3.76
CA LEU A 9 -4.50 15.98 -2.49
C LEU A 9 -4.01 14.66 -2.00
N LEU A 10 -2.83 14.63 -1.39
CA LEU A 10 -2.16 13.40 -1.01
C LEU A 10 -2.14 13.37 0.50
N TYR A 11 -2.73 12.35 1.07
CA TYR A 11 -2.89 12.18 2.50
C TYR A 11 -2.11 10.96 2.95
N ASN A 12 -0.94 11.20 3.54
CA ASN A 12 -0.11 10.12 4.02
C ASN A 12 -0.90 9.31 5.01
N GLN A 13 -1.09 8.03 4.76
CA GLN A 13 -1.83 7.17 5.65
C GLN A 13 -1.40 7.37 7.08
N ASN A 14 -0.10 7.46 7.33
CA ASN A 14 0.41 7.72 8.66
C ASN A 14 -0.31 8.89 9.28
N LYS A 15 -0.44 10.02 8.58
CA LYS A 15 -1.24 11.13 9.03
C LYS A 15 -2.72 10.82 9.05
N ALA A 16 -3.25 10.00 8.15
CA ALA A 16 -4.63 9.56 8.20
C ALA A 16 -4.95 8.84 9.50
N GLU A 17 -4.15 7.86 9.89
CA GLU A 17 -4.33 7.12 11.11
C GLU A 17 -3.83 7.94 12.27
N SER A 18 -2.76 8.70 12.14
CA SER A 18 -2.15 9.50 13.17
C SER A 18 -3.05 10.67 13.48
N ASN A 19 -3.27 11.57 12.52
CA ASN A 19 -4.19 12.67 12.65
C ASN A 19 -5.46 12.26 13.38
N SER A 20 -5.92 11.04 13.10
CA SER A 20 -7.06 10.47 13.79
C SER A 20 -6.72 9.90 15.15
N HIS A 21 -5.57 9.23 15.29
CA HIS A 21 -5.09 8.66 16.54
C HIS A 21 -5.31 9.63 17.68
N HIS A 22 -5.09 10.93 17.42
CA HIS A 22 -5.32 11.98 18.38
C HIS A 22 -6.81 12.21 18.60
N ALA A 23 -7.56 12.35 17.49
CA ALA A 23 -9.00 12.46 17.52
C ALA A 23 -9.62 11.58 18.63
N PRO A 24 -10.52 12.17 19.42
CA PRO A 24 -11.15 11.49 20.53
C PRO A 24 -12.16 10.48 20.01
N LEU A 25 -11.97 9.21 20.38
CA LEU A 25 -12.86 8.14 19.98
C LEU A 25 -14.27 8.41 20.47
N SER A 26 -15.10 8.93 19.59
CA SER A 26 -16.47 9.30 19.92
C SER A 26 -17.16 9.88 18.70
N ASP A 27 -18.48 9.98 18.77
CA ASP A 27 -19.30 10.55 17.71
C ASP A 27 -19.71 11.96 18.10
N GLY A 28 -19.01 12.96 17.59
CA GLY A 28 -19.35 14.34 17.85
C GLY A 28 -19.15 14.66 19.32
N LYS A 29 -17.89 14.90 19.70
CA LYS A 29 -17.54 15.25 21.07
C LYS A 29 -16.29 16.10 21.10
N THR A 30 -16.06 16.84 20.02
CA THR A 30 -14.85 17.64 19.87
C THR A 30 -15.26 19.07 19.66
N GLY A 31 -14.42 20.01 20.14
CA GLY A 31 -14.70 21.42 20.02
C GLY A 31 -15.31 21.76 18.66
N SER A 32 -14.60 21.39 17.59
CA SER A 32 -15.10 21.60 16.26
C SER A 32 -16.29 20.70 15.97
N SER A 33 -16.08 19.39 16.05
CA SER A 33 -17.11 18.37 15.83
C SER A 33 -16.48 17.01 15.57
N TYR A 34 -15.63 16.96 14.54
CA TYR A 34 -14.92 15.75 14.16
C TYR A 34 -14.02 15.22 15.28
N PRO A 35 -13.89 13.89 15.39
CA PRO A 35 -14.60 12.97 14.52
C PRO A 35 -16.08 12.87 14.87
N HIS A 36 -16.86 12.30 13.96
CA HIS A 36 -18.29 12.18 14.12
C HIS A 36 -18.76 10.82 13.63
N TRP A 37 -19.99 10.45 13.94
CA TRP A 37 -20.54 9.18 13.48
C TRP A 37 -20.76 9.25 11.99
N PHE A 38 -20.01 8.45 11.25
CA PHE A 38 -20.07 8.33 9.84
C PHE A 38 -21.16 7.36 9.48
N THR A 39 -22.41 7.80 9.53
CA THR A 39 -23.58 7.02 9.15
C THR A 39 -23.26 6.11 7.99
N ASN A 40 -22.47 6.59 7.02
CA ASN A 40 -22.03 5.82 5.88
C ASN A 40 -23.21 5.59 4.97
N GLY A 41 -24.35 6.22 5.27
CA GLY A 41 -25.58 6.02 4.56
C GLY A 41 -26.66 5.53 5.46
N TYR A 42 -26.34 4.70 6.45
CA TYR A 42 -27.30 4.12 7.37
C TYR A 42 -28.17 5.21 7.98
N ASP A 43 -29.18 4.80 8.74
CA ASP A 43 -30.09 5.71 9.37
C ASP A 43 -29.63 5.96 10.79
N GLY A 44 -29.23 4.89 11.48
CA GLY A 44 -28.77 4.96 12.85
C GLY A 44 -28.33 3.61 13.36
N ASP A 45 -29.21 2.61 13.21
CA ASP A 45 -28.92 1.26 13.66
C ASP A 45 -28.13 0.55 12.56
N GLY A 46 -28.84 -0.12 11.65
CA GLY A 46 -28.25 -0.90 10.59
C GLY A 46 -29.13 -0.91 9.37
N LYS A 47 -29.90 0.17 9.18
CA LYS A 47 -30.84 0.27 8.07
C LYS A 47 -30.55 1.54 7.31
N LEU A 48 -30.70 1.52 6.00
CA LEU A 48 -30.45 2.70 5.18
C LEU A 48 -31.78 3.28 4.70
N PRO A 49 -31.78 4.56 4.31
CA PRO A 49 -32.95 5.23 3.82
C PRO A 49 -33.31 4.77 2.41
N LYS A 50 -34.34 5.41 1.84
CA LYS A 50 -34.75 5.12 0.49
C LYS A 50 -33.66 5.58 -0.49
N GLY A 51 -32.83 4.65 -0.93
CA GLY A 51 -31.76 4.96 -1.88
C GLY A 51 -30.51 5.43 -1.15
N ARG A 52 -29.67 4.46 -0.77
CA ARG A 52 -28.41 4.75 -0.12
C ARG A 52 -27.38 3.69 -0.42
N THR A 53 -26.15 4.11 -0.68
CA THR A 53 -25.06 3.22 -1.02
C THR A 53 -23.85 3.50 -0.14
N PRO A 54 -23.63 2.65 0.86
CA PRO A 54 -22.50 2.79 1.76
C PRO A 54 -21.18 2.44 1.08
N ILE A 55 -20.09 2.94 1.62
CA ILE A 55 -18.76 2.71 1.07
C ILE A 55 -18.32 1.31 1.46
N LYS A 56 -18.00 0.48 0.46
CA LYS A 56 -17.54 -0.87 0.69
C LYS A 56 -16.03 -0.86 0.80
N PHE A 57 -15.52 -1.59 1.80
CA PHE A 57 -14.09 -1.69 2.05
C PHE A 57 -13.63 -3.12 1.82
N GLY A 58 -14.31 -4.07 2.47
CA GLY A 58 -13.96 -5.47 2.41
C GLY A 58 -13.79 -6.07 3.80
N LYS A 59 -13.87 -5.24 4.84
CA LYS A 59 -13.75 -5.70 6.21
C LYS A 59 -15.12 -6.01 6.74
N SER A 60 -15.28 -7.16 7.38
CA SER A 60 -16.54 -7.56 8.00
C SER A 60 -16.86 -6.66 9.18
N ASP A 61 -15.91 -5.84 9.62
CA ASP A 61 -16.07 -4.94 10.74
C ASP A 61 -16.57 -3.60 10.23
N CYS A 62 -15.89 -3.07 9.21
CA CYS A 62 -16.31 -1.84 8.58
C CYS A 62 -17.52 -2.06 7.67
N ASP A 63 -17.90 -3.33 7.49
CA ASP A 63 -19.05 -3.71 6.69
C ASP A 63 -20.24 -3.99 7.59
N ARG A 64 -19.96 -4.51 8.80
CA ARG A 64 -21.01 -4.82 9.74
C ARG A 64 -21.95 -3.63 9.93
N PRO A 65 -23.11 -3.89 10.54
CA PRO A 65 -24.03 -2.85 10.88
C PRO A 65 -23.57 -1.97 12.06
N PRO A 66 -23.70 -0.64 11.93
CA PRO A 66 -23.33 0.28 12.98
C PRO A 66 -24.30 0.22 14.15
N LYS A 67 -23.95 0.90 15.24
CA LYS A 67 -24.81 0.95 16.40
C LYS A 67 -24.81 2.34 16.93
N HIS A 68 -25.43 3.30 16.27
CA HIS A 68 -25.49 4.67 16.76
C HIS A 68 -26.57 4.81 17.84
N SER A 69 -26.46 5.84 18.66
CA SER A 69 -27.40 6.10 19.73
C SER A 69 -27.58 7.60 19.92
N LYS A 70 -28.38 7.98 20.89
CA LYS A 70 -28.60 9.39 21.19
C LYS A 70 -27.55 9.91 22.15
N ASP A 71 -26.29 9.90 21.72
CA ASP A 71 -25.17 10.37 22.54
C ASP A 71 -23.88 10.28 21.74
N GLY A 72 -23.75 9.20 20.96
CA GLY A 72 -22.59 8.97 20.15
C GLY A 72 -22.05 7.58 20.37
N ASN A 73 -21.27 7.37 21.41
CA ASN A 73 -20.64 6.11 21.74
C ASN A 73 -21.21 5.64 23.06
N GLY A 74 -22.53 5.57 23.17
CA GLY A 74 -23.22 5.09 24.36
C GLY A 74 -22.75 3.71 24.77
N LYS A 75 -23.65 2.72 24.73
CA LYS A 75 -23.32 1.35 25.10
C LYS A 75 -21.97 0.94 24.53
N THR A 76 -21.98 0.53 23.26
CA THR A 76 -20.75 0.15 22.59
C THR A 76 -20.80 0.49 21.13
N ASP A 77 -21.58 1.51 20.77
CA ASP A 77 -21.77 1.95 19.40
C ASP A 77 -20.58 1.64 18.54
N HIS A 78 -20.63 0.52 17.79
CA HIS A 78 -19.48 0.06 17.02
C HIS A 78 -19.62 0.56 15.60
N TYR A 79 -20.35 1.66 15.45
CA TYR A 79 -20.50 2.35 14.20
C TYR A 79 -19.19 2.83 13.57
N LEU A 80 -19.31 3.52 12.46
CA LEU A 80 -18.15 4.12 11.81
C LEU A 80 -18.07 5.60 12.13
N LEU A 81 -16.86 6.13 12.19
CA LEU A 81 -16.62 7.52 12.51
C LEU A 81 -15.54 8.07 11.59
N GLU A 82 -15.90 9.06 10.80
CA GLU A 82 -14.95 9.69 9.89
C GLU A 82 -14.19 10.82 10.58
N PHE A 83 -13.08 11.22 9.95
CA PHE A 83 -12.26 12.28 10.49
C PHE A 83 -11.47 13.03 9.43
N PRO A 84 -11.65 14.35 9.32
CA PRO A 84 -10.99 15.16 8.31
C PRO A 84 -9.53 15.31 8.62
N THR A 85 -8.69 14.71 7.79
CA THR A 85 -7.26 14.75 7.96
C THR A 85 -6.62 15.53 6.83
N PHE A 86 -5.90 16.59 7.17
CA PHE A 86 -5.21 17.41 6.21
C PHE A 86 -3.87 16.82 5.79
N PRO A 87 -3.36 17.22 4.61
CA PRO A 87 -2.09 16.74 4.11
C PRO A 87 -0.92 17.39 4.79
N ASP A 88 -1.04 18.68 5.10
CA ASP A 88 -0.01 19.48 5.76
C ASP A 88 0.53 18.69 6.95
N GLY A 89 -0.33 17.86 7.55
CA GLY A 89 0.01 16.99 8.62
C GLY A 89 -0.33 17.64 9.93
N HIS A 90 -0.68 18.93 9.88
CA HIS A 90 -1.06 19.68 11.06
C HIS A 90 -2.30 19.05 11.67
N ASP A 91 -2.23 18.71 12.94
CA ASP A 91 -3.34 18.19 13.68
C ASP A 91 -4.48 19.19 13.69
N TYR A 92 -5.44 19.03 12.78
CA TYR A 92 -6.59 19.90 12.70
C TYR A 92 -7.04 20.35 14.09
N LYS A 93 -7.44 21.60 14.23
CA LYS A 93 -7.94 22.11 15.49
C LYS A 93 -9.37 21.66 15.71
N PHE A 94 -9.58 20.35 15.74
CA PHE A 94 -10.86 19.76 16.00
C PHE A 94 -11.23 19.81 17.47
N ASP A 95 -10.29 20.23 18.31
CA ASP A 95 -10.51 20.31 19.75
C ASP A 95 -10.95 21.72 20.11
N SER A 96 -10.43 22.72 19.38
CA SER A 96 -10.77 24.10 19.62
C SER A 96 -12.09 24.41 18.94
N LYS A 97 -13.15 24.50 19.74
CA LYS A 97 -14.47 24.82 19.24
C LYS A 97 -14.44 26.17 18.55
N LYS A 98 -13.87 27.16 19.25
CA LYS A 98 -13.82 28.53 18.79
C LYS A 98 -12.44 29.11 19.12
N PRO A 99 -11.75 29.65 18.11
CA PRO A 99 -12.23 29.60 16.73
C PRO A 99 -12.15 28.19 16.15
N LYS A 100 -12.60 28.02 14.93
CA LYS A 100 -12.54 26.74 14.23
C LYS A 100 -12.01 26.94 12.82
N GLU A 101 -11.25 25.96 12.35
CA GLU A 101 -10.73 26.02 11.00
C GLU A 101 -11.63 25.23 10.06
N ASN A 102 -11.64 25.63 8.78
CA ASN A 102 -12.34 24.91 7.73
C ASN A 102 -12.11 23.41 7.83
N PRO A 103 -13.10 22.61 7.41
CA PRO A 103 -13.01 21.18 7.42
C PRO A 103 -12.09 20.68 6.31
N GLY A 104 -12.16 19.39 6.02
CA GLY A 104 -11.39 18.77 4.97
C GLY A 104 -12.19 17.76 4.16
N PRO A 105 -11.76 17.50 2.92
CA PRO A 105 -12.42 16.55 2.05
C PRO A 105 -12.12 15.12 2.46
N ALA A 106 -10.91 14.65 2.16
CA ALA A 106 -10.50 13.32 2.53
C ALA A 106 -10.54 13.14 4.03
N ARG A 107 -11.06 12.00 4.46
CA ARG A 107 -11.20 11.69 5.87
C ARG A 107 -10.91 10.23 6.12
N VAL A 108 -10.35 9.92 7.28
CA VAL A 108 -10.05 8.56 7.67
C VAL A 108 -11.28 7.89 8.24
N ILE A 109 -11.64 6.75 7.68
CA ILE A 109 -12.79 5.99 8.14
C ILE A 109 -12.34 4.80 8.94
N TYR A 110 -13.07 4.50 10.01
CA TYR A 110 -12.75 3.41 10.88
C TYR A 110 -13.91 3.10 11.80
N THR A 111 -13.97 1.86 12.27
CA THR A 111 -15.03 1.42 13.16
C THR A 111 -14.61 1.64 14.60
N TYR A 112 -15.57 1.66 15.51
CA TYR A 112 -15.31 1.84 16.92
C TYR A 112 -15.56 0.55 17.70
N PRO A 113 -14.89 0.39 18.86
CA PRO A 113 -13.87 1.32 19.31
C PRO A 113 -12.62 1.16 18.47
N ASN A 114 -12.11 -0.07 18.39
CA ASN A 114 -10.92 -0.39 17.64
C ASN A 114 -10.95 0.32 16.32
N LYS A 115 -10.12 1.36 16.14
CA LYS A 115 -10.06 2.15 14.93
C LYS A 115 -9.61 1.27 13.78
N VAL A 116 -10.51 0.44 13.28
CA VAL A 116 -10.23 -0.52 12.23
C VAL A 116 -10.16 0.28 10.95
N PHE A 117 -9.06 1.02 10.77
CA PHE A 117 -8.82 1.85 9.60
C PHE A 117 -9.35 1.16 8.35
N CYS A 118 -10.46 1.66 7.83
CA CYS A 118 -11.07 1.10 6.66
C CYS A 118 -10.38 1.67 5.44
N GLY A 119 -10.17 2.99 5.42
CA GLY A 119 -9.52 3.67 4.34
C GLY A 119 -9.80 5.15 4.39
N ILE A 120 -9.92 5.76 3.22
CA ILE A 120 -10.13 7.21 3.14
C ILE A 120 -11.32 7.46 2.26
N ILE A 121 -12.11 8.46 2.56
CA ILE A 121 -13.30 8.77 1.78
C ILE A 121 -13.32 10.25 1.51
N ALA A 122 -13.99 10.66 0.45
CA ALA A 122 -14.14 12.07 0.11
C ALA A 122 -15.12 12.23 -1.04
N HIS A 123 -15.83 13.35 -1.05
CA HIS A 123 -16.85 13.61 -2.03
C HIS A 123 -16.21 14.30 -3.22
N THR A 124 -15.86 13.53 -4.25
CA THR A 124 -15.24 14.07 -5.44
C THR A 124 -16.25 14.28 -6.56
N LYS A 125 -17.43 14.77 -6.19
CA LYS A 125 -18.47 15.04 -7.16
C LYS A 125 -18.62 16.54 -7.40
N GLU A 126 -18.25 17.34 -6.40
CA GLU A 126 -18.31 18.79 -6.52
C GLU A 126 -17.69 19.45 -5.29
N ASN A 127 -18.35 19.31 -4.14
CA ASN A 127 -17.88 19.84 -2.89
C ASN A 127 -18.47 19.05 -1.73
N GLN A 128 -19.77 18.74 -1.82
CA GLN A 128 -20.47 18.00 -0.81
C GLN A 128 -21.67 17.28 -1.44
N GLY A 129 -21.40 16.17 -2.11
CA GLY A 129 -22.47 15.39 -2.71
C GLY A 129 -22.34 13.93 -2.33
N GLU A 130 -21.87 13.14 -3.29
CA GLU A 130 -21.69 11.71 -3.07
C GLU A 130 -20.36 11.43 -2.40
N LEU A 131 -20.31 10.41 -1.55
CA LEU A 131 -19.10 10.02 -0.87
C LEU A 131 -18.61 8.67 -1.38
N LYS A 132 -17.31 8.56 -1.59
CA LYS A 132 -16.69 7.35 -2.09
C LYS A 132 -15.37 7.13 -1.39
N LEU A 133 -14.76 5.97 -1.61
CA LEU A 133 -13.47 5.64 -1.02
C LEU A 133 -12.35 6.14 -1.92
N CYS A 134 -11.29 6.65 -1.31
CA CYS A 134 -10.13 7.11 -2.00
C CYS A 134 -9.41 5.94 -2.64
N SER A 135 -8.26 6.22 -3.24
CA SER A 135 -7.51 5.19 -3.93
C SER A 135 -6.06 5.64 -3.98
N HIS A 136 -5.32 5.38 -2.90
CA HIS A 136 -3.88 5.63 -2.86
C HIS A 136 -3.18 5.31 -4.19
N ALA A 1 4.49 5.27 3.55
CA ALA A 1 4.01 4.03 2.95
C ALA A 1 2.73 3.63 3.63
N VAL A 2 2.09 2.58 3.13
CA VAL A 2 0.86 2.06 3.72
C VAL A 2 1.16 0.78 4.51
N THR A 3 0.23 0.31 5.29
CA THR A 3 0.33 -0.88 6.11
C THR A 3 -0.05 -2.11 5.33
N TRP A 4 0.91 -2.95 5.00
CA TRP A 4 0.68 -4.16 4.27
C TRP A 4 0.09 -5.22 5.16
N THR A 5 -0.83 -6.01 4.65
CA THR A 5 -1.51 -7.03 5.43
C THR A 5 -1.53 -8.33 4.68
N CYS A 6 -1.22 -9.42 5.37
CA CYS A 6 -1.24 -10.75 4.76
C CYS A 6 -1.96 -11.73 5.68
N GLY A 7 -1.31 -12.13 6.78
CA GLY A 7 -1.87 -13.06 7.74
C GLY A 7 -2.82 -12.37 8.69
N GLY A 8 -3.69 -11.46 8.20
CA GLY A 8 -4.58 -10.67 9.04
C GLY A 8 -3.79 -9.74 9.96
N LEU A 9 -2.49 -9.56 9.72
CA LEU A 9 -1.62 -8.76 10.57
C LEU A 9 -1.17 -7.58 9.76
N LEU A 10 -0.92 -6.46 10.43
CA LEU A 10 -0.64 -5.21 9.76
C LEU A 10 0.85 -4.99 9.92
N TYR A 11 1.54 -4.79 8.83
CA TYR A 11 2.99 -4.68 8.79
C TYR A 11 3.36 -3.32 8.24
N ASN A 12 3.84 -2.44 9.11
CA ASN A 12 4.24 -1.12 8.70
C ASN A 12 5.23 -1.26 7.57
N GLN A 13 4.94 -0.80 6.37
CA GLN A 13 5.86 -0.89 5.28
C GLN A 13 7.19 -0.28 5.61
N ASN A 14 7.21 0.91 6.21
CA ASN A 14 8.43 1.53 6.65
C ASN A 14 9.24 0.58 7.48
N LYS A 15 8.66 -0.28 8.31
CA LYS A 15 9.32 -1.37 9.00
C LYS A 15 9.61 -2.53 8.09
N ALA A 16 8.79 -2.97 7.18
CA ALA A 16 9.12 -3.96 6.18
C ALA A 16 10.38 -3.62 5.40
N GLU A 17 10.65 -2.36 5.10
CA GLU A 17 11.83 -1.92 4.41
C GLU A 17 12.87 -1.52 5.44
N SER A 18 12.55 -0.90 6.56
CA SER A 18 13.48 -0.44 7.57
C SER A 18 13.98 -1.66 8.28
N ASN A 19 13.17 -2.49 8.91
CA ASN A 19 13.57 -3.75 9.49
C ASN A 19 14.36 -4.64 8.54
N SER A 20 14.12 -4.48 7.23
CA SER A 20 14.87 -5.18 6.21
C SER A 20 16.14 -4.43 5.82
N HIS A 21 16.26 -3.15 6.13
CA HIS A 21 17.41 -2.32 5.81
C HIS A 21 18.59 -2.84 6.60
N HIS A 22 18.37 -3.25 7.85
CA HIS A 22 19.41 -3.74 8.72
C HIS A 22 19.78 -5.15 8.31
N ALA A 23 18.77 -5.97 7.98
CA ALA A 23 18.96 -7.32 7.53
C ALA A 23 20.15 -7.44 6.57
N PRO A 24 21.05 -8.39 6.81
CA PRO A 24 22.25 -8.54 6.02
C PRO A 24 21.90 -9.11 4.66
N LEU A 25 22.11 -8.32 3.60
CA LEU A 25 21.86 -8.73 2.23
C LEU A 25 22.61 -10.00 1.89
N SER A 26 21.92 -11.13 1.92
CA SER A 26 22.53 -12.43 1.68
C SER A 26 21.46 -13.48 1.48
N ASP A 27 21.82 -14.64 0.97
CA ASP A 27 20.90 -15.75 0.75
C ASP A 27 21.08 -16.74 1.92
N GLY A 28 20.59 -16.38 3.09
CA GLY A 28 20.66 -17.27 4.23
C GLY A 28 22.04 -17.23 4.82
N LYS A 29 22.27 -16.28 5.72
CA LYS A 29 23.54 -16.13 6.44
C LYS A 29 23.32 -15.51 7.80
N THR A 30 22.19 -15.81 8.41
CA THR A 30 21.82 -15.23 9.70
C THR A 30 21.43 -16.34 10.63
N GLY A 31 21.76 -16.19 11.92
CA GLY A 31 21.48 -17.19 12.94
C GLY A 31 20.14 -17.87 12.75
N SER A 32 19.04 -17.14 12.93
CA SER A 32 17.72 -17.63 12.66
C SER A 32 17.64 -18.22 11.28
N SER A 33 17.79 -17.38 10.26
CA SER A 33 17.73 -17.81 8.86
C SER A 33 17.62 -16.63 7.93
N TYR A 34 16.59 -15.82 8.14
CA TYR A 34 16.32 -14.64 7.37
C TYR A 34 17.34 -13.54 7.62
N PRO A 35 17.62 -12.69 6.65
CA PRO A 35 17.05 -12.83 5.34
C PRO A 35 17.67 -14.02 4.56
N HIS A 36 16.79 -14.76 3.86
CA HIS A 36 17.27 -15.82 2.97
C HIS A 36 16.70 -15.74 1.58
N TRP A 37 17.42 -16.20 0.55
CA TRP A 37 16.89 -16.21 -0.80
C TRP A 37 15.44 -16.74 -0.82
N PHE A 38 14.68 -16.30 -1.77
CA PHE A 38 13.29 -16.53 -1.89
C PHE A 38 13.09 -17.07 -3.27
N THR A 39 13.38 -18.36 -3.46
CA THR A 39 13.13 -19.10 -4.68
C THR A 39 11.84 -18.65 -5.33
N ASN A 40 10.77 -18.37 -4.58
CA ASN A 40 9.54 -17.79 -5.12
C ASN A 40 9.01 -18.75 -6.18
N GLY A 41 9.47 -20.00 -6.19
CA GLY A 41 9.19 -20.90 -7.26
C GLY A 41 10.41 -21.28 -8.06
N TYR A 42 11.24 -20.32 -8.44
CA TYR A 42 12.46 -20.54 -9.18
C TYR A 42 13.28 -21.69 -8.61
N ASP A 43 14.06 -22.30 -9.47
CA ASP A 43 14.92 -23.40 -9.03
C ASP A 43 16.21 -22.86 -8.41
N GLY A 44 16.73 -21.76 -8.96
CA GLY A 44 17.97 -21.16 -8.52
C GLY A 44 18.93 -20.97 -9.69
N ASP A 45 18.43 -20.52 -10.84
CA ASP A 45 19.26 -20.30 -12.01
C ASP A 45 18.70 -19.13 -12.80
N GLY A 46 17.52 -19.31 -13.43
CA GLY A 46 16.92 -18.33 -14.28
C GLY A 46 15.44 -18.44 -14.12
N LYS A 47 14.79 -19.46 -14.66
CA LYS A 47 13.36 -19.68 -14.54
C LYS A 47 13.07 -20.75 -13.49
N LEU A 48 11.86 -21.24 -13.49
CA LEU A 48 11.40 -22.24 -12.56
C LEU A 48 11.12 -23.54 -13.28
N PRO A 49 10.81 -24.59 -12.53
CA PRO A 49 10.52 -25.90 -13.09
C PRO A 49 9.13 -25.91 -13.75
N LYS A 50 8.93 -26.84 -14.68
CA LYS A 50 7.65 -27.00 -15.36
C LYS A 50 6.57 -27.31 -14.32
N GLY A 51 5.83 -26.30 -13.91
CA GLY A 51 4.80 -26.45 -12.90
C GLY A 51 5.06 -25.59 -11.69
N ARG A 52 5.20 -24.27 -11.89
CA ARG A 52 5.39 -23.31 -10.81
C ARG A 52 4.81 -21.97 -11.18
N THR A 53 4.22 -21.30 -10.20
CA THR A 53 3.59 -20.00 -10.39
C THR A 53 4.06 -19.02 -9.34
N PRO A 54 5.06 -18.21 -9.69
CA PRO A 54 5.58 -17.21 -8.77
C PRO A 54 4.61 -16.04 -8.59
N ILE A 55 4.95 -15.15 -7.66
CA ILE A 55 4.10 -14.03 -7.30
C ILE A 55 4.39 -12.89 -8.25
N LYS A 56 3.46 -12.54 -9.13
CA LYS A 56 3.66 -11.43 -10.06
C LYS A 56 3.39 -10.12 -9.33
N PHE A 57 4.26 -9.15 -9.59
CA PHE A 57 4.16 -7.83 -8.98
C PHE A 57 3.96 -6.79 -10.06
N GLY A 58 4.85 -6.80 -11.07
CA GLY A 58 4.83 -5.82 -12.15
C GLY A 58 6.20 -5.18 -12.35
N LYS A 59 7.14 -5.42 -11.42
CA LYS A 59 8.50 -4.92 -11.53
C LYS A 59 9.25 -5.60 -12.64
N SER A 60 10.42 -5.12 -13.00
CA SER A 60 11.21 -5.70 -14.05
C SER A 60 12.29 -6.53 -13.42
N ASP A 61 13.04 -6.04 -12.42
CA ASP A 61 14.08 -6.80 -11.74
C ASP A 61 13.43 -7.85 -10.85
N CYS A 62 12.34 -7.47 -10.16
CA CYS A 62 11.62 -8.41 -9.30
C CYS A 62 10.87 -9.42 -10.16
N ASP A 63 10.73 -9.14 -11.45
CA ASP A 63 10.13 -10.07 -12.39
C ASP A 63 11.18 -10.90 -13.12
N ARG A 64 12.35 -10.32 -13.39
CA ARG A 64 13.39 -10.96 -14.12
C ARG A 64 13.69 -12.30 -13.45
N PRO A 65 14.47 -13.11 -14.16
CA PRO A 65 14.99 -14.33 -13.60
C PRO A 65 16.09 -14.15 -12.56
N PRO A 66 15.93 -14.71 -11.37
CA PRO A 66 16.90 -14.62 -10.29
C PRO A 66 18.11 -15.47 -10.57
N LYS A 67 19.22 -15.26 -9.86
CA LYS A 67 20.42 -16.05 -10.04
C LYS A 67 20.84 -16.61 -8.70
N HIS A 68 21.11 -17.90 -8.60
CA HIS A 68 21.62 -18.50 -7.38
C HIS A 68 22.94 -19.20 -7.65
N SER A 69 23.69 -19.45 -6.59
CA SER A 69 24.97 -20.12 -6.67
C SER A 69 25.27 -20.86 -5.38
N LYS A 70 26.41 -21.54 -5.33
CA LYS A 70 26.85 -22.24 -4.12
C LYS A 70 27.59 -21.30 -3.17
N ASP A 71 26.86 -20.37 -2.57
CA ASP A 71 27.43 -19.42 -1.63
C ASP A 71 26.32 -18.53 -1.07
N GLY A 72 25.41 -18.11 -1.95
CA GLY A 72 24.31 -17.26 -1.59
C GLY A 72 24.33 -15.98 -2.39
N ASN A 73 25.36 -15.17 -2.24
CA ASN A 73 25.48 -13.84 -2.82
C ASN A 73 26.88 -13.75 -3.41
N GLY A 74 27.23 -14.67 -4.31
CA GLY A 74 28.53 -14.68 -4.95
C GLY A 74 28.80 -13.38 -5.70
N LYS A 75 28.80 -13.43 -7.03
CA LYS A 75 29.04 -12.25 -7.85
C LYS A 75 27.95 -11.20 -7.58
N THR A 76 26.95 -11.15 -8.45
CA THR A 76 25.87 -10.20 -8.32
C THR A 76 24.56 -10.91 -8.23
N ASP A 77 24.56 -12.20 -7.93
CA ASP A 77 23.39 -13.08 -7.86
C ASP A 77 22.11 -12.33 -7.57
N HIS A 78 21.31 -11.95 -8.55
CA HIS A 78 20.21 -11.02 -8.39
C HIS A 78 19.01 -11.84 -8.04
N TYR A 79 19.09 -12.56 -6.92
CA TYR A 79 18.05 -13.43 -6.43
C TYR A 79 17.09 -12.70 -5.50
N LEU A 80 15.80 -12.93 -5.65
CA LEU A 80 14.81 -12.30 -4.79
C LEU A 80 14.95 -12.84 -3.40
N LEU A 81 15.06 -12.02 -2.36
CA LEU A 81 15.17 -12.45 -0.98
C LEU A 81 14.00 -11.83 -0.22
N GLU A 82 13.35 -12.65 0.62
CA GLU A 82 12.35 -12.16 1.53
C GLU A 82 12.84 -11.99 2.97
N PHE A 83 12.07 -11.28 3.77
CA PHE A 83 12.41 -11.07 5.16
C PHE A 83 11.22 -11.01 6.06
N PRO A 84 11.20 -11.71 7.18
CA PRO A 84 10.05 -11.78 8.07
C PRO A 84 9.90 -10.52 8.82
N THR A 85 8.91 -9.71 8.48
CA THR A 85 8.64 -8.44 9.09
C THR A 85 7.53 -8.52 10.09
N PHE A 86 7.72 -8.19 11.34
CA PHE A 86 6.71 -8.24 12.37
C PHE A 86 5.88 -6.96 12.39
N PRO A 87 4.72 -7.02 13.03
CA PRO A 87 3.82 -5.87 13.14
C PRO A 87 4.29 -4.88 14.19
N ASP A 88 4.69 -5.39 15.37
CA ASP A 88 5.27 -4.57 16.42
C ASP A 88 6.37 -3.65 15.86
N GLY A 89 7.01 -4.07 14.76
CA GLY A 89 8.06 -3.32 14.11
C GLY A 89 9.33 -3.43 14.92
N HIS A 90 9.41 -4.42 15.83
CA HIS A 90 10.60 -4.58 16.64
C HIS A 90 11.64 -5.33 15.91
N ASP A 91 12.92 -5.14 16.07
CA ASP A 91 13.96 -5.93 15.41
C ASP A 91 13.91 -7.40 15.81
N TYR A 92 14.01 -8.27 14.83
CA TYR A 92 13.85 -9.69 15.02
C TYR A 92 15.22 -10.23 15.25
N LYS A 93 15.44 -11.12 16.19
CA LYS A 93 16.72 -11.78 16.42
C LYS A 93 17.02 -12.80 15.32
N PHE A 94 17.11 -12.34 14.09
CA PHE A 94 17.39 -13.12 12.92
C PHE A 94 18.85 -13.49 12.89
N ASP A 95 19.72 -12.73 13.56
CA ASP A 95 21.15 -12.97 13.59
C ASP A 95 21.43 -13.96 14.71
N SER A 96 20.63 -13.91 15.79
CA SER A 96 20.83 -14.77 16.94
C SER A 96 20.21 -16.12 16.64
N LYS A 97 21.05 -17.11 16.33
CA LYS A 97 20.57 -18.47 16.03
C LYS A 97 19.78 -18.96 17.23
N LYS A 98 20.37 -18.85 18.44
CA LYS A 98 19.85 -19.37 19.67
C LYS A 98 20.04 -18.33 20.78
N PRO A 99 18.95 -17.95 21.45
CA PRO A 99 17.61 -18.44 21.12
C PRO A 99 17.08 -17.81 19.82
N LYS A 100 15.90 -18.26 19.38
CA LYS A 100 15.26 -17.75 18.18
C LYS A 100 13.79 -17.58 18.44
N GLU A 101 13.32 -16.34 18.35
CA GLU A 101 11.89 -16.06 18.51
C GLU A 101 11.11 -16.56 17.27
N ASN A 102 9.83 -16.86 17.47
CA ASN A 102 8.88 -17.19 16.43
C ASN A 102 8.93 -16.19 15.30
N PRO A 103 9.14 -16.67 14.08
CA PRO A 103 9.15 -15.81 12.90
C PRO A 103 7.74 -15.29 12.56
N GLY A 104 7.60 -14.77 11.33
CA GLY A 104 6.33 -14.29 10.85
C GLY A 104 6.05 -14.75 9.43
N PRO A 105 4.76 -14.74 9.05
CA PRO A 105 4.34 -15.16 7.72
C PRO A 105 4.65 -14.06 6.71
N ALA A 106 4.06 -12.88 6.87
CA ALA A 106 4.33 -11.79 5.99
C ALA A 106 5.78 -11.41 5.98
N ARG A 107 6.31 -11.23 4.77
CA ARG A 107 7.71 -10.90 4.57
C ARG A 107 7.90 -9.91 3.47
N VAL A 108 8.89 -9.04 3.58
CA VAL A 108 9.19 -8.05 2.56
C VAL A 108 9.97 -8.67 1.43
N ILE A 109 9.50 -8.52 0.21
CA ILE A 109 10.16 -9.05 -0.97
C ILE A 109 10.91 -7.97 -1.67
N TYR A 110 12.02 -8.31 -2.29
CA TYR A 110 12.89 -7.36 -2.96
C TYR A 110 14.04 -8.09 -3.64
N THR A 111 14.47 -7.54 -4.74
CA THR A 111 15.54 -8.15 -5.54
C THR A 111 16.86 -7.80 -4.93
N TYR A 112 17.94 -8.44 -5.33
CA TYR A 112 19.26 -8.19 -4.83
C TYR A 112 20.16 -7.65 -5.96
N PRO A 113 21.18 -6.86 -5.62
CA PRO A 113 21.34 -6.33 -4.26
C PRO A 113 20.31 -5.26 -4.00
N ASN A 114 20.09 -4.36 -4.95
CA ASN A 114 19.14 -3.28 -4.84
C ASN A 114 17.85 -3.79 -4.31
N LYS A 115 17.50 -3.50 -3.05
CA LYS A 115 16.31 -4.02 -2.39
C LYS A 115 15.14 -3.38 -3.05
N VAL A 116 14.80 -3.78 -4.28
CA VAL A 116 13.73 -3.23 -5.10
C VAL A 116 12.47 -3.78 -4.49
N PHE A 117 12.11 -3.30 -3.30
CA PHE A 117 10.92 -3.67 -2.56
C PHE A 117 9.75 -3.88 -3.50
N CYS A 118 9.44 -5.14 -3.80
CA CYS A 118 8.37 -5.44 -4.71
C CYS A 118 7.06 -5.35 -3.92
N GLY A 119 7.07 -5.85 -2.68
CA GLY A 119 5.91 -5.84 -1.83
C GLY A 119 6.05 -6.85 -0.73
N ILE A 120 4.95 -7.45 -0.33
CA ILE A 120 4.95 -8.34 0.83
C ILE A 120 4.28 -9.59 0.42
N ILE A 121 4.63 -10.73 0.96
CA ILE A 121 4.04 -12.01 0.58
C ILE A 121 3.81 -12.81 1.83
N ALA A 122 2.87 -13.73 1.81
CA ALA A 122 2.60 -14.62 2.93
C ALA A 122 1.57 -15.68 2.52
N HIS A 123 1.64 -16.84 3.15
CA HIS A 123 0.79 -17.96 2.82
C HIS A 123 -0.47 -17.87 3.65
N THR A 124 -1.51 -17.29 3.08
CA THR A 124 -2.79 -17.11 3.78
C THR A 124 -3.77 -18.22 3.38
N LYS A 125 -3.28 -19.44 3.27
CA LYS A 125 -4.14 -20.57 2.94
C LYS A 125 -4.45 -21.40 4.17
N GLU A 126 -3.57 -21.38 5.16
CA GLU A 126 -3.78 -22.10 6.41
C GLU A 126 -2.74 -21.71 7.44
N ASN A 127 -1.46 -21.98 7.14
CA ASN A 127 -0.35 -21.64 8.01
C ASN A 127 0.93 -21.51 7.20
N GLN A 128 1.15 -22.47 6.29
CA GLN A 128 2.33 -22.50 5.45
C GLN A 128 2.08 -23.37 4.22
N GLY A 129 1.33 -22.84 3.26
CA GLY A 129 1.03 -23.57 2.04
C GLY A 129 1.55 -22.83 0.83
N GLU A 130 0.66 -22.16 0.12
CA GLU A 130 1.02 -21.41 -1.09
C GLU A 130 1.34 -19.98 -0.76
N LEU A 131 2.35 -19.40 -1.40
CA LEU A 131 2.71 -18.01 -1.19
C LEU A 131 2.02 -17.10 -2.19
N LYS A 132 1.67 -15.91 -1.76
CA LYS A 132 1.01 -14.91 -2.61
C LYS A 132 1.37 -13.51 -2.17
N LEU A 133 0.96 -12.49 -2.91
CA LEU A 133 1.28 -11.11 -2.58
C LEU A 133 0.26 -10.62 -1.53
N CYS A 134 0.74 -9.86 -0.57
CA CYS A 134 -0.07 -9.27 0.47
C CYS A 134 -0.97 -8.22 -0.16
N SER A 135 -1.67 -7.48 0.69
CA SER A 135 -2.58 -6.45 0.23
C SER A 135 -2.86 -5.53 1.39
N HIS A 136 -2.41 -4.26 1.27
CA HIS A 136 -2.68 -3.23 2.27
C HIS A 136 -4.10 -3.35 2.91
N ALA A 1 4.51 5.29 3.54
CA ALA A 1 4.00 4.03 2.94
C ALA A 1 4.50 2.85 3.75
N VAL A 2 4.62 3.05 5.08
CA VAL A 2 5.06 1.99 5.97
C VAL A 2 4.26 0.72 5.73
N THR A 3 4.90 -0.41 5.97
CA THR A 3 4.32 -1.70 5.68
C THR A 3 3.66 -2.22 6.94
N TRP A 4 2.36 -2.48 6.89
CA TRP A 4 1.63 -2.97 8.03
C TRP A 4 1.88 -4.45 8.19
N THR A 5 2.02 -4.90 9.42
CA THR A 5 2.30 -6.31 9.68
C THR A 5 1.31 -6.84 10.69
N CYS A 6 0.78 -8.02 10.41
CA CYS A 6 -0.18 -8.65 11.30
C CYS A 6 0.31 -10.03 11.71
N GLY A 7 0.28 -10.98 10.77
CA GLY A 7 0.76 -12.34 11.00
C GLY A 7 2.26 -12.45 10.74
N GLY A 8 3.02 -11.37 10.99
CA GLY A 8 4.45 -11.31 10.70
C GLY A 8 4.73 -10.94 9.24
N LEU A 9 3.71 -11.00 8.39
CA LEU A 9 3.83 -10.72 6.97
C LEU A 9 3.65 -9.23 6.77
N LEU A 10 4.46 -8.66 5.87
CA LEU A 10 4.42 -7.24 5.58
C LEU A 10 3.36 -6.96 4.53
N TYR A 11 2.56 -5.92 4.73
CA TYR A 11 1.43 -5.55 3.91
C TYR A 11 1.59 -4.13 3.45
N ASN A 12 1.94 -3.96 2.17
CA ASN A 12 2.15 -2.64 1.63
C ASN A 12 0.88 -1.83 1.84
N GLN A 13 0.95 -0.80 2.69
CA GLN A 13 -0.24 -0.01 2.94
C GLN A 13 -0.89 0.46 1.66
N ASN A 14 -0.08 1.01 0.76
CA ASN A 14 -0.58 1.44 -0.53
C ASN A 14 -1.39 0.35 -1.20
N LYS A 15 -0.98 -0.93 -1.10
CA LYS A 15 -1.78 -2.07 -1.53
C LYS A 15 -2.98 -2.33 -0.62
N ALA A 16 -2.86 -2.20 0.69
CA ALA A 16 -3.99 -2.30 1.59
C ALA A 16 -5.13 -1.36 1.19
N GLU A 17 -4.83 -0.15 0.74
CA GLU A 17 -5.82 0.81 0.26
C GLU A 17 -6.03 0.66 -1.25
N SER A 18 -4.99 0.41 -2.02
CA SER A 18 -5.04 0.31 -3.49
C SER A 18 -5.66 -1.01 -3.88
N ASN A 19 -5.07 -2.13 -3.49
CA ASN A 19 -5.71 -3.42 -3.65
C ASN A 19 -7.16 -3.45 -3.18
N SER A 20 -7.48 -2.63 -2.18
CA SER A 20 -8.85 -2.49 -1.71
C SER A 20 -9.67 -1.50 -2.51
N HIS A 21 -9.03 -0.53 -3.16
CA HIS A 21 -9.68 0.47 -3.99
C HIS A 21 -10.47 -0.23 -5.08
N HIS A 22 -9.95 -1.35 -5.59
CA HIS A 22 -10.59 -2.14 -6.63
C HIS A 22 -11.81 -2.84 -6.07
N ALA A 23 -11.67 -3.40 -4.86
CA ALA A 23 -12.73 -4.06 -4.14
C ALA A 23 -14.05 -3.29 -4.30
N PRO A 24 -15.15 -4.01 -4.58
CA PRO A 24 -16.44 -3.38 -4.80
C PRO A 24 -16.96 -2.91 -3.47
N LEU A 25 -17.18 -1.59 -3.36
CA LEU A 25 -17.73 -0.95 -2.18
C LEU A 25 -19.13 -1.48 -1.86
N SER A 26 -19.18 -2.60 -1.15
CA SER A 26 -20.42 -3.30 -0.86
C SER A 26 -20.19 -4.33 0.25
N ASP A 27 -21.21 -4.57 1.07
CA ASP A 27 -21.10 -5.51 2.18
C ASP A 27 -21.27 -6.93 1.62
N GLY A 28 -20.16 -7.51 1.16
CA GLY A 28 -20.20 -8.87 0.64
C GLY A 28 -21.04 -8.95 -0.62
N LYS A 29 -20.44 -8.69 -1.77
CA LYS A 29 -21.11 -8.75 -3.08
C LYS A 29 -20.15 -9.11 -4.18
N THR A 30 -19.32 -10.11 -3.90
CA THR A 30 -18.26 -10.50 -4.82
C THR A 30 -18.31 -12.01 -5.03
N GLY A 31 -17.29 -12.55 -5.69
CA GLY A 31 -17.22 -13.98 -5.88
C GLY A 31 -16.62 -14.70 -4.71
N SER A 32 -15.41 -14.29 -4.31
CA SER A 32 -14.75 -14.89 -3.15
C SER A 32 -15.33 -14.39 -1.84
N SER A 33 -16.45 -13.67 -1.88
CA SER A 33 -17.17 -13.10 -0.75
C SER A 33 -16.65 -11.72 -0.47
N TYR A 34 -15.34 -11.66 -0.21
CA TYR A 34 -14.61 -10.46 0.15
C TYR A 34 -14.70 -9.37 -0.93
N PRO A 35 -14.79 -8.10 -0.54
CA PRO A 35 -14.79 -7.72 0.85
C PRO A 35 -16.15 -7.99 1.49
N HIS A 36 -16.34 -7.55 2.72
CA HIS A 36 -17.59 -7.78 3.44
C HIS A 36 -17.72 -6.79 4.57
N TRP A 37 -18.92 -6.55 5.07
CA TRP A 37 -19.07 -5.68 6.22
C TRP A 37 -18.47 -6.35 7.47
N PHE A 38 -17.70 -5.54 8.20
CA PHE A 38 -17.06 -5.94 9.42
C PHE A 38 -17.95 -5.44 10.53
N THR A 39 -18.77 -6.34 11.04
CA THR A 39 -19.62 -6.13 12.19
C THR A 39 -18.93 -5.26 13.22
N ASN A 40 -17.60 -5.39 13.36
CA ASN A 40 -16.81 -4.62 14.29
C ASN A 40 -17.20 -4.96 15.74
N GLY A 41 -17.97 -6.04 15.92
CA GLY A 41 -18.56 -6.35 17.19
C GLY A 41 -20.02 -5.88 17.33
N TYR A 42 -20.60 -5.34 16.27
CA TYR A 42 -21.95 -4.82 16.27
C TYR A 42 -22.89 -5.85 15.68
N ASP A 43 -24.18 -5.63 15.87
CA ASP A 43 -25.19 -6.52 15.30
C ASP A 43 -25.51 -6.14 13.85
N GLY A 44 -25.47 -4.84 13.55
CA GLY A 44 -25.78 -4.30 12.24
C GLY A 44 -25.81 -2.78 12.25
N ASP A 45 -26.74 -2.23 13.02
CA ASP A 45 -26.90 -0.79 13.15
C ASP A 45 -26.50 -0.32 14.55
N GLY A 46 -27.23 -0.84 15.55
CA GLY A 46 -26.95 -0.51 16.93
C GLY A 46 -25.50 -0.83 17.26
N LYS A 47 -25.00 -0.23 18.34
CA LYS A 47 -23.67 -0.49 18.86
C LYS A 47 -23.46 -1.98 19.19
N LEU A 48 -22.43 -2.26 19.98
CA LEU A 48 -22.16 -3.61 20.37
C LEU A 48 -23.05 -4.03 21.55
N PRO A 49 -23.30 -5.33 21.70
CA PRO A 49 -24.10 -5.84 22.80
C PRO A 49 -23.34 -5.71 24.11
N LYS A 50 -24.08 -5.73 25.22
CA LYS A 50 -23.51 -5.67 26.57
C LYS A 50 -22.45 -6.78 26.73
N GLY A 51 -21.19 -6.40 26.56
CA GLY A 51 -20.08 -7.34 26.61
C GLY A 51 -19.42 -7.51 25.26
N ARG A 52 -18.57 -6.55 24.89
CA ARG A 52 -17.76 -6.60 23.67
C ARG A 52 -16.80 -5.42 23.61
N THR A 53 -15.74 -5.57 22.84
CA THR A 53 -14.73 -4.54 22.69
C THR A 53 -14.24 -4.50 21.24
N PRO A 54 -14.62 -3.44 20.50
CA PRO A 54 -14.18 -3.26 19.13
C PRO A 54 -12.71 -2.86 19.06
N ILE A 55 -12.22 -2.69 17.84
CA ILE A 55 -10.85 -2.31 17.60
C ILE A 55 -10.75 -0.79 17.56
N LYS A 56 -9.89 -0.22 18.39
CA LYS A 56 -9.68 1.21 18.42
C LYS A 56 -8.73 1.60 17.29
N PHE A 57 -9.07 2.65 16.57
CA PHE A 57 -8.28 3.18 15.46
C PHE A 57 -7.75 4.56 15.78
N GLY A 58 -8.65 5.42 16.28
CA GLY A 58 -8.34 6.82 16.57
C GLY A 58 -9.23 7.78 15.81
N LYS A 59 -10.11 7.27 14.95
CA LYS A 59 -11.06 8.08 14.20
C LYS A 59 -12.43 7.99 14.82
N SER A 60 -13.18 9.08 14.77
CA SER A 60 -14.55 9.13 15.28
C SER A 60 -15.53 8.49 14.28
N ASP A 61 -15.07 8.20 13.07
CA ASP A 61 -15.88 7.59 12.02
C ASP A 61 -15.82 6.09 12.12
N CYS A 62 -14.60 5.55 12.23
CA CYS A 62 -14.41 4.13 12.43
C CYS A 62 -14.78 3.69 13.85
N ASP A 63 -14.88 4.66 14.76
CA ASP A 63 -15.35 4.43 16.12
C ASP A 63 -16.87 4.49 16.21
N ARG A 64 -17.48 5.36 15.39
CA ARG A 64 -18.92 5.50 15.37
C ARG A 64 -19.61 4.16 15.08
N PRO A 65 -20.89 4.06 15.47
CA PRO A 65 -21.66 2.90 15.14
C PRO A 65 -22.04 2.79 13.66
N PRO A 66 -22.00 1.59 13.06
CA PRO A 66 -22.37 1.36 11.69
C PRO A 66 -23.88 1.49 11.48
N LYS A 67 -24.30 1.50 10.22
CA LYS A 67 -25.72 1.60 9.87
C LYS A 67 -26.12 0.59 8.82
N HIS A 68 -25.76 -0.67 9.06
CA HIS A 68 -26.03 -1.74 8.11
C HIS A 68 -27.50 -2.14 8.12
N SER A 69 -27.98 -2.73 7.03
CA SER A 69 -29.37 -3.20 6.97
C SER A 69 -29.49 -4.44 6.10
N LYS A 70 -30.70 -4.73 5.63
CA LYS A 70 -30.91 -5.79 4.65
C LYS A 70 -30.63 -5.31 3.23
N ASP A 71 -29.35 -5.17 2.89
CA ASP A 71 -28.92 -4.76 1.54
C ASP A 71 -27.40 -4.77 1.46
N GLY A 72 -26.78 -4.22 2.50
CA GLY A 72 -25.33 -4.10 2.57
C GLY A 72 -24.85 -2.69 2.42
N ASN A 73 -25.23 -2.01 1.34
CA ASN A 73 -24.83 -0.64 1.05
C ASN A 73 -26.10 0.10 0.63
N GLY A 74 -27.05 0.25 1.56
CA GLY A 74 -28.31 0.95 1.31
C GLY A 74 -28.07 2.42 0.98
N LYS A 75 -28.74 3.32 1.69
CA LYS A 75 -28.56 4.75 1.46
C LYS A 75 -27.10 5.19 1.66
N THR A 76 -26.78 5.61 2.87
CA THR A 76 -25.42 6.00 3.20
C THR A 76 -24.85 5.08 4.26
N ASP A 77 -25.47 3.91 4.46
CA ASP A 77 -25.04 2.94 5.44
C ASP A 77 -23.53 3.01 5.66
N HIS A 78 -23.09 3.62 6.75
CA HIS A 78 -21.66 3.82 7.00
C HIS A 78 -21.13 2.60 7.72
N TYR A 79 -21.17 1.46 7.05
CA TYR A 79 -20.74 0.19 7.57
C TYR A 79 -19.27 -0.02 7.27
N LEU A 80 -18.53 -0.51 8.26
CA LEU A 80 -17.13 -0.82 8.02
C LEU A 80 -17.02 -2.09 7.20
N LEU A 81 -16.06 -2.15 6.29
CA LEU A 81 -15.82 -3.35 5.50
C LEU A 81 -14.34 -3.62 5.45
N GLU A 82 -13.99 -4.90 5.46
CA GLU A 82 -12.63 -5.36 5.44
C GLU A 82 -12.28 -6.00 4.11
N PHE A 83 -10.98 -6.19 3.86
CA PHE A 83 -10.56 -6.78 2.60
C PHE A 83 -9.27 -7.59 2.75
N PRO A 84 -9.19 -8.80 2.16
CA PRO A 84 -8.05 -9.70 2.29
C PRO A 84 -6.87 -9.17 1.54
N THR A 85 -6.06 -8.34 2.22
CA THR A 85 -4.87 -7.75 1.65
C THR A 85 -3.66 -8.66 1.78
N PHE A 86 -3.12 -9.12 0.66
CA PHE A 86 -1.95 -9.99 0.64
C PHE A 86 -0.65 -9.20 0.75
N PRO A 87 0.43 -9.88 1.14
CA PRO A 87 1.74 -9.24 1.26
C PRO A 87 2.37 -9.00 -0.09
N ASP A 88 2.30 -10.00 -0.99
CA ASP A 88 2.83 -9.89 -2.34
C ASP A 88 2.26 -8.64 -3.03
N GLY A 89 1.06 -8.25 -2.60
CA GLY A 89 0.35 -7.11 -3.12
C GLY A 89 -0.40 -7.45 -4.38
N HIS A 90 -0.10 -8.61 -4.99
CA HIS A 90 -0.77 -9.08 -6.20
C HIS A 90 -2.26 -8.99 -6.00
N ASP A 91 -3.02 -8.64 -7.02
CA ASP A 91 -4.48 -8.57 -6.92
C ASP A 91 -5.09 -9.94 -6.63
N TYR A 92 -6.06 -9.97 -5.73
CA TYR A 92 -6.67 -11.19 -5.26
C TYR A 92 -7.92 -11.44 -6.08
N LYS A 93 -8.27 -12.69 -6.29
CA LYS A 93 -9.49 -13.03 -7.00
C LYS A 93 -10.66 -13.01 -6.04
N PHE A 94 -11.01 -11.83 -5.56
CA PHE A 94 -12.13 -11.63 -4.67
C PHE A 94 -13.43 -11.51 -5.44
N ASP A 95 -13.38 -11.27 -6.75
CA ASP A 95 -14.56 -11.17 -7.61
C ASP A 95 -14.93 -12.53 -8.17
N SER A 96 -13.93 -13.40 -8.37
CA SER A 96 -14.14 -14.71 -8.96
C SER A 96 -14.40 -15.69 -7.84
N LYS A 97 -15.64 -16.17 -7.75
CA LYS A 97 -16.01 -17.13 -6.71
C LYS A 97 -15.19 -18.39 -6.85
N LYS A 98 -15.10 -18.87 -8.09
CA LYS A 98 -14.39 -20.08 -8.41
C LYS A 98 -13.63 -19.91 -9.73
N PRO A 99 -12.31 -20.23 -9.73
CA PRO A 99 -11.61 -20.62 -8.53
C PRO A 99 -11.44 -19.46 -7.56
N LYS A 100 -10.86 -19.73 -6.40
CA LYS A 100 -10.58 -18.72 -5.38
C LYS A 100 -9.21 -18.95 -4.78
N GLU A 101 -8.58 -17.88 -4.31
CA GLU A 101 -7.26 -17.97 -3.72
C GLU A 101 -7.40 -17.87 -2.20
N ASN A 102 -6.51 -18.57 -1.50
CA ASN A 102 -6.47 -18.55 -0.05
C ASN A 102 -6.29 -17.11 0.45
N PRO A 103 -7.24 -16.58 1.25
CA PRO A 103 -7.14 -15.25 1.81
C PRO A 103 -6.06 -15.17 2.90
N GLY A 104 -6.13 -14.10 3.70
CA GLY A 104 -5.22 -13.92 4.81
C GLY A 104 -5.91 -13.30 6.02
N PRO A 105 -5.21 -13.24 7.16
CA PRO A 105 -5.75 -12.65 8.36
C PRO A 105 -5.80 -11.14 8.24
N ALA A 106 -4.67 -10.52 7.86
CA ALA A 106 -4.59 -9.08 7.73
C ALA A 106 -5.57 -8.61 6.69
N ARG A 107 -6.26 -7.52 7.02
CA ARG A 107 -7.26 -6.95 6.15
C ARG A 107 -7.38 -5.46 6.39
N VAL A 108 -7.69 -4.69 5.35
CA VAL A 108 -7.87 -3.24 5.45
C VAL A 108 -9.30 -2.88 5.82
N ILE A 109 -9.47 -2.27 6.97
CA ILE A 109 -10.81 -2.01 7.51
C ILE A 109 -11.01 -0.52 7.36
N TYR A 110 -12.07 -0.16 6.64
CA TYR A 110 -12.40 1.22 6.40
C TYR A 110 -13.91 1.40 6.45
N THR A 111 -14.31 2.61 6.82
CA THR A 111 -15.72 2.93 6.88
C THR A 111 -16.23 3.27 5.50
N TYR A 112 -17.54 3.26 5.32
CA TYR A 112 -18.16 3.58 4.04
C TYR A 112 -18.94 4.91 4.13
N PRO A 113 -19.11 5.60 2.98
CA PRO A 113 -18.50 5.22 1.72
C PRO A 113 -17.03 5.53 1.73
N ASN A 114 -16.70 6.78 2.09
CA ASN A 114 -15.32 7.23 2.19
C ASN A 114 -14.51 6.19 2.93
N LYS A 115 -13.61 5.50 2.23
CA LYS A 115 -12.77 4.47 2.81
C LYS A 115 -11.81 5.11 3.79
N VAL A 116 -12.33 5.45 4.96
CA VAL A 116 -11.61 6.14 6.01
C VAL A 116 -10.67 5.13 6.63
N PHE A 117 -9.62 4.77 5.89
CA PHE A 117 -8.60 3.81 6.24
C PHE A 117 -8.36 3.86 7.74
N CYS A 118 -8.88 2.84 8.44
CA CYS A 118 -8.75 2.80 9.87
C CYS A 118 -7.41 2.19 10.21
N GLY A 119 -7.08 1.10 9.53
CA GLY A 119 -5.84 0.39 9.73
C GLY A 119 -5.96 -1.03 9.23
N ILE A 120 -5.21 -1.93 9.82
CA ILE A 120 -5.19 -3.32 9.36
C ILE A 120 -5.47 -4.19 10.57
N ILE A 121 -6.37 -5.14 10.43
CA ILE A 121 -6.74 -5.99 11.57
C ILE A 121 -6.40 -7.42 11.20
N ALA A 122 -6.18 -8.26 12.19
CA ALA A 122 -5.88 -9.67 11.96
C ALA A 122 -5.77 -10.40 13.29
N HIS A 123 -6.03 -11.70 13.27
CA HIS A 123 -6.02 -12.51 14.48
C HIS A 123 -4.63 -13.06 14.69
N THR A 124 -3.83 -12.40 15.53
CA THR A 124 -2.46 -12.84 15.82
C THR A 124 -2.39 -13.65 17.10
N LYS A 125 -3.39 -14.52 17.28
CA LYS A 125 -3.42 -15.39 18.46
C LYS A 125 -3.05 -16.81 18.10
N GLU A 126 -3.29 -17.20 16.85
CA GLU A 126 -2.95 -18.52 16.35
C GLU A 126 -3.18 -18.62 14.85
N ASN A 127 -4.45 -18.52 14.45
CA ASN A 127 -4.85 -18.58 13.05
C ASN A 127 -6.19 -17.87 12.85
N GLN A 128 -7.13 -18.14 13.76
CA GLN A 128 -8.46 -17.58 13.75
C GLN A 128 -9.03 -17.60 15.17
N GLY A 129 -8.63 -16.62 15.98
CA GLY A 129 -9.17 -16.51 17.33
C GLY A 129 -9.62 -15.09 17.59
N GLU A 130 -8.85 -14.37 18.38
CA GLU A 130 -9.16 -12.98 18.72
C GLU A 130 -8.69 -12.03 17.63
N LEU A 131 -9.45 -10.99 17.36
CA LEU A 131 -9.07 -9.98 16.38
C LEU A 131 -8.46 -8.76 17.06
N LYS A 132 -7.49 -8.14 16.41
CA LYS A 132 -6.81 -6.96 16.92
C LYS A 132 -6.29 -6.14 15.76
N LEU A 133 -5.78 -4.95 16.07
CA LEU A 133 -5.20 -4.07 15.07
C LEU A 133 -3.73 -4.44 14.86
N CYS A 134 -3.31 -4.39 13.61
CA CYS A 134 -1.94 -4.62 13.21
C CYS A 134 -1.06 -3.48 13.71
N SER A 135 0.22 -3.55 13.40
CA SER A 135 1.16 -2.54 13.84
C SER A 135 2.22 -2.43 12.78
N HIS A 136 2.11 -1.42 11.92
CA HIS A 136 3.11 -1.09 10.92
C HIS A 136 4.44 -0.61 11.54
#